data_6VN0
#
_entry.id   6VN0
#
loop_
_entity.id
_entity.type
_entity.pdbx_description
1 polymer 'Envelope glycoprotein gp160'
2 polymer 'Envelope glycoprotein gp41'
3 polymer 'RM20F Fab Heavy Chain'
4 polymer 'RM20F Kappa Chain'
5 branched alpha-D-mannopyranose-(1-3)-[alpha-D-mannopyranose-(1-6)]beta-D-mannopyranose-(1-4)-2-acetamido-2-deoxy-beta-D-glucopyranose-(1-4)-2-acetamido-2-deoxy-beta-D-glucopyranose
6 branched 2-acetamido-2-deoxy-beta-D-glucopyranose-(1-4)-2-acetamido-2-deoxy-beta-D-glucopyranose
7 non-polymer 2-acetamido-2-deoxy-beta-D-glucopyranose
#
loop_
_entity_poly.entity_id
_entity_poly.type
_entity_poly.pdbx_seq_one_letter_code
_entity_poly.pdbx_strand_id
1 'polypeptide(L)'
;AENLWVTVYYGVPVWKDAETTLFCASDAKAYETKKHNVWATHACVPTDPNPQEIHLENVTEEFNMWKNNMVEQMHTDIIS
LWDQSLKPCVKLTPLCVTLQCTNVTNNITDDMRGELKNCSFNMTTELRDKKQKVYSLFYRLDVVQINENQGNRSNNSNKE
YRLINCNTSAITQACPKVSFEPIPIHYCAPAGFAILKCKDKKFNGTGPCPSVSTVQCTHGIKPVVSTQLLLNGSLAEEEV
MIRSENITNNAKNILVQFNTPVQINCTRPNNNTRKSIRIGPGQWFYATGDIIGDIRQAHCNVSKATWNETLGKVVKQLRK
HFGNNTIIRFANSSGGDLEVTTHSFNCGGEFFYCNTSGLFNSTWISNTSVQGSNSTGSNDSITLPCRIKQIINMWQRIGQ
AMYAPPIQGVIRCVSNITGLILTRDGGSTNSTTETFRPGGGDMRDNWRSELYKYKVVKIEPLGVAPTRCKRRVVG
;
A,C,D
2 'polypeptide(L)'
;AVGIGAVFLGFLGAAGSTMGAASMTLTVQARNLLSGIVQQQSNLLRAPEAQQHLLKLTVWGIKQLQARVLAVERYLRDQQ
LLGIWGCSGKLICCTNVPWNSSWSNRNLSEIWDNMTWLQWDKEISNYTQIIYGLLEESQNQQEKNEQDLLALD
;
B,E,F
3 'polypeptide(L)'
;QVQLVQSGGALVQPGASLRLSCAASEFSFSTHDMHWVRQAPGKGLEWVSGINIHGGTYYPDSVKGRFTISRDSAKNSLYL
QMSSLRDGDTAVYFCARGGKPIYYSGGYPSWYFDLWGPGTPITISS
;
H,G,I
4 'polypeptide(L)'
;DVVMTQSPGFRSVTLKEKVSITCQASQTIGTNLHWYQQKPGQSPKLLIKYSSQSISGVPSRFSGSGSGTDFTLTINSLEA
DDAATYYCQQTNSFPCTFGPGTKVEIK
;
L,J,K
#
loop_
_chem_comp.id
_chem_comp.type
_chem_comp.name
_chem_comp.formula
BMA D-saccharide, beta linking beta-D-mannopyranose 'C6 H12 O6'
MAN D-saccharide, alpha linking alpha-D-mannopyranose 'C6 H12 O6'
NAG D-saccharide, beta linking 2-acetamido-2-deoxy-beta-D-glucopyranose 'C8 H15 N O6'
#
# COMPACT_ATOMS: atom_id res chain seq x y z
N ASN A 3 -25.11 -41.30 -0.72
CA ASN A 3 -24.98 -40.69 -2.04
C ASN A 3 -25.03 -39.18 -1.92
N LEU A 4 -24.17 -38.64 -1.08
CA LEU A 4 -24.09 -37.19 -0.89
C LEU A 4 -22.84 -36.66 -1.52
N TRP A 5 -22.91 -35.39 -1.90
CA TRP A 5 -21.87 -34.69 -2.61
C TRP A 5 -21.39 -33.43 -1.91
N VAL A 6 -20.13 -33.06 -2.13
CA VAL A 6 -19.61 -31.83 -1.56
C VAL A 6 -20.15 -30.62 -2.31
N THR A 7 -20.67 -29.65 -1.57
CA THR A 7 -21.11 -28.40 -2.15
C THR A 7 -20.41 -27.26 -1.44
N VAL A 8 -19.88 -26.34 -2.23
CA VAL A 8 -19.18 -25.19 -1.71
C VAL A 8 -20.11 -24.02 -1.57
N TYR A 9 -20.09 -23.40 -0.38
CA TYR A 9 -20.93 -22.26 -0.10
C TYR A 9 -20.14 -21.00 0.21
N TYR A 10 -20.49 -19.90 -0.45
CA TYR A 10 -19.81 -18.66 -0.19
C TYR A 10 -20.72 -17.57 0.37
N GLY A 11 -20.28 -16.94 1.46
CA GLY A 11 -21.05 -15.90 2.14
C GLY A 11 -21.63 -16.44 3.45
N VAL A 12 -20.99 -17.49 3.95
CA VAL A 12 -21.43 -18.14 5.16
C VAL A 12 -21.18 -17.28 6.40
N PRO A 13 -22.20 -17.01 7.23
CA PRO A 13 -22.14 -16.14 8.40
C PRO A 13 -21.46 -16.75 9.61
N VAL A 14 -20.16 -16.98 9.51
CA VAL A 14 -19.40 -17.52 10.64
C VAL A 14 -18.16 -16.68 10.93
N TRP A 15 -17.65 -16.81 12.15
CA TRP A 15 -16.49 -16.04 12.56
C TRP A 15 -15.65 -16.71 13.61
N LYS A 16 -14.43 -16.20 13.74
CA LYS A 16 -13.49 -16.61 14.78
C LYS A 16 -12.84 -15.41 15.43
N ASP A 17 -12.43 -15.54 16.69
CA ASP A 17 -11.78 -14.44 17.37
C ASP A 17 -10.53 -14.01 16.66
N ALA A 18 -10.28 -12.71 16.60
CA ALA A 18 -9.07 -12.29 15.91
C ALA A 18 -8.55 -10.97 16.44
N GLU A 19 -7.26 -10.74 16.26
CA GLU A 19 -6.69 -9.48 16.67
C GLU A 19 -6.27 -8.66 15.46
N THR A 20 -6.97 -7.58 15.23
CA THR A 20 -6.68 -6.70 14.11
C THR A 20 -6.66 -5.28 14.60
N THR A 21 -6.32 -4.37 13.71
CA THR A 21 -6.30 -2.94 14.02
C THR A 21 -7.65 -2.32 13.77
N LEU A 22 -8.16 -1.57 14.73
CA LEU A 22 -9.43 -0.89 14.50
C LEU A 22 -9.15 0.53 14.10
N PHE A 23 -10.04 1.10 13.30
CA PHE A 23 -9.82 2.46 12.90
C PHE A 23 -10.76 3.41 13.52
N CYS A 24 -10.22 4.55 13.83
CA CYS A 24 -10.98 5.61 14.45
C CYS A 24 -11.91 6.30 13.46
N ALA A 25 -12.84 7.06 14.01
CA ALA A 25 -13.74 7.90 13.25
C ALA A 25 -13.96 9.22 14.01
N SER A 26 -14.07 10.32 13.25
CA SER A 26 -14.21 11.68 13.83
C SER A 26 -15.64 12.22 13.93
N ASP A 27 -15.80 13.31 14.69
CA ASP A 27 -17.09 13.97 14.92
C ASP A 27 -17.39 15.23 14.09
N ALA A 28 -16.66 15.44 13.01
CA ALA A 28 -16.87 16.60 12.14
C ALA A 28 -16.65 17.90 12.88
N LYS A 29 -17.70 18.71 13.03
CA LYS A 29 -17.63 20.00 13.69
C LYS A 29 -16.23 20.37 14.17
N LYS A 35 -8.82 24.84 15.57
CA LYS A 35 -9.04 23.49 15.05
C LYS A 35 -7.72 22.75 15.01
N HIS A 36 -6.96 22.91 16.08
CA HIS A 36 -5.67 22.27 16.24
C HIS A 36 -5.69 21.50 17.54
N ASN A 37 -6.84 20.95 17.80
CA ASN A 37 -7.08 20.20 19.01
C ASN A 37 -6.65 18.75 18.84
N VAL A 38 -5.36 18.54 18.59
CA VAL A 38 -4.69 17.23 18.48
C VAL A 38 -5.27 16.25 17.46
N TRP A 39 -6.48 15.80 17.77
CA TRP A 39 -7.29 14.81 17.06
C TRP A 39 -7.76 15.45 15.80
N ALA A 40 -7.78 16.77 15.85
CA ALA A 40 -8.11 17.65 14.77
C ALA A 40 -7.11 17.54 13.62
N THR A 41 -5.81 17.28 13.94
CA THR A 41 -4.80 17.19 12.90
C THR A 41 -4.79 15.77 12.44
N HIS A 42 -4.74 14.85 13.39
CA HIS A 42 -4.75 13.43 13.08
C HIS A 42 -6.19 12.98 13.04
N ALA A 43 -6.88 13.55 12.06
CA ALA A 43 -8.28 13.36 11.82
C ALA A 43 -8.50 11.98 11.31
N CYS A 44 -9.65 11.42 11.65
CA CYS A 44 -10.01 10.08 11.24
C CYS A 44 -11.02 10.05 10.13
N VAL A 45 -11.38 11.26 9.69
CA VAL A 45 -12.42 11.54 8.72
C VAL A 45 -13.77 11.38 9.41
N PRO A 46 -14.61 12.40 9.42
CA PRO A 46 -15.90 12.37 10.07
C PRO A 46 -16.87 11.33 9.61
N THR A 47 -17.59 10.81 10.58
CA THR A 47 -18.70 9.86 10.43
C THR A 47 -19.79 10.45 11.29
N ASP A 48 -20.99 9.88 11.25
CA ASP A 48 -22.11 10.38 12.06
C ASP A 48 -23.35 9.52 11.83
N PRO A 49 -23.91 9.43 10.60
CA PRO A 49 -25.08 8.63 10.30
C PRO A 49 -24.66 7.18 10.17
N ASN A 50 -24.19 6.62 11.28
CA ASN A 50 -23.70 5.27 11.29
C ASN A 50 -24.24 4.43 12.45
N PRO A 51 -25.57 4.37 12.70
CA PRO A 51 -26.20 3.54 13.71
C PRO A 51 -26.34 2.15 13.14
N GLN A 52 -25.22 1.59 12.78
CA GLN A 52 -25.22 0.32 12.11
C GLN A 52 -25.25 -0.82 13.08
N GLU A 53 -26.41 -1.04 13.69
CA GLU A 53 -26.54 -2.09 14.71
C GLU A 53 -27.59 -3.16 14.40
N ILE A 54 -27.13 -4.40 14.36
CA ILE A 54 -27.99 -5.56 14.09
C ILE A 54 -28.11 -6.56 15.21
N HIS A 55 -29.31 -6.81 15.65
CA HIS A 55 -29.50 -7.76 16.74
C HIS A 55 -29.32 -9.19 16.28
N LEU A 56 -28.61 -10.00 17.06
CA LEU A 56 -28.47 -11.38 16.67
C LEU A 56 -29.37 -12.23 17.54
N GLU A 57 -29.99 -13.24 16.95
CA GLU A 57 -30.77 -14.16 17.76
C GLU A 57 -29.91 -15.33 18.17
N ASN A 58 -30.15 -15.84 19.35
CA ASN A 58 -29.39 -16.96 19.85
C ASN A 58 -27.89 -16.64 19.83
N VAL A 59 -27.09 -17.43 19.11
CA VAL A 59 -25.63 -17.28 19.01
C VAL A 59 -24.92 -16.73 20.25
N THR A 60 -25.13 -17.35 21.41
CA THR A 60 -24.48 -16.86 22.62
C THR A 60 -22.99 -16.96 22.40
N GLU A 61 -22.29 -15.89 22.75
CA GLU A 61 -20.84 -15.80 22.58
C GLU A 61 -20.19 -15.31 23.87
N GLU A 62 -18.92 -15.64 24.08
CA GLU A 62 -18.21 -15.19 25.28
C GLU A 62 -17.33 -13.97 25.11
N PHE A 63 -17.25 -13.20 26.17
CA PHE A 63 -16.43 -12.01 26.27
C PHE A 63 -15.48 -12.09 27.47
N ASN A 64 -14.35 -11.38 27.39
CA ASN A 64 -13.44 -11.26 28.53
C ASN A 64 -12.69 -9.95 28.46
N MET A 65 -13.12 -8.98 29.24
CA MET A 65 -12.57 -7.63 29.17
C MET A 65 -11.11 -7.51 29.58
N TRP A 66 -10.58 -8.52 30.27
CA TRP A 66 -9.20 -8.41 30.68
C TRP A 66 -8.26 -9.02 29.66
N LYS A 67 -8.82 -9.55 28.57
CA LYS A 67 -8.08 -10.15 27.49
C LYS A 67 -8.37 -9.44 26.18
N ASN A 68 -8.94 -8.25 26.27
CA ASN A 68 -9.35 -7.50 25.09
C ASN A 68 -8.20 -6.69 24.52
N ASN A 69 -7.73 -7.06 23.33
CA ASN A 69 -6.57 -6.44 22.70
C ASN A 69 -6.81 -5.01 22.25
N MET A 70 -8.07 -4.61 22.25
CA MET A 70 -8.41 -3.27 21.85
C MET A 70 -7.83 -2.29 22.84
N VAL A 71 -7.67 -2.72 24.09
CA VAL A 71 -7.17 -1.85 25.12
C VAL A 71 -5.75 -1.45 24.80
N GLU A 72 -4.98 -2.41 24.33
CA GLU A 72 -3.59 -2.15 24.02
C GLU A 72 -3.51 -1.20 22.85
N GLN A 73 -4.42 -1.32 21.89
CA GLN A 73 -4.35 -0.38 20.79
C GLN A 73 -4.67 1.02 21.25
N MET A 74 -5.63 1.18 22.14
CA MET A 74 -5.96 2.54 22.53
C MET A 74 -4.76 3.17 23.18
N HIS A 75 -4.07 2.40 24.00
CA HIS A 75 -2.90 2.89 24.70
C HIS A 75 -1.80 3.24 23.71
N THR A 76 -1.57 2.34 22.78
CA THR A 76 -0.49 2.47 21.82
C THR A 76 -0.66 3.68 20.92
N ASP A 77 -1.86 3.91 20.40
CA ASP A 77 -1.97 5.02 19.50
C ASP A 77 -2.12 6.32 20.22
N ILE A 78 -2.74 6.37 21.40
CA ILE A 78 -2.83 7.66 22.01
C ILE A 78 -1.45 8.12 22.44
N ILE A 79 -0.58 7.22 22.88
CA ILE A 79 0.72 7.68 23.29
C ILE A 79 1.53 8.09 22.06
N SER A 80 1.37 7.38 20.94
CA SER A 80 2.07 7.77 19.74
C SER A 80 1.65 9.15 19.27
N LEU A 81 0.34 9.41 19.28
CA LEU A 81 -0.17 10.69 18.85
C LEU A 81 0.28 11.80 19.78
N TRP A 82 0.33 11.51 21.09
CA TRP A 82 0.79 12.49 22.04
C TRP A 82 2.16 12.98 21.61
N ASP A 83 3.08 12.04 21.35
CA ASP A 83 4.41 12.42 20.94
C ASP A 83 4.44 13.12 19.60
N GLN A 84 3.61 12.67 18.66
CA GLN A 84 3.66 13.33 17.38
C GLN A 84 3.19 14.76 17.46
N SER A 85 2.18 15.02 18.29
CA SER A 85 1.66 16.37 18.43
C SER A 85 2.64 17.29 19.12
N LEU A 86 3.33 16.78 20.13
CA LEU A 86 4.27 17.60 20.88
C LEU A 86 5.72 17.55 20.45
N LYS A 87 6.10 16.64 19.57
CA LYS A 87 7.47 16.61 19.13
C LYS A 87 7.99 17.91 18.52
N PRO A 88 7.35 18.52 17.49
CA PRO A 88 7.87 19.68 16.79
C PRO A 88 7.61 20.98 17.52
N CYS A 89 8.13 21.11 18.73
CA CYS A 89 7.92 22.33 19.50
C CYS A 89 9.25 22.98 19.85
N VAL A 90 9.43 23.54 21.07
CA VAL A 90 10.67 24.35 21.24
C VAL A 90 11.99 23.66 21.66
N LYS A 91 11.95 22.64 22.54
CA LYS A 91 13.18 22.02 23.08
C LYS A 91 13.97 23.01 23.97
N LEU A 92 13.61 23.10 25.25
CA LEU A 92 14.16 24.12 26.15
C LEU A 92 15.50 23.78 26.75
N THR A 93 16.48 23.60 25.89
CA THR A 93 17.83 23.30 26.33
C THR A 93 18.36 24.42 27.23
N PRO A 94 18.20 25.71 26.88
CA PRO A 94 18.69 26.84 27.62
C PRO A 94 18.08 27.00 29.00
N LEU A 95 17.05 26.25 29.35
CA LEU A 95 16.48 26.45 30.66
C LEU A 95 17.07 25.49 31.68
N CYS A 96 17.97 24.62 31.23
CA CYS A 96 18.58 23.66 32.15
C CYS A 96 19.85 24.29 32.73
N VAL A 97 19.59 25.30 33.55
CA VAL A 97 20.57 26.20 34.18
C VAL A 97 20.35 26.40 35.68
N THR A 98 21.36 26.98 36.33
CA THR A 98 21.31 27.33 37.75
C THR A 98 20.28 28.41 38.04
N LEU A 99 19.51 28.21 39.09
CA LEU A 99 18.52 29.19 39.48
C LEU A 99 18.83 29.89 40.81
N GLN A 100 18.69 31.21 40.82
CA GLN A 100 18.85 31.96 42.06
C GLN A 100 17.46 32.26 42.57
N CYS A 101 17.06 31.58 43.64
CA CYS A 101 15.68 31.73 44.07
C CYS A 101 15.52 32.35 45.44
N THR A 102 14.42 33.09 45.56
CA THR A 102 13.91 33.66 46.79
C THR A 102 12.46 33.30 47.00
N ASN A 103 11.91 33.72 48.13
CA ASN A 103 10.52 33.44 48.42
C ASN A 103 9.60 34.52 47.88
N VAL A 104 8.40 34.14 47.48
CA VAL A 104 7.46 35.18 47.14
C VAL A 104 6.91 35.72 48.47
N THR A 105 6.94 37.04 48.63
CA THR A 105 6.55 37.71 49.87
C THR A 105 5.22 38.46 49.80
N ASN A 106 4.46 38.16 48.78
CA ASN A 106 3.18 38.77 48.53
C ASN A 106 2.13 38.21 49.47
N ASN A 107 0.89 38.66 49.33
CA ASN A 107 -0.10 38.25 50.30
C ASN A 107 -0.53 36.82 50.07
N ILE A 108 0.20 35.94 50.74
CA ILE A 108 0.10 34.50 50.65
C ILE A 108 -0.50 33.90 51.90
N THR A 109 -1.49 33.05 51.72
CA THR A 109 -2.11 32.40 52.86
C THR A 109 -1.23 31.31 53.44
N ASP A 110 -1.61 30.81 54.60
CA ASP A 110 -0.81 29.82 55.29
C ASP A 110 -0.62 28.53 54.52
N ASP A 111 -1.63 28.16 53.77
CA ASP A 111 -1.63 26.92 53.03
C ASP A 111 -0.74 26.97 51.80
N MET A 112 -0.23 28.15 51.48
CA MET A 112 0.63 28.37 50.35
C MET A 112 2.05 28.72 50.75
N ARG A 113 2.38 28.62 52.03
CA ARG A 113 3.73 29.02 52.38
C ARG A 113 4.72 28.02 51.85
N GLY A 114 5.75 28.54 51.19
CA GLY A 114 6.82 27.73 50.65
C GLY A 114 6.54 27.23 49.22
N GLU A 115 5.32 27.46 48.72
CA GLU A 115 4.90 26.98 47.42
C GLU A 115 5.41 27.74 46.22
N LEU A 116 5.64 29.03 46.37
CA LEU A 116 6.05 29.84 45.25
C LEU A 116 7.41 30.44 45.40
N LYS A 117 8.22 30.21 44.37
CA LYS A 117 9.56 30.73 44.32
C LYS A 117 9.72 31.72 43.20
N ASN A 118 10.50 32.73 43.49
CA ASN A 118 10.85 33.75 42.51
C ASN A 118 12.29 33.55 42.09
N CYS A 119 12.50 33.03 40.88
CA CYS A 119 13.85 32.67 40.51
C CYS A 119 14.38 33.40 39.29
N SER A 120 15.63 33.80 39.38
CA SER A 120 16.30 34.46 38.26
C SER A 120 17.46 33.63 37.72
N PHE A 121 17.72 33.83 36.44
CA PHE A 121 18.80 33.12 35.76
C PHE A 121 19.31 33.80 34.50
N ASN A 122 20.47 33.33 34.03
CA ASN A 122 21.06 33.83 32.79
C ASN A 122 20.57 33.03 31.59
N MET A 123 19.71 33.66 30.82
CA MET A 123 19.05 33.05 29.68
C MET A 123 19.72 33.50 28.38
N THR A 124 19.65 32.67 27.36
CA THR A 124 20.18 33.01 26.05
C THR A 124 19.28 34.00 25.35
N THR A 125 19.78 34.57 24.27
CA THR A 125 19.04 35.53 23.45
C THR A 125 19.12 35.06 22.01
N GLU A 126 18.43 35.77 21.12
CA GLU A 126 18.47 35.44 19.70
C GLU A 126 19.80 35.75 19.04
N LEU A 127 20.56 36.62 19.67
CA LEU A 127 21.84 37.03 19.13
C LEU A 127 22.95 36.32 19.86
N ARG A 128 23.69 35.45 19.18
CA ARG A 128 24.66 34.60 19.90
C ARG A 128 25.97 35.25 20.28
N ASP A 129 25.85 36.29 21.10
CA ASP A 129 26.92 37.08 21.61
C ASP A 129 26.57 37.38 23.04
N LYS A 130 25.26 37.48 23.25
CA LYS A 130 24.75 38.04 24.50
C LYS A 130 23.81 37.14 25.30
N LYS A 131 23.73 37.45 26.60
CA LYS A 131 22.84 36.82 27.56
C LYS A 131 21.89 37.86 28.13
N GLN A 132 20.78 37.39 28.69
CA GLN A 132 19.82 38.29 29.33
C GLN A 132 19.43 37.80 30.72
N LYS A 133 19.05 38.73 31.59
CA LYS A 133 18.60 38.36 32.92
C LYS A 133 17.10 38.19 32.91
N VAL A 134 16.66 36.98 33.20
CA VAL A 134 15.26 36.61 33.15
C VAL A 134 14.82 35.96 34.42
N TYR A 135 13.59 36.21 34.80
CA TYR A 135 13.06 35.57 35.96
C TYR A 135 11.66 35.09 35.69
N SER A 136 11.25 34.10 36.48
CA SER A 136 9.91 33.52 36.43
C SER A 136 9.53 32.97 37.76
N LEU A 137 8.25 32.92 38.01
CA LEU A 137 7.85 32.24 39.21
C LEU A 137 7.81 30.77 38.89
N PHE A 138 8.08 29.98 39.91
CA PHE A 138 8.03 28.53 39.85
C PHE A 138 7.31 27.90 41.03
N TYR A 139 6.77 26.72 40.78
CA TYR A 139 6.16 25.96 41.86
C TYR A 139 7.21 25.01 42.40
N ARG A 140 7.21 24.82 43.72
CA ARG A 140 8.24 24.01 44.36
C ARG A 140 8.32 22.57 43.87
N LEU A 141 7.24 22.01 43.38
CA LEU A 141 7.29 20.61 42.97
C LEU A 141 8.16 20.36 41.74
N ASP A 142 8.47 21.41 40.99
CA ASP A 142 9.30 21.29 39.80
C ASP A 142 10.72 21.81 40.02
N VAL A 143 11.05 22.22 41.25
CA VAL A 143 12.35 22.84 41.51
C VAL A 143 13.10 22.17 42.65
N VAL A 144 14.40 21.99 42.47
CA VAL A 144 15.23 21.35 43.48
C VAL A 144 16.33 22.28 44.02
N GLN A 145 16.52 22.27 45.33
CA GLN A 145 17.59 23.05 45.92
C GLN A 145 18.87 22.27 45.83
N ILE A 146 19.96 22.92 45.44
CA ILE A 146 21.22 22.20 45.35
C ILE A 146 22.09 22.49 46.56
N TYR A 161 19.51 26.73 43.33
CA TYR A 161 18.48 25.81 42.91
C TYR A 161 18.67 25.39 41.45
N ARG A 162 17.80 24.50 41.00
CA ARG A 162 17.82 24.01 39.63
C ARG A 162 16.44 23.48 39.25
N LEU A 163 16.15 23.34 37.96
CA LEU A 163 14.90 22.67 37.64
C LEU A 163 15.09 21.22 38.02
N ILE A 164 14.07 20.63 38.59
CA ILE A 164 14.19 19.28 39.09
C ILE A 164 14.52 18.19 38.07
N ASN A 165 14.16 18.36 36.80
CA ASN A 165 14.47 17.32 35.82
C ASN A 165 15.70 17.62 34.97
N CYS A 166 16.42 18.68 35.33
CA CYS A 166 17.59 19.13 34.56
C CYS A 166 18.67 18.05 34.50
N ASN A 167 18.83 17.29 35.57
CA ASN A 167 19.90 16.30 35.61
C ASN A 167 19.46 14.96 35.08
N THR A 168 18.26 14.88 34.56
CA THR A 168 17.80 13.60 34.11
C THR A 168 17.58 13.52 32.63
N SER A 169 16.83 14.47 32.07
CA SER A 169 16.51 14.37 30.65
C SER A 169 16.08 15.69 30.02
N ALA A 170 15.97 15.68 28.69
CA ALA A 170 15.57 16.87 27.93
C ALA A 170 14.17 17.34 28.28
N ILE A 171 14.03 18.68 28.30
CA ILE A 171 12.79 19.37 28.59
C ILE A 171 12.33 20.21 27.41
N THR A 172 11.04 20.16 27.11
CA THR A 172 10.53 20.96 26.01
C THR A 172 9.41 21.85 26.51
N GLN A 173 8.77 22.54 25.58
CA GLN A 173 7.64 23.40 25.85
C GLN A 173 6.58 23.03 24.88
N ALA A 174 5.43 22.70 25.44
CA ALA A 174 4.32 22.30 24.62
C ALA A 174 3.93 23.44 23.71
N CYS A 175 3.57 23.12 22.50
CA CYS A 175 3.16 24.13 21.57
C CYS A 175 1.89 24.81 22.11
N PRO A 176 1.86 26.16 22.17
CA PRO A 176 0.78 26.96 22.74
C PRO A 176 -0.53 26.90 22.00
N LYS A 177 -0.50 26.42 20.77
CA LYS A 177 -1.69 26.34 19.98
C LYS A 177 -2.23 24.93 19.88
N VAL A 178 -1.60 24.00 20.58
CA VAL A 178 -2.02 22.61 20.53
C VAL A 178 -2.81 22.28 21.78
N SER A 179 -4.02 21.81 21.60
CA SER A 179 -4.87 21.57 22.77
C SER A 179 -5.41 20.17 22.84
N PHE A 180 -4.98 19.44 23.86
CA PHE A 180 -5.38 18.05 23.95
C PHE A 180 -6.72 17.93 24.66
N GLU A 181 -7.74 18.37 23.95
CA GLU A 181 -9.12 18.35 24.40
C GLU A 181 -9.61 16.91 24.36
N PRO A 182 -10.35 16.42 25.35
CA PRO A 182 -10.90 15.08 25.40
C PRO A 182 -12.11 14.88 24.48
N ILE A 183 -11.82 14.94 23.20
CA ILE A 183 -12.77 14.76 22.11
C ILE A 183 -13.08 13.27 21.97
N PRO A 184 -14.34 12.82 21.97
CA PRO A 184 -14.69 11.42 21.87
C PRO A 184 -14.28 10.87 20.54
N ILE A 185 -13.70 9.69 20.54
CA ILE A 185 -13.27 9.02 19.32
C ILE A 185 -14.05 7.74 19.14
N HIS A 186 -14.56 7.49 17.94
CA HIS A 186 -15.32 6.27 17.67
C HIS A 186 -14.44 5.27 16.96
N TYR A 187 -14.62 3.96 17.18
CA TYR A 187 -13.86 2.97 16.42
C TYR A 187 -14.71 2.06 15.58
N CYS A 188 -14.20 1.75 14.39
CA CYS A 188 -14.89 0.91 13.44
C CYS A 188 -14.04 -0.24 12.93
N ALA A 189 -14.70 -1.30 12.53
CA ALA A 189 -13.99 -2.41 11.95
C ALA A 189 -13.49 -2.10 10.53
N PRO A 190 -12.34 -2.68 10.12
CA PRO A 190 -11.83 -2.73 8.77
C PRO A 190 -12.62 -3.79 8.03
N ALA A 191 -12.56 -3.77 6.72
CA ALA A 191 -13.26 -4.80 5.97
C ALA A 191 -12.74 -6.17 6.35
N GLY A 192 -13.66 -7.13 6.44
CA GLY A 192 -13.34 -8.51 6.79
C GLY A 192 -13.56 -8.79 8.26
N PHE A 193 -13.82 -7.73 9.02
CA PHE A 193 -14.04 -7.81 10.45
C PHE A 193 -15.34 -7.18 10.92
N ALA A 194 -15.80 -7.62 12.08
CA ALA A 194 -17.00 -7.05 12.66
C ALA A 194 -16.90 -6.99 14.17
N ILE A 195 -17.65 -6.06 14.77
CA ILE A 195 -17.59 -5.92 16.21
C ILE A 195 -18.86 -6.41 16.89
N LEU A 196 -18.67 -7.27 17.86
CA LEU A 196 -19.78 -7.82 18.61
C LEU A 196 -19.93 -7.06 19.91
N LYS A 197 -21.12 -6.53 20.15
CA LYS A 197 -21.42 -5.76 21.35
C LYS A 197 -22.28 -6.55 22.32
N CYS A 198 -21.83 -6.61 23.56
CA CYS A 198 -22.57 -7.34 24.58
C CYS A 198 -23.59 -6.44 25.27
N LYS A 199 -24.87 -6.83 25.21
CA LYS A 199 -25.95 -6.06 25.81
C LYS A 199 -26.47 -6.67 27.10
N ASP A 200 -25.80 -7.69 27.58
CA ASP A 200 -26.24 -8.38 28.78
C ASP A 200 -26.28 -7.43 29.98
N LYS A 201 -27.42 -7.39 30.65
CA LYS A 201 -27.55 -6.51 31.79
C LYS A 201 -26.82 -7.13 32.95
N LYS A 202 -26.11 -6.29 33.69
CA LYS A 202 -25.34 -6.72 34.84
C LYS A 202 -24.27 -7.75 34.46
N PHE A 203 -23.65 -7.56 33.31
CA PHE A 203 -22.58 -8.41 32.87
C PHE A 203 -21.39 -8.05 33.75
N ASN A 204 -20.65 -9.03 34.24
CA ASN A 204 -19.55 -8.72 35.16
C ASN A 204 -18.20 -8.64 34.48
N GLY A 205 -18.20 -8.63 33.17
CA GLY A 205 -16.98 -8.52 32.38
C GLY A 205 -16.49 -9.82 31.73
N THR A 206 -16.95 -10.98 32.20
CA THR A 206 -16.50 -12.21 31.53
C THR A 206 -17.60 -13.24 31.30
N GLY A 207 -17.32 -14.14 30.36
CA GLY A 207 -18.17 -15.30 30.13
C GLY A 207 -19.25 -15.01 29.10
N PRO A 208 -20.22 -15.92 28.98
CA PRO A 208 -21.29 -15.88 28.01
C PRO A 208 -22.13 -14.65 28.14
N CYS A 209 -22.50 -14.11 27.01
CA CYS A 209 -23.35 -12.95 26.88
C CYS A 209 -24.52 -13.31 25.95
N PRO A 210 -25.68 -13.69 26.50
CA PRO A 210 -26.88 -14.14 25.79
C PRO A 210 -27.48 -13.15 24.82
N SER A 211 -27.15 -11.87 24.93
CA SER A 211 -27.71 -10.88 24.04
C SER A 211 -26.62 -10.04 23.42
N VAL A 212 -26.39 -10.30 22.14
CA VAL A 212 -25.33 -9.67 21.38
C VAL A 212 -25.82 -9.10 20.08
N SER A 213 -25.29 -7.94 19.74
CA SER A 213 -25.59 -7.32 18.46
C SER A 213 -24.29 -7.07 17.70
N THR A 214 -24.38 -7.00 16.38
CA THR A 214 -23.20 -6.72 15.58
C THR A 214 -23.22 -5.30 15.11
N VAL A 215 -22.08 -4.63 15.25
CA VAL A 215 -22.03 -3.26 14.83
C VAL A 215 -20.89 -2.96 13.88
N GLN A 216 -21.06 -1.86 13.16
CA GLN A 216 -20.00 -1.34 12.30
C GLN A 216 -18.98 -0.62 13.16
N CYS A 217 -19.49 0.18 14.08
CA CYS A 217 -18.67 1.03 14.94
C CYS A 217 -19.16 1.06 16.37
N THR A 218 -18.26 1.48 17.26
CA THR A 218 -18.51 1.65 18.67
C THR A 218 -19.00 3.06 18.92
N HIS A 219 -19.48 3.30 20.13
CA HIS A 219 -19.85 4.65 20.50
C HIS A 219 -18.55 5.40 20.73
N GLY A 220 -18.63 6.71 20.94
CA GLY A 220 -17.39 7.44 21.14
C GLY A 220 -16.90 7.34 22.55
N ILE A 221 -15.59 7.33 22.72
CA ILE A 221 -14.97 7.32 24.03
C ILE A 221 -14.01 8.47 24.17
N LYS A 222 -14.14 9.23 25.25
CA LYS A 222 -13.26 10.35 25.48
C LYS A 222 -11.96 9.85 26.07
N PRO A 223 -10.79 10.30 25.61
CA PRO A 223 -9.47 9.91 26.06
C PRO A 223 -9.11 10.57 27.36
N VAL A 224 -9.84 10.26 28.39
CA VAL A 224 -9.60 10.88 29.68
C VAL A 224 -8.59 10.10 30.47
N VAL A 225 -7.54 10.78 30.89
CA VAL A 225 -6.53 10.15 31.68
C VAL A 225 -6.57 10.72 33.08
N SER A 226 -6.80 9.86 34.06
CA SER A 226 -6.93 10.25 35.46
C SER A 226 -6.52 9.12 36.36
N THR A 227 -6.41 9.43 37.64
CA THR A 227 -6.10 8.40 38.63
C THR A 227 -7.21 8.29 39.66
N GLN A 228 -7.33 7.14 40.31
CA GLN A 228 -8.27 6.88 41.42
C GLN A 228 -9.76 6.96 41.01
N LEU A 229 -10.21 8.13 40.59
CA LEU A 229 -11.57 8.31 40.13
C LEU A 229 -11.58 8.54 38.63
N LEU A 230 -12.55 7.86 38.05
CA LEU A 230 -12.79 7.86 36.63
C LEU A 230 -13.80 8.94 36.35
N LEU A 231 -13.39 9.85 35.50
CA LEU A 231 -14.22 10.99 35.18
C LEU A 231 -14.76 10.96 33.77
N ASN A 232 -15.95 11.49 33.62
CA ASN A 232 -16.63 11.71 32.35
C ASN A 232 -16.78 10.45 31.51
N GLY A 233 -17.04 9.30 32.12
CA GLY A 233 -17.24 8.08 31.38
C GLY A 233 -18.73 7.77 31.33
N SER A 234 -19.05 6.53 31.03
CA SER A 234 -20.45 6.14 30.97
C SER A 234 -20.92 5.76 32.36
N LEU A 235 -22.24 5.70 32.53
CA LEU A 235 -22.83 5.30 33.81
C LEU A 235 -23.44 3.94 33.69
N ALA A 236 -23.50 3.22 34.80
CA ALA A 236 -24.13 1.91 34.86
C ALA A 236 -25.63 2.08 34.63
N GLU A 237 -26.26 1.11 33.97
CA GLU A 237 -27.68 1.18 33.66
C GLU A 237 -28.64 1.09 34.85
N GLU A 238 -28.33 0.23 35.81
CA GLU A 238 -29.25 0.03 36.93
C GLU A 238 -28.58 0.07 38.30
N GLU A 239 -27.57 -0.76 38.48
CA GLU A 239 -26.90 -0.94 39.76
C GLU A 239 -25.46 -0.54 39.68
N VAL A 240 -24.87 -0.27 40.84
CA VAL A 240 -23.44 -0.01 40.83
C VAL A 240 -22.78 -1.34 40.55
N MET A 241 -21.90 -1.38 39.58
CA MET A 241 -21.25 -2.63 39.26
C MET A 241 -19.86 -2.70 39.79
N ILE A 242 -19.51 -3.84 40.36
CA ILE A 242 -18.16 -4.02 40.84
C ILE A 242 -17.58 -5.25 40.17
N ARG A 243 -16.47 -5.08 39.50
CA ARG A 243 -15.86 -6.21 38.83
C ARG A 243 -14.34 -6.18 38.88
N SER A 244 -13.73 -7.34 38.80
CA SER A 244 -12.28 -7.40 38.74
C SER A 244 -11.89 -8.70 38.08
N GLU A 245 -10.64 -8.80 37.65
CA GLU A 245 -10.15 -10.02 37.06
C GLU A 245 -10.35 -11.18 38.03
N ASN A 246 -10.10 -10.92 39.31
CA ASN A 246 -10.26 -11.89 40.38
C ASN A 246 -10.68 -11.19 41.67
N ILE A 247 -11.89 -11.45 42.10
CA ILE A 247 -12.50 -10.81 43.26
C ILE A 247 -11.71 -11.04 44.52
N THR A 248 -11.15 -12.22 44.66
CA THR A 248 -10.46 -12.57 45.88
C THR A 248 -8.96 -12.36 45.82
N ASN A 249 -8.45 -11.76 44.77
CA ASN A 249 -7.02 -11.55 44.67
C ASN A 249 -6.66 -10.12 45.12
N ASN A 250 -5.96 -9.98 46.24
CA ASN A 250 -5.69 -8.65 46.76
C ASN A 250 -4.58 -7.92 46.01
N ALA A 251 -4.01 -8.59 45.02
CA ALA A 251 -2.99 -8.00 44.18
C ALA A 251 -3.61 -7.32 42.95
N LYS A 252 -4.92 -7.42 42.80
CA LYS A 252 -5.60 -6.87 41.65
C LYS A 252 -6.42 -5.64 41.94
N ASN A 253 -6.58 -4.79 40.92
CA ASN A 253 -7.41 -3.61 41.00
C ASN A 253 -8.88 -3.94 40.72
N ILE A 254 -9.76 -3.34 41.50
CA ILE A 254 -11.20 -3.51 41.42
C ILE A 254 -11.88 -2.31 40.80
N LEU A 255 -12.65 -2.56 39.76
CA LEU A 255 -13.33 -1.50 39.04
C LEU A 255 -14.78 -1.32 39.48
N VAL A 256 -15.10 -0.11 39.91
CA VAL A 256 -16.42 0.25 40.37
C VAL A 256 -17.09 1.26 39.45
N GLN A 257 -18.25 0.91 38.91
CA GLN A 257 -18.98 1.82 38.02
C GLN A 257 -20.27 2.28 38.65
N PHE A 258 -20.41 3.58 38.78
CA PHE A 258 -21.58 4.10 39.45
C PHE A 258 -22.75 4.19 38.50
N ASN A 259 -23.97 4.06 39.03
CA ASN A 259 -25.17 4.23 38.21
C ASN A 259 -25.70 5.66 38.32
N THR A 260 -25.01 6.46 39.12
CA THR A 260 -25.36 7.84 39.38
C THR A 260 -24.11 8.68 39.28
N PRO A 261 -24.05 9.74 38.49
CA PRO A 261 -22.91 10.62 38.39
C PRO A 261 -22.82 11.49 39.62
N VAL A 262 -21.60 11.87 39.99
CA VAL A 262 -21.38 12.85 41.05
C VAL A 262 -20.51 13.99 40.58
N GLN A 263 -20.95 15.23 40.76
CA GLN A 263 -20.10 16.30 40.26
C GLN A 263 -18.97 16.69 41.20
N ILE A 264 -17.82 17.00 40.61
CA ILE A 264 -16.70 17.52 41.37
C ILE A 264 -16.28 18.85 40.77
N ASN A 265 -16.18 19.86 41.62
CA ASN A 265 -15.83 21.19 41.17
C ASN A 265 -14.41 21.58 41.52
N CYS A 266 -13.55 21.70 40.54
CA CYS A 266 -12.17 22.04 40.86
C CYS A 266 -11.84 23.44 40.36
N THR A 267 -11.07 24.17 41.16
CA THR A 267 -10.68 25.50 40.76
C THR A 267 -9.21 25.77 40.97
N ARG A 268 -8.72 26.71 40.18
CA ARG A 268 -7.38 27.21 40.33
C ARG A 268 -7.48 28.74 40.46
N PRO A 269 -7.27 29.31 41.63
CA PRO A 269 -7.34 30.73 41.96
C PRO A 269 -6.06 31.39 41.52
N ASN A 270 -5.93 32.68 41.80
CA ASN A 270 -4.71 33.45 41.53
C ASN A 270 -4.61 33.89 40.09
N ASN A 271 -5.37 34.92 39.76
CA ASN A 271 -5.40 35.45 38.41
C ASN A 271 -4.00 35.84 37.98
N ASN A 272 -3.54 35.31 36.86
CA ASN A 272 -2.18 35.65 36.44
C ASN A 272 -2.02 35.81 34.94
N THR A 273 -0.81 36.13 34.53
CA THR A 273 -0.42 36.31 33.16
C THR A 273 0.87 35.60 32.87
N ARG A 274 1.30 35.71 31.63
CA ARG A 274 2.53 35.08 31.23
C ARG A 274 3.37 36.00 30.39
N LYS A 275 4.66 35.79 30.39
CA LYS A 275 5.53 36.63 29.59
C LYS A 275 6.15 35.83 28.48
N SER A 276 6.17 36.42 27.31
CA SER A 276 6.78 35.78 26.15
C SER A 276 8.22 36.24 26.03
N ILE A 277 9.14 35.31 26.27
CA ILE A 277 10.54 35.64 26.28
C ILE A 277 11.22 35.05 25.08
N ARG A 278 11.94 35.88 24.35
CA ARG A 278 12.64 35.36 23.19
C ARG A 278 13.87 34.64 23.70
N ILE A 279 14.08 33.39 23.26
CA ILE A 279 15.24 32.65 23.75
C ILE A 279 16.22 32.30 22.64
N GLY A 280 15.75 32.43 21.41
CA GLY A 280 16.57 32.12 20.26
C GLY A 280 15.90 32.60 18.97
N PRO A 281 16.53 32.41 17.82
CA PRO A 281 16.08 32.84 16.52
C PRO A 281 14.90 32.05 16.03
N GLY A 282 13.72 32.45 16.53
CA GLY A 282 12.45 31.79 16.26
C GLY A 282 11.95 30.95 17.44
N GLN A 283 12.61 31.06 18.58
CA GLN A 283 12.21 30.29 19.74
C GLN A 283 11.77 31.17 20.89
N TRP A 284 10.63 30.83 21.46
CA TRP A 284 10.07 31.57 22.57
C TRP A 284 9.75 30.69 23.77
N PHE A 285 9.97 31.25 24.95
CA PHE A 285 9.65 30.62 26.22
C PHE A 285 8.57 31.35 26.97
N TYR A 286 7.65 30.61 27.58
CA TYR A 286 6.64 31.27 28.38
C TYR A 286 6.88 31.21 29.87
N ALA A 287 7.07 32.39 30.45
CA ALA A 287 7.37 32.60 31.87
C ALA A 287 6.11 32.91 32.64
N THR A 288 6.10 32.59 33.93
CA THR A 288 4.98 32.89 34.81
C THR A 288 5.16 34.26 35.46
N GLY A 289 4.17 35.13 35.31
CA GLY A 289 4.25 36.49 35.85
C GLY A 289 3.78 36.57 37.30
N ASP A 290 3.70 37.78 37.82
CA ASP A 290 3.26 37.99 39.19
C ASP A 290 1.77 37.75 39.33
N ILE A 291 1.33 37.27 40.47
CA ILE A 291 -0.09 37.05 40.72
C ILE A 291 -0.84 38.33 41.05
N ILE A 292 -2.01 38.48 40.44
CA ILE A 292 -2.87 39.61 40.67
C ILE A 292 -3.80 39.26 41.81
N GLY A 293 -3.78 40.06 42.86
CA GLY A 293 -4.60 39.79 44.02
C GLY A 293 -3.90 38.85 44.98
N ASP A 294 -4.66 38.35 45.95
CA ASP A 294 -4.13 37.49 47.01
C ASP A 294 -3.82 36.10 46.48
N ILE A 295 -2.91 35.41 47.15
CA ILE A 295 -2.50 34.08 46.75
C ILE A 295 -3.09 32.93 47.60
N ARG A 296 -3.79 32.05 46.90
CA ARG A 296 -4.51 30.90 47.47
C ARG A 296 -4.16 29.58 46.78
N GLN A 297 -4.45 28.46 47.44
CA GLN A 297 -4.18 27.15 46.85
C GLN A 297 -5.32 26.62 45.98
N ALA A 298 -4.97 25.73 45.05
CA ALA A 298 -5.95 25.04 44.23
C ALA A 298 -6.69 24.07 45.12
N HIS A 299 -7.93 23.78 44.76
CA HIS A 299 -8.75 22.85 45.54
C HIS A 299 -9.97 22.33 44.76
N CYS A 300 -10.57 21.25 45.28
CA CYS A 300 -11.80 20.69 44.71
C CYS A 300 -12.94 20.52 45.71
N ASN A 301 -14.18 20.71 45.25
CA ASN A 301 -15.38 20.55 46.05
C ASN A 301 -16.21 19.33 45.68
N VAL A 302 -16.54 18.54 46.69
CA VAL A 302 -17.39 17.36 46.57
C VAL A 302 -18.59 17.49 47.51
N SER A 303 -19.78 17.15 47.01
CA SER A 303 -20.95 17.22 47.86
C SER A 303 -20.96 16.03 48.80
N LYS A 304 -20.94 16.31 50.10
CA LYS A 304 -20.86 15.25 51.10
C LYS A 304 -22.05 14.31 51.06
N ALA A 305 -23.19 14.84 50.66
CA ALA A 305 -24.37 14.01 50.63
C ALA A 305 -24.25 12.92 49.61
N THR A 306 -23.63 13.21 48.47
CA THR A 306 -23.63 12.21 47.44
C THR A 306 -22.43 11.33 47.56
N TRP A 307 -21.39 11.84 48.19
CA TRP A 307 -20.23 11.00 48.40
C TRP A 307 -20.66 9.89 49.37
N ASN A 308 -21.37 10.27 50.43
CA ASN A 308 -21.80 9.27 51.39
C ASN A 308 -22.71 8.25 50.72
N GLU A 309 -23.62 8.70 49.84
CA GLU A 309 -24.49 7.76 49.17
C GLU A 309 -23.75 6.79 48.29
N THR A 310 -22.75 7.26 47.53
CA THR A 310 -22.11 6.30 46.65
C THR A 310 -21.30 5.31 47.42
N LEU A 311 -20.66 5.70 48.53
CA LEU A 311 -19.90 4.68 49.22
C LEU A 311 -20.83 3.65 49.83
N GLY A 312 -21.98 4.07 50.33
CA GLY A 312 -22.90 3.12 50.91
C GLY A 312 -23.37 2.12 49.86
N LYS A 313 -23.62 2.61 48.64
CA LYS A 313 -24.05 1.75 47.56
C LYS A 313 -22.95 0.76 47.18
N VAL A 314 -21.70 1.22 47.20
CA VAL A 314 -20.58 0.36 46.90
C VAL A 314 -20.47 -0.74 47.91
N VAL A 315 -20.61 -0.39 49.19
CA VAL A 315 -20.53 -1.38 50.23
C VAL A 315 -21.64 -2.39 50.11
N LYS A 316 -22.86 -1.95 49.85
CA LYS A 316 -23.95 -2.89 49.71
C LYS A 316 -23.59 -3.93 48.67
N GLN A 317 -22.97 -3.49 47.56
CA GLN A 317 -22.56 -4.42 46.53
C GLN A 317 -21.30 -5.21 46.90
N LEU A 318 -20.34 -4.62 47.62
CA LEU A 318 -19.13 -5.36 47.98
C LEU A 318 -19.49 -6.53 48.88
N ARG A 319 -20.49 -6.34 49.72
CA ARG A 319 -20.91 -7.36 50.66
C ARG A 319 -21.36 -8.63 49.95
N LYS A 320 -21.75 -8.54 48.68
CA LYS A 320 -22.17 -9.72 47.95
C LYS A 320 -21.04 -10.74 47.87
N HIS A 321 -19.79 -10.28 47.85
CA HIS A 321 -18.69 -11.20 47.75
C HIS A 321 -17.88 -11.29 49.03
N PHE A 322 -17.98 -10.27 49.88
CA PHE A 322 -17.16 -10.26 51.07
C PHE A 322 -17.91 -10.55 52.38
N GLY A 323 -19.24 -10.68 52.34
CA GLY A 323 -20.06 -10.98 53.50
C GLY A 323 -20.86 -9.78 53.97
N ASN A 324 -22.14 -9.97 54.25
CA ASN A 324 -22.94 -8.84 54.68
C ASN A 324 -22.92 -8.67 56.19
N ASN A 325 -22.05 -9.43 56.81
CA ASN A 325 -21.79 -9.35 58.22
C ASN A 325 -20.32 -8.96 58.37
N THR A 326 -19.72 -8.49 57.27
CA THR A 326 -18.34 -8.07 57.26
C THR A 326 -18.30 -6.56 57.21
N ILE A 327 -17.58 -5.97 58.13
CA ILE A 327 -17.44 -4.53 58.12
C ILE A 327 -16.47 -4.10 57.05
N ILE A 328 -16.89 -3.12 56.27
CA ILE A 328 -16.02 -2.61 55.22
C ILE A 328 -15.61 -1.18 55.48
N ARG A 329 -14.31 -0.95 55.42
CA ARG A 329 -13.75 0.36 55.63
C ARG A 329 -13.06 0.92 54.41
N PHE A 330 -13.16 2.22 54.23
CA PHE A 330 -12.44 2.92 53.21
C PHE A 330 -11.32 3.70 53.87
N ALA A 331 -10.16 3.68 53.23
CA ALA A 331 -8.98 4.33 53.78
C ALA A 331 -8.12 5.01 52.71
N ASN A 332 -7.14 5.76 53.18
CA ASN A 332 -6.28 6.59 52.35
C ASN A 332 -5.38 5.84 51.38
N SER A 333 -5.09 6.54 50.28
CA SER A 333 -4.26 6.10 49.19
C SER A 333 -2.78 6.11 49.50
N SER A 334 -2.37 5.33 50.47
CA SER A 334 -0.97 5.29 50.86
C SER A 334 -0.13 4.80 49.68
N GLY A 335 1.04 5.43 49.51
CA GLY A 335 1.96 5.08 48.44
C GLY A 335 3.16 6.04 48.46
N GLY A 336 4.10 5.85 47.54
CA GLY A 336 5.32 6.68 47.53
C GLY A 336 5.42 7.91 46.61
N ASP A 337 4.40 8.28 45.85
CA ASP A 337 4.57 9.46 44.97
C ASP A 337 3.25 10.15 44.57
N LEU A 338 3.35 11.26 43.86
CA LEU A 338 2.16 12.01 43.44
C LEU A 338 1.31 11.24 42.48
N GLU A 339 1.95 10.45 41.65
CA GLU A 339 1.27 9.72 40.60
C GLU A 339 0.65 8.45 41.17
N VAL A 340 0.87 8.24 42.45
CA VAL A 340 0.38 7.09 43.13
C VAL A 340 -0.70 7.47 44.13
N THR A 341 -0.45 8.52 44.92
CA THR A 341 -1.34 8.85 46.02
C THR A 341 -2.39 9.91 45.72
N THR A 342 -2.22 10.72 44.67
CA THR A 342 -3.16 11.79 44.41
C THR A 342 -4.08 11.53 43.23
N HIS A 343 -5.09 12.38 43.12
CA HIS A 343 -6.04 12.33 42.03
C HIS A 343 -5.60 13.27 40.94
N SER A 344 -5.22 12.69 39.81
CA SER A 344 -4.73 13.45 38.69
C SER A 344 -5.84 13.90 37.77
N PHE A 345 -5.82 15.21 37.47
CA PHE A 345 -6.74 15.93 36.58
C PHE A 345 -5.95 16.77 35.59
N ASN A 346 -6.57 17.08 34.46
CA ASN A 346 -5.97 18.01 33.50
C ASN A 346 -7.02 18.99 33.01
N CYS A 347 -6.99 20.21 33.53
CA CYS A 347 -8.00 21.20 33.18
C CYS A 347 -7.35 22.50 32.73
N GLY A 348 -7.69 22.96 31.54
CA GLY A 348 -7.15 24.24 31.07
C GLY A 348 -5.72 24.08 30.62
N GLY A 349 -5.26 22.85 30.56
CA GLY A 349 -3.91 22.52 30.21
C GLY A 349 -3.04 22.40 31.46
N GLU A 350 -3.60 22.65 32.65
CA GLU A 350 -2.81 22.52 33.86
C GLU A 350 -3.01 21.17 34.50
N PHE A 351 -1.94 20.66 35.07
CA PHE A 351 -1.97 19.36 35.69
C PHE A 351 -2.05 19.47 37.19
N PHE A 352 -3.07 18.81 37.73
CA PHE A 352 -3.40 18.85 39.13
C PHE A 352 -3.20 17.53 39.80
N TYR A 353 -2.76 17.59 41.05
CA TYR A 353 -2.52 16.47 41.96
C TYR A 353 -3.26 16.71 43.26
N CYS A 354 -4.51 16.25 43.32
CA CYS A 354 -5.37 16.60 44.44
C CYS A 354 -5.42 15.52 45.53
N ASN A 355 -5.61 15.97 46.77
CA ASN A 355 -5.67 15.13 47.96
C ASN A 355 -7.05 14.56 48.22
N THR A 356 -7.18 13.23 48.13
CA THR A 356 -8.44 12.52 48.27
C THR A 356 -8.59 11.78 49.58
N SER A 357 -7.71 12.07 50.53
CA SER A 357 -7.75 11.40 51.83
C SER A 357 -9.01 11.77 52.59
N GLY A 358 -9.62 12.88 52.20
CA GLY A 358 -10.84 13.37 52.81
C GLY A 358 -12.06 12.66 52.27
N LEU A 359 -11.88 11.84 51.23
CA LEU A 359 -12.99 11.12 50.67
C LEU A 359 -13.01 9.70 51.15
N PHE A 360 -11.84 9.07 51.17
CA PHE A 360 -11.77 7.67 51.56
C PHE A 360 -11.48 7.54 53.03
N ASN A 361 -12.46 7.94 53.82
CA ASN A 361 -12.37 7.97 55.27
C ASN A 361 -13.68 7.54 55.92
N SER A 362 -13.99 6.24 55.85
CA SER A 362 -15.30 5.82 56.36
C SER A 362 -15.43 4.35 56.69
N THR A 363 -16.11 4.03 57.80
CA THR A 363 -16.32 2.63 58.15
C THR A 363 -17.80 2.28 58.08
N TRP A 364 -18.09 1.24 57.33
CA TRP A 364 -19.44 0.76 57.10
C TRP A 364 -19.61 -0.65 57.64
N ILE A 382 -17.32 18.91 51.19
CA ILE A 382 -15.98 18.34 51.31
C ILE A 382 -14.97 19.14 50.53
N THR A 383 -13.96 19.67 51.21
CA THR A 383 -12.93 20.41 50.50
C THR A 383 -11.67 19.59 50.39
N LEU A 384 -11.21 19.41 49.17
CA LEU A 384 -10.00 18.68 48.89
C LEU A 384 -8.90 19.64 48.45
N PRO A 385 -7.80 19.81 49.17
CA PRO A 385 -6.74 20.72 48.80
C PRO A 385 -6.06 20.13 47.57
N CYS A 386 -5.47 20.96 46.72
CA CYS A 386 -4.82 20.44 45.53
C CYS A 386 -3.55 21.19 45.08
N ARG A 387 -2.57 20.44 44.57
CA ARG A 387 -1.31 20.99 44.09
C ARG A 387 -1.19 20.93 42.57
N ILE A 388 -0.33 21.78 41.97
CA ILE A 388 -0.11 21.70 40.53
C ILE A 388 1.36 21.60 40.11
N LYS A 389 1.59 21.10 38.89
CA LYS A 389 2.94 20.99 38.29
C LYS A 389 3.00 21.37 36.82
N GLN A 390 4.18 21.81 36.36
CA GLN A 390 4.38 22.03 34.94
C GLN A 390 5.16 20.90 34.24
N ILE A 391 6.04 20.17 34.94
CA ILE A 391 6.76 19.12 34.23
C ILE A 391 6.15 17.78 34.51
N ILE A 392 5.55 17.24 33.48
CA ILE A 392 4.80 16.03 33.59
C ILE A 392 5.44 14.92 32.80
N ASN A 393 5.71 13.79 33.46
CA ASN A 393 6.33 12.65 32.78
C ASN A 393 5.30 11.83 32.01
N MET A 394 4.05 11.84 32.50
CA MET A 394 2.91 11.12 31.94
C MET A 394 3.01 9.60 32.00
N TRP A 395 3.94 9.06 31.22
CA TRP A 395 4.14 7.63 31.11
C TRP A 395 5.53 7.21 31.50
N GLN A 396 6.08 7.93 32.45
CA GLN A 396 7.42 7.61 32.90
C GLN A 396 8.41 7.72 31.75
N ARG A 397 8.72 6.61 31.12
CA ARG A 397 9.71 6.57 30.04
C ARG A 397 11.01 7.28 30.40
N ILE A 398 11.35 8.39 29.72
CA ILE A 398 12.62 9.05 29.97
C ILE A 398 12.52 10.49 30.48
N GLY A 399 11.35 11.09 30.33
CA GLY A 399 11.12 12.46 30.77
C GLY A 399 9.98 13.10 30.04
N GLN A 400 10.17 13.36 28.74
CA GLN A 400 9.15 13.97 27.87
C GLN A 400 9.03 15.45 28.24
N ALA A 401 8.58 15.70 29.46
CA ALA A 401 8.62 17.02 30.02
C ALA A 401 8.06 18.08 29.12
N MET A 402 6.77 17.97 28.80
CA MET A 402 6.15 18.89 27.85
C MET A 402 6.12 20.33 28.34
N TYR A 403 6.23 20.51 29.65
CA TYR A 403 6.18 21.81 30.27
C TYR A 403 4.90 22.49 29.95
N ALA A 404 3.92 22.24 30.79
CA ALA A 404 2.69 22.90 30.55
C ALA A 404 3.00 24.38 30.67
N PRO A 405 2.62 25.22 29.71
CA PRO A 405 2.89 26.61 29.70
C PRO A 405 2.03 27.19 30.77
N PRO A 406 2.35 28.35 31.29
CA PRO A 406 1.53 29.06 32.21
C PRO A 406 0.28 29.45 31.47
N ILE A 407 -0.82 29.47 32.21
CA ILE A 407 -2.13 29.84 31.70
C ILE A 407 -2.58 31.10 32.41
N GLN A 408 -3.05 32.06 31.63
CA GLN A 408 -3.50 33.33 32.15
C GLN A 408 -4.92 33.26 32.69
N GLY A 409 -5.26 34.18 33.59
CA GLY A 409 -6.58 34.21 34.17
C GLY A 409 -6.68 33.15 35.24
N VAL A 410 -7.86 32.55 35.38
CA VAL A 410 -8.14 31.54 36.41
C VAL A 410 -8.80 30.32 35.78
N ILE A 411 -8.79 29.21 36.50
CA ILE A 411 -9.41 28.00 35.97
C ILE A 411 -10.59 27.50 36.77
N ARG A 412 -11.65 27.19 36.05
CA ARG A 412 -12.84 26.61 36.63
C ARG A 412 -13.14 25.36 35.82
N CYS A 413 -13.28 24.22 36.50
CA CYS A 413 -13.49 22.95 35.81
C CYS A 413 -14.39 22.01 36.60
N VAL A 414 -15.49 21.56 36.00
CA VAL A 414 -16.38 20.67 36.71
C VAL A 414 -16.51 19.36 35.97
N SER A 415 -16.23 18.28 36.67
CA SER A 415 -16.27 16.96 36.06
C SER A 415 -17.29 16.02 36.67
N ASN A 416 -17.63 15.01 35.89
CA ASN A 416 -18.56 13.96 36.32
C ASN A 416 -17.85 12.73 36.85
N ILE A 417 -18.01 12.43 38.12
CA ILE A 417 -17.38 11.23 38.61
C ILE A 417 -18.28 10.11 38.16
N THR A 418 -17.73 9.19 37.39
CA THR A 418 -18.51 8.07 36.88
C THR A 418 -18.02 6.74 37.42
N GLY A 419 -16.81 6.73 37.98
CA GLY A 419 -16.30 5.46 38.50
C GLY A 419 -15.13 5.59 39.45
N LEU A 420 -14.75 4.45 39.98
CA LEU A 420 -13.72 4.31 40.99
C LEU A 420 -12.84 3.05 40.89
N ILE A 421 -11.54 3.20 41.09
CA ILE A 421 -10.69 2.02 41.16
C ILE A 421 -10.13 1.84 42.57
N LEU A 422 -10.36 0.65 43.12
CA LEU A 422 -9.96 0.23 44.48
C LEU A 422 -9.09 -1.01 44.57
N THR A 423 -8.34 -1.10 45.65
CA THR A 423 -7.64 -2.35 45.98
C THR A 423 -8.05 -2.71 47.39
N ARG A 424 -7.87 -3.97 47.78
CA ARG A 424 -8.20 -4.35 49.15
C ARG A 424 -6.89 -4.73 49.81
N ASP A 425 -6.79 -4.55 51.12
CA ASP A 425 -5.55 -4.94 51.78
C ASP A 425 -5.50 -6.40 52.21
N GLY A 426 -6.63 -6.97 52.58
CA GLY A 426 -6.63 -8.35 53.01
C GLY A 426 -5.89 -9.25 52.02
N THR A 433 -13.54 -8.26 58.85
CA THR A 433 -13.41 -6.86 58.43
C THR A 433 -12.42 -6.72 57.28
N GLU A 434 -12.75 -5.86 56.33
CA GLU A 434 -11.90 -5.60 55.16
C GLU A 434 -11.78 -4.11 54.91
N THR A 435 -10.65 -3.71 54.31
CA THR A 435 -10.41 -2.31 53.98
C THR A 435 -10.05 -2.10 52.52
N PHE A 436 -10.65 -1.09 51.93
CA PHE A 436 -10.39 -0.73 50.56
C PHE A 436 -9.75 0.63 50.47
N ARG A 437 -8.85 0.77 49.52
CA ARG A 437 -8.14 2.02 49.30
C ARG A 437 -8.17 2.34 47.82
N PRO A 438 -8.04 3.59 47.41
CA PRO A 438 -7.91 3.97 46.03
C PRO A 438 -6.77 3.16 45.46
N GLY A 439 -6.98 2.63 44.27
CA GLY A 439 -6.00 1.77 43.62
C GLY A 439 -5.04 2.47 42.69
N GLY A 440 -4.35 1.66 41.89
CA GLY A 440 -3.34 2.15 40.96
C GLY A 440 -3.74 1.75 39.56
N GLY A 441 -2.75 1.38 38.75
CA GLY A 441 -3.02 0.99 37.37
C GLY A 441 -2.58 2.03 36.37
N ASP A 442 -2.44 1.59 35.13
CA ASP A 442 -2.02 2.43 34.02
C ASP A 442 -3.26 3.03 33.37
N MET A 443 -3.07 3.85 32.34
CA MET A 443 -4.19 4.48 31.63
C MET A 443 -4.99 3.42 30.89
N ARG A 444 -4.42 2.24 30.78
CA ARG A 444 -5.06 1.13 30.13
C ARG A 444 -6.40 0.84 30.77
N ASP A 445 -6.52 1.04 32.07
CA ASP A 445 -7.76 0.67 32.72
C ASP A 445 -8.80 1.76 32.58
N ASN A 446 -8.43 2.91 32.01
CA ASN A 446 -9.35 3.99 31.81
C ASN A 446 -9.97 3.82 30.44
N TRP A 447 -9.55 2.77 29.76
CA TRP A 447 -10.07 2.41 28.47
C TRP A 447 -10.86 1.16 28.69
N ARG A 448 -10.26 0.20 29.40
CA ARG A 448 -10.88 -1.08 29.65
C ARG A 448 -12.28 -0.92 30.24
N SER A 449 -12.44 0.08 31.11
CA SER A 449 -13.71 0.33 31.77
C SER A 449 -14.85 0.71 30.83
N GLU A 450 -14.52 1.13 29.61
CA GLU A 450 -15.50 1.47 28.59
C GLU A 450 -15.51 0.44 27.45
N LEU A 451 -14.34 -0.14 27.18
CA LEU A 451 -14.15 -1.08 26.08
C LEU A 451 -14.72 -2.47 26.32
N TYR A 452 -14.99 -2.81 27.57
CA TYR A 452 -15.47 -4.13 27.97
C TYR A 452 -16.71 -4.64 27.24
N LYS A 453 -17.51 -3.77 26.65
CA LYS A 453 -18.69 -4.28 25.97
C LYS A 453 -18.41 -4.72 24.54
N TYR A 454 -17.21 -4.45 24.01
CA TYR A 454 -16.98 -4.77 22.61
C TYR A 454 -15.86 -5.79 22.34
N LYS A 455 -16.11 -6.66 21.36
CA LYS A 455 -15.12 -7.65 20.90
C LYS A 455 -15.04 -7.72 19.38
N VAL A 456 -13.86 -7.97 18.82
CA VAL A 456 -13.77 -8.05 17.36
C VAL A 456 -13.43 -9.44 16.85
N VAL A 457 -14.16 -9.84 15.82
CA VAL A 457 -13.96 -11.14 15.22
C VAL A 457 -13.74 -11.05 13.71
N LYS A 458 -13.11 -12.09 13.17
CA LYS A 458 -12.81 -12.22 11.75
C LYS A 458 -13.83 -13.06 11.02
N ILE A 459 -14.29 -12.55 9.90
CA ILE A 459 -15.29 -13.22 9.10
C ILE A 459 -14.66 -14.22 8.15
N GLU A 460 -15.20 -15.44 8.13
CA GLU A 460 -14.69 -16.48 7.25
C GLU A 460 -15.80 -17.05 6.37
N PRO A 461 -16.11 -16.40 5.24
CA PRO A 461 -17.27 -16.63 4.39
C PRO A 461 -17.28 -17.92 3.57
N LEU A 462 -16.17 -18.61 3.47
CA LEU A 462 -16.14 -19.78 2.61
C LEU A 462 -16.06 -21.11 3.36
N GLY A 463 -16.93 -22.06 3.00
CA GLY A 463 -16.91 -23.39 3.61
C GLY A 463 -17.77 -24.39 2.85
N VAL A 464 -17.85 -25.62 3.36
CA VAL A 464 -18.57 -26.69 2.67
C VAL A 464 -19.56 -27.44 3.55
N ALA A 465 -20.47 -28.14 2.90
CA ALA A 465 -21.45 -29.03 3.54
C ALA A 465 -21.91 -30.05 2.48
N PRO A 466 -22.42 -31.23 2.85
CA PRO A 466 -22.99 -32.18 1.92
C PRO A 466 -24.33 -31.72 1.43
N THR A 467 -24.60 -32.03 0.18
CA THR A 467 -25.88 -31.83 -0.50
C THR A 467 -26.16 -33.02 -1.37
N ARG A 468 -27.29 -33.00 -2.05
CA ARG A 468 -27.60 -34.09 -2.98
C ARG A 468 -27.20 -33.73 -4.41
N CYS A 469 -26.53 -32.59 -4.58
CA CYS A 469 -26.22 -32.11 -5.92
C CYS A 469 -24.82 -32.42 -6.41
N LYS A 470 -24.74 -33.02 -7.59
CA LYS A 470 -23.43 -33.25 -8.17
C LYS A 470 -23.33 -32.35 -9.37
N ARG A 471 -22.13 -31.95 -9.74
CA ARG A 471 -22.00 -31.06 -10.87
C ARG A 471 -22.62 -31.69 -12.12
N VAL B 7 -23.58 -1.81 4.82
CA VAL B 7 -24.98 -2.12 4.57
C VAL B 7 -25.55 -2.94 5.69
N PHE B 8 -25.45 -2.42 6.90
CA PHE B 8 -25.95 -3.17 8.02
C PHE B 8 -27.45 -3.01 8.14
N LEU B 9 -28.12 -3.61 7.17
CA LEU B 9 -29.54 -3.64 7.04
C LEU B 9 -29.85 -5.02 7.48
N GLY B 10 -28.82 -5.83 7.36
CA GLY B 10 -28.84 -7.24 7.69
C GLY B 10 -27.46 -7.75 7.42
N PHE B 11 -27.01 -8.67 8.26
CA PHE B 11 -25.66 -9.20 8.12
C PHE B 11 -25.48 -10.56 8.80
N LEU B 12 -24.80 -10.58 9.92
CA LEU B 12 -24.52 -11.84 10.58
C LEU B 12 -25.67 -12.38 11.39
N GLY B 13 -26.80 -11.68 11.37
CA GLY B 13 -28.01 -12.11 12.06
C GLY B 13 -28.51 -13.42 11.47
N ALA B 14 -28.04 -13.75 10.28
CA ALA B 14 -28.39 -15.00 9.64
C ALA B 14 -27.91 -16.17 10.51
N ALA B 15 -26.84 -15.94 11.28
CA ALA B 15 -26.19 -16.93 12.12
C ALA B 15 -27.09 -17.43 13.23
N GLY B 16 -28.16 -16.70 13.52
CA GLY B 16 -29.07 -17.11 14.57
C GLY B 16 -29.90 -18.31 14.15
N SER B 17 -29.93 -18.63 12.86
CA SER B 17 -30.77 -19.74 12.43
C SER B 17 -29.97 -20.87 11.85
N THR B 18 -30.67 -21.76 11.19
CA THR B 18 -30.09 -22.97 10.66
C THR B 18 -29.33 -22.70 9.41
N MET B 19 -28.51 -23.67 9.02
CA MET B 19 -27.74 -23.51 7.81
C MET B 19 -28.65 -23.39 6.62
N GLY B 20 -29.75 -24.14 6.65
CA GLY B 20 -30.67 -24.10 5.53
C GLY B 20 -31.19 -22.70 5.38
N ALA B 21 -31.74 -22.15 6.45
CA ALA B 21 -32.30 -20.82 6.35
C ALA B 21 -31.26 -19.77 5.99
N ALA B 22 -30.08 -19.89 6.58
CA ALA B 22 -29.05 -18.91 6.35
C ALA B 22 -28.60 -18.89 4.91
N SER B 23 -28.65 -20.03 4.24
CA SER B 23 -28.18 -20.14 2.88
C SER B 23 -28.99 -19.28 1.92
N MET B 24 -30.17 -18.84 2.32
CA MET B 24 -30.97 -18.06 1.42
C MET B 24 -30.59 -16.59 1.38
N THR B 25 -29.67 -16.17 2.26
CA THR B 25 -29.24 -14.79 2.35
C THR B 25 -27.72 -14.62 2.28
N LEU B 26 -27.04 -15.42 1.49
CA LEU B 26 -25.57 -15.35 1.42
C LEU B 26 -25.03 -14.01 0.89
N THR B 27 -25.79 -13.32 0.02
CA THR B 27 -25.30 -12.06 -0.55
C THR B 27 -25.29 -10.96 0.47
N VAL B 28 -26.00 -11.19 1.56
CA VAL B 28 -26.11 -10.22 2.60
C VAL B 28 -24.74 -9.98 3.23
N GLN B 29 -23.94 -11.05 3.35
CA GLN B 29 -22.61 -10.88 3.92
C GLN B 29 -21.64 -10.52 2.85
N ALA B 30 -21.79 -11.08 1.64
CA ALA B 30 -20.79 -10.84 0.60
C ALA B 30 -20.66 -9.35 0.27
N ARG B 31 -21.77 -8.66 0.31
CA ARG B 31 -21.83 -7.25 -0.03
C ARG B 31 -21.15 -6.37 1.01
N ASN B 32 -20.83 -6.93 2.17
CA ASN B 32 -20.16 -6.21 3.23
C ASN B 32 -18.71 -6.62 3.42
N LEU B 33 -18.10 -7.33 2.46
CA LEU B 33 -16.72 -7.75 2.66
C LEU B 33 -15.60 -6.87 2.07
N LEU B 34 -15.92 -5.89 1.22
CA LEU B 34 -14.84 -5.10 0.60
C LEU B 34 -14.61 -3.69 1.11
N SER B 35 -15.48 -3.15 1.96
CA SER B 35 -15.26 -1.77 2.37
C SER B 35 -15.43 -1.51 3.86
N GLY B 36 -14.32 -1.18 4.53
CA GLY B 36 -14.31 -0.88 5.95
C GLY B 36 -14.61 0.60 6.09
N ILE B 37 -14.51 1.14 7.29
CA ILE B 37 -14.88 2.57 7.37
C ILE B 37 -13.89 3.44 6.59
N VAL B 38 -12.62 2.99 6.58
CA VAL B 38 -11.52 3.69 5.92
C VAL B 38 -11.64 3.67 4.40
N GLN B 39 -12.54 2.84 3.88
CA GLN B 39 -12.73 2.73 2.45
C GLN B 39 -13.93 3.55 1.98
N GLN B 40 -14.65 4.14 2.94
CA GLN B 40 -15.79 4.95 2.61
C GLN B 40 -15.37 6.40 2.64
N GLN B 41 -14.70 6.77 3.72
CA GLN B 41 -14.18 8.13 3.92
C GLN B 41 -14.61 9.11 2.83
N LEU B 57 3.05 14.08 7.32
CA LEU B 57 2.54 13.23 8.39
C LEU B 57 2.02 11.89 7.90
N THR B 58 2.94 10.93 7.76
CA THR B 58 2.58 9.56 7.36
C THR B 58 2.50 8.70 8.62
N VAL B 59 2.82 9.34 9.73
CA VAL B 59 2.81 8.74 11.04
C VAL B 59 1.38 8.44 11.35
N TRP B 60 1.09 7.23 11.86
CA TRP B 60 -0.28 6.83 12.22
C TRP B 60 -1.14 6.54 10.99
N GLY B 61 -1.24 7.47 10.07
CA GLY B 61 -2.03 7.32 8.83
C GLY B 61 -1.60 6.11 7.99
N ILE B 62 -0.32 5.73 8.07
CA ILE B 62 0.18 4.58 7.35
C ILE B 62 -0.59 3.32 7.69
N LYS B 63 -1.16 3.24 8.90
CA LYS B 63 -1.90 2.07 9.27
C LYS B 63 -3.15 1.89 8.44
N GLN B 64 -3.77 2.99 8.00
CA GLN B 64 -4.97 2.87 7.22
C GLN B 64 -4.59 2.30 5.86
N LEU B 65 -3.43 2.72 5.35
CA LEU B 65 -3.00 2.20 4.06
C LEU B 65 -2.73 0.72 4.16
N GLN B 66 -2.06 0.32 5.25
CA GLN B 66 -1.73 -1.08 5.40
C GLN B 66 -2.99 -1.92 5.52
N ALA B 67 -3.98 -1.43 6.25
CA ALA B 67 -5.20 -2.19 6.41
C ALA B 67 -5.95 -2.38 5.11
N ARG B 68 -6.01 -1.35 4.28
CA ARG B 68 -6.73 -1.48 3.02
C ARG B 68 -6.08 -2.54 2.14
N VAL B 69 -4.74 -2.56 2.15
CA VAL B 69 -4.04 -3.52 1.32
C VAL B 69 -4.31 -4.93 1.78
N LEU B 70 -4.26 -5.15 3.09
CA LEU B 70 -4.48 -6.48 3.60
C LEU B 70 -5.89 -6.95 3.32
N ALA B 71 -6.87 -6.05 3.42
CA ALA B 71 -8.24 -6.47 3.14
C ALA B 71 -8.36 -6.96 1.71
N VAL B 72 -7.66 -6.30 0.80
CA VAL B 72 -7.69 -6.72 -0.57
C VAL B 72 -7.08 -8.08 -0.73
N GLU B 73 -5.95 -8.30 -0.07
CA GLU B 73 -5.31 -9.58 -0.21
C GLU B 73 -6.20 -10.71 0.29
N ARG B 74 -6.91 -10.49 1.40
CA ARG B 74 -7.76 -11.56 1.90
C ARG B 74 -8.84 -11.90 0.91
N TYR B 75 -9.46 -10.87 0.35
CA TYR B 75 -10.50 -11.10 -0.61
C TYR B 75 -10.03 -11.90 -1.79
N LEU B 76 -8.90 -11.50 -2.35
CA LEU B 76 -8.43 -12.17 -3.51
C LEU B 76 -8.02 -13.59 -3.23
N ARG B 77 -7.47 -13.88 -2.07
CA ARG B 77 -7.09 -15.26 -1.83
C ARG B 77 -8.31 -16.18 -1.86
N ASP B 78 -9.44 -15.74 -1.32
CA ASP B 78 -10.59 -16.63 -1.39
C ASP B 78 -11.09 -16.75 -2.82
N GLN B 79 -11.03 -15.67 -3.58
CA GLN B 79 -11.50 -15.76 -4.95
C GLN B 79 -10.62 -16.67 -5.78
N GLN B 80 -9.33 -16.66 -5.51
CA GLN B 80 -8.40 -17.50 -6.24
C GLN B 80 -8.67 -18.96 -5.95
N LEU B 81 -9.03 -19.26 -4.71
CA LEU B 81 -9.29 -20.63 -4.36
C LEU B 81 -10.53 -21.13 -5.11
N LEU B 82 -11.56 -20.29 -5.18
CA LEU B 82 -12.75 -20.68 -5.90
C LEU B 82 -12.44 -20.86 -7.37
N GLY B 83 -11.56 -20.02 -7.91
CA GLY B 83 -11.17 -20.13 -9.29
C GLY B 83 -10.53 -21.48 -9.55
N ILE B 84 -9.60 -21.87 -8.69
CA ILE B 84 -8.89 -23.13 -8.84
C ILE B 84 -9.81 -24.32 -8.80
N TRP B 85 -10.79 -24.29 -7.89
CA TRP B 85 -11.76 -25.37 -7.76
C TRP B 85 -12.77 -25.43 -8.89
N GLY B 86 -12.82 -24.42 -9.75
CA GLY B 86 -13.83 -24.39 -10.78
C GLY B 86 -15.17 -23.87 -10.25
N CYS B 87 -15.12 -23.14 -9.13
CA CYS B 87 -16.31 -22.61 -8.47
C CYS B 87 -16.32 -21.09 -8.45
N SER B 88 -15.68 -20.46 -9.42
CA SER B 88 -15.71 -19.01 -9.45
C SER B 88 -16.98 -18.53 -10.11
N GLY B 89 -17.75 -17.78 -9.34
CA GLY B 89 -19.03 -17.29 -9.75
C GLY B 89 -20.07 -18.05 -8.98
N LYS B 90 -21.17 -17.38 -8.68
CA LYS B 90 -22.28 -17.91 -7.91
C LYS B 90 -21.93 -18.12 -6.44
N LEU B 91 -22.97 -18.31 -5.66
CA LEU B 91 -22.86 -18.50 -4.23
C LEU B 91 -22.74 -19.97 -3.87
N ILE B 92 -23.36 -20.81 -4.68
CA ILE B 92 -23.38 -22.24 -4.39
C ILE B 92 -22.81 -23.07 -5.54
N CYS B 93 -21.80 -23.88 -5.23
CA CYS B 93 -21.16 -24.70 -6.25
C CYS B 93 -21.14 -26.19 -6.02
N CYS B 94 -21.74 -26.93 -6.95
CA CYS B 94 -21.77 -28.39 -6.86
C CYS B 94 -20.40 -28.82 -7.38
N THR B 95 -19.73 -29.76 -6.68
CA THR B 95 -18.36 -30.16 -7.04
C THR B 95 -18.13 -31.47 -7.78
N ASN B 96 -19.08 -32.39 -7.74
CA ASN B 96 -18.92 -33.74 -8.29
C ASN B 96 -17.87 -34.56 -7.53
N VAL B 97 -17.63 -34.19 -6.28
CA VAL B 97 -16.78 -34.93 -5.39
C VAL B 97 -17.68 -35.49 -4.31
N PRO B 98 -17.73 -36.80 -4.09
CA PRO B 98 -18.61 -37.44 -3.14
C PRO B 98 -18.20 -37.09 -1.73
N TRP B 99 -19.17 -37.04 -0.85
CA TRP B 99 -18.95 -36.77 0.56
C TRP B 99 -18.53 -38.07 1.26
N ASN B 100 -17.50 -38.00 2.09
CA ASN B 100 -17.05 -39.18 2.81
C ASN B 100 -17.92 -39.46 4.02
N SER B 101 -18.18 -40.74 4.25
CA SER B 101 -18.96 -41.20 5.39
C SER B 101 -18.24 -41.01 6.72
N SER B 102 -16.93 -40.81 6.66
CA SER B 102 -16.15 -40.59 7.83
C SER B 102 -16.14 -39.13 8.29
N TRP B 103 -16.68 -38.24 7.45
CA TRP B 103 -16.63 -36.85 7.81
C TRP B 103 -17.69 -36.45 8.83
N SER B 104 -18.85 -37.10 8.78
CA SER B 104 -19.92 -36.81 9.71
C SER B 104 -20.89 -37.98 9.67
N ASN B 105 -21.76 -38.10 10.67
CA ASN B 105 -22.75 -39.17 10.61
C ASN B 105 -24.12 -38.65 10.99
N ARG B 106 -24.68 -37.83 10.13
CA ARG B 106 -25.98 -37.22 10.38
C ARG B 106 -26.81 -37.29 9.13
N ASN B 107 -28.12 -37.28 9.28
CA ASN B 107 -28.98 -37.21 8.11
C ASN B 107 -28.79 -35.89 7.40
N LEU B 108 -28.87 -35.90 6.09
CA LEU B 108 -28.68 -34.64 5.40
C LEU B 108 -29.62 -33.56 5.94
N SER B 109 -30.88 -33.93 6.17
CA SER B 109 -31.86 -32.99 6.68
C SER B 109 -31.58 -32.60 8.12
N GLU B 110 -30.82 -33.41 8.83
CA GLU B 110 -30.53 -33.12 10.21
C GLU B 110 -29.60 -31.96 10.27
N ILE B 111 -28.63 -31.93 9.37
CA ILE B 111 -27.72 -30.82 9.51
C ILE B 111 -28.37 -29.57 8.94
N TRP B 112 -29.10 -29.70 7.85
CA TRP B 112 -29.64 -28.48 7.27
C TRP B 112 -30.75 -27.84 8.10
N ASP B 113 -31.56 -28.65 8.80
CA ASP B 113 -32.63 -28.11 9.63
C ASP B 113 -32.30 -27.92 11.10
N ASN B 114 -31.40 -28.70 11.71
CA ASN B 114 -31.15 -28.48 13.13
C ASN B 114 -29.81 -27.81 13.48
N MET B 115 -28.88 -27.72 12.53
CA MET B 115 -27.58 -27.14 12.85
C MET B 115 -27.39 -25.77 12.25
N THR B 116 -26.57 -24.98 12.92
CA THR B 116 -26.19 -23.66 12.45
C THR B 116 -24.86 -23.77 11.73
N TRP B 117 -24.46 -22.73 11.00
CA TRP B 117 -23.17 -22.82 10.33
C TRP B 117 -22.01 -22.80 11.30
N LEU B 118 -22.17 -22.14 12.45
CA LEU B 118 -21.07 -22.12 13.39
C LEU B 118 -20.83 -23.53 13.91
N GLN B 119 -21.90 -24.25 14.19
CA GLN B 119 -21.77 -25.59 14.73
C GLN B 119 -21.17 -26.54 13.70
N TRP B 120 -21.62 -26.38 12.47
CA TRP B 120 -21.15 -27.21 11.39
C TRP B 120 -19.67 -27.00 11.14
N ASP B 121 -19.24 -25.74 11.12
CA ASP B 121 -17.84 -25.49 10.86
C ASP B 121 -16.99 -26.16 11.91
N LYS B 122 -17.42 -26.15 13.16
CA LYS B 122 -16.61 -26.82 14.14
C LYS B 122 -16.61 -28.32 13.92
N GLU B 123 -17.77 -28.91 13.63
CA GLU B 123 -17.89 -30.35 13.50
C GLU B 123 -16.98 -30.95 12.44
N ILE B 124 -16.80 -30.28 11.31
CA ILE B 124 -15.97 -30.88 10.26
C ILE B 124 -14.66 -30.15 10.03
N SER B 125 -14.18 -29.41 11.03
CA SER B 125 -12.94 -28.66 10.90
C SER B 125 -11.75 -29.55 10.54
N ASN B 126 -11.76 -30.76 11.07
CA ASN B 126 -10.71 -31.77 10.90
C ASN B 126 -10.49 -32.16 9.45
N TYR B 127 -11.46 -31.95 8.60
CA TYR B 127 -11.33 -32.40 7.25
C TYR B 127 -11.13 -31.29 6.24
N THR B 128 -10.85 -30.09 6.71
CA THR B 128 -10.78 -28.97 5.79
C THR B 128 -9.79 -29.15 4.64
N GLN B 129 -8.59 -29.61 4.96
CA GLN B 129 -7.56 -29.73 3.94
C GLN B 129 -7.83 -30.88 3.02
N ILE B 130 -8.44 -31.92 3.57
CA ILE B 130 -8.74 -33.09 2.79
C ILE B 130 -9.78 -32.75 1.76
N ILE B 131 -10.81 -32.05 2.19
CA ILE B 131 -11.85 -31.72 1.26
C ILE B 131 -11.30 -30.84 0.19
N TYR B 132 -10.54 -29.83 0.57
CA TYR B 132 -10.03 -28.92 -0.44
C TYR B 132 -9.11 -29.65 -1.41
N GLY B 133 -8.30 -30.57 -0.92
CA GLY B 133 -7.40 -31.31 -1.80
C GLY B 133 -8.16 -32.09 -2.86
N LEU B 134 -9.34 -32.56 -2.53
CA LEU B 134 -10.13 -33.32 -3.48
C LEU B 134 -10.82 -32.43 -4.49
N LEU B 135 -10.75 -31.12 -4.31
CA LEU B 135 -11.43 -30.26 -5.23
C LEU B 135 -10.50 -29.95 -6.39
N GLU B 136 -9.29 -30.53 -6.34
CA GLU B 136 -8.32 -30.45 -7.41
C GLU B 136 -8.78 -31.28 -8.57
N GLU B 137 -9.79 -32.13 -8.35
CA GLU B 137 -10.32 -32.99 -9.38
C GLU B 137 -10.89 -32.18 -10.52
N SER B 138 -11.25 -30.92 -10.31
CA SER B 138 -11.76 -30.12 -11.41
C SER B 138 -10.73 -30.04 -12.53
N GLN B 139 -9.43 -30.19 -12.22
CA GLN B 139 -8.40 -30.15 -13.23
C GLN B 139 -8.50 -31.35 -14.15
N ASN B 140 -8.90 -32.50 -13.62
CA ASN B 140 -8.99 -33.70 -14.41
C ASN B 140 -10.21 -33.56 -15.27
N GLN B 141 -11.24 -32.90 -14.73
CA GLN B 141 -12.45 -32.73 -15.49
C GLN B 141 -12.19 -31.83 -16.68
N GLN B 142 -11.36 -30.79 -16.50
CA GLN B 142 -11.09 -29.90 -17.61
C GLN B 142 -10.30 -30.60 -18.70
N GLU B 143 -9.38 -31.50 -18.35
CA GLU B 143 -8.65 -32.22 -19.38
C GLU B 143 -9.61 -33.14 -20.15
N LYS B 144 -10.50 -33.79 -19.43
CA LYS B 144 -11.44 -34.66 -20.11
C LYS B 144 -12.34 -33.87 -21.03
N ASN B 145 -12.75 -32.68 -20.58
CA ASN B 145 -13.63 -31.87 -21.38
C ASN B 145 -12.96 -31.43 -22.65
N GLU B 146 -11.68 -31.05 -22.60
CA GLU B 146 -11.05 -30.65 -23.85
C GLU B 146 -11.03 -31.78 -24.85
N GLN B 147 -10.67 -32.97 -24.37
CA GLN B 147 -10.49 -34.11 -25.26
C GLN B 147 -11.76 -34.48 -26.00
N ASP B 148 -12.90 -34.38 -25.33
CA ASP B 148 -14.16 -34.71 -25.94
C ASP B 148 -14.93 -33.49 -26.47
N LEU B 149 -14.30 -32.32 -26.47
CA LEU B 149 -14.98 -31.11 -26.91
C LEU B 149 -14.61 -30.65 -28.30
N LEU B 150 -13.32 -30.57 -28.58
CA LEU B 150 -12.93 -30.04 -29.87
C LEU B 150 -13.80 -28.81 -30.20
N VAL C 2 -57.43 -4.39 1.88
CA VAL C 2 -56.37 -5.12 2.53
C VAL C 2 -56.46 -4.97 4.02
N GLN C 3 -56.41 -6.11 4.69
CA GLN C 3 -56.53 -6.12 6.14
C GLN C 3 -56.07 -7.41 6.78
N LEU C 4 -55.89 -7.34 8.07
CA LEU C 4 -55.61 -8.51 8.87
C LEU C 4 -56.88 -8.90 9.59
N VAL C 5 -57.39 -10.05 9.21
CA VAL C 5 -58.65 -10.51 9.74
C VAL C 5 -58.34 -11.23 11.02
N GLN C 6 -59.03 -10.87 12.10
CA GLN C 6 -58.70 -11.46 13.39
C GLN C 6 -59.82 -12.24 14.05
N SER C 7 -59.40 -13.17 14.91
CA SER C 7 -60.32 -13.93 15.74
C SER C 7 -60.94 -13.08 16.86
N GLY C 8 -61.98 -13.61 17.50
CA GLY C 8 -62.63 -12.87 18.59
C GLY C 8 -61.85 -13.00 19.89
N GLY C 9 -62.29 -12.28 20.93
CA GLY C 9 -61.58 -12.28 22.20
C GLY C 9 -61.95 -13.45 23.10
N ALA C 10 -61.34 -13.49 24.27
CA ALA C 10 -61.58 -14.59 25.19
C ALA C 10 -61.27 -14.29 26.65
N LEU C 11 -61.89 -15.08 27.52
CA LEU C 11 -61.61 -15.08 28.94
C LEU C 11 -61.08 -16.43 29.38
N VAL C 12 -59.91 -16.41 30.00
CA VAL C 12 -59.28 -17.63 30.49
C VAL C 12 -58.84 -17.48 31.94
N GLN C 13 -58.57 -18.60 32.60
CA GLN C 13 -58.07 -18.56 33.95
C GLN C 13 -56.54 -18.47 33.94
N PRO C 14 -55.90 -17.95 34.98
CA PRO C 14 -54.47 -17.95 35.10
C PRO C 14 -53.96 -19.36 34.97
N GLY C 15 -52.88 -19.53 34.22
CA GLY C 15 -52.24 -20.81 33.97
C GLY C 15 -52.71 -21.44 32.67
N ALA C 16 -53.77 -20.88 32.09
CA ALA C 16 -54.36 -21.36 30.85
C ALA C 16 -53.52 -21.11 29.62
N SER C 17 -53.75 -21.94 28.59
CA SER C 17 -53.12 -21.70 27.32
C SER C 17 -54.18 -21.22 26.36
N LEU C 18 -53.76 -20.45 25.36
CA LEU C 18 -54.67 -19.93 24.35
C LEU C 18 -54.03 -19.73 22.99
N ARG C 19 -54.75 -20.05 21.92
CA ARG C 19 -54.23 -19.77 20.59
C ARG C 19 -54.98 -18.64 19.88
N LEU C 20 -54.24 -17.64 19.43
CA LEU C 20 -54.78 -16.54 18.65
C LEU C 20 -54.42 -16.69 17.19
N SER C 21 -55.24 -16.11 16.32
CA SER C 21 -54.90 -16.14 14.91
C SER C 21 -55.39 -14.93 14.11
N CYS C 22 -54.66 -14.71 13.00
CA CYS C 22 -54.92 -13.68 12.01
C CYS C 22 -54.89 -14.24 10.59
N ALA C 23 -55.61 -13.62 9.65
CA ALA C 23 -55.55 -14.05 8.24
C ALA C 23 -55.32 -12.89 7.26
N ALA C 24 -54.66 -13.19 6.13
CA ALA C 24 -54.36 -12.14 5.14
C ALA C 24 -55.48 -11.92 4.15
N SER C 25 -56.10 -10.76 4.19
CA SER C 25 -57.14 -10.46 3.25
C SER C 25 -56.56 -9.63 2.12
N GLU C 26 -56.67 -10.19 0.91
CA GLU C 26 -56.18 -9.65 -0.36
C GLU C 26 -54.66 -9.49 -0.47
N PHE C 27 -53.89 -10.37 0.17
CA PHE C 27 -52.43 -10.34 -0.01
C PHE C 27 -51.87 -11.67 0.46
N SER C 28 -50.61 -11.96 0.17
CA SER C 28 -50.00 -13.17 0.69
C SER C 28 -49.14 -12.92 1.92
N PHE C 29 -49.27 -13.76 2.93
CA PHE C 29 -48.37 -13.59 4.07
C PHE C 29 -46.95 -13.99 3.73
N SER C 30 -46.77 -14.75 2.67
CA SER C 30 -45.47 -15.26 2.28
C SER C 30 -44.53 -14.16 1.83
N THR C 31 -45.06 -12.96 1.57
CA THR C 31 -44.24 -11.89 1.09
C THR C 31 -43.89 -10.88 2.18
N HIS C 32 -44.31 -11.14 3.43
CA HIS C 32 -44.05 -10.15 4.49
C HIS C 32 -43.60 -10.72 5.81
N ASP C 33 -42.87 -9.90 6.55
CA ASP C 33 -42.49 -10.22 7.91
C ASP C 33 -43.69 -9.85 8.79
N MET C 34 -44.11 -10.74 9.66
CA MET C 34 -45.28 -10.48 10.49
C MET C 34 -44.97 -10.44 11.96
N HIS C 35 -45.64 -9.54 12.66
CA HIS C 35 -45.44 -9.39 14.09
C HIS C 35 -46.71 -9.31 14.89
N TRP C 36 -46.60 -9.66 16.16
CA TRP C 36 -47.67 -9.49 17.12
C TRP C 36 -47.24 -8.48 18.17
N VAL C 37 -48.17 -7.64 18.58
CA VAL C 37 -47.94 -6.69 19.68
C VAL C 37 -49.13 -6.82 20.62
N ARG C 38 -48.99 -6.33 21.84
CA ARG C 38 -50.16 -6.32 22.70
C ARG C 38 -50.32 -4.99 23.42
N GLN C 39 -51.57 -4.56 23.56
CA GLN C 39 -51.83 -3.32 24.26
C GLN C 39 -52.58 -3.51 25.55
N ALA C 40 -51.86 -3.46 26.66
CA ALA C 40 -52.48 -3.66 27.96
C ALA C 40 -53.31 -2.42 28.21
N PRO C 41 -54.39 -2.47 29.00
CA PRO C 41 -55.16 -1.30 29.30
C PRO C 41 -54.24 -0.24 29.89
N GLY C 42 -54.35 0.98 29.37
CA GLY C 42 -53.55 2.10 29.86
C GLY C 42 -52.13 2.15 29.27
N LYS C 43 -51.80 1.22 28.39
CA LYS C 43 -50.46 1.13 27.82
C LYS C 43 -50.40 1.33 26.30
N GLY C 44 -49.17 1.38 25.80
CA GLY C 44 -48.89 1.49 24.37
C GLY C 44 -48.72 0.08 23.82
N LEU C 45 -48.00 -0.06 22.71
CA LEU C 45 -47.93 -1.39 22.09
C LEU C 45 -46.65 -2.16 22.38
N GLU C 46 -46.75 -3.20 23.19
CA GLU C 46 -45.57 -3.97 23.52
C GLU C 46 -45.34 -4.99 22.44
N TRP C 47 -44.14 -5.03 21.88
CA TRP C 47 -43.92 -6.04 20.87
C TRP C 47 -43.85 -7.38 21.53
N VAL C 48 -44.54 -8.35 20.97
CA VAL C 48 -44.62 -9.67 21.54
C VAL C 48 -43.83 -10.71 20.78
N SER C 49 -43.95 -10.71 19.48
CA SER C 49 -43.26 -11.73 18.70
C SER C 49 -43.20 -11.40 17.25
N GLY C 50 -42.35 -12.11 16.51
CA GLY C 50 -42.39 -11.98 15.07
C GLY C 50 -41.70 -13.11 14.32
N ILE C 51 -42.09 -13.24 13.07
CA ILE C 51 -41.58 -14.26 12.17
C ILE C 51 -41.19 -13.63 10.84
N ASN C 52 -40.05 -14.01 10.30
CA ASN C 52 -39.66 -13.44 9.03
C ASN C 52 -40.16 -14.28 7.87
N ILE C 53 -39.89 -13.80 6.67
CA ILE C 53 -40.29 -14.51 5.46
C ILE C 53 -39.65 -15.88 5.26
N HIS C 54 -38.58 -16.19 5.98
CA HIS C 54 -37.93 -17.48 5.84
C HIS C 54 -38.25 -18.39 6.99
N GLY C 55 -39.16 -17.96 7.87
CA GLY C 55 -39.56 -18.75 9.01
C GLY C 55 -38.70 -18.56 10.26
N GLY C 56 -37.78 -17.59 10.24
CA GLY C 56 -36.95 -17.35 11.42
C GLY C 56 -37.81 -16.56 12.36
N THR C 57 -37.53 -16.63 13.65
CA THR C 57 -38.35 -15.89 14.61
C THR C 57 -37.58 -15.04 15.58
N TYR C 58 -38.31 -14.12 16.18
CA TYR C 58 -37.81 -13.20 17.17
C TYR C 58 -38.75 -13.17 18.38
N TYR C 59 -38.19 -13.12 19.61
CA TYR C 59 -39.05 -12.98 20.80
C TYR C 59 -38.45 -12.03 21.85
N PRO C 60 -39.27 -11.29 22.61
CA PRO C 60 -38.91 -10.54 23.81
C PRO C 60 -38.61 -11.51 24.92
N ASP C 61 -37.76 -11.13 25.85
CA ASP C 61 -37.50 -11.95 27.01
C ASP C 61 -38.68 -11.98 27.96
N SER C 62 -39.59 -11.03 27.81
CA SER C 62 -40.78 -10.94 28.64
C SER C 62 -41.80 -12.03 28.30
N VAL C 63 -41.67 -12.68 27.14
CA VAL C 63 -42.58 -13.76 26.80
C VAL C 63 -41.86 -15.03 26.35
N LYS C 64 -40.55 -14.91 26.07
CA LYS C 64 -39.81 -16.05 25.56
C LYS C 64 -39.91 -17.24 26.51
N GLY C 65 -40.28 -18.36 25.93
CA GLY C 65 -40.46 -19.62 26.64
C GLY C 65 -41.93 -19.89 26.94
N ARG C 66 -42.76 -18.86 26.85
CA ARG C 66 -44.20 -18.98 27.08
C ARG C 66 -44.95 -18.81 25.78
N PHE C 67 -44.44 -17.92 24.92
CA PHE C 67 -45.12 -17.66 23.66
C PHE C 67 -44.39 -18.25 22.46
N THR C 68 -45.16 -18.77 21.50
CA THR C 68 -44.64 -19.25 20.22
C THR C 68 -45.39 -18.65 19.02
N ILE C 69 -44.64 -18.22 18.02
CA ILE C 69 -45.22 -17.66 16.81
C ILE C 69 -45.03 -18.61 15.66
N SER C 70 -46.06 -18.76 14.84
CA SER C 70 -45.94 -19.61 13.66
C SER C 70 -46.78 -19.08 12.50
N ARG C 71 -46.47 -19.59 11.31
CA ARG C 71 -47.16 -19.20 10.09
C ARG C 71 -47.46 -20.39 9.21
N ASP C 72 -48.61 -20.35 8.55
CA ASP C 72 -48.97 -21.33 7.54
C ASP C 72 -49.42 -20.56 6.31
N SER C 73 -48.49 -20.41 5.38
CA SER C 73 -48.72 -19.57 4.23
C SER C 73 -49.74 -20.19 3.28
N ALA C 74 -49.99 -21.49 3.40
CA ALA C 74 -50.90 -22.16 2.49
C ALA C 74 -52.30 -21.61 2.62
N LYS C 75 -52.64 -21.19 3.83
CA LYS C 75 -53.97 -20.71 4.12
C LYS C 75 -53.93 -19.23 4.45
N ASN C 76 -52.76 -18.61 4.25
CA ASN C 76 -52.61 -17.23 4.65
C ASN C 76 -53.00 -16.98 6.09
N SER C 77 -52.51 -17.81 7.02
CA SER C 77 -52.82 -17.59 8.43
C SER C 77 -51.58 -17.49 9.33
N LEU C 78 -51.75 -16.73 10.41
CA LEU C 78 -50.75 -16.54 11.45
C LEU C 78 -51.26 -17.00 12.77
N TYR C 79 -50.38 -17.53 13.58
CA TYR C 79 -50.79 -17.96 14.90
C TYR C 79 -49.87 -17.48 16.00
N LEU C 80 -50.47 -17.26 17.15
CA LEU C 80 -49.75 -17.01 18.38
C LEU C 80 -50.23 -17.95 19.47
N GLN C 81 -49.35 -18.81 19.92
CA GLN C 81 -49.70 -19.80 20.92
C GLN C 81 -49.08 -19.43 22.24
N MET C 82 -49.91 -19.23 23.24
CA MET C 82 -49.39 -18.82 24.52
C MET C 82 -49.72 -19.82 25.60
N SER C 83 -48.74 -20.12 26.45
CA SER C 83 -48.97 -21.02 27.57
C SER C 83 -48.78 -20.33 28.90
N SER C 84 -49.36 -20.89 29.95
CA SER C 84 -49.19 -20.40 31.30
C SER C 84 -49.44 -18.90 31.41
N LEU C 85 -50.58 -18.44 30.91
CA LEU C 85 -50.94 -17.02 30.93
C LEU C 85 -51.20 -16.48 32.33
N ARG C 86 -50.84 -15.21 32.52
CA ARG C 86 -50.99 -14.50 33.79
C ARG C 86 -52.00 -13.36 33.66
N ASP C 87 -52.49 -12.86 34.78
CA ASP C 87 -53.44 -11.75 34.78
C ASP C 87 -52.79 -10.51 34.17
N GLY C 88 -51.49 -10.43 34.34
CA GLY C 88 -50.67 -9.36 33.83
C GLY C 88 -50.52 -9.38 32.31
N ASP C 89 -50.99 -10.44 31.66
CA ASP C 89 -50.91 -10.56 30.21
C ASP C 89 -52.23 -10.10 29.58
N THR C 90 -53.13 -9.53 30.39
CA THR C 90 -54.39 -9.02 29.83
C THR C 90 -54.04 -7.89 28.90
N ALA C 91 -54.52 -7.99 27.66
CA ALA C 91 -54.21 -6.98 26.64
C ALA C 91 -55.00 -7.20 25.38
N VAL C 92 -55.01 -6.19 24.51
CA VAL C 92 -55.55 -6.40 23.19
C VAL C 92 -54.42 -6.84 22.30
N TYR C 93 -54.57 -7.99 21.67
CA TYR C 93 -53.51 -8.48 20.84
C TYR C 93 -53.75 -8.11 19.40
N PHE C 94 -52.69 -7.74 18.71
CA PHE C 94 -52.78 -7.35 17.33
C PHE C 94 -51.76 -8.02 16.46
N CYS C 95 -52.13 -8.21 15.21
CA CYS C 95 -51.17 -8.60 14.21
C CYS C 95 -50.85 -7.37 13.41
N ALA C 96 -49.62 -7.30 12.93
CA ALA C 96 -49.26 -6.21 12.07
C ALA C 96 -48.25 -6.62 11.02
N ARG C 97 -48.41 -6.02 9.84
CA ARG C 97 -47.53 -6.27 8.72
C ARG C 97 -46.40 -5.30 8.75
N GLY C 98 -45.19 -5.86 8.79
CA GLY C 98 -44.00 -5.05 8.91
C GLY C 98 -43.89 -4.15 7.73
N GLY C 99 -43.42 -2.97 7.98
CA GLY C 99 -43.29 -1.99 6.95
C GLY C 99 -42.14 -2.33 6.06
N LYS C 100 -42.25 -1.89 4.82
CA LYS C 100 -41.20 -2.16 3.86
C LYS C 100 -39.90 -1.47 4.31
N PRO C 101 -38.73 -2.17 4.31
CA PRO C 101 -37.42 -1.67 4.65
C PRO C 101 -36.90 -0.77 3.56
N ILE C 102 -35.93 0.08 3.89
CA ILE C 102 -35.32 0.97 2.91
C ILE C 102 -34.38 0.27 1.93
N TYR C 103 -33.77 -0.82 2.37
CA TYR C 103 -32.85 -1.55 1.54
C TYR C 103 -32.84 -2.99 1.98
N TYR C 104 -32.64 -3.91 1.05
CA TYR C 104 -32.71 -5.34 1.33
C TYR C 104 -31.82 -5.83 2.48
N SER C 105 -32.45 -6.57 3.39
CA SER C 105 -31.82 -7.13 4.57
C SER C 105 -31.84 -8.65 4.67
N GLY C 106 -32.64 -9.31 3.85
CA GLY C 106 -32.80 -10.74 4.04
C GLY C 106 -33.86 -10.86 5.11
N GLY C 107 -33.88 -11.95 5.88
CA GLY C 107 -34.96 -12.15 6.86
C GLY C 107 -34.76 -11.38 8.17
N TYR C 108 -34.55 -10.09 8.04
CA TYR C 108 -34.30 -9.23 9.16
C TYR C 108 -35.28 -8.08 9.08
N PRO C 109 -36.21 -7.96 10.04
CA PRO C 109 -37.31 -7.05 10.07
C PRO C 109 -36.89 -5.61 10.21
N SER C 110 -37.76 -4.76 9.71
CA SER C 110 -37.66 -3.32 9.75
C SER C 110 -38.12 -2.72 11.09
N TRP C 111 -38.89 -3.51 11.82
CA TRP C 111 -39.47 -3.18 13.13
C TRP C 111 -40.44 -1.99 13.22
N TYR C 112 -41.22 -1.74 12.20
CA TYR C 112 -42.25 -0.71 12.18
C TYR C 112 -43.34 -1.24 11.31
N PHE C 113 -44.54 -0.67 11.39
CA PHE C 113 -45.62 -1.31 10.65
C PHE C 113 -46.43 -0.46 9.70
N ASP C 114 -46.79 -1.08 8.58
CA ASP C 114 -47.67 -0.41 7.63
C ASP C 114 -49.12 -0.82 7.82
N LEU C 115 -49.36 -2.08 8.20
CA LEU C 115 -50.76 -2.54 8.30
C LEU C 115 -51.13 -3.09 9.66
N TRP C 116 -52.19 -2.55 10.23
CA TRP C 116 -52.64 -3.02 11.54
C TRP C 116 -54.00 -3.70 11.51
N GLY C 117 -54.15 -4.76 12.30
CA GLY C 117 -55.45 -5.42 12.43
C GLY C 117 -56.31 -4.68 13.46
N PRO C 118 -57.60 -5.04 13.62
CA PRO C 118 -58.56 -4.46 14.57
C PRO C 118 -58.35 -4.70 16.07
N GLY C 119 -57.64 -5.75 16.46
CA GLY C 119 -57.43 -6.01 17.89
C GLY C 119 -58.33 -7.12 18.47
N THR C 120 -57.69 -8.06 19.19
CA THR C 120 -58.36 -9.19 19.84
C THR C 120 -58.05 -9.25 21.36
N PRO C 121 -58.93 -8.79 22.26
CA PRO C 121 -58.70 -8.79 23.69
C PRO C 121 -58.70 -10.16 24.34
N ILE C 122 -57.79 -10.34 25.28
CA ILE C 122 -57.79 -11.52 26.12
C ILE C 122 -57.77 -11.06 27.57
N THR C 123 -58.69 -11.60 28.35
CA THR C 123 -58.74 -11.30 29.76
C THR C 123 -58.33 -12.52 30.52
N ILE C 124 -57.41 -12.36 31.45
CA ILE C 124 -57.01 -13.50 32.25
C ILE C 124 -57.37 -13.20 33.69
N SER C 125 -58.25 -14.01 34.25
CA SER C 125 -58.74 -13.76 35.60
C SER C 125 -59.40 -14.97 36.25
N SER C 126 -59.63 -14.87 37.56
CA SER C 126 -60.33 -15.90 38.30
C SER C 126 -61.82 -15.59 38.38
N ASP D 1 -31.47 -0.86 26.92
CA ASP D 1 -32.77 -0.53 26.39
C ASP D 1 -32.85 0.94 26.04
N VAL D 2 -33.72 1.28 25.10
CA VAL D 2 -33.88 2.67 24.79
C VAL D 2 -35.15 3.14 25.46
N VAL D 3 -34.99 4.10 26.34
CA VAL D 3 -36.14 4.59 27.04
C VAL D 3 -36.65 5.80 26.33
N MET D 4 -37.92 5.78 26.00
CA MET D 4 -38.49 6.88 25.28
C MET D 4 -39.50 7.59 26.11
N THR D 5 -39.45 8.90 26.06
CA THR D 5 -40.37 9.75 26.77
C THR D 5 -41.01 10.69 25.80
N GLN D 6 -42.13 11.25 26.21
CA GLN D 6 -42.83 12.20 25.37
C GLN D 6 -43.27 13.37 26.21
N SER D 7 -43.40 14.52 25.58
CA SER D 7 -43.84 15.70 26.29
C SER D 7 -44.57 16.66 25.37
N PRO D 8 -45.67 17.24 25.83
CA PRO D 8 -46.35 17.16 27.13
C PRO D 8 -47.13 15.87 27.29
N GLY D 9 -47.66 15.59 28.48
CA GLY D 9 -48.51 14.40 28.63
C GLY D 9 -49.72 14.49 27.69
N PHE D 10 -50.22 15.70 27.54
CA PHE D 10 -51.32 15.98 26.64
C PHE D 10 -51.15 17.41 26.24
N ARG D 11 -51.76 17.79 25.14
CA ARG D 11 -51.70 19.15 24.70
C ARG D 11 -53.12 19.65 24.44
N SER D 12 -53.42 20.83 24.96
CA SER D 12 -54.73 21.43 24.74
C SER D 12 -54.58 22.45 23.63
N VAL D 13 -55.24 22.19 22.52
CA VAL D 13 -55.14 22.99 21.31
C VAL D 13 -56.48 23.37 20.76
N THR D 14 -56.50 24.33 19.84
CA THR D 14 -57.73 24.70 19.17
C THR D 14 -57.61 24.61 17.66
N LEU D 15 -58.75 24.63 16.99
CA LEU D 15 -58.71 24.49 15.54
C LEU D 15 -57.95 25.56 14.82
N LYS D 16 -57.24 25.11 13.77
CA LYS D 16 -56.40 25.86 12.86
C LYS D 16 -55.13 26.40 13.50
N GLU D 17 -54.82 25.92 14.69
CA GLU D 17 -53.58 26.24 15.36
C GLU D 17 -52.44 25.42 14.76
N LYS D 18 -51.26 26.02 14.63
CA LYS D 18 -50.10 25.22 14.23
C LYS D 18 -49.60 24.60 15.51
N VAL D 19 -49.50 23.29 15.55
CA VAL D 19 -49.15 22.63 16.82
C VAL D 19 -48.01 21.63 16.75
N SER D 20 -47.39 21.38 17.90
CA SER D 20 -46.36 20.36 17.98
C SER D 20 -46.18 19.69 19.34
N ILE D 21 -45.67 18.46 19.28
CA ILE D 21 -45.30 17.67 20.45
C ILE D 21 -43.91 17.09 20.23
N THR D 22 -43.22 16.69 21.30
CA THR D 22 -41.91 16.09 21.09
C THR D 22 -41.67 14.75 21.78
N CYS D 23 -40.66 14.06 21.27
CA CYS D 23 -40.17 12.78 21.79
C CYS D 23 -38.69 12.85 22.11
N GLN D 24 -38.30 12.14 23.16
CA GLN D 24 -36.88 12.05 23.49
C GLN D 24 -36.43 10.63 23.77
N ALA D 25 -35.17 10.37 23.46
CA ALA D 25 -34.57 9.08 23.76
C ALA D 25 -33.50 9.22 24.81
N SER D 26 -33.36 8.22 25.68
CA SER D 26 -32.29 8.19 26.67
C SER D 26 -30.90 7.98 26.07
N GLN D 27 -30.87 7.48 24.85
CA GLN D 27 -29.64 7.23 24.12
C GLN D 27 -29.90 7.54 22.67
N THR D 28 -28.86 7.90 21.94
CA THR D 28 -29.04 8.19 20.52
C THR D 28 -29.58 7.03 19.74
N ILE D 29 -30.54 7.35 18.88
CA ILE D 29 -31.13 6.38 17.99
C ILE D 29 -30.93 6.79 16.55
N GLY D 30 -29.96 7.65 16.30
CA GLY D 30 -29.74 8.08 14.94
C GLY D 30 -30.99 8.76 14.44
N THR D 31 -31.52 8.29 13.33
CA THR D 31 -32.73 8.82 12.72
C THR D 31 -33.82 7.76 12.68
N ASN D 32 -33.64 6.69 13.44
CA ASN D 32 -34.59 5.58 13.42
C ASN D 32 -35.78 5.75 14.36
N LEU D 33 -36.58 6.77 14.06
CA LEU D 33 -37.79 7.06 14.84
C LEU D 33 -39.00 7.16 13.95
N HIS D 34 -40.09 6.60 14.43
CA HIS D 34 -41.30 6.59 13.64
C HIS D 34 -42.48 7.12 14.45
N TRP D 35 -43.39 7.85 13.79
CA TRP D 35 -44.56 8.40 14.48
C TRP D 35 -45.84 7.70 14.08
N TYR D 36 -46.62 7.37 15.09
CA TYR D 36 -47.91 6.69 14.99
C TYR D 36 -49.02 7.45 15.69
N GLN D 37 -50.26 7.20 15.29
CA GLN D 37 -51.38 7.79 16.01
C GLN D 37 -52.44 6.73 16.30
N GLN D 38 -53.20 6.95 17.37
CA GLN D 38 -54.32 6.06 17.67
C GLN D 38 -55.50 6.84 18.26
N LYS D 39 -56.69 6.52 17.78
CA LYS D 39 -57.92 7.10 18.30
C LYS D 39 -58.58 6.06 19.18
N PRO D 40 -59.39 6.42 20.17
CA PRO D 40 -60.07 5.46 21.01
C PRO D 40 -60.89 4.50 20.19
N GLY D 41 -60.74 3.22 20.47
CA GLY D 41 -61.49 2.17 19.79
C GLY D 41 -60.91 1.79 18.43
N GLN D 42 -59.83 2.44 18.03
CA GLN D 42 -59.24 2.18 16.72
C GLN D 42 -57.91 1.47 16.79
N SER D 43 -57.54 0.84 15.67
CA SER D 43 -56.24 0.23 15.55
C SER D 43 -55.24 1.38 15.33
N PRO D 44 -53.93 1.19 15.55
CA PRO D 44 -52.87 2.16 15.29
C PRO D 44 -52.67 2.46 13.80
N LYS D 45 -52.17 3.66 13.51
CA LYS D 45 -51.76 4.03 12.14
C LYS D 45 -50.38 4.70 12.15
N LEU D 46 -49.56 4.37 11.15
CA LEU D 46 -48.23 4.98 11.00
C LEU D 46 -48.29 6.22 10.12
N LEU D 47 -47.78 7.34 10.62
CA LEU D 47 -47.83 8.57 9.86
C LEU D 47 -46.50 9.04 9.28
N ILE D 48 -45.45 8.97 10.08
CA ILE D 48 -44.12 9.43 9.61
C ILE D 48 -43.07 8.38 9.85
N LYS D 49 -42.23 8.11 8.87
CA LYS D 49 -41.19 7.12 9.10
C LYS D 49 -39.78 7.69 8.96
N TYR D 50 -38.85 7.06 9.66
CA TYR D 50 -37.43 7.48 9.58
C TYR D 50 -37.26 8.97 9.79
N SER D 51 -37.87 9.47 10.86
CA SER D 51 -37.84 10.86 11.30
C SER D 51 -38.62 11.84 10.40
N SER D 52 -38.28 11.91 9.11
CA SER D 52 -38.94 12.85 8.20
C SER D 52 -39.55 12.32 6.89
N GLN D 53 -39.80 11.03 6.72
CA GLN D 53 -40.37 10.61 5.44
C GLN D 53 -41.88 10.62 5.45
N SER D 54 -42.47 11.03 4.33
CA SER D 54 -43.91 11.02 4.19
C SER D 54 -44.42 9.64 3.86
N ILE D 55 -45.69 9.42 4.12
CA ILE D 55 -46.36 8.17 3.82
C ILE D 55 -47.65 8.41 3.05
N SER D 56 -47.87 7.67 1.98
CA SER D 56 -49.10 7.85 1.24
C SER D 56 -50.26 7.56 2.18
N GLY D 57 -51.32 8.36 2.09
CA GLY D 57 -52.47 8.16 2.96
C GLY D 57 -52.42 9.08 4.18
N VAL D 58 -51.32 9.82 4.32
CA VAL D 58 -51.15 10.76 5.40
C VAL D 58 -51.22 12.18 4.83
N PRO D 59 -52.13 13.05 5.32
CA PRO D 59 -52.29 14.40 4.86
C PRO D 59 -51.00 15.20 4.95
N SER D 60 -50.81 16.10 3.98
CA SER D 60 -49.61 16.93 3.83
C SER D 60 -49.38 17.91 4.98
N ARG D 61 -50.41 18.11 5.78
CA ARG D 61 -50.30 18.98 6.92
C ARG D 61 -49.44 18.37 8.02
N PHE D 62 -49.19 17.06 7.95
CA PHE D 62 -48.37 16.40 8.95
C PHE D 62 -46.92 16.35 8.51
N SER D 63 -46.03 16.72 9.41
CA SER D 63 -44.61 16.70 9.11
C SER D 63 -43.82 16.59 10.39
N GLY D 64 -42.51 16.35 10.26
CA GLY D 64 -41.68 16.28 11.44
C GLY D 64 -40.24 16.01 11.08
N SER D 65 -39.39 16.08 12.09
CA SER D 65 -37.96 15.88 11.95
C SER D 65 -37.28 15.60 13.27
N GLY D 66 -36.02 15.19 13.21
CA GLY D 66 -35.24 14.99 14.41
C GLY D 66 -34.12 14.00 14.21
N SER D 67 -33.25 13.96 15.20
CA SER D 67 -32.11 13.04 15.19
C SER D 67 -31.54 12.87 16.58
N GLY D 68 -30.75 11.82 16.76
CA GLY D 68 -30.05 11.65 18.01
C GLY D 68 -31.06 11.32 19.08
N THR D 69 -31.20 12.21 20.04
CA THR D 69 -32.12 12.03 21.13
C THR D 69 -33.35 12.92 21.09
N ASP D 70 -33.46 13.81 20.08
CA ASP D 70 -34.56 14.78 20.07
C ASP D 70 -35.33 14.91 18.76
N PHE D 71 -36.64 14.60 18.87
CA PHE D 71 -37.53 14.59 17.71
C PHE D 71 -38.84 15.39 17.89
N THR D 72 -39.34 15.99 16.80
CA THR D 72 -40.58 16.77 16.83
C THR D 72 -41.62 16.40 15.75
N LEU D 73 -42.88 16.33 16.19
CA LEU D 73 -44.03 16.15 15.30
C LEU D 73 -44.82 17.41 15.23
N THR D 74 -45.20 17.82 14.03
CA THR D 74 -46.03 19.00 13.92
C THR D 74 -47.15 18.90 12.90
N ILE D 75 -48.18 19.70 13.13
CA ILE D 75 -49.30 19.84 12.23
C ILE D 75 -49.38 21.29 11.79
N ASN D 76 -49.35 21.52 10.48
CA ASN D 76 -49.33 22.88 9.94
C ASN D 76 -50.55 23.72 10.33
N SER D 77 -51.70 23.08 10.40
CA SER D 77 -52.96 23.69 10.75
C SER D 77 -53.86 22.60 11.26
N LEU D 78 -54.13 22.59 12.55
CA LEU D 78 -54.87 21.52 13.16
C LEU D 78 -56.33 21.37 12.73
N GLU D 79 -56.71 20.15 12.37
CA GLU D 79 -58.08 19.84 12.02
C GLU D 79 -58.79 19.08 13.13
N ALA D 80 -60.11 19.12 13.14
CA ALA D 80 -60.89 18.39 14.15
C ALA D 80 -60.61 16.89 14.08
N ASP D 81 -60.31 16.42 12.89
CA ASP D 81 -60.09 15.02 12.63
C ASP D 81 -58.74 14.54 13.12
N ASP D 82 -57.91 15.46 13.59
CA ASP D 82 -56.58 15.12 14.05
C ASP D 82 -56.54 14.81 15.53
N ALA D 83 -57.67 14.84 16.22
CA ALA D 83 -57.58 14.48 17.64
C ALA D 83 -57.12 13.03 17.71
N ALA D 84 -56.09 12.77 18.50
CA ALA D 84 -55.53 11.42 18.63
C ALA D 84 -54.47 11.41 19.69
N THR D 85 -54.07 10.22 20.13
CA THR D 85 -52.87 10.15 20.93
C THR D 85 -51.77 9.82 19.96
N TYR D 86 -50.70 10.59 20.02
CA TYR D 86 -49.58 10.38 19.12
C TYR D 86 -48.43 9.71 19.85
N TYR D 87 -47.77 8.80 19.16
CA TYR D 87 -46.69 8.01 19.74
C TYR D 87 -45.41 7.93 18.95
N CYS D 88 -44.32 7.83 19.67
CA CYS D 88 -43.05 7.54 19.01
C CYS D 88 -42.56 6.14 19.25
N GLN D 89 -41.95 5.57 18.21
CA GLN D 89 -41.30 4.27 18.33
C GLN D 89 -39.89 4.34 17.76
N GLN D 90 -38.98 3.57 18.36
CA GLN D 90 -37.61 3.50 17.86
C GLN D 90 -37.28 2.12 17.40
N THR D 91 -36.54 2.07 16.29
CA THR D 91 -36.09 0.83 15.69
C THR D 91 -34.59 0.74 15.60
N ASN D 92 -33.90 1.53 16.38
CA ASN D 92 -32.46 1.57 16.32
C ASN D 92 -31.81 0.42 17.06
N SER D 93 -32.40 0.04 18.18
CA SER D 93 -31.81 -1.00 19.00
C SER D 93 -32.82 -1.95 19.58
N PHE D 94 -32.58 -3.24 19.38
CA PHE D 94 -33.44 -4.30 19.85
C PHE D 94 -33.35 -4.48 21.37
N PRO D 95 -34.47 -4.64 22.09
CA PRO D 95 -35.86 -4.75 21.69
C PRO D 95 -36.33 -3.45 21.15
N CYS D 96 -37.28 -3.49 20.25
CA CYS D 96 -37.82 -2.25 19.78
C CYS D 96 -38.63 -1.68 20.92
N THR D 97 -38.64 -0.36 21.04
CA THR D 97 -39.38 0.27 22.13
C THR D 97 -40.21 1.43 21.66
N PHE D 98 -41.04 1.92 22.56
CA PHE D 98 -41.94 3.02 22.27
C PHE D 98 -42.16 3.90 23.50
N GLY D 99 -42.59 5.14 23.27
CA GLY D 99 -42.88 6.07 24.35
C GLY D 99 -44.33 5.94 24.84
N PRO D 100 -44.70 6.63 25.92
CA PRO D 100 -46.02 6.64 26.53
C PRO D 100 -47.15 7.30 25.72
N GLY D 101 -46.79 8.15 24.77
CA GLY D 101 -47.79 8.85 23.97
C GLY D 101 -48.18 10.22 24.51
N THR D 102 -48.59 11.12 23.61
CA THR D 102 -49.12 12.44 23.98
C THR D 102 -50.53 12.60 23.46
N LYS D 103 -51.45 12.93 24.33
CA LYS D 103 -52.83 13.08 23.88
C LYS D 103 -53.11 14.47 23.36
N VAL D 104 -53.65 14.58 22.16
CA VAL D 104 -53.98 15.89 21.64
C VAL D 104 -55.50 16.06 21.60
N GLU D 105 -55.98 17.01 22.41
CA GLU D 105 -57.41 17.34 22.59
C GLU D 105 -57.72 18.63 21.87
N ILE D 106 -58.80 18.66 21.10
CA ILE D 106 -59.07 19.85 20.30
C ILE D 106 -60.32 20.62 20.72
N LYS D 107 -60.15 21.92 20.94
CA LYS D 107 -61.21 22.84 21.31
C LYS D 107 -61.30 24.00 20.33
N ASN E 3 -42.64 -4.83 -22.24
CA ASN E 3 -41.97 -6.09 -22.03
C ASN E 3 -40.47 -5.92 -22.19
N LEU E 4 -39.92 -4.98 -21.45
CA LEU E 4 -38.48 -4.72 -21.47
C LEU E 4 -37.85 -5.22 -20.21
N TRP E 5 -36.57 -5.55 -20.32
CA TRP E 5 -35.78 -6.11 -19.26
C TRP E 5 -34.52 -5.33 -18.93
N VAL E 6 -34.07 -5.40 -17.69
CA VAL E 6 -32.84 -4.74 -17.30
C VAL E 6 -31.63 -5.49 -17.85
N THR E 7 -30.73 -4.77 -18.49
CA THR E 7 -29.48 -5.35 -18.95
C THR E 7 -28.33 -4.53 -18.40
N VAL E 8 -27.35 -5.22 -17.86
CA VAL E 8 -26.18 -4.59 -17.28
C VAL E 8 -25.07 -4.49 -18.30
N TYR E 9 -24.52 -3.29 -18.43
CA TYR E 9 -23.44 -3.05 -19.36
C TYR E 9 -22.15 -2.62 -18.69
N TYR E 10 -21.04 -3.26 -19.05
CA TYR E 10 -19.77 -2.89 -18.48
C TYR E 10 -18.77 -2.39 -19.50
N GLY E 11 -18.17 -1.23 -19.21
CA GLY E 11 -17.20 -0.59 -20.11
C GLY E 11 -17.83 0.63 -20.77
N VAL E 12 -18.86 1.15 -20.13
CA VAL E 12 -19.59 2.28 -20.63
C VAL E 12 -18.77 3.57 -20.57
N PRO E 13 -18.60 4.32 -21.68
CA PRO E 13 -17.78 5.51 -21.78
C PRO E 13 -18.40 6.77 -21.19
N VAL E 14 -18.56 6.78 -19.88
CA VAL E 14 -19.09 7.96 -19.19
C VAL E 14 -18.19 8.41 -18.06
N TRP E 15 -18.35 9.67 -17.66
CA TRP E 15 -17.53 10.21 -16.59
C TRP E 15 -18.19 11.32 -15.82
N LYS E 16 -17.62 11.59 -14.65
CA LYS E 16 -18.03 12.70 -13.79
C LYS E 16 -16.81 13.46 -13.28
N ASP E 17 -16.98 14.74 -12.98
CA ASP E 17 -15.87 15.54 -12.49
C ASP E 17 -15.34 14.97 -11.20
N ALA E 18 -14.03 14.98 -11.02
CA ALA E 18 -13.50 14.44 -9.79
C ALA E 18 -12.18 15.06 -9.40
N GLU E 19 -11.87 15.03 -8.12
CA GLU E 19 -10.59 15.53 -7.67
C GLU E 19 -9.70 14.41 -7.19
N THR E 20 -8.65 14.16 -7.94
CA THR E 20 -7.71 13.10 -7.59
C THR E 20 -6.31 13.64 -7.70
N THR E 21 -5.34 12.83 -7.34
CA THR E 21 -3.93 13.19 -7.43
C THR E 21 -3.37 12.83 -8.80
N LEU E 22 -2.71 13.77 -9.45
CA LEU E 22 -2.09 13.43 -10.72
C LEU E 22 -0.64 13.13 -10.51
N PHE E 23 -0.09 12.26 -11.35
CA PHE E 23 1.30 11.94 -11.16
C PHE E 23 2.16 12.49 -12.23
N CYS E 24 3.32 12.90 -11.80
CA CYS E 24 4.30 13.48 -12.67
C CYS E 24 4.97 12.43 -13.54
N ALA E 25 5.65 12.92 -14.58
CA ALA E 25 6.47 12.10 -15.45
C ALA E 25 7.74 12.88 -15.82
N SER E 26 8.87 12.16 -15.93
CA SER E 26 10.18 12.77 -16.20
C SER E 26 10.64 12.75 -17.67
N ASP E 27 11.68 13.53 -17.98
CA ASP E 27 12.25 13.66 -19.32
C ASP E 27 13.53 12.85 -19.62
N ALA E 28 13.83 11.86 -18.81
CA ALA E 28 15.01 11.01 -18.99
C ALA E 28 16.28 11.83 -18.93
N LYS E 29 17.03 11.89 -20.04
CA LYS E 29 18.30 12.61 -20.11
C LYS E 29 18.72 13.24 -18.79
N LYS E 35 23.55 15.55 -11.86
CA LYS E 35 22.22 14.96 -11.94
C LYS E 35 21.56 15.02 -10.57
N HIS E 36 21.72 16.16 -9.94
CA HIS E 36 21.15 16.43 -8.63
C HIS E 36 20.33 17.69 -8.73
N ASN E 37 19.69 17.82 -9.87
CA ASN E 37 18.87 18.97 -10.17
C ASN E 37 17.46 18.79 -9.63
N VAL E 38 17.34 18.66 -8.32
CA VAL E 38 16.08 18.57 -7.57
C VAL E 38 15.12 17.45 -7.97
N TRP E 39 14.57 17.62 -9.17
CA TRP E 39 13.58 16.80 -9.84
C TRP E 39 14.25 15.51 -10.23
N ALA E 40 15.55 15.63 -10.34
CA ALA E 40 16.47 14.55 -10.62
C ALA E 40 16.46 13.50 -9.50
N THR E 41 16.27 13.94 -8.24
CA THR E 41 16.29 13.00 -7.12
C THR E 41 14.88 12.49 -6.98
N HIS E 42 13.93 13.41 -6.96
CA HIS E 42 12.54 13.04 -6.85
C HIS E 42 12.00 12.84 -8.25
N ALA E 43 12.57 11.82 -8.87
CA ALA E 43 12.31 11.44 -10.23
C ALA E 43 10.94 10.86 -10.32
N CYS E 44 10.30 11.05 -11.45
CA CYS E 44 8.96 10.56 -11.68
C CYS E 44 8.92 9.35 -12.57
N VAL E 45 10.12 8.92 -12.96
CA VAL E 45 10.38 7.86 -13.91
C VAL E 45 10.10 8.41 -15.31
N PRO E 46 11.07 8.37 -16.22
CA PRO E 46 10.95 8.89 -17.56
C PRO E 46 9.87 8.30 -18.41
N THR E 47 9.26 9.17 -19.20
CA THR E 47 8.26 8.87 -20.22
C THR E 47 8.74 9.64 -21.42
N ASP E 48 8.11 9.46 -22.57
CA ASP E 48 8.50 10.17 -23.80
C ASP E 48 7.58 9.79 -24.95
N PRO E 49 7.51 8.51 -25.39
CA PRO E 49 6.65 8.06 -26.45
C PRO E 49 5.24 7.91 -25.94
N ASN E 50 4.66 9.03 -25.54
CA ASN E 50 3.35 9.05 -24.98
C ASN E 50 2.42 10.12 -25.57
N PRO E 51 2.28 10.23 -26.92
CA PRO E 51 1.37 11.13 -27.59
C PRO E 51 0.00 10.50 -27.58
N GLN E 52 -0.48 10.25 -26.41
CA GLN E 52 -1.71 9.51 -26.25
C GLN E 52 -2.90 10.43 -26.30
N GLU E 53 -3.21 10.92 -27.50
CA GLU E 53 -4.31 11.88 -27.67
C GLU E 53 -5.43 11.43 -28.61
N ILE E 54 -6.64 11.39 -28.07
CA ILE E 54 -7.83 10.98 -28.82
C ILE E 54 -8.89 12.05 -28.97
N HIS E 55 -9.23 12.37 -30.21
CA HIS E 55 -10.24 13.38 -30.44
C HIS E 55 -11.63 12.89 -30.12
N LEU E 56 -12.43 13.70 -29.45
CA LEU E 56 -13.78 13.28 -29.19
C LEU E 56 -14.72 14.03 -30.11
N GLU E 57 -15.74 13.34 -30.61
CA GLU E 57 -16.74 14.03 -31.39
C GLU E 57 -17.86 14.47 -30.51
N ASN E 58 -18.44 15.61 -30.84
CA ASN E 58 -19.54 16.14 -30.06
C ASN E 58 -19.14 16.29 -28.58
N VAL E 59 -19.83 15.61 -27.67
CA VAL E 59 -19.60 15.67 -26.22
C VAL E 59 -19.07 16.99 -25.68
N THR E 60 -19.74 18.10 -25.96
CA THR E 60 -19.28 19.39 -25.45
C THR E 60 -19.27 19.31 -23.95
N GLU E 61 -18.18 19.77 -23.34
CA GLU E 61 -18.00 19.75 -21.90
C GLU E 61 -17.53 21.12 -21.41
N GLU E 62 -17.78 21.44 -20.15
CA GLU E 62 -17.36 22.73 -19.60
C GLU E 62 -16.08 22.69 -18.78
N PHE E 63 -15.36 23.79 -18.86
CA PHE E 63 -14.12 24.02 -18.12
C PHE E 63 -14.20 25.30 -17.29
N ASN E 64 -13.42 25.36 -16.21
CA ASN E 64 -13.30 26.58 -15.42
C ASN E 64 -11.94 26.64 -14.75
N MET E 65 -11.03 27.41 -15.32
CA MET E 65 -9.66 27.45 -14.85
C MET E 65 -9.48 28.01 -13.44
N TRP E 66 -10.46 28.70 -12.92
CA TRP E 66 -10.30 29.26 -11.60
C TRP E 66 -10.80 28.31 -10.53
N LYS E 67 -11.32 27.16 -10.95
CA LYS E 67 -11.83 26.13 -10.06
C LYS E 67 -11.07 24.83 -10.28
N ASN E 68 -9.93 24.91 -10.93
CA ASN E 68 -9.16 23.72 -11.26
C ASN E 68 -8.24 23.29 -10.12
N ASN E 69 -8.54 22.15 -9.51
CA ASN E 69 -7.82 21.67 -8.33
C ASN E 69 -6.39 21.25 -8.63
N MET E 70 -6.07 21.13 -9.90
CA MET E 70 -4.73 20.75 -10.28
C MET E 70 -3.77 21.84 -9.87
N VAL E 71 -4.24 23.08 -9.80
CA VAL E 71 -3.39 24.19 -9.46
C VAL E 71 -2.89 24.02 -8.04
N GLU E 72 -3.78 23.60 -7.16
CA GLU E 72 -3.42 23.44 -5.78
C GLU E 72 -2.42 22.32 -5.64
N GLN E 73 -2.55 21.27 -6.44
CA GLN E 73 -1.56 20.22 -6.33
C GLN E 73 -0.20 20.70 -6.78
N MET E 74 -0.15 21.49 -7.84
CA MET E 74 1.18 21.89 -8.28
C MET E 74 1.85 22.69 -7.20
N HIS E 75 1.08 23.54 -6.53
CA HIS E 75 1.61 24.37 -5.48
C HIS E 75 2.07 23.52 -4.32
N THR E 76 1.22 22.58 -3.93
CA THR E 76 1.47 21.74 -2.78
C THR E 76 2.70 20.87 -2.94
N ASP E 77 2.87 20.25 -4.09
CA ASP E 77 4.02 19.38 -4.18
C ASP E 77 5.28 20.13 -4.49
N ILE E 78 5.23 21.24 -5.21
CA ILE E 78 6.49 21.90 -5.45
C ILE E 78 7.02 22.48 -4.15
N ILE E 79 6.15 22.97 -3.27
CA ILE E 79 6.66 23.52 -2.04
C ILE E 79 7.17 22.40 -1.15
N SER E 80 6.51 21.24 -1.16
CA SER E 80 6.99 20.13 -0.36
C SER E 80 8.37 19.68 -0.83
N LEU E 81 8.55 19.57 -2.15
CA LEU E 81 9.81 19.13 -2.69
C LEU E 81 10.90 20.15 -2.40
N TRP E 82 10.56 21.44 -2.46
CA TRP E 82 11.52 22.47 -2.16
C TRP E 82 12.12 22.20 -0.79
N ASP E 83 11.24 21.99 0.21
CA ASP E 83 11.72 21.74 1.55
C ASP E 83 12.48 20.44 1.65
N GLN E 84 12.02 19.40 0.97
CA GLN E 84 12.73 18.15 1.10
C GLN E 84 14.13 18.24 0.52
N SER E 85 14.29 18.98 -0.58
CA SER E 85 15.60 19.12 -1.19
C SER E 85 16.54 19.94 -0.34
N LEU E 86 16.03 21.00 0.28
CA LEU E 86 16.88 21.86 1.08
C LEU E 86 16.93 21.58 2.57
N LYS E 87 16.09 20.71 3.08
CA LYS E 87 16.16 20.41 4.50
C LYS E 87 17.51 19.90 4.99
N PRO E 88 18.12 18.84 4.42
CA PRO E 88 19.35 18.24 4.92
C PRO E 88 20.59 18.99 4.52
N CYS E 89 20.70 20.25 4.91
CA CYS E 89 21.86 21.05 4.54
C CYS E 89 22.58 21.55 5.80
N VAL E 90 23.09 22.80 5.82
CA VAL E 90 23.97 23.12 6.97
C VAL E 90 23.34 23.65 8.29
N LYS E 91 22.28 24.48 8.22
CA LYS E 91 21.72 25.11 9.43
C LYS E 91 22.71 26.12 10.07
N LEU E 92 22.73 27.35 9.58
CA LEU E 92 23.74 28.35 9.97
C LEU E 92 23.44 29.07 11.27
N THR E 93 23.36 28.30 12.34
CA THR E 93 23.13 28.85 13.65
C THR E 93 24.23 29.85 14.03
N PRO E 94 25.52 29.54 13.82
CA PRO E 94 26.66 30.37 14.16
C PRO E 94 26.71 31.69 13.41
N LEU E 95 25.88 31.90 12.40
CA LEU E 95 25.99 33.16 11.69
C LEU E 95 25.02 34.18 12.24
N CYS E 96 24.22 33.80 13.23
CA CYS E 96 23.27 34.73 13.81
C CYS E 96 23.94 35.46 14.97
N VAL E 97 24.91 36.29 14.57
CA VAL E 97 25.82 37.06 15.43
C VAL E 97 25.94 38.52 15.06
N THR E 98 26.56 39.30 15.95
CA THR E 98 26.84 40.71 15.74
C THR E 98 27.84 40.94 14.62
N LEU E 99 27.55 41.91 13.77
CA LEU E 99 28.46 42.23 12.67
C LEU E 99 29.11 43.61 12.82
N GLN E 100 30.42 43.66 12.59
CA GLN E 100 31.12 44.93 12.58
C GLN E 100 31.32 45.32 11.14
N CYS E 101 30.57 46.31 10.67
CA CYS E 101 30.61 46.61 9.25
C CYS E 101 31.17 47.98 8.91
N THR E 102 31.82 48.01 7.77
CA THR E 102 32.31 49.21 7.10
C THR E 102 31.86 49.26 5.66
N ASN E 103 32.19 50.34 4.99
CA ASN E 103 31.81 50.48 3.59
C ASN E 103 32.87 49.89 2.66
N VAL E 104 32.43 49.36 1.54
CA VAL E 104 33.43 48.96 0.57
C VAL E 104 33.88 50.25 -0.14
N THR E 105 35.19 50.47 -0.22
CA THR E 105 35.78 51.69 -0.76
C THR E 105 36.45 51.51 -2.12
N ASN E 106 36.15 50.41 -2.75
CA ASN E 106 36.69 50.06 -4.05
C ASN E 106 36.03 50.86 -5.15
N ASN E 107 36.41 50.62 -6.40
CA ASN E 107 35.91 51.46 -7.45
C ASN E 107 34.45 51.14 -7.76
N ILE E 108 33.60 51.85 -7.05
CA ILE E 108 32.16 51.69 -7.04
C ILE E 108 31.46 52.85 -7.71
N THR E 109 30.57 52.53 -8.64
CA THR E 109 29.83 53.58 -9.32
C THR E 109 28.78 54.21 -8.44
N ASP E 110 28.21 55.31 -8.90
CA ASP E 110 27.23 56.04 -8.10
C ASP E 110 26.00 55.24 -7.76
N ASP E 111 25.60 54.37 -8.66
CA ASP E 111 24.38 53.59 -8.51
C ASP E 111 24.54 52.46 -7.50
N MET E 112 25.77 52.24 -7.05
CA MET E 112 26.09 51.21 -6.10
C MET E 112 26.51 51.76 -4.75
N ARG E 113 26.37 53.06 -4.54
CA ARG E 113 26.83 53.56 -3.26
C ARG E 113 25.92 53.10 -2.16
N GLY E 114 26.52 52.57 -1.10
CA GLY E 114 25.81 52.10 0.07
C GLY E 114 25.36 50.64 -0.04
N GLU E 115 25.54 50.02 -1.22
CA GLU E 115 25.09 48.67 -1.48
C GLU E 115 25.93 47.56 -0.90
N LEU E 116 27.23 47.78 -0.78
CA LEU E 116 28.11 46.74 -0.32
C LEU E 116 28.77 47.05 0.99
N LYS E 117 28.63 46.10 1.91
CA LYS E 117 29.24 46.20 3.21
C LYS E 117 30.29 45.15 3.41
N ASN E 118 31.33 45.54 4.10
CA ASN E 118 32.41 44.65 4.48
C ASN E 118 32.31 44.36 5.97
N CYS E 119 31.86 43.17 6.32
CA CYS E 119 31.60 42.92 7.72
C CYS E 119 32.42 41.79 8.32
N SER E 120 32.88 42.02 9.54
CA SER E 120 33.63 41.00 10.26
C SER E 120 32.90 40.54 11.51
N PHE E 121 33.17 39.30 11.89
CA PHE E 121 32.55 38.71 13.07
C PHE E 121 33.32 37.53 13.66
N ASN E 122 32.94 37.16 14.89
CA ASN E 122 33.52 36.02 15.57
C ASN E 122 32.76 34.74 15.24
N MET E 123 33.36 33.91 14.43
CA MET E 123 32.77 32.69 13.92
C MET E 123 33.32 31.48 14.68
N THR E 124 32.53 30.42 14.77
CA THR E 124 32.96 29.19 15.40
C THR E 124 33.92 28.45 14.51
N THR E 125 34.58 27.44 15.07
CA THR E 125 35.52 26.59 14.36
C THR E 125 35.12 25.15 14.61
N GLU E 126 35.83 24.21 13.97
CA GLU E 126 35.56 22.79 14.17
C GLU E 126 35.98 22.29 15.54
N LEU E 127 36.86 23.03 16.18
CA LEU E 127 37.38 22.63 17.47
C LEU E 127 36.70 23.45 18.55
N ARG E 128 35.90 22.81 19.40
CA ARG E 128 35.08 23.58 20.35
C ARG E 128 35.79 24.12 21.57
N ASP E 129 36.79 24.96 21.31
CA ASP E 129 37.61 25.62 22.27
C ASP E 129 37.83 27.01 21.76
N LYS E 130 37.85 27.09 20.43
CA LYS E 130 38.32 28.31 19.76
C LYS E 130 37.33 28.97 18.81
N LYS E 131 37.57 30.26 18.59
CA LYS E 131 36.85 31.10 17.66
C LYS E 131 37.80 31.61 16.58
N GLN E 132 37.25 32.04 15.46
CA GLN E 132 38.05 32.62 14.39
C GLN E 132 37.48 33.95 13.90
N LYS E 133 38.35 34.81 13.38
CA LYS E 133 37.90 36.07 12.82
C LYS E 133 37.63 35.90 11.34
N VAL E 134 36.39 36.10 10.96
CA VAL E 134 35.95 35.89 9.59
C VAL E 134 35.21 37.08 9.07
N TYR E 135 35.37 37.35 7.80
CA TYR E 135 34.64 38.43 7.20
C TYR E 135 34.09 38.00 5.86
N SER E 136 33.05 38.70 5.45
CA SER E 136 32.40 38.50 4.15
C SER E 136 31.77 39.77 3.68
N LEU E 137 31.63 39.88 2.38
CA LEU E 137 30.87 41.00 1.92
C LEU E 137 29.42 40.62 2.01
N PHE E 138 28.60 41.65 2.22
CA PHE E 138 27.16 41.52 2.27
C PHE E 138 26.43 42.58 1.48
N TYR E 139 25.23 42.25 1.04
CA TYR E 139 24.39 43.23 0.39
C TYR E 139 23.48 43.84 1.43
N ARG E 140 23.24 45.14 1.31
CA ARG E 140 22.46 45.85 2.33
C ARG E 140 21.05 45.32 2.54
N LEU E 141 20.45 44.70 1.56
CA LEU E 141 19.07 44.24 1.74
C LEU E 141 18.93 43.10 2.74
N ASP E 142 20.03 42.42 3.04
CA ASP E 142 20.01 41.32 3.99
C ASP E 142 20.61 41.70 5.35
N VAL E 143 20.97 42.97 5.54
CA VAL E 143 21.67 43.38 6.76
C VAL E 143 20.99 44.57 7.44
N VAL E 144 20.89 44.51 8.75
CA VAL E 144 20.27 45.57 9.52
C VAL E 144 21.23 46.25 10.49
N GLN E 145 21.17 47.58 10.56
CA GLN E 145 21.98 48.31 11.51
C GLN E 145 21.29 48.32 12.85
N ILE E 146 22.01 48.06 13.93
CA ILE E 146 21.39 48.06 15.23
C ILE E 146 21.67 49.36 15.96
N TYR E 161 25.89 46.06 13.45
CA TYR E 161 24.93 45.50 12.52
C TYR E 161 24.59 44.06 12.87
N ARG E 162 23.67 43.49 12.12
CA ARG E 162 23.24 42.11 12.30
C ARG E 162 22.65 41.57 11.00
N LEU E 163 22.55 40.26 10.84
CA LEU E 163 21.81 39.78 9.69
C LEU E 163 20.37 40.13 9.93
N ILE E 164 19.69 40.56 8.89
CA ILE E 164 18.33 41.04 9.05
C ILE E 164 17.31 40.01 9.54
N ASN E 165 17.51 38.72 9.30
CA ASN E 165 16.54 37.73 9.76
C ASN E 165 16.95 37.02 11.05
N CYS E 166 18.03 37.49 11.67
CA CYS E 166 18.58 36.87 12.88
C CYS E 166 17.57 36.86 14.03
N ASN E 167 16.78 37.91 14.13
CA ASN E 167 15.86 38.03 15.24
C ASN E 167 14.52 37.40 14.95
N THR E 168 14.39 36.76 13.82
CA THR E 168 13.10 36.23 13.48
C THR E 168 13.08 34.71 13.41
N SER E 169 14.00 34.13 12.66
CA SER E 169 13.95 32.68 12.49
C SER E 169 15.26 32.06 12.04
N ALA E 170 15.31 30.73 12.06
CA ALA E 170 16.50 29.99 11.66
C ALA E 170 16.88 30.20 10.21
N ILE E 171 18.20 30.26 9.99
CA ILE E 171 18.81 30.45 8.67
C ILE E 171 19.66 29.27 8.28
N THR E 172 19.56 28.83 7.04
CA THR E 172 20.37 27.72 6.58
C THR E 172 21.17 28.13 5.37
N GLN E 173 21.86 27.18 4.79
CA GLN E 173 22.64 27.36 3.58
C GLN E 173 22.24 26.29 2.64
N ALA E 174 21.84 26.70 1.46
CA ALA E 174 21.41 25.77 0.46
C ALA E 174 22.55 24.86 0.10
N CYS E 175 22.27 23.61 -0.12
CA CYS E 175 23.30 22.69 -0.50
C CYS E 175 23.87 23.12 -1.86
N PRO E 176 25.21 23.24 -1.98
CA PRO E 176 25.92 23.73 -3.16
C PRO E 176 25.82 22.86 -4.38
N LYS E 177 25.39 21.62 -4.20
CA LYS E 177 25.28 20.70 -5.31
C LYS E 177 23.84 20.50 -5.73
N VAL E 178 22.92 21.22 -5.12
CA VAL E 178 21.52 21.07 -5.45
C VAL E 178 21.08 22.22 -6.33
N SER E 179 20.56 21.91 -7.49
CA SER E 179 20.21 22.97 -8.42
C SER E 179 18.78 22.94 -8.88
N PHE E 180 18.03 23.96 -8.51
CA PHE E 180 16.61 23.97 -8.83
C PHE E 180 16.39 24.53 -10.22
N GLU E 181 16.79 23.74 -11.20
CA GLU E 181 16.67 24.05 -12.61
C GLU E 181 15.21 23.91 -12.99
N PRO E 182 14.63 24.80 -13.81
CA PRO E 182 13.26 24.74 -14.26
C PRO E 182 13.04 23.69 -15.36
N ILE E 183 13.15 22.45 -14.95
CA ILE E 183 12.97 21.27 -15.79
C ILE E 183 11.48 21.05 -15.99
N PRO E 184 10.96 20.90 -17.21
CA PRO E 184 9.55 20.71 -17.45
C PRO E 184 9.09 19.40 -16.88
N ILE E 185 7.94 19.42 -16.22
CA ILE E 185 7.35 18.23 -15.64
C ILE E 185 6.03 17.92 -16.32
N HIS E 186 5.81 16.66 -16.69
CA HIS E 186 4.56 16.27 -17.34
C HIS E 186 3.65 15.61 -16.34
N TYR E 187 2.32 15.77 -16.45
CA TYR E 187 1.41 15.05 -15.55
C TYR E 187 0.49 14.09 -16.26
N CYS E 188 0.25 12.96 -15.62
CA CYS E 188 -0.58 11.90 -16.16
C CYS E 188 -1.65 11.44 -15.19
N ALA E 189 -2.73 10.94 -15.75
CA ALA E 189 -3.78 10.39 -14.91
C ALA E 189 -3.36 9.04 -14.29
N PRO E 190 -3.85 8.73 -13.08
CA PRO E 190 -3.82 7.44 -12.44
C PRO E 190 -4.89 6.57 -13.08
N ALA E 191 -4.80 5.27 -12.89
CA ALA E 191 -5.83 4.42 -13.45
C ALA E 191 -7.19 4.79 -12.88
N GLY E 192 -8.21 4.75 -13.74
CA GLY E 192 -9.58 5.08 -13.37
C GLY E 192 -9.94 6.52 -13.72
N PHE E 193 -8.93 7.28 -14.12
CA PHE E 193 -9.09 8.68 -14.47
C PHE E 193 -8.56 9.04 -15.84
N ALA E 194 -9.08 10.13 -16.38
CA ALA E 194 -8.60 10.61 -17.67
C ALA E 194 -8.60 12.13 -17.73
N ILE E 195 -7.75 12.68 -18.59
CA ILE E 195 -7.67 14.12 -18.68
C ILE E 195 -8.26 14.65 -19.97
N LEU E 196 -9.16 15.61 -19.83
CA LEU E 196 -9.80 16.21 -20.97
C LEU E 196 -9.11 17.53 -21.30
N LYS E 197 -8.66 17.66 -22.53
CA LYS E 197 -7.97 18.85 -23.00
C LYS E 197 -8.84 19.70 -23.90
N CYS E 198 -8.94 20.99 -23.57
CA CYS E 198 -9.75 21.89 -24.36
C CYS E 198 -8.94 22.51 -25.50
N LYS E 199 -9.41 22.31 -26.73
CA LYS E 199 -8.73 22.82 -27.91
C LYS E 199 -9.43 24.03 -28.52
N ASP E 200 -10.43 24.55 -27.84
CA ASP E 200 -11.20 25.67 -28.35
C ASP E 200 -10.31 26.88 -28.56
N LYS E 201 -10.36 27.44 -29.76
CA LYS E 201 -9.54 28.59 -30.05
C LYS E 201 -10.17 29.79 -29.41
N LYS E 202 -9.32 30.63 -28.83
CA LYS E 202 -9.76 31.85 -28.15
C LYS E 202 -10.70 31.54 -26.99
N PHE E 203 -10.42 30.46 -26.27
CA PHE E 203 -11.19 30.10 -25.10
C PHE E 203 -10.81 31.10 -24.03
N ASN E 204 -11.76 31.63 -23.28
CA ASN E 204 -11.42 32.66 -22.31
C ASN E 204 -11.22 32.13 -20.90
N GLY E 205 -11.17 30.82 -20.77
CA GLY E 205 -10.95 30.16 -19.49
C GLY E 205 -12.18 29.52 -18.86
N THR E 206 -13.39 29.88 -19.28
CA THR E 206 -14.56 29.23 -18.69
C THR E 206 -15.64 28.85 -19.70
N GLY E 207 -16.49 27.91 -19.28
CA GLY E 207 -17.68 27.54 -20.02
C GLY E 207 -17.41 26.42 -21.01
N PRO E 208 -18.37 26.17 -21.90
CA PRO E 208 -18.35 25.10 -22.87
C PRO E 208 -17.18 25.20 -23.81
N CYS E 209 -16.60 24.05 -24.09
CA CYS E 209 -15.49 23.88 -25.00
C CYS E 209 -15.89 22.84 -26.04
N PRO E 210 -16.36 23.25 -27.22
CA PRO E 210 -16.85 22.41 -28.32
C PRO E 210 -15.85 21.41 -28.88
N SER E 211 -14.57 21.61 -28.64
CA SER E 211 -13.57 20.71 -29.18
C SER E 211 -12.64 20.23 -28.08
N VAL E 212 -12.82 18.97 -27.72
CA VAL E 212 -12.10 18.34 -26.63
C VAL E 212 -11.50 17.03 -27.03
N SER E 213 -10.29 16.78 -26.55
CA SER E 213 -9.64 15.51 -26.75
C SER E 213 -9.27 14.89 -25.40
N THR E 214 -9.16 13.58 -25.37
CA THR E 214 -8.78 12.91 -24.14
C THR E 214 -7.33 12.49 -24.20
N VAL E 215 -6.60 12.77 -23.13
CA VAL E 215 -5.21 12.40 -23.13
C VAL E 215 -4.80 11.59 -21.92
N GLN E 216 -3.69 10.90 -22.09
CA GLN E 216 -3.08 10.18 -20.98
C GLN E 216 -2.33 11.15 -20.10
N CYS E 217 -1.60 12.06 -20.75
CA CYS E 217 -0.75 13.02 -20.07
C CYS E 217 -0.81 14.39 -20.70
N THR E 218 -0.38 15.38 -19.91
CA THR E 218 -0.28 16.77 -20.32
C THR E 218 1.08 17.02 -20.91
N HIS E 219 1.24 18.18 -21.53
CA HIS E 219 2.55 18.56 -22.01
C HIS E 219 3.36 18.95 -20.79
N GLY E 220 4.65 19.22 -20.98
CA GLY E 220 5.46 19.55 -19.81
C GLY E 220 5.31 21.01 -19.46
N ILE E 221 5.38 21.31 -18.17
CA ILE E 221 5.34 22.67 -17.67
C ILE E 221 6.54 22.96 -16.81
N LYS E 222 7.25 24.04 -17.11
CA LYS E 222 8.41 24.40 -16.32
C LYS E 222 7.95 25.10 -15.04
N PRO E 223 8.49 24.77 -13.88
CA PRO E 223 8.16 25.34 -12.58
C PRO E 223 8.79 26.69 -12.40
N VAL E 224 8.39 27.63 -13.20
CA VAL E 224 8.96 28.95 -13.12
C VAL E 224 8.21 29.82 -12.15
N VAL E 225 8.93 30.37 -11.20
CA VAL E 225 8.32 31.24 -10.23
C VAL E 225 8.83 32.65 -10.45
N SER E 226 7.92 33.56 -10.71
CA SER E 226 8.23 34.95 -11.00
C SER E 226 7.09 35.84 -10.60
N THR E 227 7.35 37.14 -10.64
CA THR E 227 6.30 38.12 -10.38
C THR E 227 6.07 39.03 -11.57
N GLN E 228 4.89 39.61 -11.67
CA GLN E 228 4.54 40.62 -12.71
C GLN E 228 4.54 40.07 -14.15
N LEU E 229 5.70 39.65 -14.62
CA LEU E 229 5.83 39.06 -15.94
C LEU E 229 6.11 37.58 -15.82
N LEU E 230 5.41 36.87 -16.68
CA LEU E 230 5.45 35.44 -16.78
C LEU E 230 6.48 35.09 -17.82
N LEU E 231 7.46 34.33 -17.40
CA LEU E 231 8.55 33.98 -18.26
C LEU E 231 8.55 32.51 -18.65
N ASN E 232 9.01 32.27 -19.86
CA ASN E 232 9.24 30.95 -20.43
C ASN E 232 8.02 30.04 -20.40
N GLY E 233 6.84 30.58 -20.65
CA GLY E 233 5.64 29.78 -20.71
C GLY E 233 5.24 29.57 -22.16
N SER E 234 4.00 29.18 -22.37
CA SER E 234 3.53 28.98 -23.72
C SER E 234 3.06 30.29 -24.31
N LEU E 235 2.91 30.33 -25.63
CA LEU E 235 2.43 31.52 -26.32
C LEU E 235 1.04 31.29 -26.83
N ALA E 236 0.27 32.37 -26.95
CA ALA E 236 -1.07 32.30 -27.50
C ALA E 236 -0.98 31.94 -28.97
N GLU E 237 -1.96 31.18 -29.47
CA GLU E 237 -1.96 30.74 -30.86
C GLU E 237 -2.16 31.81 -31.92
N GLU E 238 -3.05 32.77 -31.65
CA GLU E 238 -3.35 33.78 -32.66
C GLU E 238 -3.33 35.21 -32.14
N GLU E 239 -4.11 35.47 -31.09
CA GLU E 239 -4.31 36.80 -30.55
C GLU E 239 -3.82 36.88 -29.13
N VAL E 240 -3.56 38.09 -28.67
CA VAL E 240 -3.21 38.24 -27.28
C VAL E 240 -4.49 37.98 -26.51
N MET E 241 -4.44 37.11 -25.53
CA MET E 241 -5.63 36.80 -24.77
C MET E 241 -5.65 37.47 -23.44
N ILE E 242 -6.78 38.02 -23.07
CA ILE E 242 -6.90 38.62 -21.77
C ILE E 242 -8.07 37.98 -21.06
N ARG E 243 -7.80 37.42 -19.90
CA ARG E 243 -8.86 36.77 -19.15
C ARG E 243 -8.74 36.98 -17.66
N SER E 244 -9.86 36.92 -16.96
CA SER E 244 -9.84 37.01 -15.51
C SER E 244 -11.07 36.33 -14.98
N GLU E 245 -11.09 36.04 -13.69
CA GLU E 245 -12.25 35.44 -13.06
C GLU E 245 -13.46 36.34 -13.29
N ASN E 246 -13.24 37.65 -13.18
CA ASN E 246 -14.26 38.66 -13.39
C ASN E 246 -13.65 39.93 -13.97
N ILE E 247 -14.00 40.23 -15.20
CA ILE E 247 -13.45 41.35 -15.96
C ILE E 247 -13.69 42.67 -15.28
N THR E 248 -14.83 42.82 -14.67
CA THR E 248 -15.20 44.08 -14.08
C THR E 248 -14.90 44.19 -12.59
N ASN E 249 -14.22 43.21 -12.03
CA ASN E 249 -13.92 43.26 -10.59
C ASN E 249 -12.50 43.81 -10.39
N ASN E 250 -12.36 44.99 -9.80
CA ASN E 250 -11.04 45.59 -9.68
C ASN E 250 -10.21 44.97 -8.55
N ALA E 251 -10.81 44.03 -7.84
CA ALA E 251 -10.12 43.31 -6.77
C ALA E 251 -9.43 42.07 -7.32
N LYS E 252 -9.60 41.77 -8.60
CA LYS E 252 -9.04 40.58 -9.20
C LYS E 252 -7.87 40.84 -10.12
N ASN E 253 -6.99 39.84 -10.23
CA ASN E 253 -5.86 39.88 -11.15
C ASN E 253 -6.28 39.45 -12.55
N ILE E 254 -5.75 40.15 -13.54
CA ILE E 254 -6.00 39.92 -14.95
C ILE E 254 -4.82 39.28 -15.63
N LEU E 255 -5.07 38.16 -16.29
CA LEU E 255 -4.03 37.43 -16.96
C LEU E 255 -3.95 37.72 -18.45
N VAL E 256 -2.78 38.16 -18.89
CA VAL E 256 -2.52 38.50 -20.27
C VAL E 256 -1.51 37.55 -20.91
N GLN E 257 -1.91 36.89 -21.99
CA GLN E 257 -1.01 35.97 -22.68
C GLN E 257 -0.65 36.48 -24.06
N PHE E 258 0.63 36.65 -24.30
CA PHE E 258 1.06 37.22 -25.55
C PHE E 258 1.11 36.16 -26.63
N ASN E 259 0.88 36.55 -27.88
CA ASN E 259 1.03 35.63 -29.00
C ASN E 259 2.41 35.74 -29.63
N THR E 260 3.21 36.63 -29.08
CA THR E 260 4.56 36.91 -29.54
C THR E 260 5.47 36.98 -28.33
N PRO E 261 6.57 36.23 -28.27
CA PRO E 261 7.52 36.28 -27.18
C PRO E 261 8.34 37.54 -27.26
N VAL E 262 8.78 38.05 -26.12
CA VAL E 262 9.72 39.17 -26.06
C VAL E 262 10.93 38.83 -25.23
N GLN E 263 12.13 39.01 -25.76
CA GLN E 263 13.27 38.64 -24.93
C GLN E 263 13.68 39.70 -23.93
N ILE E 264 14.08 39.25 -22.75
CA ILE E 264 14.64 40.12 -21.74
C ILE E 264 16.02 39.62 -21.35
N ASN E 265 16.99 40.52 -21.39
CA ASN E 265 18.37 40.15 -21.09
C ASN E 265 18.82 40.66 -19.74
N CYS E 266 19.02 39.79 -18.79
CA CYS E 266 19.44 40.25 -17.48
C CYS E 266 20.87 39.84 -17.20
N THR E 267 21.61 40.75 -16.56
CA THR E 267 22.98 40.43 -16.21
C THR E 267 23.33 40.79 -14.79
N ARG E 268 24.33 40.09 -14.29
CA ARG E 268 24.90 40.41 -13.00
C ARG E 268 26.42 40.57 -13.21
N PRO E 269 26.95 41.79 -13.16
CA PRO E 269 28.34 42.16 -13.34
C PRO E 269 29.09 41.87 -12.07
N ASN E 270 30.38 42.22 -12.05
CA ASN E 270 31.23 42.11 -10.87
C ASN E 270 31.75 40.69 -10.65
N ASN E 271 32.73 40.33 -11.43
CA ASN E 271 33.32 39.00 -11.37
C ASN E 271 33.81 38.74 -9.95
N ASN E 272 33.36 37.65 -9.36
CA ASN E 272 33.80 37.38 -7.98
C ASN E 272 34.04 35.91 -7.70
N THR E 273 34.44 35.64 -6.47
CA THR E 273 34.71 34.32 -5.95
C THR E 273 34.09 34.13 -4.60
N ARG E 274 34.28 32.96 -4.07
CA ARG E 274 33.75 32.64 -2.77
C ARG E 274 34.76 31.93 -1.92
N LYS E 275 34.62 32.06 -0.61
CA LYS E 275 35.55 31.38 0.28
C LYS E 275 34.83 30.31 1.05
N SER E 276 35.48 29.16 1.15
CA SER E 276 34.92 28.05 1.91
C SER E 276 35.46 28.10 3.32
N ILE E 277 34.59 28.39 4.27
CA ILE E 277 35.00 28.56 5.64
C ILE E 277 34.51 27.40 6.47
N ARG E 278 35.41 26.79 7.20
CA ARG E 278 34.99 25.68 8.04
C ARG E 278 34.32 26.28 9.26
N ILE E 279 33.11 25.82 9.59
CA ILE E 279 32.41 26.40 10.75
C ILE E 279 32.18 25.37 11.84
N GLY E 280 32.33 24.11 11.48
CA GLY E 280 32.11 23.04 12.43
C GLY E 280 32.60 21.71 11.86
N PRO E 281 32.50 20.62 12.62
CA PRO E 281 32.97 19.29 12.28
C PRO E 281 32.13 18.67 11.19
N GLY E 282 32.45 19.05 9.95
CA GLY E 282 31.72 18.64 8.75
C GLY E 282 30.80 19.72 8.20
N GLN E 283 30.90 20.93 8.73
CA GLN E 283 30.05 22.02 8.26
C GLN E 283 30.86 23.14 7.67
N TRP E 284 30.41 23.59 6.50
CA TRP E 284 31.08 24.67 5.78
C TRP E 284 30.13 25.79 5.41
N PHE E 285 30.64 27.01 5.48
CA PHE E 285 29.94 28.22 5.08
C PHE E 285 30.57 28.87 3.88
N TYR E 286 29.75 29.36 2.96
CA TYR E 286 30.32 30.08 1.83
C TYR E 286 30.20 31.59 1.94
N ALA E 287 31.36 32.22 1.99
CA ALA E 287 31.53 33.67 2.13
C ALA E 287 31.73 34.33 0.78
N THR E 288 31.35 35.60 0.68
CA THR E 288 31.55 36.37 -0.56
C THR E 288 32.89 37.09 -0.52
N GLY E 289 33.72 36.88 -1.55
CA GLY E 289 35.04 37.47 -1.60
C GLY E 289 35.04 38.86 -2.22
N ASP E 290 36.22 39.42 -2.42
CA ASP E 290 36.34 40.76 -3.01
C ASP E 290 36.00 40.72 -4.49
N ILE E 291 35.45 41.80 -5.00
CA ILE E 291 35.13 41.91 -6.42
C ILE E 291 36.35 42.20 -7.27
N ILE E 292 36.46 41.48 -8.39
CA ILE E 292 37.52 41.66 -9.33
C ILE E 292 37.07 42.69 -10.35
N GLY E 293 37.83 43.77 -10.49
CA GLY E 293 37.45 44.83 -11.40
C GLY E 293 36.50 45.82 -10.74
N ASP E 294 35.92 46.69 -11.56
CA ASP E 294 35.05 47.76 -11.08
C ASP E 294 33.71 47.21 -10.63
N ILE E 295 33.04 47.94 -9.75
CA ILE E 295 31.76 47.54 -9.22
C ILE E 295 30.54 48.27 -9.81
N ARG E 296 29.64 47.48 -10.39
CA ARG E 296 28.43 47.93 -11.08
C ARG E 296 27.17 47.23 -10.58
N GLN E 297 26.01 47.81 -10.86
CA GLN E 297 24.74 47.20 -10.46
C GLN E 297 24.19 46.20 -11.47
N ALA E 298 23.36 45.28 -10.97
CA ALA E 298 22.65 44.34 -11.82
C ALA E 298 21.60 45.11 -12.58
N HIS E 299 21.26 44.62 -13.77
CA HIS E 299 20.25 45.28 -14.59
C HIS E 299 19.69 44.37 -15.70
N CYS E 300 18.55 44.77 -16.27
CA CYS E 300 17.95 44.06 -17.41
C CYS E 300 17.66 44.94 -18.63
N ASN E 301 17.80 44.36 -19.82
CA ASN E 301 17.53 45.02 -21.09
C ASN E 301 16.28 44.53 -21.80
N VAL E 302 15.43 45.48 -22.17
CA VAL E 302 14.21 45.22 -22.91
C VAL E 302 14.22 46.04 -24.21
N SER E 303 13.83 45.42 -25.33
CA SER E 303 13.80 46.15 -26.58
C SER E 303 12.57 47.03 -26.61
N LYS E 304 12.79 48.34 -26.73
CA LYS E 304 11.70 49.30 -26.68
C LYS E 304 10.70 49.10 -27.80
N ALA E 305 11.17 48.62 -28.94
CA ALA E 305 10.27 48.42 -30.04
C ALA E 305 9.24 47.38 -29.75
N THR E 306 9.61 46.33 -29.04
CA THR E 306 8.67 45.26 -28.88
C THR E 306 7.85 45.48 -27.65
N TRP E 307 8.40 46.22 -26.70
CA TRP E 307 7.62 46.51 -25.52
C TRP E 307 6.45 47.39 -25.97
N ASN E 308 6.72 48.40 -26.80
CA ASN E 308 5.66 49.26 -27.27
C ASN E 308 4.62 48.47 -28.04
N GLU E 309 5.06 47.52 -28.88
CA GLU E 309 4.09 46.73 -29.61
C GLU E 309 3.21 45.89 -28.74
N THR E 310 3.77 45.26 -27.70
CA THR E 310 2.90 44.41 -26.93
C THR E 310 1.92 45.21 -26.13
N LEU E 311 2.30 46.39 -25.62
CA LEU E 311 1.30 47.12 -24.87
C LEU E 311 0.19 47.58 -25.78
N GLY E 312 0.52 47.99 -27.01
CA GLY E 312 -0.52 48.44 -27.91
C GLY E 312 -1.50 47.31 -28.21
N LYS E 313 -0.97 46.10 -28.38
CA LYS E 313 -1.80 44.93 -28.64
C LYS E 313 -2.70 44.64 -27.46
N VAL E 314 -2.17 44.80 -26.25
CA VAL E 314 -2.95 44.57 -25.05
C VAL E 314 -4.08 45.56 -24.97
N VAL E 315 -3.80 46.82 -25.25
CA VAL E 315 -4.83 47.83 -25.20
C VAL E 315 -5.90 47.55 -26.23
N LYS E 316 -5.51 47.19 -27.45
CA LYS E 316 -6.51 46.91 -28.46
C LYS E 316 -7.48 45.86 -27.94
N GLN E 317 -6.96 44.85 -27.25
CA GLN E 317 -7.81 43.83 -26.68
C GLN E 317 -8.55 44.29 -25.41
N LEU E 318 -7.93 45.13 -24.56
CA LEU E 318 -8.62 45.59 -23.35
C LEU E 318 -9.85 46.39 -23.71
N ARG E 319 -9.75 47.13 -24.80
CA ARG E 319 -10.83 47.99 -25.25
C ARG E 319 -12.10 47.18 -25.55
N LYS E 320 -11.97 45.89 -25.82
CA LYS E 320 -13.15 45.08 -26.08
C LYS E 320 -14.09 45.08 -24.90
N HIS E 321 -13.55 45.18 -23.68
CA HIS E 321 -14.41 45.17 -22.52
C HIS E 321 -14.50 46.52 -21.84
N PHE E 322 -13.52 47.39 -22.08
CA PHE E 322 -13.53 48.67 -21.39
C PHE E 322 -13.92 49.88 -22.23
N GLY E 323 -14.12 49.70 -23.55
CA GLY E 323 -14.52 50.76 -24.46
C GLY E 323 -13.38 51.19 -25.38
N ASN E 324 -13.68 51.34 -26.66
CA ASN E 324 -12.60 51.73 -27.58
C ASN E 324 -12.50 53.23 -27.70
N ASN E 325 -13.23 53.91 -26.86
CA ASN E 325 -13.20 55.33 -26.74
C ASN E 325 -12.74 55.65 -25.32
N THR E 326 -12.18 54.64 -24.66
CA THR E 326 -11.68 54.78 -23.30
C THR E 326 -10.17 54.79 -23.35
N ILE E 327 -9.59 55.80 -22.76
CA ILE E 327 -8.14 55.86 -22.72
C ILE E 327 -7.60 54.91 -21.68
N ILE E 328 -6.61 54.13 -22.08
CA ILE E 328 -6.00 53.19 -21.15
C ILE E 328 -4.56 53.54 -20.86
N ARG E 329 -4.26 53.63 -19.57
CA ARG E 329 -2.93 53.94 -19.12
C ARG E 329 -2.28 52.82 -18.35
N PHE E 330 -0.98 52.69 -18.51
CA PHE E 330 -0.19 51.77 -17.74
C PHE E 330 0.62 52.56 -16.74
N ALA E 331 0.71 52.04 -15.53
CA ALA E 331 1.39 52.73 -14.45
C ALA E 331 2.18 51.78 -13.54
N ASN E 332 2.96 52.37 -12.66
CA ASN E 332 3.87 51.67 -11.77
C ASN E 332 3.22 50.76 -10.74
N SER E 333 3.98 49.74 -10.39
CA SER E 333 3.64 48.71 -9.43
C SER E 333 3.73 49.17 -7.99
N SER E 334 2.93 50.15 -7.63
CA SER E 334 2.95 50.67 -6.27
C SER E 334 2.57 49.58 -5.29
N GLY E 335 3.28 49.54 -4.15
CA GLY E 335 3.03 48.55 -3.11
C GLY E 335 4.06 48.73 -1.99
N GLY E 336 3.97 47.89 -0.94
CA GLY E 336 4.86 48.03 0.22
C GLY E 336 6.14 47.19 0.33
N ASP E 337 6.48 46.34 -0.64
CA ASP E 337 7.70 45.53 -0.46
C ASP E 337 8.33 45.03 -1.77
N LEU E 338 9.48 44.36 -1.67
CA LEU E 338 10.17 43.87 -2.86
C LEU E 338 9.39 42.81 -3.58
N GLU E 339 8.69 42.01 -2.80
CA GLU E 339 7.96 40.87 -3.32
C GLU E 339 6.64 41.32 -3.92
N VAL E 340 6.37 42.61 -3.80
CA VAL E 340 5.17 43.19 -4.29
C VAL E 340 5.45 44.10 -5.49
N THR E 341 6.46 44.95 -5.38
CA THR E 341 6.70 45.95 -6.39
C THR E 341 7.70 45.59 -7.47
N THR E 342 8.56 44.60 -7.24
CA THR E 342 9.60 44.29 -8.24
C THR E 342 9.33 43.01 -9.00
N HIS E 343 10.12 42.84 -10.05
CA HIS E 343 10.07 41.65 -10.89
C HIS E 343 11.08 40.64 -10.40
N SER E 344 10.58 39.54 -9.88
CA SER E 344 11.41 38.51 -9.33
C SER E 344 11.83 37.50 -10.37
N PHE E 345 13.15 37.25 -10.40
CA PHE E 345 13.86 36.30 -11.28
C PHE E 345 14.79 35.42 -10.45
N ASN E 346 15.12 34.26 -10.98
CA ASN E 346 16.11 33.40 -10.35
C ASN E 346 17.05 32.84 -11.41
N CYS E 347 18.25 33.40 -11.50
CA CYS E 347 19.20 33.00 -12.54
C CYS E 347 20.54 32.66 -11.92
N GLY E 348 21.04 31.46 -12.18
CA GLY E 348 22.37 31.11 -11.68
C GLY E 348 22.32 30.78 -10.21
N GLY E 349 21.11 30.73 -9.67
CA GLY E 349 20.89 30.51 -8.27
C GLY E 349 20.76 31.84 -7.51
N GLU E 350 20.92 32.97 -8.21
CA GLU E 350 20.79 34.24 -7.53
C GLU E 350 19.40 34.81 -7.70
N PHE E 351 18.93 35.46 -6.67
CA PHE E 351 17.61 36.03 -6.68
C PHE E 351 17.64 37.52 -6.91
N PHE E 352 16.90 37.92 -7.93
CA PHE E 352 16.86 39.29 -8.40
C PHE E 352 15.52 39.92 -8.18
N TYR E 353 15.55 41.21 -7.87
CA TYR E 353 14.42 42.09 -7.65
C TYR E 353 14.55 43.32 -8.53
N CYS E 354 14.00 43.24 -9.75
CA CYS E 354 14.26 44.28 -10.72
C CYS E 354 13.13 45.32 -10.83
N ASN E 355 13.52 46.54 -11.16
CA ASN E 355 12.62 47.70 -11.28
C ASN E 355 11.95 47.80 -12.64
N THR E 356 10.64 47.63 -12.67
CA THR E 356 9.83 47.63 -13.90
C THR E 356 9.03 48.89 -14.13
N SER E 357 9.33 49.93 -13.36
CA SER E 357 8.61 51.19 -13.49
C SER E 357 8.86 51.83 -14.83
N GLY E 358 9.95 51.43 -15.47
CA GLY E 358 10.34 51.94 -16.78
C GLY E 358 9.59 51.24 -17.89
N LEU E 359 8.82 50.20 -17.56
CA LEU E 359 8.07 49.50 -18.55
C LEU E 359 6.62 49.92 -18.54
N PHE E 360 6.07 50.03 -17.34
CA PHE E 360 4.66 50.37 -17.22
C PHE E 360 4.47 51.87 -17.06
N ASN E 361 4.79 52.56 -18.14
CA ASN E 361 4.75 54.02 -18.19
C ASN E 361 4.22 54.51 -19.53
N SER E 362 2.92 54.36 -19.75
CA SER E 362 2.39 54.72 -21.07
C SER E 362 0.89 54.99 -21.14
N THR E 363 0.50 56.00 -21.90
CA THR E 363 -0.93 56.27 -22.06
C THR E 363 -1.37 56.04 -23.50
N TRP E 364 -2.39 55.23 -23.66
CA TRP E 364 -2.93 54.84 -24.94
C TRP E 364 -4.38 55.31 -25.07
N ILE E 382 15.55 49.88 -23.40
CA ILE E 382 15.06 50.12 -22.05
C ILE E 382 15.95 49.47 -21.02
N THR E 383 16.52 50.27 -20.12
CA THR E 383 17.34 49.68 -19.07
C THR E 383 16.60 49.68 -17.76
N LEU E 384 16.51 48.51 -17.17
CA LEU E 384 15.86 48.32 -15.90
C LEU E 384 16.91 48.03 -14.83
N PRO E 385 17.11 48.86 -13.80
CA PRO E 385 18.10 48.63 -12.78
C PRO E 385 17.60 47.46 -11.95
N CYS E 386 18.50 46.71 -11.33
CA CYS E 386 18.07 45.57 -10.54
C CYS E 386 18.91 45.28 -9.28
N ARG E 387 18.25 44.85 -8.21
CA ARG E 387 18.90 44.51 -6.94
C ARG E 387 18.91 43.01 -6.67
N ILE E 388 19.83 42.53 -5.81
CA ILE E 388 19.83 41.11 -5.44
C ILE E 388 19.84 40.84 -3.94
N LYS E 389 19.41 39.63 -3.56
CA LYS E 389 19.41 39.17 -2.16
C LYS E 389 19.85 37.73 -1.97
N GLN E 390 20.38 37.41 -0.78
CA GLN E 390 20.68 36.01 -0.45
C GLN E 390 19.63 35.36 0.44
N ILE E 391 18.93 36.12 1.30
CA ILE E 391 17.95 35.44 2.15
C ILE E 391 16.56 35.62 1.60
N ILE E 392 16.04 34.50 1.15
CA ILE E 392 14.78 34.49 0.47
C ILE E 392 13.74 33.72 1.26
N ASN E 393 12.61 34.36 1.53
CA ASN E 393 11.54 33.71 2.28
C ASN E 393 10.69 32.81 1.38
N MET E 394 10.60 33.18 0.10
CA MET E 394 9.84 32.48 -0.94
C MET E 394 8.33 32.48 -0.75
N TRP E 395 7.88 31.78 0.28
CA TRP E 395 6.47 31.64 0.59
C TRP E 395 6.12 32.15 1.95
N GLN E 396 6.82 33.18 2.37
CA GLN E 396 6.57 33.75 3.66
C GLN E 396 6.78 32.70 4.76
N ARG E 397 5.72 32.06 5.21
CA ARG E 397 5.79 31.09 6.29
C ARG E 397 6.56 31.61 7.51
N ILE E 398 7.72 31.01 7.83
CA ILE E 398 8.44 31.41 9.03
C ILE E 398 9.85 31.96 8.78
N GLY E 399 10.39 31.71 7.60
CA GLY E 399 11.72 32.19 7.24
C GLY E 399 12.32 31.37 6.14
N GLN E 400 12.64 30.11 6.43
CA GLN E 400 13.23 29.16 5.49
C GLN E 400 14.68 29.58 5.22
N ALA E 401 14.86 30.75 4.64
CA ALA E 401 16.15 31.37 4.54
C ALA E 401 17.21 30.45 4.01
N MET E 402 17.04 29.99 2.77
CA MET E 402 17.96 29.03 2.18
C MET E 402 19.37 29.57 2.02
N TYR E 403 19.50 30.89 1.98
CA TYR E 403 20.78 31.55 1.80
C TYR E 403 21.39 31.13 0.51
N ALA E 404 21.04 31.85 -0.53
CA ALA E 404 21.64 31.53 -1.78
C ALA E 404 23.13 31.73 -1.57
N PRO E 405 23.98 30.77 -1.90
CA PRO E 405 25.39 30.85 -1.72
C PRO E 405 25.87 31.84 -2.72
N PRO E 406 27.02 32.43 -2.53
CA PRO E 406 27.63 33.29 -3.48
C PRO E 406 27.99 32.45 -4.68
N ILE E 407 27.90 33.07 -5.83
CA ILE E 407 28.22 32.44 -7.11
C ILE E 407 29.42 33.15 -7.70
N GLN E 408 30.38 32.37 -8.16
CA GLN E 408 31.61 32.89 -8.74
C GLN E 408 31.43 33.28 -10.20
N GLY E 409 32.27 34.18 -10.67
CA GLY E 409 32.20 34.62 -12.04
C GLY E 409 31.09 35.64 -12.18
N VAL E 410 30.42 35.63 -13.33
CA VAL E 410 29.36 36.59 -13.65
C VAL E 410 28.12 35.85 -14.15
N ILE E 411 26.98 36.52 -14.15
CA ILE E 411 25.76 35.89 -14.64
C ILE E 411 25.17 36.55 -15.86
N ARG E 412 24.82 35.72 -16.83
CA ARG E 412 24.14 36.16 -18.03
C ARG E 412 22.91 35.28 -18.17
N CYS E 413 21.74 35.89 -18.30
CA CYS E 413 20.50 35.13 -18.36
C CYS E 413 19.47 35.79 -19.27
N VAL E 414 18.98 35.06 -20.27
CA VAL E 414 18.00 35.65 -21.17
C VAL E 414 16.72 34.85 -21.14
N SER E 415 15.63 35.54 -20.87
CA SER E 415 14.34 34.88 -20.76
C SER E 415 13.32 35.34 -21.77
N ASN E 416 12.31 34.50 -21.97
CA ASN E 416 11.21 34.78 -22.87
C ASN E 416 10.00 35.34 -22.14
N ILE E 417 9.63 36.57 -22.40
CA ILE E 417 8.45 37.07 -21.74
C ILE E 417 7.30 36.50 -22.53
N THR E 418 6.45 35.75 -21.85
CA THR E 418 5.31 35.12 -22.51
C THR E 418 3.99 35.66 -21.99
N GLY E 419 4.03 36.33 -20.84
CA GLY E 419 2.77 36.85 -20.31
C GLY E 419 2.93 37.91 -19.24
N LEU E 420 1.78 38.44 -18.84
CA LEU E 420 1.66 39.54 -17.90
C LEU E 420 0.47 39.48 -16.95
N ILE E 421 0.69 39.82 -15.68
CA ILE E 421 -0.45 39.93 -14.77
C ILE E 421 -0.66 41.38 -14.34
N LEU E 422 -1.89 41.86 -14.55
CA LEU E 422 -2.34 43.23 -14.25
C LEU E 422 -3.52 43.37 -13.32
N THR E 423 -3.63 44.51 -12.67
CA THR E 423 -4.84 44.86 -11.93
C THR E 423 -5.29 46.20 -12.45
N ARG E 424 -6.55 46.56 -12.23
CA ARG E 424 -7.01 47.87 -12.67
C ARG E 424 -7.35 48.65 -11.41
N ASP E 425 -7.22 49.97 -11.45
CA ASP E 425 -7.56 50.74 -10.25
C ASP E 425 -9.03 51.10 -10.16
N GLY E 426 -9.69 51.34 -11.28
CA GLY E 426 -11.08 51.72 -11.24
C GLY E 426 -11.88 50.77 -10.35
N THR E 433 -11.65 56.83 -18.67
CA THR E 433 -10.23 56.49 -18.60
C THR E 433 -9.99 55.45 -17.51
N GLU E 434 -9.11 54.50 -17.80
CA GLU E 434 -8.75 53.44 -16.85
C GLU E 434 -7.24 53.25 -16.80
N THR E 435 -6.74 52.79 -15.65
CA THR E 435 -5.32 52.54 -15.47
C THR E 435 -5.03 51.13 -14.98
N PHE E 436 -4.03 50.52 -15.59
CA PHE E 436 -3.60 49.20 -15.20
C PHE E 436 -2.20 49.23 -14.65
N ARG E 437 -1.96 48.37 -13.68
CA ARG E 437 -0.67 48.28 -13.03
C ARG E 437 -0.28 46.82 -12.93
N PRO E 438 1.00 46.47 -12.84
CA PRO E 438 1.44 45.12 -12.61
C PRO E 438 0.73 44.64 -11.37
N GLY E 439 0.24 43.41 -11.42
CA GLY E 439 -0.54 42.84 -10.34
C GLY E 439 0.27 42.03 -9.33
N GLY E 440 -0.47 41.28 -8.52
CA GLY E 440 0.12 40.47 -7.46
C GLY E 440 -0.23 39.02 -7.69
N GLY E 441 -0.51 38.30 -6.62
CA GLY E 441 -0.85 36.89 -6.72
C GLY E 441 0.25 35.97 -6.25
N ASP E 442 -0.13 34.74 -5.95
CA ASP E 442 0.80 33.71 -5.48
C ASP E 442 1.35 32.97 -6.69
N MET E 443 2.22 31.99 -6.45
CA MET E 443 2.81 31.20 -7.54
C MET E 443 1.74 30.34 -8.19
N ARG E 444 0.60 30.24 -7.54
CA ARG E 444 -0.52 29.49 -8.04
C ARG E 444 -0.91 29.99 -9.41
N ASP E 445 -0.78 31.28 -9.68
CA ASP E 445 -1.25 31.78 -10.94
C ASP E 445 -0.21 31.58 -12.05
N ASN E 446 0.97 31.09 -11.68
CA ASN E 446 2.01 30.84 -12.65
C ASN E 446 1.87 29.40 -13.12
N TRP E 447 0.87 28.73 -12.56
CA TRP E 447 0.54 27.38 -12.93
C TRP E 447 -0.77 27.48 -13.66
N ARG E 448 -1.71 28.20 -13.08
CA ARG E 448 -3.05 28.35 -13.63
C ARG E 448 -2.99 28.80 -15.09
N SER E 449 -2.04 29.68 -15.40
CA SER E 449 -1.89 30.22 -16.74
C SER E 449 -1.55 29.19 -17.80
N GLU E 450 -1.06 28.03 -17.39
CA GLU E 450 -0.72 26.92 -18.28
C GLU E 450 -1.70 25.76 -18.12
N LEU E 451 -2.20 25.57 -16.89
CA LEU E 451 -3.09 24.47 -16.52
C LEU E 451 -4.51 24.60 -17.03
N TYR E 452 -4.92 25.80 -17.39
CA TYR E 452 -6.28 26.09 -17.84
C TYR E 452 -6.83 25.22 -18.96
N LYS E 453 -5.98 24.60 -19.76
CA LYS E 453 -6.53 23.78 -20.83
C LYS E 453 -6.89 22.37 -20.38
N TYR E 454 -6.53 21.98 -19.16
CA TYR E 454 -6.78 20.60 -18.77
C TYR E 454 -7.71 20.40 -17.57
N LYS E 455 -8.55 19.36 -17.67
CA LYS E 455 -9.45 18.98 -16.58
C LYS E 455 -9.44 17.46 -16.34
N VAL E 456 -9.61 17.02 -15.09
CA VAL E 456 -9.62 15.57 -14.86
C VAL E 456 -10.96 15.05 -14.39
N VAL E 457 -11.36 13.94 -14.99
CA VAL E 457 -12.61 13.30 -14.64
C VAL E 457 -12.44 11.83 -14.28
N LYS E 458 -13.43 11.31 -13.53
CA LYS E 458 -13.47 9.92 -13.10
C LYS E 458 -14.33 9.07 -13.98
N ILE E 459 -13.80 7.93 -14.37
CA ILE E 459 -14.50 7.01 -15.24
C ILE E 459 -15.42 6.09 -14.45
N GLU E 460 -16.66 5.96 -14.91
CA GLU E 460 -17.63 5.10 -14.25
C GLU E 460 -18.22 4.09 -15.23
N PRO E 461 -17.54 2.96 -15.47
CA PRO E 461 -17.81 2.00 -16.53
C PRO E 461 -19.06 1.14 -16.38
N LEU E 462 -19.68 1.12 -15.22
CA LEU E 462 -20.81 0.22 -15.04
C LEU E 462 -22.15 0.93 -14.94
N GLY E 463 -23.13 0.43 -15.70
CA GLY E 463 -24.49 0.99 -15.66
C GLY E 463 -25.50 0.11 -16.38
N VAL E 464 -26.76 0.56 -16.42
CA VAL E 464 -27.84 -0.23 -17.01
C VAL E 464 -28.68 0.52 -18.03
N ALA E 465 -29.41 -0.25 -18.83
CA ALA E 465 -30.38 0.25 -19.81
C ALA E 465 -31.38 -0.89 -20.09
N PRO E 466 -32.61 -0.62 -20.56
CA PRO E 466 -33.53 -1.63 -20.98
C PRO E 466 -33.13 -2.24 -22.29
N THR E 467 -33.41 -3.52 -22.42
CA THR E 467 -33.26 -4.31 -23.63
C THR E 467 -34.42 -5.26 -23.75
N ARG E 468 -34.44 -6.05 -24.80
CA ARG E 468 -35.50 -7.04 -24.95
C ARG E 468 -35.06 -8.41 -24.44
N CYS E 469 -33.87 -8.46 -23.84
CA CYS E 469 -33.32 -9.74 -23.42
C CYS E 469 -33.52 -10.10 -21.97
N LYS E 470 -34.06 -11.29 -21.73
CA LYS E 470 -34.19 -11.74 -20.37
C LYS E 470 -33.23 -12.90 -20.20
N ARG E 471 -32.74 -13.13 -19.00
CA ARG E 471 -31.79 -14.20 -18.82
C ARG E 471 -32.40 -15.53 -19.27
N VAL F 7 -3.42 2.36 -23.78
CA VAL F 7 -3.80 1.95 -25.12
C VAL F 7 -4.71 2.98 -25.74
N PHE F 8 -4.23 4.22 -25.80
CA PHE F 8 -5.06 5.26 -26.36
C PHE F 8 -4.99 5.21 -27.86
N LEU F 9 -5.59 4.17 -28.39
CA LEU F 9 -5.69 3.89 -29.79
C LEU F 9 -7.11 4.25 -30.06
N GLY F 10 -7.85 4.20 -28.97
CA GLY F 10 -9.27 4.47 -28.94
C GLY F 10 -9.68 4.32 -27.51
N PHE F 11 -10.63 5.18 -27.08
CA PHE F 11 -11.06 5.14 -25.70
C PHE F 11 -12.43 5.79 -25.50
N LEU F 12 -12.47 6.97 -24.93
CA LEU F 12 -13.74 7.61 -24.64
C LEU F 12 -14.38 8.27 -25.82
N GLY F 13 -13.75 8.17 -26.99
CA GLY F 13 -14.27 8.72 -28.23
C GLY F 13 -15.59 8.03 -28.58
N ALA F 14 -15.83 6.88 -27.99
CA ALA F 14 -17.07 6.15 -28.18
C ALA F 14 -18.25 7.02 -27.72
N ALA F 15 -17.99 7.92 -26.75
CA ALA F 15 -18.98 8.78 -26.12
C ALA F 15 -19.58 9.77 -27.09
N GLY F 16 -18.93 9.98 -28.23
CA GLY F 16 -19.43 10.91 -29.21
C GLY F 16 -20.66 10.37 -29.92
N SER F 17 -20.93 9.07 -29.80
CA SER F 17 -22.07 8.51 -30.51
C SER F 17 -23.13 7.98 -29.60
N THR F 18 -24.01 7.21 -30.17
CA THR F 18 -25.17 6.70 -29.48
C THR F 18 -24.80 5.55 -28.61
N MET F 19 -25.70 5.20 -27.69
CA MET F 19 -25.44 4.08 -26.82
C MET F 19 -25.32 2.82 -27.62
N GLY F 20 -26.14 2.70 -28.67
CA GLY F 20 -26.10 1.50 -29.47
C GLY F 20 -24.72 1.35 -30.06
N ALA F 21 -24.25 2.37 -30.74
CA ALA F 21 -22.97 2.27 -31.37
C ALA F 21 -21.84 2.07 -30.38
N ALA F 22 -21.91 2.75 -29.26
CA ALA F 22 -20.87 2.68 -28.27
C ALA F 22 -20.76 1.29 -27.68
N SER F 23 -21.86 0.57 -27.60
CA SER F 23 -21.88 -0.74 -26.99
C SER F 23 -21.04 -1.74 -27.75
N MET F 24 -20.68 -1.44 -29.00
CA MET F 24 -19.91 -2.39 -29.76
C MET F 24 -18.42 -2.33 -29.46
N THR F 25 -18.00 -1.35 -28.66
CA THR F 25 -16.59 -1.16 -28.34
C THR F 25 -16.33 -1.08 -26.83
N LEU F 26 -17.05 -1.82 -26.02
CA LEU F 26 -16.89 -1.74 -24.57
C LEU F 26 -15.50 -2.16 -24.06
N THR F 27 -14.82 -3.08 -24.77
CA THR F 27 -13.50 -3.55 -24.31
C THR F 27 -12.45 -2.49 -24.47
N VAL F 28 -12.77 -1.48 -25.26
CA VAL F 28 -11.86 -0.42 -25.54
C VAL F 28 -11.57 0.34 -24.25
N GLN F 29 -12.59 0.50 -23.40
CA GLN F 29 -12.37 1.21 -22.16
C GLN F 29 -11.90 0.25 -21.09
N ALA F 30 -12.41 -0.98 -21.10
CA ALA F 30 -12.06 -1.91 -20.02
C ALA F 30 -10.56 -2.16 -19.95
N ARG F 31 -9.94 -2.21 -21.11
CA ARG F 31 -8.52 -2.49 -21.22
C ARG F 31 -7.65 -1.36 -20.71
N ASN F 32 -8.25 -0.20 -20.45
CA ASN F 32 -7.53 0.95 -19.94
C ASN F 32 -7.87 1.27 -18.49
N LEU F 33 -8.49 0.35 -17.75
CA LEU F 33 -8.83 0.67 -16.37
C LEU F 33 -7.87 0.23 -15.26
N LEU F 34 -6.87 -0.62 -15.55
CA LEU F 34 -5.99 -1.08 -14.47
C LEU F 34 -4.60 -0.50 -14.38
N SER F 35 -4.15 0.27 -15.37
CA SER F 35 -2.77 0.76 -15.28
C SER F 35 -2.59 2.23 -15.61
N GLY F 36 -2.23 3.01 -14.59
CA GLY F 36 -1.99 4.44 -14.74
C GLY F 36 -0.55 4.61 -15.14
N ILE F 37 -0.04 5.84 -15.20
CA ILE F 37 1.35 5.94 -15.66
C ILE F 37 2.31 5.29 -14.65
N VAL F 38 1.94 5.39 -13.37
CA VAL F 38 2.74 4.87 -12.26
C VAL F 38 2.77 3.35 -12.22
N GLN F 39 1.91 2.70 -13.01
CA GLN F 39 1.86 1.26 -13.06
C GLN F 39 2.62 0.71 -14.26
N GLN F 40 3.13 1.62 -15.10
CA GLN F 40 3.88 1.20 -16.25
C GLN F 40 5.35 1.32 -15.93
N GLN F 41 5.71 2.49 -15.39
CA GLN F 41 7.09 2.79 -14.99
C GLN F 41 8.10 1.69 -15.37
N LEU F 57 13.90 8.13 1.41
CA LEU F 57 12.97 9.10 0.86
C LEU F 57 11.63 8.51 0.49
N THR F 58 10.73 8.43 1.46
CA THR F 58 9.36 7.94 1.24
C THR F 58 8.44 9.15 1.09
N VAL F 59 9.05 10.31 1.25
CA VAL F 59 8.39 11.59 1.16
C VAL F 59 8.00 11.75 -0.28
N TRP F 60 6.75 12.18 -0.54
CA TRP F 60 6.25 12.38 -1.90
C TRP F 60 5.96 11.06 -2.62
N GLY F 61 6.94 10.16 -2.70
CA GLY F 61 6.79 8.86 -3.35
C GLY F 61 5.64 8.02 -2.76
N ILE F 62 5.34 8.21 -1.47
CA ILE F 62 4.25 7.50 -0.83
C ILE F 62 2.93 7.72 -1.55
N LYS F 63 2.77 8.85 -2.22
CA LYS F 63 1.53 9.11 -2.93
C LYS F 63 1.32 8.15 -4.07
N GLN F 64 2.40 7.69 -4.72
CA GLN F 64 2.25 6.79 -5.83
C GLN F 64 1.76 5.46 -5.28
N LEU F 65 2.27 5.08 -4.10
CA LEU F 65 1.84 3.82 -3.52
C LEU F 65 0.37 3.89 -3.16
N GLN F 66 -0.04 5.02 -2.58
CA GLN F 66 -1.42 5.16 -2.18
C GLN F 66 -2.34 5.11 -3.38
N ALA F 67 -1.94 5.76 -4.47
CA ALA F 67 -2.78 5.77 -5.66
C ALA F 67 -2.95 4.39 -6.25
N ARG F 68 -1.89 3.59 -6.30
CA ARG F 68 -2.01 2.27 -6.89
C ARG F 68 -2.99 1.43 -6.09
N VAL F 69 -2.93 1.56 -4.76
CA VAL F 69 -3.80 0.78 -3.92
C VAL F 69 -5.25 1.15 -4.14
N LEU F 70 -5.52 2.44 -4.21
CA LEU F 70 -6.88 2.87 -4.38
C LEU F 70 -7.43 2.45 -5.74
N ALA F 71 -6.60 2.47 -6.77
CA ALA F 71 -7.08 2.04 -8.07
C ALA F 71 -7.52 0.59 -8.02
N VAL F 72 -6.77 -0.21 -7.29
CA VAL F 72 -7.13 -1.60 -7.15
C VAL F 72 -8.44 -1.74 -6.45
N GLU F 73 -8.63 -0.98 -5.37
CA GLU F 73 -9.86 -1.11 -4.64
C GLU F 73 -11.05 -0.74 -5.51
N ARG F 74 -10.94 0.30 -6.33
CA ARG F 74 -12.08 0.67 -7.15
C ARG F 74 -12.44 -0.43 -8.12
N TYR F 75 -11.42 -1.03 -8.73
CA TYR F 75 -11.66 -2.10 -9.66
C TYR F 75 -12.39 -3.24 -9.02
N LEU F 76 -11.89 -3.67 -7.88
CA LEU F 76 -12.48 -4.81 -7.25
C LEU F 76 -13.89 -4.54 -6.79
N ARG F 77 -14.20 -3.34 -6.34
CA ARG F 77 -15.56 -3.11 -5.90
C ARG F 77 -16.54 -3.31 -7.04
N ASP F 78 -16.20 -2.87 -8.25
CA ASP F 78 -17.15 -3.09 -9.33
C ASP F 78 -17.24 -4.56 -9.68
N GLN F 79 -16.12 -5.27 -9.61
CA GLN F 79 -16.18 -6.68 -9.94
C GLN F 79 -17.00 -7.45 -8.93
N GLN F 80 -16.92 -7.06 -7.66
CA GLN F 80 -17.68 -7.72 -6.62
C GLN F 80 -19.15 -7.52 -6.82
N LEU F 81 -19.53 -6.33 -7.29
CA LEU F 81 -20.93 -6.06 -7.49
C LEU F 81 -21.47 -6.94 -8.62
N LEU F 82 -20.69 -7.09 -9.68
CA LEU F 82 -21.11 -7.94 -10.78
C LEU F 82 -21.21 -9.38 -10.31
N GLY F 83 -20.29 -9.79 -9.44
CA GLY F 83 -20.32 -11.13 -8.91
C GLY F 83 -21.63 -11.37 -8.17
N ILE F 84 -22.00 -10.44 -7.30
CA ILE F 84 -23.19 -10.57 -6.50
C ILE F 84 -24.45 -10.66 -7.35
N TRP F 85 -24.51 -9.87 -8.40
CA TRP F 85 -25.65 -9.87 -9.31
C TRP F 85 -25.72 -11.09 -10.20
N GLY F 86 -24.68 -11.92 -10.23
CA GLY F 86 -24.66 -13.04 -11.13
C GLY F 86 -24.26 -12.62 -12.55
N CYS F 87 -23.56 -11.48 -12.66
CA CYS F 87 -23.14 -10.93 -13.93
C CYS F 87 -21.62 -10.85 -14.05
N SER F 88 -20.91 -11.72 -13.36
CA SER F 88 -19.47 -11.70 -13.48
C SER F 88 -19.04 -12.46 -14.70
N GLY F 89 -18.37 -11.75 -15.58
CA GLY F 89 -17.93 -12.27 -16.85
C GLY F 89 -18.80 -11.63 -17.91
N LYS F 90 -18.20 -11.41 -19.08
CA LYS F 90 -18.84 -10.78 -20.22
C LYS F 90 -19.08 -9.29 -20.00
N LEU F 91 -19.38 -8.63 -21.10
CA LEU F 91 -19.62 -7.20 -21.12
C LEU F 91 -21.08 -6.90 -20.94
N ILE F 92 -21.94 -7.79 -21.42
CA ILE F 92 -23.38 -7.56 -21.38
C ILE F 92 -24.11 -8.68 -20.65
N CYS F 93 -24.88 -8.30 -19.63
CA CYS F 93 -25.61 -9.28 -18.83
C CYS F 93 -27.11 -9.11 -18.75
N CYS F 94 -27.84 -10.13 -19.20
CA CYS F 94 -29.29 -10.09 -19.15
C CYS F 94 -29.62 -10.49 -17.70
N THR F 95 -30.55 -9.77 -17.06
CA THR F 95 -30.85 -10.00 -15.64
C THR F 95 -32.12 -10.76 -15.24
N ASN F 96 -33.09 -10.85 -16.13
CA ASN F 96 -34.40 -11.44 -15.84
C ASN F 96 -35.19 -10.61 -14.82
N VAL F 97 -34.86 -9.33 -14.72
CA VAL F 97 -35.59 -8.38 -13.92
C VAL F 97 -36.25 -7.42 -14.89
N PRO F 98 -37.57 -7.26 -14.87
CA PRO F 98 -38.30 -6.42 -15.80
C PRO F 98 -37.99 -4.98 -15.55
N TRP F 99 -38.04 -4.19 -16.60
CA TRP F 99 -37.83 -2.75 -16.54
C TRP F 99 -39.12 -2.06 -16.12
N ASN F 100 -39.03 -1.14 -15.16
CA ASN F 100 -40.21 -0.42 -14.72
C ASN F 100 -40.60 0.69 -15.68
N SER F 101 -41.89 0.84 -15.89
CA SER F 101 -42.45 1.88 -16.75
C SER F 101 -42.28 3.27 -16.16
N SER F 102 -41.99 3.35 -14.88
CA SER F 102 -41.79 4.61 -14.22
C SER F 102 -40.35 5.12 -14.35
N TRP F 103 -39.46 4.27 -14.87
CA TRP F 103 -38.09 4.68 -14.93
C TRP F 103 -37.79 5.60 -16.11
N SER F 104 -38.51 5.41 -17.22
CA SER F 104 -38.33 6.25 -18.40
C SER F 104 -39.54 6.07 -19.29
N ASN F 105 -39.76 6.96 -20.24
CA ASN F 105 -40.88 6.77 -21.15
C ASN F 105 -40.46 7.03 -22.57
N ARG F 106 -39.64 6.14 -23.11
CA ARG F 106 -39.13 6.28 -24.45
C ARG F 106 -39.18 4.95 -25.16
N ASN F 107 -39.26 4.98 -26.47
CA ASN F 107 -39.19 3.73 -27.21
C ASN F 107 -37.83 3.09 -27.04
N LEU F 108 -37.78 1.78 -26.99
CA LEU F 108 -36.49 1.16 -26.81
C LEU F 108 -35.49 1.64 -27.87
N SER F 109 -35.94 1.73 -29.12
CA SER F 109 -35.09 2.18 -30.20
C SER F 109 -34.75 3.66 -30.09
N GLU F 110 -35.54 4.41 -29.35
CA GLU F 110 -35.30 5.82 -29.22
C GLU F 110 -34.08 6.02 -28.37
N ILE F 111 -33.95 5.22 -27.33
CA ILE F 111 -32.80 5.49 -26.51
C ILE F 111 -31.58 4.91 -27.17
N TRP F 112 -31.69 3.75 -27.79
CA TRP F 112 -30.49 3.16 -28.34
C TRP F 112 -29.95 3.91 -29.57
N ASP F 113 -30.84 4.49 -30.39
CA ASP F 113 -30.40 5.22 -31.56
C ASP F 113 -30.25 6.73 -31.40
N ASN F 114 -31.00 7.40 -30.51
CA ASN F 114 -30.83 8.84 -30.42
C ASN F 114 -30.11 9.34 -29.16
N MET F 115 -29.91 8.50 -28.14
CA MET F 115 -29.28 8.97 -26.93
C MET F 115 -27.86 8.45 -26.77
N THR F 116 -27.06 9.22 -26.07
CA THR F 116 -25.70 8.84 -25.73
C THR F 116 -25.71 8.26 -24.33
N TRP F 117 -24.61 7.61 -23.93
CA TRP F 117 -24.59 7.07 -22.57
C TRP F 117 -24.54 8.15 -21.52
N LEU F 118 -23.96 9.30 -21.83
CA LEU F 118 -23.91 10.34 -20.83
C LEU F 118 -25.32 10.84 -20.55
N GLN F 119 -26.12 10.99 -21.60
CA GLN F 119 -27.47 11.47 -21.43
C GLN F 119 -28.33 10.49 -20.69
N TRP F 120 -28.15 9.22 -21.01
CA TRP F 120 -28.89 8.16 -20.39
C TRP F 120 -28.59 8.07 -18.92
N ASP F 121 -27.31 8.14 -18.56
CA ASP F 121 -26.96 8.03 -17.16
C ASP F 121 -27.63 9.14 -16.38
N LYS F 122 -27.70 10.33 -16.93
CA LYS F 122 -28.36 11.37 -16.18
C LYS F 122 -29.86 11.09 -16.05
N GLU F 123 -30.48 10.66 -17.15
CA GLU F 123 -31.94 10.46 -17.15
C GLU F 123 -32.43 9.48 -16.11
N ILE F 124 -31.70 8.40 -15.87
CA ILE F 124 -32.19 7.41 -14.91
C ILE F 124 -31.38 7.34 -13.62
N SER F 125 -30.67 8.42 -13.29
CA SER F 125 -29.83 8.44 -12.10
C SER F 125 -30.63 8.16 -10.82
N ASN F 126 -31.86 8.64 -10.81
CA ASN F 126 -32.80 8.54 -9.69
C ASN F 126 -33.12 7.11 -9.30
N TYR F 127 -32.93 6.17 -10.19
CA TYR F 127 -33.31 4.82 -9.90
C TYR F 127 -32.14 3.89 -9.68
N THR F 128 -30.95 4.43 -9.52
CA THR F 128 -29.78 3.55 -9.43
C THR F 128 -29.86 2.52 -8.33
N GLN F 129 -30.26 2.93 -7.14
CA GLN F 129 -30.28 2.02 -6.01
C GLN F 129 -31.40 1.03 -6.11
N ILE F 130 -32.49 1.47 -6.70
CA ILE F 130 -33.65 0.63 -6.85
C ILE F 130 -33.32 -0.49 -7.80
N ILE F 131 -32.70 -0.14 -8.92
CA ILE F 131 -32.40 -1.15 -9.87
C ILE F 131 -31.43 -2.12 -9.30
N TYR F 132 -30.40 -1.64 -8.62
CA TYR F 132 -29.42 -2.55 -8.08
C TYR F 132 -30.05 -3.45 -7.03
N GLY F 133 -30.94 -2.92 -6.21
CA GLY F 133 -31.58 -3.73 -5.19
C GLY F 133 -32.36 -4.89 -5.79
N LEU F 134 -32.91 -4.70 -6.96
CA LEU F 134 -33.68 -5.75 -7.60
C LEU F 134 -32.78 -6.79 -8.25
N LEU F 135 -31.48 -6.56 -8.27
CA LEU F 135 -30.62 -7.51 -8.92
C LEU F 135 -30.21 -8.56 -7.91
N GLU F 136 -30.71 -8.41 -6.67
CA GLU F 136 -30.53 -9.37 -5.60
C GLU F 136 -31.34 -10.60 -5.90
N GLU F 137 -32.25 -10.52 -6.86
CA GLU F 137 -33.09 -11.63 -7.24
C GLU F 137 -32.27 -12.79 -7.74
N SER F 138 -31.04 -12.56 -8.20
CA SER F 138 -30.23 -13.68 -8.66
C SER F 138 -30.04 -14.69 -7.52
N GLN F 139 -30.11 -14.25 -6.26
CA GLN F 139 -29.97 -15.15 -5.14
C GLN F 139 -31.14 -16.12 -5.07
N ASN F 140 -32.34 -15.68 -5.44
CA ASN F 140 -33.49 -16.52 -5.39
C ASN F 140 -33.39 -17.50 -6.52
N GLN F 141 -32.82 -17.04 -7.63
CA GLN F 141 -32.69 -17.90 -8.77
C GLN F 141 -31.72 -19.02 -8.46
N GLN F 142 -30.64 -18.72 -7.73
CA GLN F 142 -29.69 -19.77 -7.40
C GLN F 142 -30.29 -20.81 -6.46
N GLU F 143 -31.16 -20.39 -5.52
CA GLU F 143 -31.79 -21.37 -4.65
C GLU F 143 -32.72 -22.27 -5.47
N LYS F 144 -33.45 -21.67 -6.39
CA LYS F 144 -34.35 -22.47 -7.20
C LYS F 144 -33.57 -23.46 -8.05
N ASN F 145 -32.43 -23.00 -8.57
CA ASN F 145 -31.64 -23.84 -9.43
C ASN F 145 -31.10 -25.03 -8.66
N GLU F 146 -30.65 -24.83 -7.43
CA GLU F 146 -30.15 -26.00 -6.70
C GLU F 146 -31.24 -27.03 -6.51
N GLN F 147 -32.43 -26.56 -6.12
CA GLN F 147 -33.52 -27.47 -5.79
C GLN F 147 -33.92 -28.35 -6.95
N ASP F 148 -33.93 -27.79 -8.15
CA ASP F 148 -34.30 -28.54 -9.33
C ASP F 148 -33.11 -29.10 -10.11
N LEU F 149 -31.90 -28.99 -9.56
CA LEU F 149 -30.71 -29.45 -10.28
C LEU F 149 -30.18 -30.77 -9.80
N LEU F 150 -30.00 -30.92 -8.50
CA LEU F 150 -29.39 -32.15 -8.02
C LEU F 150 -28.21 -32.52 -8.93
N VAL G 2 -7.87 -4.07 -56.95
CA VAL G 2 -8.57 -3.34 -55.90
C VAL G 2 -8.49 -1.85 -56.15
N GLN G 3 -9.65 -1.23 -56.09
CA GLN G 3 -9.73 0.19 -56.35
C GLN G 3 -11.02 0.84 -55.88
N LEU G 4 -11.00 2.14 -55.84
CA LEU G 4 -12.18 2.92 -55.56
C LEU G 4 -12.68 3.48 -56.86
N VAL G 5 -13.83 3.01 -57.27
CA VAL G 5 -14.41 3.40 -58.53
C VAL G 5 -15.16 4.68 -58.31
N GLN G 6 -14.88 5.69 -59.11
CA GLN G 6 -15.51 6.98 -58.88
C GLN G 6 -16.38 7.49 -60.00
N SER G 7 -17.32 8.36 -59.61
CA SER G 7 -18.18 9.06 -60.56
C SER G 7 -17.41 10.14 -61.34
N GLY G 8 -18.03 10.66 -62.41
CA GLY G 8 -17.38 11.70 -63.20
C GLY G 8 -17.52 13.07 -62.55
N GLY G 9 -16.87 14.08 -63.14
CA GLY G 9 -16.90 15.42 -62.55
C GLY G 9 -18.12 16.23 -62.93
N ALA G 10 -18.17 17.46 -62.44
CA ALA G 10 -19.33 18.32 -62.70
C ALA G 10 -19.07 19.80 -62.56
N LEU G 11 -19.94 20.57 -63.20
CA LEU G 11 -19.99 22.02 -63.06
C LEU G 11 -21.33 22.45 -62.48
N VAL G 12 -21.26 23.20 -61.39
CA VAL G 12 -22.46 23.70 -60.74
C VAL G 12 -22.34 25.18 -60.45
N GLN G 13 -23.47 25.82 -60.18
CA GLN G 13 -23.48 27.22 -59.81
C GLN G 13 -23.28 27.36 -58.30
N PRO G 14 -22.77 28.48 -57.80
CA PRO G 14 -22.70 28.74 -56.39
C PRO G 14 -24.07 28.62 -55.78
N GLY G 15 -24.14 27.97 -54.62
CA GLY G 15 -25.37 27.74 -53.89
C GLY G 15 -25.96 26.37 -54.19
N ALA G 16 -25.44 25.70 -55.21
CA ALA G 16 -25.90 24.40 -55.65
C ALA G 16 -25.55 23.28 -54.71
N SER G 17 -26.34 22.20 -54.79
CA SER G 17 -26.01 21.00 -54.05
C SER G 17 -25.54 19.95 -55.05
N LEU G 18 -24.72 19.04 -54.57
CA LEU G 18 -24.21 17.96 -55.41
C LEU G 18 -23.91 16.68 -54.65
N ARG G 19 -24.22 15.53 -55.26
CA ARG G 19 -23.85 14.27 -54.62
C ARG G 19 -22.74 13.54 -55.37
N LEU G 20 -21.67 13.20 -54.66
CA LEU G 20 -20.57 12.41 -55.18
C LEU G 20 -20.63 10.99 -54.68
N SER G 21 -20.07 10.06 -55.44
CA SER G 21 -20.01 8.70 -54.96
C SER G 21 -18.81 7.91 -55.44
N CYS G 22 -18.49 6.88 -54.63
CA CYS G 22 -17.44 5.91 -54.86
C CYS G 22 -17.94 4.48 -54.65
N ALA G 23 -17.31 3.50 -55.31
CA ALA G 23 -17.68 2.08 -55.08
C ALA G 23 -16.46 1.18 -54.83
N ALA G 24 -16.68 0.11 -54.05
CA ALA G 24 -15.57 -0.81 -53.72
C ALA G 24 -15.37 -1.90 -54.74
N SER G 25 -14.24 -1.87 -55.44
CA SER G 25 -13.97 -2.90 -56.41
C SER G 25 -13.06 -3.94 -55.76
N GLU G 26 -13.57 -5.17 -55.73
CA GLU G 26 -12.95 -6.36 -55.16
C GLU G 26 -12.69 -6.31 -53.65
N PHE G 27 -13.54 -5.63 -52.88
CA PHE G 27 -13.43 -5.66 -51.42
C PHE G 27 -14.74 -5.19 -50.82
N SER G 28 -14.94 -5.36 -49.52
CA SER G 28 -16.14 -4.83 -48.90
C SER G 28 -15.89 -3.52 -48.17
N PHE G 29 -16.78 -2.56 -48.34
CA PHE G 29 -16.60 -1.33 -47.57
C PHE G 29 -16.91 -1.53 -46.11
N SER G 30 -17.61 -2.60 -45.78
CA SER G 30 -18.02 -2.88 -44.41
C SER G 30 -16.84 -3.20 -43.51
N THR G 31 -15.67 -3.46 -44.08
CA THR G 31 -14.53 -3.80 -43.29
C THR G 31 -13.56 -2.65 -43.11
N HIS G 32 -13.88 -1.46 -43.64
CA HIS G 32 -12.94 -0.35 -43.54
C HIS G 32 -13.54 0.99 -43.18
N ASP G 33 -12.71 1.83 -42.59
CA ASP G 33 -13.08 3.21 -42.33
C ASP G 33 -12.81 3.97 -43.62
N MET G 34 -13.76 4.77 -44.07
CA MET G 34 -13.60 5.48 -45.33
C MET G 34 -13.62 6.98 -45.16
N HIS G 35 -12.78 7.64 -45.97
CA HIS G 35 -12.68 9.08 -45.91
C HIS G 35 -12.71 9.77 -47.26
N TRP G 36 -13.12 11.02 -47.25
CA TRP G 36 -13.05 11.87 -48.42
C TRP G 36 -12.07 13.00 -48.15
N VAL G 37 -11.30 13.35 -49.18
CA VAL G 37 -10.40 14.49 -49.11
C VAL G 37 -10.64 15.31 -50.37
N ARG G 38 -10.19 16.56 -50.39
CA ARG G 38 -10.29 17.30 -51.63
C ARG G 38 -9.01 18.05 -51.95
N GLN G 39 -8.65 18.08 -53.23
CA GLN G 39 -7.47 18.79 -53.64
C GLN G 39 -7.76 20.00 -54.50
N ALA G 40 -7.71 21.17 -53.90
CA ALA G 40 -8.00 22.39 -54.62
C ALA G 40 -6.83 22.61 -55.56
N PRO G 41 -6.98 23.27 -56.69
CA PRO G 41 -5.87 23.55 -57.57
C PRO G 41 -4.78 24.26 -56.78
N GLY G 42 -3.55 23.79 -56.92
CA GLY G 42 -2.41 24.39 -56.23
C GLY G 42 -2.25 23.96 -54.78
N LYS G 43 -3.12 23.08 -54.30
CA LYS G 43 -3.11 22.64 -52.91
C LYS G 43 -2.84 21.15 -52.72
N GLY G 44 -2.69 20.76 -51.44
CA GLY G 44 -2.50 19.38 -51.03
C GLY G 44 -3.87 18.79 -50.72
N LEU G 45 -3.93 17.77 -49.89
CA LEU G 45 -5.22 17.11 -49.67
C LEU G 45 -5.92 17.48 -48.39
N GLU G 46 -7.00 18.25 -48.50
CA GLU G 46 -7.72 18.66 -47.30
C GLU G 46 -8.66 17.56 -46.91
N TRP G 47 -8.62 17.14 -45.66
CA TRP G 47 -9.56 16.11 -45.27
C TRP G 47 -10.92 16.73 -45.19
N VAL G 48 -11.90 16.07 -45.76
CA VAL G 48 -13.25 16.56 -45.80
C VAL G 48 -14.21 15.85 -44.88
N SER G 49 -14.15 14.54 -44.88
CA SER G 49 -15.10 13.81 -44.05
C SER G 49 -14.70 12.37 -43.86
N GLY G 50 -15.34 11.71 -42.90
CA GLY G 50 -15.14 10.27 -42.81
C GLY G 50 -16.18 9.55 -41.98
N ILE G 51 -16.28 8.26 -42.25
CA ILE G 51 -17.23 7.38 -41.58
C ILE G 51 -16.51 6.13 -41.10
N ASN G 52 -16.81 5.68 -39.89
CA ASN G 52 -16.15 4.47 -39.42
C ASN G 52 -16.97 3.25 -39.74
N ILE G 53 -16.43 2.11 -39.39
CA ILE G 53 -17.10 0.83 -39.63
C ILE G 53 -18.42 0.64 -38.88
N HIS G 54 -18.70 1.46 -37.88
CA HIS G 54 -19.94 1.32 -37.13
C HIS G 54 -20.92 2.42 -37.50
N GLY G 55 -20.59 3.20 -38.51
CA GLY G 55 -21.46 4.27 -38.97
C GLY G 55 -21.26 5.60 -38.26
N GLY G 56 -20.25 5.72 -37.40
CA GLY G 56 -20.01 6.98 -36.72
C GLY G 56 -19.31 7.87 -37.71
N THR G 57 -19.42 9.18 -37.56
CA THR G 57 -18.78 10.07 -38.50
C THR G 57 -17.92 11.14 -37.89
N TYR G 58 -17.07 11.70 -38.74
CA TYR G 58 -16.17 12.77 -38.39
C TYR G 58 -16.25 13.89 -39.44
N TYR G 59 -16.22 15.16 -39.02
CA TYR G 59 -16.19 16.27 -39.99
C TYR G 59 -15.25 17.41 -39.56
N PRO G 60 -14.59 18.12 -40.50
CA PRO G 60 -13.88 19.37 -40.31
C PRO G 60 -14.88 20.46 -40.05
N ASP G 61 -14.49 21.48 -39.32
CA ASP G 61 -15.34 22.63 -39.12
C ASP G 61 -15.49 23.46 -40.39
N SER G 62 -14.58 23.26 -41.34
CA SER G 62 -14.61 23.96 -42.60
C SER G 62 -15.74 23.48 -43.52
N VAL G 63 -16.33 22.32 -43.24
CA VAL G 63 -17.45 21.85 -44.04
C VAL G 63 -18.64 21.42 -43.19
N LYS G 64 -18.44 21.28 -41.88
CA LYS G 64 -19.50 20.81 -41.02
C LYS G 64 -20.74 21.69 -41.13
N GLY G 65 -21.85 21.04 -41.38
CA GLY G 65 -23.16 21.67 -41.54
C GLY G 65 -23.52 21.82 -43.01
N ARG G 66 -22.54 21.68 -43.90
CA ARG G 66 -22.77 21.77 -45.34
C ARG G 66 -22.57 20.39 -45.97
N PHE G 67 -21.63 19.64 -45.43
CA PHE G 67 -21.35 18.32 -46.00
C PHE G 67 -21.83 17.17 -45.12
N THR G 68 -22.36 16.13 -45.77
CA THR G 68 -22.75 14.88 -45.08
C THR G 68 -22.14 13.65 -45.75
N ILE G 69 -21.62 12.74 -44.93
CA ILE G 69 -21.04 11.50 -45.44
C ILE G 69 -21.93 10.34 -45.07
N SER G 70 -22.11 9.41 -46.00
CA SER G 70 -22.89 8.22 -45.72
C SER G 70 -22.36 7.01 -46.47
N ARG G 71 -22.79 5.84 -46.02
CA ARG G 71 -22.40 4.57 -46.61
C ARG G 71 -23.57 3.62 -46.74
N ASP G 72 -23.57 2.85 -47.82
CA ASP G 72 -24.52 1.77 -48.02
C ASP G 72 -23.72 0.53 -48.39
N SER G 73 -23.47 -0.30 -47.39
CA SER G 73 -22.60 -1.43 -47.56
C SER G 73 -23.24 -2.50 -48.44
N ALA G 74 -24.55 -2.46 -48.61
CA ALA G 74 -25.24 -3.48 -49.39
C ALA G 74 -24.77 -3.47 -50.83
N LYS G 75 -24.43 -2.28 -51.32
CA LYS G 75 -24.04 -2.11 -52.69
C LYS G 75 -22.59 -1.72 -52.77
N ASN G 76 -21.88 -1.78 -51.64
CA ASN G 76 -20.51 -1.31 -51.61
C ASN G 76 -20.35 0.09 -52.15
N SER G 77 -21.19 1.03 -51.70
CA SER G 77 -21.06 2.40 -52.16
C SER G 77 -20.93 3.43 -51.03
N LEU G 78 -20.21 4.52 -51.35
CA LEU G 78 -20.01 5.66 -50.48
C LEU G 78 -20.57 6.90 -51.09
N TYR G 79 -21.08 7.78 -50.25
CA TYR G 79 -21.59 9.03 -50.76
C TYR G 79 -21.10 10.24 -49.98
N LEU G 80 -20.98 11.33 -50.70
CA LEU G 80 -20.74 12.63 -50.12
C LEU G 80 -21.75 13.62 -50.65
N GLN G 81 -22.58 14.13 -49.76
CA GLN G 81 -23.62 15.05 -50.16
C GLN G 81 -23.29 16.44 -49.68
N MET G 82 -23.18 17.36 -50.62
CA MET G 82 -22.79 18.70 -50.26
C MET G 82 -23.86 19.70 -50.62
N SER G 83 -24.13 20.64 -49.71
CA SER G 83 -25.10 21.69 -50.00
C SER G 83 -24.45 23.05 -49.98
N SER G 84 -25.10 24.02 -50.63
CA SER G 84 -24.65 25.40 -50.62
C SER G 84 -23.19 25.55 -50.98
N LEU G 85 -22.76 24.95 -52.09
CA LEU G 85 -21.38 24.99 -52.54
C LEU G 85 -20.91 26.37 -52.97
N ARG G 86 -19.64 26.65 -52.71
CA ARG G 86 -18.99 27.92 -53.02
C ARG G 86 -17.91 27.74 -54.09
N ASP G 87 -17.49 28.82 -54.71
CA ASP G 87 -16.44 28.77 -55.72
C ASP G 87 -15.13 28.28 -55.11
N GLY G 88 -14.99 28.57 -53.83
CA GLY G 88 -13.85 28.20 -53.03
C GLY G 88 -13.79 26.69 -52.74
N ASP G 89 -14.85 25.96 -53.08
CA ASP G 89 -14.89 24.53 -52.85
C ASP G 89 -14.49 23.78 -54.13
N THR G 90 -14.01 24.52 -55.14
CA THR G 90 -13.55 23.85 -56.36
C THR G 90 -12.36 23.00 -55.99
N ALA G 91 -12.43 21.74 -56.35
CA ALA G 91 -11.37 20.79 -56.00
C ALA G 91 -11.57 19.44 -56.65
N VAL G 92 -10.53 18.62 -56.64
CA VAL G 92 -10.71 17.23 -57.03
C VAL G 92 -11.05 16.46 -55.79
N TYR G 93 -12.17 15.77 -55.82
CA TYR G 93 -12.56 15.03 -54.65
C TYR G 93 -12.15 13.59 -54.77
N PHE G 94 -11.68 13.03 -53.67
CA PHE G 94 -11.24 11.65 -53.64
C PHE G 94 -11.80 10.87 -52.51
N CYS G 95 -11.96 9.58 -52.74
CA CYS G 95 -12.25 8.67 -51.66
C CYS G 95 -10.96 7.95 -51.34
N ALA G 96 -10.80 7.59 -50.08
CA ALA G 96 -9.64 6.82 -49.71
C ALA G 96 -9.95 5.86 -48.58
N ARG G 97 -9.32 4.70 -48.66
CA ARG G 97 -9.46 3.66 -47.66
C ARG G 97 -8.43 3.83 -46.59
N GLY G 98 -8.92 3.98 -45.36
CA GLY G 98 -8.05 4.25 -44.24
C GLY G 98 -7.09 3.12 -44.08
N GLY G 99 -5.89 3.46 -43.71
CA GLY G 99 -4.87 2.49 -43.54
C GLY G 99 -5.09 1.71 -42.30
N LYS G 100 -4.61 0.49 -42.32
CA LYS G 100 -4.78 -0.38 -41.16
C LYS G 100 -4.03 0.22 -39.95
N PRO G 101 -4.65 0.32 -38.75
CA PRO G 101 -4.09 0.81 -37.51
C PRO G 101 -3.11 -0.19 -36.95
N ILE G 102 -2.22 0.27 -36.08
CA ILE G 102 -1.27 -0.61 -35.42
C ILE G 102 -1.85 -1.51 -34.35
N TYR G 103 -2.92 -1.06 -33.72
CA TYR G 103 -3.55 -1.83 -32.68
C TYR G 103 -5.02 -1.43 -32.63
N TYR G 104 -5.88 -2.38 -32.28
CA TYR G 104 -7.33 -2.16 -32.27
C TYR G 104 -7.81 -0.95 -31.48
N SER G 105 -8.63 -0.13 -32.15
CA SER G 105 -9.21 1.08 -31.60
C SER G 105 -10.72 1.12 -31.53
N GLY G 106 -11.39 0.19 -32.21
CA GLY G 106 -12.83 0.32 -32.29
C GLY G 106 -13.06 1.27 -33.45
N GLY G 107 -14.19 1.99 -33.47
CA GLY G 107 -14.51 2.85 -34.62
C GLY G 107 -13.78 4.20 -34.61
N TYR G 108 -12.47 4.13 -34.45
CA TYR G 108 -11.65 5.32 -34.37
C TYR G 108 -10.56 5.18 -35.41
N PRO G 109 -10.54 6.05 -36.44
CA PRO G 109 -9.69 6.00 -37.59
C PRO G 109 -8.24 6.24 -37.29
N SER G 110 -7.42 5.68 -38.15
CA SER G 110 -5.98 5.79 -38.15
C SER G 110 -5.47 7.10 -38.77
N TRP G 111 -6.34 7.73 -39.57
CA TRP G 111 -6.10 8.98 -40.28
C TRP G 111 -4.98 9.02 -41.33
N TYR G 112 -4.73 7.93 -42.02
CA TYR G 112 -3.76 7.85 -43.11
C TYR G 112 -4.32 6.86 -44.07
N PHE G 113 -3.82 6.83 -45.30
CA PHE G 113 -4.48 5.96 -46.27
C PHE G 113 -3.65 4.97 -47.03
N ASP G 114 -4.24 3.79 -47.24
CA ASP G 114 -3.58 2.79 -48.06
C ASP G 114 -4.08 2.81 -49.50
N LEU G 115 -5.36 3.12 -49.70
CA LEU G 115 -5.91 3.06 -51.06
C LEU G 115 -6.54 4.35 -51.53
N TRP G 116 -6.09 4.84 -52.67
CA TRP G 116 -6.65 6.07 -53.21
C TRP G 116 -7.40 5.88 -54.52
N GLY G 117 -8.51 6.61 -54.68
CA GLY G 117 -9.25 6.59 -55.94
C GLY G 117 -8.61 7.56 -56.95
N PRO G 118 -9.05 7.57 -58.22
CA PRO G 118 -8.57 8.44 -59.30
C PRO G 118 -8.86 9.94 -59.23
N GLY G 119 -9.89 10.37 -58.49
CA GLY G 119 -10.20 11.80 -58.41
C GLY G 119 -11.39 12.24 -59.28
N THR G 120 -12.31 12.99 -58.66
CA THR G 120 -13.51 13.52 -59.32
C THR G 120 -13.62 15.05 -59.15
N PRO G 121 -13.25 15.89 -60.14
CA PRO G 121 -13.30 17.33 -60.05
C PRO G 121 -14.69 17.92 -60.04
N ILE G 122 -14.87 18.94 -59.22
CA ILE G 122 -16.08 19.74 -59.22
C ILE G 122 -15.69 21.19 -59.37
N THR G 123 -16.31 21.85 -60.33
CA THR G 123 -16.08 23.26 -60.53
C THR G 123 -17.31 24.02 -60.12
N ILE G 124 -17.14 25.03 -59.30
CA ILE G 124 -18.28 25.82 -58.91
C ILE G 124 -18.07 27.23 -59.44
N SER G 125 -18.96 27.68 -60.31
CA SER G 125 -18.80 28.98 -60.95
C SER G 125 -20.06 29.51 -61.60
N SER G 126 -20.03 30.79 -61.95
CA SER G 126 -21.15 31.42 -62.66
C SER G 126 -20.92 31.37 -64.16
N ASP H 1 -3.92 23.58 -33.83
CA ASP H 1 -3.64 22.93 -35.09
C ASP H 1 -2.17 22.63 -35.23
N VAL H 2 -1.85 21.62 -36.02
CA VAL H 2 -0.45 21.35 -36.24
C VAL H 2 -0.09 21.90 -37.59
N VAL H 3 0.84 22.84 -37.59
CA VAL H 3 1.22 23.43 -38.83
C VAL H 3 2.44 22.72 -39.34
N MET H 4 2.35 22.27 -40.57
CA MET H 4 3.45 21.54 -41.13
C MET H 4 4.07 22.29 -42.27
N THR H 5 5.38 22.29 -42.29
CA THR H 5 6.13 22.95 -43.34
C THR H 5 7.08 21.95 -43.94
N GLN H 6 7.55 22.26 -45.13
CA GLN H 6 8.49 21.40 -45.79
C GLN H 6 9.60 22.23 -46.38
N SER H 7 10.76 21.63 -46.52
CA SER H 7 11.89 22.34 -47.10
C SER H 7 12.84 21.39 -47.80
N PRO H 8 13.33 21.77 -48.99
CA PRO H 8 13.16 22.98 -49.77
C PRO H 8 11.81 23.01 -50.47
N GLY H 9 11.45 24.14 -51.10
CA GLY H 9 10.21 24.15 -51.89
C GLY H 9 10.27 23.10 -53.01
N PHE H 10 11.45 22.95 -53.57
CA PHE H 10 11.70 21.96 -54.59
C PHE H 10 13.16 21.62 -54.48
N ARG H 11 13.55 20.49 -54.99
CA ARG H 11 14.93 20.11 -54.99
C ARG H 11 15.35 19.73 -56.40
N SER H 12 16.49 20.25 -56.82
CA SER H 12 17.03 19.92 -58.13
C SER H 12 18.10 18.88 -57.95
N VAL H 13 17.84 17.71 -58.48
CA VAL H 13 18.71 16.54 -58.30
C VAL H 13 19.03 15.87 -59.61
N THR H 14 20.02 14.99 -59.59
CA THR H 14 20.35 14.22 -60.78
C THR H 14 20.34 12.73 -60.51
N LEU H 15 20.32 11.94 -61.57
CA LEU H 15 20.25 10.51 -61.39
C LEU H 15 21.39 9.90 -60.62
N LYS H 16 21.03 8.91 -59.79
CA LYS H 16 21.87 8.11 -58.91
C LYS H 16 22.45 8.91 -57.75
N GLU H 17 21.94 10.10 -57.53
CA GLU H 17 22.30 10.90 -56.38
C GLU H 17 21.58 10.39 -55.14
N LYS H 18 22.25 10.40 -53.99
CA LYS H 18 21.54 10.09 -52.76
C LYS H 18 20.89 11.40 -52.34
N VAL H 19 19.59 11.39 -52.16
CA VAL H 19 18.90 12.65 -51.90
C VAL H 19 17.98 12.67 -50.69
N SER H 20 17.71 13.87 -50.18
CA SER H 20 16.75 14.01 -49.09
C SER H 20 16.03 15.36 -49.01
N ILE H 21 14.84 15.29 -48.42
CA ILE H 21 14.02 16.46 -48.11
C ILE H 21 13.54 16.36 -46.67
N THR H 22 13.13 17.48 -46.06
CA THR H 22 12.62 17.38 -44.70
C THR H 22 11.27 18.04 -44.45
N CYS H 23 10.67 17.60 -43.35
CA CYS H 23 9.39 18.12 -42.84
C CYS H 23 9.53 18.59 -41.39
N GLN H 24 8.81 19.65 -41.07
CA GLN H 24 8.78 20.12 -39.70
C GLN H 24 7.38 20.39 -39.18
N ALA H 25 7.21 20.19 -37.89
CA ALA H 25 5.94 20.50 -37.24
C ALA H 25 6.10 21.66 -36.28
N SER H 26 5.07 22.50 -36.16
CA SER H 26 5.06 23.59 -35.19
C SER H 26 4.96 23.12 -33.74
N GLN H 27 4.51 21.90 -33.56
CA GLN H 27 4.38 21.28 -32.26
C GLN H 27 4.74 19.82 -32.39
N THR H 28 5.19 19.22 -31.31
CA THR H 28 5.53 17.81 -31.37
C THR H 28 4.38 16.93 -31.76
N ILE H 29 4.67 15.99 -32.64
CA ILE H 29 3.71 15.01 -33.08
C ILE H 29 4.20 13.62 -32.78
N GLY H 30 5.13 13.50 -31.84
CA GLY H 30 5.63 12.18 -31.51
C GLY H 30 6.26 11.58 -32.75
N THR H 31 5.80 10.41 -33.13
CA THR H 31 6.28 9.70 -34.31
C THR H 31 5.17 9.51 -35.33
N ASN H 32 4.08 10.24 -35.15
CA ASN H 32 2.91 10.09 -36.02
C ASN H 32 2.97 10.91 -37.31
N LEU H 33 3.95 10.58 -38.14
CA LEU H 33 4.13 11.24 -39.42
C LEU H 33 4.20 10.24 -40.55
N HIS H 34 3.55 10.58 -41.64
CA HIS H 34 3.51 9.67 -42.77
C HIS H 34 3.94 10.38 -44.05
N TRP H 35 4.64 9.66 -44.94
CA TRP H 35 5.09 10.25 -46.20
C TRP H 35 4.33 9.70 -47.39
N TYR H 36 3.90 10.61 -48.24
CA TYR H 36 3.16 10.35 -49.47
C TYR H 36 3.82 10.96 -50.69
N GLN H 37 3.52 10.44 -51.87
CA GLN H 37 4.00 11.07 -53.09
C GLN H 37 2.87 11.21 -54.11
N GLN H 38 3.00 12.20 -54.97
CA GLN H 38 2.03 12.35 -56.06
C GLN H 38 2.71 12.85 -57.34
N LYS H 39 2.35 12.25 -58.45
CA LYS H 39 2.83 12.65 -59.77
C LYS H 39 1.71 13.43 -60.44
N PRO H 40 1.98 14.34 -61.37
CA PRO H 40 0.94 15.08 -62.06
C PRO H 40 -0.02 14.14 -62.73
N GLY H 41 -1.30 14.39 -62.53
CA GLY H 41 -2.36 13.59 -63.15
C GLY H 41 -2.65 12.29 -62.41
N GLN H 42 -1.92 12.01 -61.33
CA GLN H 42 -2.09 10.77 -60.61
C GLN H 42 -2.72 10.94 -59.25
N SER H 43 -3.27 9.84 -58.74
CA SER H 43 -3.80 9.83 -57.39
C SER H 43 -2.59 9.75 -56.45
N PRO H 44 -2.71 10.10 -55.16
CA PRO H 44 -1.67 9.98 -54.14
C PRO H 44 -1.28 8.54 -53.82
N LYS H 45 -0.05 8.34 -53.37
CA LYS H 45 0.41 7.03 -52.85
C LYS H 45 1.15 7.21 -51.53
N LEU H 46 0.92 6.28 -50.59
CA LEU H 46 1.61 6.29 -49.28
C LEU H 46 2.88 5.46 -49.34
N LEU H 47 4.00 6.05 -48.95
CA LEU H 47 5.27 5.33 -49.01
C LEU H 47 5.85 4.92 -47.67
N ILE H 48 5.80 5.80 -46.68
CA ILE H 48 6.35 5.50 -45.36
C ILE H 48 5.36 5.80 -44.28
N LYS H 49 5.19 4.89 -43.33
CA LYS H 49 4.25 5.19 -42.25
C LYS H 49 4.91 5.21 -40.88
N TYR H 50 4.31 5.97 -39.97
CA TYR H 50 4.81 6.05 -38.59
C TYR H 50 6.30 6.34 -38.54
N SER H 51 6.71 7.36 -39.27
CA SER H 51 8.09 7.85 -39.38
C SER H 51 9.05 6.92 -40.12
N SER H 52 9.21 5.67 -39.67
CA SER H 52 10.14 4.73 -40.29
C SER H 52 9.63 3.36 -40.74
N GLN H 53 8.33 3.12 -40.89
CA GLN H 53 7.94 1.77 -41.30
C GLN H 53 7.86 1.63 -42.80
N SER H 54 8.28 0.48 -43.30
CA SER H 54 8.19 0.19 -44.71
C SER H 54 6.81 -0.25 -45.10
N ILE H 55 6.49 -0.13 -46.38
CA ILE H 55 5.22 -0.54 -46.93
C ILE H 55 5.42 -1.42 -48.16
N SER H 56 4.72 -2.54 -48.22
CA SER H 56 4.86 -3.40 -49.38
C SER H 56 4.46 -2.59 -50.61
N GLY H 57 5.20 -2.75 -51.70
CA GLY H 57 4.89 -2.01 -52.91
C GLY H 57 5.76 -0.76 -53.05
N VAL H 58 6.55 -0.47 -52.01
CA VAL H 58 7.46 0.65 -52.01
C VAL H 58 8.89 0.14 -52.13
N PRO H 59 9.67 0.57 -53.12
CA PRO H 59 11.05 0.14 -53.33
C PRO H 59 11.90 0.39 -52.10
N SER H 60 12.86 -0.51 -51.87
CA SER H 60 13.76 -0.51 -50.73
C SER H 60 14.71 0.68 -50.67
N ARG H 61 14.81 1.38 -51.78
CA ARG H 61 15.64 2.57 -51.85
C ARG H 61 15.03 3.72 -51.05
N PHE H 62 13.74 3.62 -50.71
CA PHE H 62 13.08 4.68 -49.95
C PHE H 62 13.15 4.38 -48.47
N SER H 63 13.53 5.37 -47.70
CA SER H 63 13.60 5.23 -46.26
C SER H 63 13.48 6.57 -45.58
N GLY H 64 13.33 6.57 -44.26
CA GLY H 64 13.26 7.82 -43.55
C GLY H 64 13.09 7.59 -42.06
N SER H 65 13.16 8.69 -41.33
CA SER H 65 13.05 8.68 -39.87
C SER H 65 12.75 10.05 -39.32
N GLY H 66 12.43 10.10 -38.04
CA GLY H 66 12.22 11.36 -37.36
C GLY H 66 11.31 11.24 -36.17
N SER H 67 11.27 12.31 -35.40
CA SER H 67 10.43 12.38 -34.21
C SER H 67 10.23 13.82 -33.76
N GLY H 68 9.22 14.03 -32.93
CA GLY H 68 9.02 15.34 -32.35
C GLY H 68 8.59 16.29 -33.43
N THR H 69 9.44 17.26 -33.73
CA THR H 69 9.15 18.25 -34.74
C THR H 69 9.97 18.12 -36.00
N ASP H 70 10.89 17.14 -36.07
CA ASP H 70 11.80 17.06 -37.22
C ASP H 70 11.94 15.68 -37.87
N PHE H 71 11.54 15.63 -39.15
CA PHE H 71 11.53 14.40 -39.94
C PHE H 71 12.25 14.48 -41.30
N THR H 72 12.86 13.37 -41.72
CA THR H 72 13.57 13.30 -43.01
C THR H 72 13.19 12.12 -43.92
N LEU H 73 13.02 12.42 -45.21
CA LEU H 73 12.81 11.41 -46.25
C LEU H 73 14.03 11.31 -47.11
N THR H 74 14.46 10.10 -47.39
CA THR H 74 15.60 9.95 -48.29
C THR H 74 15.47 8.82 -49.29
N ILE H 75 16.20 8.98 -50.38
CA ILE H 75 16.31 7.97 -51.41
C ILE H 75 17.77 7.59 -51.56
N ASN H 76 18.07 6.29 -51.41
CA ASN H 76 19.45 5.82 -51.43
C ASN H 76 20.19 6.11 -52.72
N SER H 77 19.49 6.03 -53.83
CA SER H 77 20.01 6.29 -55.16
C SER H 77 18.84 6.66 -56.03
N LEU H 78 18.76 7.91 -56.41
CA LEU H 78 17.62 8.41 -57.15
C LEU H 78 17.40 7.83 -58.54
N GLU H 79 16.18 7.38 -58.81
CA GLU H 79 15.80 6.89 -60.12
C GLU H 79 14.95 7.89 -60.88
N ALA H 80 14.92 7.76 -62.20
CA ALA H 80 14.09 8.66 -63.02
C ALA H 80 12.62 8.57 -62.64
N ASP H 81 12.22 7.40 -62.21
CA ASP H 81 10.85 7.10 -61.87
C ASP H 81 10.43 7.71 -60.55
N ASP H 82 11.38 8.30 -59.83
CA ASP H 82 11.09 8.87 -58.53
C ASP H 82 10.72 10.34 -58.61
N ALA H 83 10.65 10.92 -59.81
CA ALA H 83 10.24 12.32 -59.83
C ALA H 83 8.82 12.38 -59.29
N ALA H 84 8.59 13.26 -58.33
CA ALA H 84 7.27 13.39 -57.70
C ALA H 84 7.27 14.55 -56.75
N THR H 85 6.09 14.98 -56.32
CA THR H 85 6.05 15.89 -55.20
C THR H 85 5.83 15.03 -53.99
N TYR H 86 6.66 15.22 -52.98
CA TYR H 86 6.56 14.44 -51.78
C TYR H 86 5.93 15.25 -50.66
N TYR H 87 5.09 14.59 -49.88
CA TYR H 87 4.34 15.26 -48.82
C TYR H 87 4.37 14.59 -47.46
N CYS H 88 4.30 15.41 -46.44
CA CYS H 88 4.12 14.87 -45.10
C CYS H 88 2.74 15.11 -44.54
N GLN H 89 2.25 14.11 -43.79
CA GLN H 89 0.99 14.24 -43.07
C GLN H 89 1.17 13.83 -41.63
N GLN H 90 0.43 14.48 -40.73
CA GLN H 90 0.47 14.12 -39.32
C GLN H 90 -0.88 13.64 -38.86
N THR H 91 -0.84 12.62 -38.02
CA THR H 91 -2.01 12.01 -37.44
C THR H 91 -2.01 12.07 -35.93
N ASN H 92 -1.21 12.95 -35.37
CA ASN H 92 -1.09 13.03 -33.93
C ASN H 92 -2.23 13.79 -33.29
N SER H 93 -2.69 14.83 -33.96
CA SER H 93 -3.72 15.66 -33.38
C SER H 93 -4.76 16.11 -34.39
N PHE H 94 -6.03 15.88 -34.05
CA PHE H 94 -7.16 16.22 -34.89
C PHE H 94 -7.40 17.73 -34.93
N PRO H 95 -7.65 18.33 -36.10
CA PRO H 95 -7.83 17.78 -37.43
C PRO H 95 -6.55 17.26 -37.93
N CYS H 96 -6.60 16.26 -38.78
CA CYS H 96 -5.37 15.79 -39.35
C CYS H 96 -4.89 16.85 -40.31
N THR H 97 -3.60 17.03 -40.41
CA THR H 97 -3.06 18.06 -41.29
C THR H 97 -1.93 17.55 -42.14
N PHE H 98 -1.52 18.38 -43.09
CA PHE H 98 -0.47 18.06 -44.03
C PHE H 98 0.35 19.28 -44.42
N GLY H 99 1.56 19.06 -44.90
CA GLY H 99 2.43 20.14 -45.36
C GLY H 99 2.18 20.48 -46.83
N PRO H 100 2.81 21.54 -47.35
CA PRO H 100 2.71 22.01 -48.72
C PRO H 100 3.34 21.12 -49.81
N GLY H 101 4.24 20.25 -49.42
CA GLY H 101 4.92 19.37 -50.37
C GLY H 101 6.24 19.93 -50.90
N THR H 102 7.15 19.03 -51.28
CA THR H 102 8.42 19.39 -51.93
C THR H 102 8.53 18.74 -53.28
N LYS H 103 8.76 19.53 -54.30
CA LYS H 103 8.85 18.94 -55.64
C LYS H 103 10.24 18.46 -55.95
N VAL H 104 10.37 17.21 -56.37
CA VAL H 104 11.68 16.71 -56.74
C VAL H 104 11.76 16.52 -58.26
N GLU H 105 12.64 17.32 -58.87
CA GLU H 105 12.88 17.36 -60.32
C GLU H 105 14.18 16.66 -60.64
N ILE H 106 14.19 15.79 -61.64
CA ILE H 106 15.38 15.02 -61.91
C ILE H 106 16.06 15.34 -63.24
N LYS H 107 17.36 15.63 -63.17
CA LYS H 107 18.19 15.94 -64.33
C LYS H 107 19.40 14.98 -64.40
N ASN I 3 -6.35 -26.57 -39.88
CA ASN I 3 -7.60 -26.34 -39.14
C ASN I 3 -7.32 -26.34 -37.65
N LEU I 4 -6.38 -25.52 -37.24
CA LEU I 4 -6.04 -25.39 -35.82
C LEU I 4 -6.55 -24.08 -35.28
N TRP I 5 -6.80 -24.09 -33.98
CA TRP I 5 -7.37 -22.97 -33.27
C TRP I 5 -6.52 -22.49 -32.10
N VAL I 6 -6.62 -21.21 -31.77
CA VAL I 6 -5.90 -20.68 -30.62
C VAL I 6 -6.57 -21.12 -29.32
N THR I 7 -5.76 -21.65 -28.40
CA THR I 7 -6.24 -22.00 -27.09
C THR I 7 -5.38 -21.30 -26.05
N VAL I 8 -6.04 -20.70 -25.09
CA VAL I 8 -5.37 -19.98 -24.02
C VAL I 8 -5.15 -20.88 -22.83
N TYR I 9 -3.92 -20.91 -22.34
CA TYR I 9 -3.58 -21.72 -21.18
C TYR I 9 -3.09 -20.90 -20.01
N TYR I 10 -3.66 -21.17 -18.83
CA TYR I 10 -3.24 -20.46 -17.64
C TYR I 10 -2.63 -21.36 -16.58
N GLY I 11 -1.45 -20.97 -16.09
CA GLY I 11 -0.72 -21.74 -15.08
C GLY I 11 0.49 -22.41 -15.73
N VAL I 12 0.93 -21.86 -16.83
CA VAL I 12 2.03 -22.39 -17.58
C VAL I 12 3.37 -22.19 -16.86
N PRO I 13 4.16 -23.25 -16.63
CA PRO I 13 5.41 -23.23 -15.89
C PRO I 13 6.60 -22.65 -16.64
N VAL I 14 6.55 -21.36 -16.92
CA VAL I 14 7.66 -20.69 -17.59
C VAL I 14 8.11 -19.45 -16.84
N TRP I 15 9.33 -19.02 -17.11
CA TRP I 15 9.88 -17.86 -16.44
C TRP I 15 10.91 -17.11 -17.25
N LYS I 16 11.16 -15.88 -16.80
CA LYS I 16 12.21 -15.03 -17.36
C LYS I 16 13.02 -14.37 -16.25
N ASP I 17 14.27 -14.04 -16.53
CA ASP I 17 15.11 -13.40 -15.53
C ASP I 17 14.51 -12.10 -15.09
N ALA I 18 14.60 -11.79 -13.80
CA ALA I 18 14.04 -10.53 -13.37
C ALA I 18 14.72 -9.99 -12.13
N GLU I 19 14.65 -8.69 -11.95
CA GLU I 19 15.21 -8.09 -10.76
C GLU I 19 14.12 -7.57 -9.84
N THR I 20 13.95 -8.21 -8.71
CA THR I 20 12.95 -7.82 -7.74
C THR I 20 13.58 -7.77 -6.38
N THR I 21 12.80 -7.35 -5.40
CA THR I 21 13.25 -7.28 -4.02
C THR I 21 12.99 -8.59 -3.31
N LEU I 22 13.99 -9.14 -2.64
CA LEU I 22 13.75 -10.35 -1.88
C LEU I 22 13.52 -10.01 -0.45
N PHE I 23 12.72 -10.82 0.23
CA PHE I 23 12.47 -10.51 1.63
C PHE I 23 13.13 -11.46 2.54
N CYS I 24 13.59 -10.90 3.62
CA CYS I 24 14.26 -11.65 4.66
C CYS I 24 13.29 -12.49 5.47
N ALA I 25 13.86 -13.42 6.21
CA ALA I 25 13.13 -14.24 7.17
C ALA I 25 14.01 -14.45 8.41
N SER I 26 13.36 -14.48 9.59
CA SER I 26 14.06 -14.59 10.88
C SER I 26 14.13 -16.01 11.48
N ASP I 27 14.99 -16.18 12.50
CA ASP I 27 15.20 -17.46 13.20
C ASP I 27 14.49 -17.66 14.54
N ALA I 28 13.48 -16.85 14.82
CA ALA I 28 12.72 -16.95 16.07
C ALA I 28 13.61 -16.73 17.27
N LYS I 29 13.76 -17.75 18.12
CA LYS I 29 14.55 -17.68 19.34
C LYS I 29 15.15 -16.30 19.59
N LYS I 35 17.44 -8.83 23.56
CA LYS I 35 16.77 -9.07 22.29
C LYS I 35 16.74 -7.78 21.49
N HIS I 36 17.85 -7.08 21.51
CA HIS I 36 18.03 -5.83 20.81
C HIS I 36 19.24 -5.96 19.92
N ASN I 37 19.38 -7.15 19.38
CA ASN I 37 20.48 -7.49 18.54
C ASN I 37 20.20 -7.11 17.09
N VAL I 38 20.01 -5.82 16.86
CA VAL I 38 19.81 -5.19 15.53
C VAL I 38 18.66 -5.74 14.69
N TRP I 39 18.85 -6.98 14.25
CA TRP I 39 18.00 -7.78 13.38
C TRP I 39 16.77 -8.14 14.17
N ALA I 40 16.97 -8.11 15.47
CA ALA I 40 15.96 -8.35 16.47
C ALA I 40 14.87 -7.28 16.42
N THR I 41 15.23 -6.02 16.08
CA THR I 41 14.26 -4.95 16.04
C THR I 41 13.65 -4.97 14.67
N HIS I 42 14.51 -5.01 13.67
CA HIS I 42 14.05 -5.05 12.29
C HIS I 42 13.89 -6.50 11.91
N ALA I 43 12.93 -7.11 12.59
CA ALA I 43 12.59 -8.50 12.50
C ALA I 43 11.93 -8.74 11.19
N CYS I 44 12.14 -9.93 10.65
CA CYS I 44 11.59 -10.31 9.37
C CYS I 44 10.41 -11.24 9.50
N VAL I 45 10.08 -11.53 10.75
CA VAL I 45 9.07 -12.50 11.17
C VAL I 45 9.67 -13.89 11.00
N PRO I 46 9.73 -14.69 12.05
CA PRO I 46 10.30 -16.02 12.02
C PRO I 46 9.68 -17.00 11.07
N THR I 47 10.55 -17.80 10.49
CA THR I 47 10.23 -18.92 9.61
C THR I 47 11.08 -20.05 10.16
N ASP I 48 10.92 -21.27 9.66
CA ASP I 48 11.71 -22.41 10.12
C ASP I 48 11.32 -23.67 9.34
N PRO I 49 10.06 -24.16 9.41
CA PRO I 49 9.60 -25.32 8.68
C PRO I 49 9.35 -24.96 7.25
N ASN I 50 10.42 -24.58 6.56
CA ASN I 50 10.33 -24.15 5.20
C ASN I 50 11.37 -24.79 4.26
N PRO I 51 11.53 -26.14 4.25
CA PRO I 51 12.41 -26.87 3.36
C PRO I 51 11.70 -27.02 2.03
N GLN I 52 11.36 -25.91 1.45
CA GLN I 52 10.56 -25.91 0.27
C GLN I 52 11.40 -26.04 -0.97
N GLU I 53 11.93 -27.25 -1.19
CA GLU I 53 12.83 -27.48 -2.34
C GLU I 53 12.35 -28.55 -3.31
N ILE I 54 12.21 -28.14 -4.58
CA ILE I 54 11.77 -29.02 -5.66
C ILE I 54 12.78 -29.24 -6.76
N HIS I 55 13.13 -30.49 -7.00
CA HIS I 55 14.10 -30.79 -8.04
C HIS I 55 13.51 -30.63 -9.43
N LEU I 56 14.24 -30.00 -10.33
CA LEU I 56 13.73 -29.89 -11.67
C LEU I 56 14.45 -30.87 -12.57
N GLU I 57 13.73 -31.49 -13.49
CA GLU I 57 14.39 -32.36 -14.45
C GLU I 57 14.73 -31.57 -15.68
N ASN I 58 15.84 -31.91 -16.29
CA ASN I 58 16.26 -31.22 -17.50
C ASN I 58 16.38 -29.71 -17.25
N VAL I 59 15.62 -28.91 -17.99
CA VAL I 59 15.62 -27.43 -17.89
C VAL I 59 16.95 -26.78 -17.51
N THR I 60 18.03 -27.10 -18.23
CA THR I 60 19.32 -26.49 -17.89
C THR I 60 19.18 -25.00 -18.03
N GLU I 61 19.67 -24.28 -17.03
CA GLU I 61 19.60 -22.82 -16.99
C GLU I 61 20.97 -22.24 -16.65
N GLU I 62 21.22 -20.99 -17.06
CA GLU I 62 22.51 -20.35 -16.76
C GLU I 62 22.51 -19.41 -15.58
N PHE I 63 23.65 -19.38 -14.91
CA PHE I 63 23.92 -18.51 -13.78
C PHE I 63 25.16 -17.65 -14.02
N ASN I 64 25.21 -16.49 -13.36
CA ASN I 64 26.41 -15.65 -13.38
C ASN I 64 26.51 -14.84 -12.11
N MET I 65 27.36 -15.29 -11.20
CA MET I 65 27.46 -14.67 -9.88
C MET I 65 27.97 -13.25 -9.87
N TRP I 66 28.58 -12.80 -10.95
CA TRP I 66 29.09 -11.45 -10.96
C TRP I 66 28.06 -10.46 -11.50
N LYS I 67 26.90 -10.98 -11.89
CA LYS I 67 25.80 -10.18 -12.42
C LYS I 67 24.56 -10.37 -11.57
N ASN I 68 24.73 -10.90 -10.37
CA ASN I 68 23.62 -11.21 -9.50
C ASN I 68 23.19 -10.00 -8.68
N ASN I 69 22.01 -9.47 -8.96
CA ASN I 69 21.52 -8.24 -8.33
C ASN I 69 21.19 -8.40 -6.85
N MET I 70 21.15 -9.63 -6.40
CA MET I 70 20.87 -9.90 -5.01
C MET I 70 21.99 -9.35 -4.17
N VAL I 71 23.20 -9.28 -4.72
CA VAL I 71 24.34 -8.82 -3.98
C VAL I 71 24.14 -7.37 -3.60
N GLU I 72 23.63 -6.60 -4.55
CA GLU I 72 23.43 -5.19 -4.32
C GLU I 72 22.36 -4.99 -3.27
N GLN I 73 21.35 -5.84 -3.26
CA GLN I 73 20.35 -5.68 -2.21
C GLN I 73 20.93 -5.96 -0.85
N MET I 74 21.77 -6.98 -0.74
CA MET I 74 22.27 -7.27 0.59
C MET I 74 23.06 -6.10 1.10
N HIS I 75 23.83 -5.48 0.22
CA HIS I 75 24.65 -4.35 0.58
C HIS I 75 23.77 -3.18 0.99
N THR I 76 22.77 -2.92 0.17
CA THR I 76 21.89 -1.78 0.35
C THR I 76 21.10 -1.85 1.64
N ASP I 77 20.55 -3.00 1.97
CA ASP I 77 19.75 -3.01 3.17
C ASP I 77 20.59 -3.16 4.40
N ILE I 78 21.73 -3.85 4.36
CA ILE I 78 22.47 -3.93 5.59
C ILE I 78 23.01 -2.56 5.95
N ILE I 79 23.41 -1.75 4.97
CA ILE I 79 23.95 -0.47 5.32
C ILE I 79 22.81 0.43 5.82
N SER I 80 21.62 0.31 5.24
CA SER I 80 20.51 1.11 5.70
C SER I 80 20.16 0.77 7.14
N LEU I 81 20.12 -0.52 7.45
CA LEU I 81 19.79 -0.96 8.79
C LEU I 81 20.85 -0.53 9.78
N TRP I 82 22.12 -0.57 9.37
CA TRP I 82 23.19 -0.13 10.22
C TRP I 82 22.89 1.28 10.70
N ASP I 83 22.59 2.18 9.75
CA ASP I 83 22.30 3.54 10.11
C ASP I 83 21.05 3.68 10.93
N GLN I 84 20.02 2.91 10.61
CA GLN I 84 18.81 3.06 11.39
C GLN I 84 19.01 2.63 12.83
N SER I 85 19.80 1.59 13.05
CA SER I 85 20.05 1.11 14.39
C SER I 85 20.88 2.08 15.20
N LEU I 86 21.87 2.69 14.56
CA LEU I 86 22.75 3.61 15.27
C LEU I 86 22.41 5.08 15.19
N LYS I 87 21.46 5.48 14.37
CA LYS I 87 21.12 6.87 14.31
C LYS I 87 20.66 7.48 15.64
N PRO I 88 19.67 6.93 16.37
CA PRO I 88 19.12 7.53 17.58
C PRO I 88 19.96 7.28 18.81
N CYS I 89 21.21 7.73 18.79
CA CYS I 89 22.08 7.52 19.94
C CYS I 89 22.58 8.85 20.49
N VAL I 90 23.84 8.98 20.92
CA VAL I 90 24.17 10.22 21.66
C VAL I 90 24.59 11.49 20.87
N LYS I 91 25.37 11.35 19.77
CA LYS I 91 25.92 12.52 19.05
C LYS I 91 26.95 13.29 19.91
N LEU I 92 28.21 12.85 19.90
CA LEU I 92 29.23 13.38 20.80
C LEU I 92 29.88 14.67 20.33
N THR I 93 29.07 15.69 20.20
CA THR I 93 29.54 17.01 19.80
C THR I 93 30.58 17.52 20.80
N PRO I 94 30.36 17.43 22.12
CA PRO I 94 31.24 17.91 23.16
C PRO I 94 32.59 17.23 23.21
N LEU I 95 32.80 16.15 22.47
CA LEU I 95 34.09 15.50 22.57
C LEU I 95 35.03 15.99 21.49
N CYS I 96 34.56 16.87 20.62
CA CYS I 96 35.40 17.40 19.56
C CYS I 96 36.12 18.65 20.07
N VAL I 97 37.02 18.38 21.00
CA VAL I 97 37.80 19.36 21.79
C VAL I 97 39.29 19.05 21.85
N THR I 98 40.06 20.03 22.32
CA THR I 98 41.50 19.90 22.53
C THR I 98 41.83 18.90 23.62
N LEU I 99 42.82 18.05 23.36
CA LEU I 99 43.24 17.08 24.34
C LEU I 99 44.65 17.34 24.89
N GLN I 100 44.78 17.24 26.21
CA GLN I 100 46.10 17.36 26.82
C GLN I 100 46.56 15.95 27.14
N CYS I 101 47.52 15.46 26.38
CA CYS I 101 47.89 14.05 26.54
C CYS I 101 49.30 13.83 27.03
N THR I 102 49.42 12.75 27.80
CA THR I 102 50.68 12.19 28.27
C THR I 102 50.76 10.71 27.97
N ASN I 103 51.88 10.12 28.30
CA ASN I 103 52.07 8.70 28.04
C ASN I 103 51.59 7.86 29.21
N VAL I 104 51.08 6.67 28.93
CA VAL I 104 50.79 5.79 30.04
C VAL I 104 52.13 5.19 30.47
N THR I 105 52.43 5.25 31.77
CA THR I 105 53.71 4.81 32.33
C THR I 105 53.63 3.52 33.14
N ASN I 106 52.54 2.82 32.98
CA ASN I 106 52.27 1.58 33.67
C ASN I 106 53.09 0.45 33.06
N ASN I 107 52.93 -0.76 33.58
CA ASN I 107 53.79 -1.83 33.12
C ASN I 107 53.40 -2.30 31.73
N ILE I 108 54.01 -1.65 30.77
CA ILE I 108 53.77 -1.79 29.35
C ILE I 108 54.91 -2.48 28.64
N THR I 109 54.59 -3.50 27.87
CA THR I 109 55.62 -4.22 27.14
C THR I 109 56.14 -3.42 25.96
N ASP I 110 57.22 -3.90 25.37
CA ASP I 110 57.87 -3.18 24.28
C ASP I 110 56.97 -2.98 23.07
N ASP I 111 56.13 -3.95 22.81
CA ASP I 111 55.27 -3.96 21.65
C ASP I 111 54.10 -2.98 21.78
N MET I 112 53.94 -2.42 22.97
CA MET I 112 52.89 -1.48 23.25
C MET I 112 53.41 -0.08 23.50
N ARG I 113 54.68 0.17 23.26
CA ARG I 113 55.15 1.50 23.56
C ARG I 113 54.59 2.49 22.57
N GLY I 114 54.05 3.58 23.12
CA GLY I 114 53.48 4.66 22.32
C GLY I 114 52.01 4.44 21.97
N GLU I 115 51.46 3.26 22.30
CA GLU I 115 50.09 2.91 21.97
C GLU I 115 49.01 3.54 22.82
N LEU I 116 49.30 3.79 24.08
CA LEU I 116 48.29 4.30 24.98
C LEU I 116 48.57 5.68 25.49
N LYS I 117 47.58 6.54 25.33
CA LYS I 117 47.67 7.89 25.80
C LYS I 117 46.67 8.16 26.88
N ASN I 118 47.10 8.97 27.82
CA ASN I 118 46.25 9.42 28.91
C ASN I 118 45.89 10.88 28.69
N CYS I 119 44.66 11.14 28.29
CA CYS I 119 44.33 12.50 27.90
C CYS I 119 43.23 13.13 28.73
N SER I 120 43.43 14.38 29.07
CA SER I 120 42.42 15.15 29.79
C SER I 120 41.87 16.30 28.98
N PHE I 121 40.63 16.66 29.29
CA PHE I 121 39.96 17.75 28.60
C PHE I 121 38.80 18.37 29.37
N ASN I 122 38.35 19.53 28.90
CA ASN I 122 37.21 20.22 29.49
C ASN I 122 35.91 19.78 28.84
N MET I 123 35.15 18.99 29.57
CA MET I 123 33.92 18.38 29.11
C MET I 123 32.72 19.15 29.66
N THR I 124 31.61 19.11 28.94
CA THR I 124 30.38 19.74 29.38
C THR I 124 29.73 18.92 30.47
N THR I 125 28.75 19.51 31.12
CA THR I 125 27.99 18.86 32.19
C THR I 125 26.51 19.01 31.86
N GLU I 126 25.65 18.41 32.68
CA GLU I 126 24.21 18.53 32.49
C GLU I 126 23.68 19.91 32.80
N LEU I 127 24.42 20.67 33.57
CA LEU I 127 24.01 21.99 33.98
C LEU I 127 24.73 23.02 33.15
N ARG I 128 24.01 23.77 32.31
CA ARG I 128 24.70 24.65 31.36
C ARG I 128 25.22 25.96 31.91
N ASP I 129 26.13 25.83 32.87
CA ASP I 129 26.78 26.90 33.56
C ASP I 129 28.21 26.47 33.73
N LYS I 130 28.35 25.15 33.87
CA LYS I 130 29.62 24.58 34.32
C LYS I 130 30.27 23.56 33.39
N LYS I 131 31.58 23.42 33.58
CA LYS I 131 32.42 22.45 32.89
C LYS I 131 33.04 21.49 33.91
N GLN I 132 33.48 20.33 33.45
CA GLN I 132 34.15 19.37 34.32
C GLN I 132 35.46 18.88 33.71
N LYS I 133 36.39 18.48 34.58
CA LYS I 133 37.65 17.93 34.10
C LYS I 133 37.53 16.42 33.99
N VAL I 134 37.67 15.93 32.78
CA VAL I 134 37.50 14.52 32.48
C VAL I 134 38.68 13.97 31.73
N TYR I 135 38.99 12.73 32.00
CA TYR I 135 40.06 12.11 31.27
C TYR I 135 39.66 10.71 30.87
N SER I 136 40.31 10.21 29.84
CA SER I 136 40.14 8.85 29.32
C SER I 136 41.38 8.37 28.67
N LEU I 137 41.54 7.06 28.65
CA LEU I 137 42.64 6.58 27.87
C LEU I 137 42.17 6.50 26.44
N PHE I 138 43.12 6.67 25.54
CA PHE I 138 42.92 6.57 24.11
C PHE I 138 43.97 5.76 23.40
N TYR I 139 43.59 5.19 22.27
CA TYR I 139 44.54 4.49 21.44
C TYR I 139 45.05 5.45 20.40
N ARG I 140 46.34 5.36 20.09
CA ARG I 140 46.95 6.33 19.17
C ARG I 140 46.33 6.38 17.78
N LEU I 141 45.72 5.31 17.31
CA LEU I 141 45.17 5.33 15.97
C LEU I 141 43.99 6.27 15.80
N ASP I 142 43.35 6.66 16.91
CA ASP I 142 42.22 7.56 16.86
C ASP I 142 42.57 8.98 17.30
N VAL I 143 43.86 9.25 17.56
CA VAL I 143 44.25 10.56 18.10
C VAL I 143 45.37 11.21 17.28
N VAL I 144 45.24 12.51 17.07
CA VAL I 144 46.23 13.25 16.30
C VAL I 144 46.93 14.34 17.12
N GLN I 145 48.24 14.45 16.97
CA GLN I 145 48.97 15.50 17.64
C GLN I 145 48.88 16.76 16.81
N ILE I 146 48.61 17.90 17.46
CA ILE I 146 48.52 19.13 16.70
C ILE I 146 49.81 19.93 16.83
N TYR I 161 46.88 17.73 21.47
CA TYR I 161 46.30 16.70 20.65
C TYR I 161 44.83 16.96 20.36
N ARG I 162 44.23 16.09 19.56
CA ARG I 162 42.82 16.18 19.21
C ARG I 162 42.31 14.81 18.77
N LEU I 163 41.00 14.58 18.78
CA LEU I 163 40.54 13.34 18.20
C LEU I 163 40.79 13.45 16.71
N ILE I 164 41.23 12.37 16.11
CA ILE I 164 41.61 12.41 14.72
C ILE I 164 40.50 12.76 13.72
N ASN I 165 39.24 12.48 14.02
CA ASN I 165 38.18 12.81 13.07
C ASN I 165 37.43 14.11 13.40
N CYS I 166 37.93 14.85 14.38
CA CYS I 166 37.29 16.08 14.85
C CYS I 166 37.18 17.12 13.74
N ASN I 167 38.18 17.18 12.88
CA ASN I 167 38.18 18.21 11.85
C ASN I 167 37.49 17.75 10.58
N THR I 168 36.89 16.59 10.61
CA THR I 168 36.31 16.10 9.39
C THR I 168 34.80 15.98 9.47
N SER I 169 34.30 15.30 10.50
CA SER I 169 32.86 15.07 10.55
C SER I 169 32.34 14.73 11.95
N ALA I 170 31.02 14.70 12.08
CA ALA I 170 30.37 14.40 13.34
C ALA I 170 30.67 13.00 13.85
N ILE I 171 30.82 12.91 15.17
CA ILE I 171 31.10 11.68 15.89
C ILE I 171 29.99 11.33 16.86
N THR I 172 29.60 10.06 16.90
CA THR I 172 28.56 9.65 17.82
C THR I 172 29.07 8.54 18.71
N GLN I 173 28.18 8.00 19.52
CA GLN I 173 28.47 6.87 20.40
C GLN I 173 27.42 5.86 20.16
N ALA I 174 27.86 4.67 19.85
CA ALA I 174 26.95 3.60 19.58
C ALA I 174 26.14 3.31 20.81
N CYS I 175 24.87 3.02 20.63
CA CYS I 175 24.04 2.71 21.74
C CYS I 175 24.56 1.44 22.42
N PRO I 176 24.76 1.44 23.76
CA PRO I 176 25.34 0.37 24.55
C PRO I 176 24.52 -0.89 24.62
N LYS I 177 23.25 -0.80 24.25
CA LYS I 177 22.38 -1.95 24.31
C LYS I 177 22.11 -2.53 22.94
N VAL I 178 22.76 -1.98 21.92
CA VAL I 178 22.54 -2.45 20.56
C VAL I 178 23.69 -3.32 20.14
N SER I 179 23.40 -4.55 19.76
CA SER I 179 24.49 -5.47 19.43
C SER I 179 24.38 -6.07 18.07
N PHE I 180 25.35 -5.73 17.22
CA PHE I 180 25.28 -6.19 15.84
C PHE I 180 25.89 -7.58 15.72
N GLU I 181 25.17 -8.54 16.26
CA GLU I 181 25.54 -9.94 16.26
C GLU I 181 25.32 -10.47 14.85
N PRO I 182 26.21 -11.31 14.30
CA PRO I 182 26.09 -11.90 13.00
C PRO I 182 25.08 -13.05 12.94
N ILE I 183 23.83 -12.68 13.10
CA ILE I 183 22.68 -13.57 13.07
C ILE I 183 22.38 -13.93 11.62
N PRO I 184 22.26 -15.21 11.24
CA PRO I 184 22.00 -15.60 9.87
C PRO I 184 20.64 -15.13 9.44
N ILE I 185 20.57 -14.59 8.24
CA ILE I 185 19.31 -14.11 7.67
C ILE I 185 18.96 -14.93 6.45
N HIS I 186 17.70 -15.37 6.35
CA HIS I 186 17.27 -16.16 5.19
C HIS I 186 16.51 -15.28 4.23
N TYR I 187 16.60 -15.53 2.91
CA TYR I 187 15.78 -14.75 1.96
C TYR I 187 14.80 -15.58 1.18
N CYS I 188 13.63 -15.01 0.96
CA CYS I 188 12.56 -15.67 0.25
C CYS I 188 11.99 -14.83 -0.88
N ALA I 189 11.44 -15.51 -1.87
CA ALA I 189 10.80 -14.80 -2.95
C ALA I 189 9.45 -14.20 -2.51
N PRO I 190 9.05 -13.06 -3.10
CA PRO I 190 7.74 -12.46 -3.05
C PRO I 190 6.84 -13.24 -3.99
N ALA I 191 5.55 -13.10 -3.85
CA ALA I 191 4.66 -13.79 -4.77
C ALA I 191 4.93 -13.35 -6.19
N GLY I 192 4.86 -14.30 -7.11
CA GLY I 192 5.09 -14.05 -8.53
C GLY I 192 6.52 -14.39 -8.94
N PHE I 193 7.36 -14.65 -7.95
CA PHE I 193 8.76 -14.96 -8.16
C PHE I 193 9.21 -16.27 -7.52
N ALA I 194 10.29 -16.82 -8.05
CA ALA I 194 10.86 -18.03 -7.49
C ALA I 194 12.37 -18.02 -7.58
N ILE I 195 13.01 -18.77 -6.68
CA ILE I 195 14.45 -18.80 -6.69
C ILE I 195 15.01 -20.12 -7.19
N LEU I 196 15.90 -20.04 -8.14
CA LEU I 196 16.52 -21.21 -8.71
C LEU I 196 17.89 -21.41 -8.08
N LYS I 197 18.10 -22.60 -7.52
CA LYS I 197 19.35 -22.94 -6.86
C LYS I 197 20.19 -23.89 -7.70
N CYS I 198 21.45 -23.53 -7.90
CA CYS I 198 22.34 -24.36 -8.69
C CYS I 198 23.05 -25.38 -7.82
N LYS I 199 22.88 -26.66 -8.15
CA LYS I 199 23.49 -27.75 -7.39
C LYS I 199 24.67 -28.37 -8.10
N ASP I 200 25.10 -27.78 -9.19
CA ASP I 200 26.20 -28.33 -9.98
C ASP I 200 27.47 -28.40 -9.16
N LYS I 201 28.07 -29.57 -9.13
CA LYS I 201 29.29 -29.74 -8.36
C LYS I 201 30.42 -29.11 -9.12
N LYS I 202 31.28 -28.42 -8.39
CA LYS I 202 32.42 -27.74 -8.96
C LYS I 202 32.01 -26.69 -10.00
N PHE I 203 30.92 -25.99 -9.72
CA PHE I 203 30.46 -24.92 -10.57
C PHE I 203 31.44 -23.78 -10.35
N ASN I 204 31.88 -23.12 -11.41
CA ASN I 204 32.88 -22.07 -11.24
C ASN I 204 32.30 -20.67 -11.15
N GLY I 205 31.00 -20.59 -11.02
CA GLY I 205 30.30 -19.32 -10.89
C GLY I 205 29.55 -18.83 -12.13
N THR I 206 29.87 -19.37 -13.32
CA THR I 206 29.12 -18.92 -14.49
C THR I 206 28.71 -20.04 -15.44
N GLY I 207 27.71 -19.75 -16.26
CA GLY I 207 27.31 -20.62 -17.35
C GLY I 207 26.26 -21.62 -16.92
N PRO I 208 25.98 -22.61 -17.76
CA PRO I 208 24.97 -23.62 -17.58
C PRO I 208 25.17 -24.42 -16.33
N CYS I 209 24.07 -24.70 -15.66
CA CYS I 209 24.01 -25.49 -14.46
C CYS I 209 22.99 -26.62 -14.69
N PRO I 210 23.42 -27.82 -15.06
CA PRO I 210 22.61 -28.99 -15.39
C PRO I 210 21.69 -29.49 -14.28
N SER I 211 21.96 -29.11 -13.04
CA SER I 211 21.14 -29.57 -11.94
C SER I 211 20.68 -28.41 -11.09
N VAL I 212 19.39 -28.12 -11.23
CA VAL I 212 18.76 -26.99 -10.58
C VAL I 212 17.50 -27.37 -9.86
N SER I 213 17.30 -26.78 -8.69
CA SER I 213 16.07 -26.96 -7.94
C SER I 213 15.43 -25.62 -7.67
N THR I 214 14.13 -25.63 -7.48
CA THR I 214 13.42 -24.39 -7.18
C THR I 214 13.09 -24.31 -5.71
N VAL I 215 13.37 -23.17 -5.11
CA VAL I 215 13.09 -23.04 -3.71
C VAL I 215 12.25 -21.83 -3.36
N GLN I 216 11.63 -21.91 -2.19
CA GLN I 216 10.90 -20.78 -1.65
C GLN I 216 11.87 -19.79 -1.06
N CYS I 217 12.85 -20.33 -0.32
CA CYS I 217 13.83 -19.53 0.40
C CYS I 217 15.22 -20.10 0.30
N THR I 218 16.21 -19.25 0.59
CA THR I 218 17.61 -19.59 0.64
C THR I 218 17.97 -20.03 2.04
N HIS I 219 19.16 -20.58 2.18
CA HIS I 219 19.64 -20.91 3.50
C HIS I 219 20.02 -19.60 4.17
N GLY I 220 20.36 -19.65 5.45
CA GLY I 220 20.71 -18.40 6.11
C GLY I 220 22.13 -18.01 5.84
N ILE I 221 22.38 -16.71 5.76
CA ILE I 221 23.71 -16.17 5.60
C ILE I 221 24.03 -15.18 6.69
N LYS I 222 25.17 -15.36 7.34
CA LYS I 222 25.56 -14.44 8.39
C LYS I 222 26.17 -13.20 7.77
N PRO I 223 25.82 -11.99 8.22
CA PRO I 223 26.31 -10.72 7.73
C PRO I 223 27.69 -10.42 8.25
N VAL I 224 28.65 -11.23 7.87
CA VAL I 224 29.99 -11.04 8.34
C VAL I 224 30.77 -10.11 7.45
N VAL I 225 31.32 -9.07 8.03
CA VAL I 225 32.11 -8.14 7.28
C VAL I 225 33.54 -8.25 7.73
N SER I 226 34.41 -8.57 6.78
CA SER I 226 35.83 -8.77 7.04
C SER I 226 36.64 -8.46 5.80
N THR I 227 37.94 -8.42 5.99
CA THR I 227 38.85 -8.22 4.85
C THR I 227 39.80 -9.39 4.68
N GLN I 228 40.31 -9.60 3.48
CA GLN I 228 41.33 -10.62 3.17
C GLN I 228 40.86 -12.07 3.34
N LEU I 229 40.52 -12.45 4.58
CA LEU I 229 40.00 -13.76 4.86
C LEU I 229 38.54 -13.67 5.23
N LEU I 230 37.83 -14.63 4.66
CA LEU I 230 36.41 -14.78 4.81
C LEU I 230 36.17 -15.72 5.94
N LEU I 231 35.45 -15.23 6.93
CA LEU I 231 35.20 -15.99 8.12
C LEU I 231 33.76 -16.44 8.24
N ASN I 232 33.60 -17.61 8.85
CA ASN I 232 32.32 -18.20 9.22
C ASN I 232 31.35 -18.33 8.05
N GLY I 233 31.82 -18.67 6.87
CA GLY I 233 30.95 -18.88 5.74
C GLY I 233 30.78 -20.36 5.49
N SER I 234 30.34 -20.72 4.30
CA SER I 234 30.16 -22.12 3.98
C SER I 234 31.48 -22.70 3.49
N LEU I 235 31.56 -24.03 3.48
CA LEU I 235 32.75 -24.71 2.98
C LEU I 235 32.47 -25.37 1.67
N ALA I 236 33.49 -25.52 0.85
CA ALA I 236 33.38 -26.21 -0.43
C ALA I 236 33.08 -27.68 -0.17
N GLU I 237 32.29 -28.30 -1.05
CA GLU I 237 31.91 -29.70 -0.88
C GLU I 237 33.02 -30.72 -1.05
N GLU I 238 33.90 -30.52 -2.01
CA GLU I 238 34.94 -31.51 -2.28
C GLU I 238 36.35 -30.93 -2.40
N GLU I 239 36.51 -29.96 -3.29
CA GLU I 239 37.80 -29.39 -3.63
C GLU I 239 37.85 -27.93 -3.28
N VAL I 240 39.05 -27.40 -3.15
CA VAL I 240 39.15 -25.97 -2.95
C VAL I 240 38.79 -25.35 -4.29
N MET I 241 37.88 -24.41 -4.26
CA MET I 241 37.47 -23.78 -5.51
C MET I 241 38.07 -22.43 -5.69
N ILE I 242 38.55 -22.16 -6.90
CA ILE I 242 39.08 -20.86 -7.18
C ILE I 242 38.34 -20.30 -8.36
N ARG I 243 37.74 -19.13 -8.18
CA ARG I 243 37.00 -18.52 -9.27
C ARG I 243 37.14 -17.01 -9.31
N SER I 244 36.99 -16.44 -10.48
CA SER I 244 37.00 -14.99 -10.60
C SER I 244 36.24 -14.61 -11.84
N GLU I 245 35.88 -13.34 -11.96
CA GLU I 245 35.20 -12.86 -13.14
C GLU I 245 36.03 -13.17 -14.38
N ASN I 246 37.35 -12.98 -14.25
CA ASN I 246 38.30 -13.25 -15.31
C ASN I 246 39.62 -13.73 -14.72
N ILE I 247 39.96 -14.97 -14.97
CA ILE I 247 41.14 -15.62 -14.43
C ILE I 247 42.41 -14.93 -14.81
N THR I 248 42.47 -14.43 -16.02
CA THR I 248 43.69 -13.83 -16.52
C THR I 248 43.74 -12.32 -16.37
N ASN I 249 42.78 -11.72 -15.69
CA ASN I 249 42.79 -10.27 -15.53
C ASN I 249 43.40 -9.89 -14.19
N ASN I 250 44.57 -9.26 -14.18
CA ASN I 250 45.24 -8.98 -12.91
C ASN I 250 44.62 -7.79 -12.17
N ALA I 251 43.61 -7.18 -12.76
CA ALA I 251 42.90 -6.09 -12.14
C ALA I 251 41.72 -6.61 -11.32
N LYS I 252 41.47 -7.91 -11.35
CA LYS I 252 40.35 -8.49 -10.66
C LYS I 252 40.71 -9.29 -9.42
N ASN I 253 39.77 -9.34 -8.47
CA ASN I 253 39.92 -10.14 -7.26
C ASN I 253 39.52 -11.59 -7.51
N ILE I 254 40.31 -12.50 -6.94
CA ILE I 254 40.13 -13.94 -7.04
C ILE I 254 39.58 -14.52 -5.75
N LEU I 255 38.48 -15.24 -5.87
CA LEU I 255 37.84 -15.83 -4.71
C LEU I 255 38.20 -17.29 -4.52
N VAL I 256 38.73 -17.60 -3.34
CA VAL I 256 39.15 -18.93 -2.97
C VAL I 256 38.29 -19.50 -1.84
N GLN I 257 37.65 -20.64 -2.09
CA GLN I 257 36.82 -21.27 -1.06
C GLN I 257 37.41 -22.58 -0.61
N PHE I 258 37.67 -22.68 0.67
CA PHE I 258 38.32 -23.87 1.18
C PHE I 258 37.30 -24.97 1.41
N ASN I 259 37.74 -26.23 1.28
CA ASN I 259 36.88 -27.37 1.60
C ASN I 259 37.11 -27.85 3.02
N THR I 260 38.02 -27.18 3.71
CA THR I 260 38.39 -27.49 5.06
C THR I 260 38.46 -26.20 5.85
N PRO I 261 37.78 -26.06 6.99
CA PRO I 261 37.84 -24.88 7.82
C PRO I 261 39.14 -24.82 8.57
N VAL I 262 39.63 -23.62 8.85
CA VAL I 262 40.79 -23.44 9.71
C VAL I 262 40.49 -22.50 10.86
N GLN I 263 40.77 -22.89 12.09
CA GLN I 263 40.43 -21.97 13.16
C GLN I 263 41.47 -20.90 13.40
N ILE I 264 40.98 -19.70 13.72
CA ILE I 264 41.85 -18.60 14.12
C ILE I 264 41.41 -18.10 15.48
N ASN I 265 42.37 -18.01 16.39
CA ASN I 265 42.08 -17.59 17.75
C ASN I 265 42.55 -16.18 18.04
N CYS I 266 41.64 -15.26 18.21
CA CYS I 266 42.07 -13.88 18.46
C CYS I 266 41.73 -13.47 19.88
N THR I 267 42.65 -12.73 20.49
CA THR I 267 42.40 -12.26 21.85
C THR I 267 42.72 -10.80 22.03
N ARG I 268 42.06 -10.23 23.02
CA ARG I 268 42.35 -8.88 23.44
C ARG I 268 42.61 -8.93 24.96
N PRO I 269 43.85 -8.77 25.40
CA PRO I 269 44.33 -8.81 26.78
C PRO I 269 44.02 -7.48 27.42
N ASN I 270 44.45 -7.31 28.67
CA ASN I 270 44.32 -6.06 29.41
C ASN I 270 42.94 -5.84 29.98
N ASN I 271 42.67 -6.54 31.07
CA ASN I 271 41.38 -6.46 31.73
C ASN I 271 41.09 -5.02 32.09
N ASN I 272 39.94 -4.51 31.66
CA ASN I 272 39.64 -3.11 31.97
C ASN I 272 38.17 -2.86 32.28
N THR I 273 37.87 -1.62 32.58
CA THR I 273 36.54 -1.12 32.88
C THR I 273 36.27 0.15 32.14
N ARG I 274 35.08 0.66 32.36
CA ARG I 274 34.68 1.89 31.71
C ARG I 274 33.99 2.81 32.68
N LYS I 275 34.05 4.10 32.40
CA LYS I 275 33.39 5.04 33.28
C LYS I 275 32.25 5.70 32.56
N SER I 276 31.14 5.82 33.27
CA SER I 276 29.96 6.48 32.72
C SER I 276 29.98 7.94 33.11
N ILE I 277 30.18 8.80 32.14
CA ILE I 277 30.31 10.21 32.40
C ILE I 277 29.09 10.95 31.90
N ARG I 278 28.49 11.74 32.76
CA ARG I 278 27.33 12.49 32.33
C ARG I 278 27.84 13.65 31.51
N ILE I 279 27.29 13.85 30.30
CA ILE I 279 27.77 14.94 29.47
C ILE I 279 26.69 15.97 29.19
N GLY I 280 25.45 15.59 29.45
CA GLY I 280 24.33 16.46 29.21
C GLY I 280 23.05 15.90 29.85
N PRO I 281 21.93 16.60 29.74
CA PRO I 281 20.65 16.25 30.32
C PRO I 281 20.03 15.07 29.63
N GLY I 282 20.48 13.88 30.04
CA GLY I 282 20.08 12.60 29.46
C GLY I 282 21.13 12.00 28.54
N GLN I 283 22.31 12.59 28.51
CA GLN I 283 23.37 12.08 27.64
C GLN I 283 24.57 11.61 28.42
N TRP I 284 25.04 10.42 28.07
CA TRP I 284 26.18 9.82 28.73
C TRP I 284 27.26 9.39 27.76
N PHE I 285 28.51 9.56 28.18
CA PHE I 285 29.69 9.14 27.45
C PHE I 285 30.44 8.04 28.15
N TYR I 286 30.91 7.06 27.39
CA TYR I 286 31.71 6.01 28.02
C TYR I 286 33.21 6.17 27.80
N ALA I 287 33.91 6.36 28.91
CA ALA I 287 35.35 6.58 28.97
C ALA I 287 36.09 5.28 29.25
N THR I 288 37.33 5.18 28.81
CA THR I 288 38.17 4.01 29.08
C THR I 288 38.96 4.21 30.37
N GLY I 289 38.84 3.26 31.30
CA GLY I 289 39.52 3.36 32.58
C GLY I 289 40.93 2.80 32.54
N ASP I 290 41.57 2.74 33.70
CA ASP I 290 42.93 2.22 33.80
C ASP I 290 42.95 0.71 33.61
N ILE I 291 44.01 0.19 33.04
CA ILE I 291 44.15 -1.25 32.86
C ILE I 291 44.57 -1.97 34.13
N ILE I 292 43.90 -3.09 34.39
CA ILE I 292 44.19 -3.92 35.54
C ILE I 292 45.24 -4.94 35.12
N GLY I 293 46.36 -4.95 35.81
CA GLY I 293 47.44 -5.86 35.46
C GLY I 293 48.34 -5.26 34.39
N ASP I 294 49.21 -6.09 33.83
CA ASP I 294 50.20 -5.66 32.86
C ASP I 294 49.55 -5.37 31.52
N ILE I 295 50.21 -4.54 30.72
CA ILE I 295 49.70 -4.15 29.42
C ILE I 295 50.39 -4.84 28.23
N ARG I 296 49.58 -5.54 27.45
CA ARG I 296 49.98 -6.33 26.28
C ARG I 296 49.19 -5.98 25.02
N GLN I 297 49.70 -6.35 23.85
CA GLN I 297 49.00 -6.11 22.60
C GLN I 297 48.02 -7.20 22.21
N ALA I 298 47.03 -6.83 21.40
CA ALA I 298 46.09 -7.78 20.84
C ALA I 298 46.82 -8.61 19.82
N HIS I 299 46.37 -9.85 19.63
CA HIS I 299 47.00 -10.74 18.66
C HIS I 299 46.11 -11.93 18.27
N CYS I 300 46.47 -12.60 17.17
CA CYS I 300 45.78 -13.81 16.72
C CYS I 300 46.69 -15.02 16.51
N ASN I 301 46.18 -16.22 16.80
CA ASN I 301 46.88 -17.48 16.61
C ASN I 301 46.34 -18.34 15.48
N VAL I 302 47.25 -18.75 14.61
CA VAL I 302 46.95 -19.62 13.49
C VAL I 302 47.83 -20.88 13.57
N SER I 303 47.24 -22.05 13.33
CA SER I 303 48.02 -23.27 13.38
C SER I 303 48.83 -23.39 12.09
N LYS I 304 50.15 -23.43 12.25
CA LYS I 304 51.04 -23.46 11.10
C LYS I 304 50.83 -24.68 10.22
N ALA I 305 50.43 -25.78 10.83
CA ALA I 305 50.24 -26.98 10.07
C ALA I 305 49.13 -26.83 9.07
N THR I 306 48.06 -26.14 9.44
CA THR I 306 46.94 -26.11 8.55
C THR I 306 47.05 -24.96 7.61
N TRP I 307 47.78 -23.93 8.01
CA TRP I 307 47.98 -22.83 7.10
C TRP I 307 48.80 -23.35 5.93
N ASN I 308 49.86 -24.12 6.23
CA ASN I 308 50.67 -24.65 5.16
C ASN I 308 49.85 -25.55 4.26
N GLU I 309 48.97 -26.38 4.83
CA GLU I 309 48.17 -27.25 3.99
C GLU I 309 47.23 -26.48 3.08
N THR I 310 46.59 -25.43 3.58
CA THR I 310 45.66 -24.78 2.69
C THR I 310 46.37 -24.05 1.59
N LEU I 311 47.54 -23.47 1.84
CA LEU I 311 48.17 -22.79 0.73
C LEU I 311 48.61 -23.79 -0.31
N GLY I 312 49.09 -24.97 0.11
CA GLY I 312 49.52 -25.95 -0.86
C GLY I 312 48.34 -26.38 -1.73
N LYS I 313 47.17 -26.54 -1.11
CA LYS I 313 45.98 -26.93 -1.84
C LYS I 313 45.58 -25.86 -2.84
N VAL I 314 45.71 -24.59 -2.43
CA VAL I 314 45.39 -23.49 -3.31
C VAL I 314 46.30 -23.49 -4.50
N VAL I 315 47.59 -23.69 -4.28
CA VAL I 315 48.53 -23.71 -5.37
C VAL I 315 48.24 -24.85 -6.32
N LYS I 316 47.96 -26.04 -5.79
CA LYS I 316 47.66 -27.15 -6.67
C LYS I 316 46.54 -26.76 -7.62
N GLN I 317 45.53 -26.07 -7.10
CA GLN I 317 44.43 -25.63 -7.94
C GLN I 317 44.80 -24.42 -8.82
N LEU I 318 45.63 -23.48 -8.35
CA LEU I 318 45.99 -22.34 -9.17
C LEU I 318 46.73 -22.78 -10.40
N ARG I 319 47.53 -23.82 -10.26
CA ARG I 319 48.33 -24.35 -11.34
C ARG I 319 47.47 -24.80 -12.51
N LYS I 320 46.20 -25.11 -12.28
CA LYS I 320 45.33 -25.52 -13.36
C LYS I 320 45.23 -24.44 -14.42
N HIS I 321 45.31 -23.17 -14.01
CA HIS I 321 45.19 -22.10 -14.98
C HIS I 321 46.50 -21.38 -15.22
N PHE I 322 47.44 -21.49 -14.28
CA PHE I 322 48.68 -20.75 -14.44
C PHE I 322 49.91 -21.59 -14.82
N GLY I 323 49.77 -22.92 -14.87
CA GLY I 323 50.85 -23.83 -15.25
C GLY I 323 51.38 -24.61 -14.06
N ASN I 324 51.57 -25.91 -14.23
CA ASN I 324 52.06 -26.70 -13.11
C ASN I 324 53.58 -26.76 -13.09
N ASN I 325 54.17 -25.96 -13.94
CA ASN I 325 55.59 -25.78 -14.02
C ASN I 325 55.87 -24.31 -13.71
N THR I 326 54.86 -23.63 -13.16
CA THR I 326 54.97 -22.24 -12.80
C THR I 326 55.08 -22.13 -11.31
N ILE I 327 56.09 -21.45 -10.84
CA ILE I 327 56.23 -21.26 -9.41
C ILE I 327 55.28 -20.21 -8.92
N ILE I 328 54.57 -20.53 -7.84
CA ILE I 328 53.64 -19.59 -7.27
C ILE I 328 54.06 -19.14 -5.89
N ARG I 329 54.10 -17.83 -5.72
CA ARG I 329 54.48 -17.23 -4.47
C ARG I 329 53.35 -16.45 -3.82
N PHE I 330 53.31 -16.48 -2.51
CA PHE I 330 52.39 -15.66 -1.74
C PHE I 330 53.19 -14.56 -1.08
N ALA I 331 52.63 -13.36 -1.09
CA ALA I 331 53.31 -12.21 -0.54
C ALA I 331 52.37 -11.25 0.19
N ASN I 332 52.97 -10.28 0.85
CA ASN I 332 52.28 -9.34 1.72
C ASN I 332 51.29 -8.41 1.03
N SER I 333 50.30 -8.02 1.82
CA SER I 333 49.21 -7.14 1.44
C SER I 333 49.62 -5.68 1.36
N SER I 334 50.52 -5.37 0.47
CA SER I 334 50.98 -4.00 0.34
C SER I 334 49.83 -3.10 -0.08
N GLY I 335 49.79 -1.90 0.51
CA GLY I 335 48.74 -0.92 0.24
C GLY I 335 48.92 0.30 1.13
N GLY I 336 48.04 1.30 1.00
CA GLY I 336 48.18 2.55 1.76
C GLY I 336 47.41 2.75 3.07
N ASP I 337 46.63 1.79 3.56
CA ASP I 337 45.88 2.06 4.80
C ASP I 337 45.48 0.81 5.59
N LEU I 338 44.88 0.99 6.76
CA LEU I 338 44.48 -0.14 7.60
C LEU I 338 43.40 -0.97 6.96
N GLU I 339 42.53 -0.30 6.24
CA GLU I 339 41.38 -0.93 5.64
C GLU I 339 41.77 -1.64 4.36
N VAL I 340 43.04 -1.51 4.00
CA VAL I 340 43.57 -2.09 2.81
C VAL I 340 44.54 -3.22 3.14
N THR I 341 45.44 -2.97 4.09
CA THR I 341 46.51 -3.92 4.36
C THR I 341 46.26 -4.91 5.49
N THR I 342 45.31 -4.64 6.38
CA THR I 342 45.11 -5.53 7.52
C THR I 342 43.85 -6.37 7.41
N HIS I 343 43.77 -7.34 8.32
CA HIS I 343 42.62 -8.23 8.42
C HIS I 343 41.65 -7.67 9.44
N SER I 344 40.50 -7.24 8.96
CA SER I 344 39.50 -6.66 9.81
C SER I 344 38.56 -7.69 10.38
N PHE I 345 38.39 -7.60 11.71
CA PHE I 345 37.53 -8.43 12.56
C PHE I 345 36.67 -7.55 13.46
N ASN I 346 35.55 -8.08 13.91
CA ASN I 346 34.73 -7.39 14.90
C ASN I 346 34.28 -8.38 15.97
N CYS I 347 34.91 -8.32 17.13
CA CYS I 347 34.60 -9.27 18.19
C CYS I 347 34.33 -8.54 19.49
N GLY I 348 33.17 -8.80 20.09
CA GLY I 348 32.87 -8.18 21.39
C GLY I 348 32.48 -6.73 21.21
N GLY I 349 32.33 -6.31 19.97
CA GLY I 349 32.03 -4.95 19.61
C GLY I 349 33.32 -4.17 19.33
N GLU I 350 34.49 -4.79 19.48
CA GLU I 350 35.72 -4.09 19.21
C GLU I 350 36.20 -4.38 17.81
N PHE I 351 36.79 -3.38 17.20
CA PHE I 351 37.27 -3.49 15.85
C PHE I 351 38.77 -3.66 15.81
N PHE I 352 39.17 -4.73 15.15
CA PHE I 352 40.55 -5.16 15.07
C PHE I 352 41.10 -5.04 13.67
N TYR I 353 42.37 -4.69 13.60
CA TYR I 353 43.17 -4.54 12.39
C TYR I 353 44.45 -5.36 12.53
N CYS I 354 44.39 -6.63 12.11
CA CYS I 354 45.49 -7.53 12.39
C CYS I 354 46.45 -7.70 11.22
N ASN I 355 47.72 -7.95 11.56
CA ASN I 355 48.82 -8.12 10.61
C ASN I 355 48.94 -9.54 10.07
N THR I 356 48.70 -9.71 8.78
CA THR I 356 48.69 -11.00 8.10
C THR I 356 49.92 -11.26 7.24
N SER I 357 50.94 -10.43 7.40
CA SER I 357 52.16 -10.58 6.62
C SER I 357 52.87 -11.87 6.96
N GLY I 358 52.56 -12.42 8.13
CA GLY I 358 53.15 -13.65 8.61
C GLY I 358 52.47 -14.86 8.01
N LEU I 359 51.37 -14.65 7.29
CA LEU I 359 50.66 -15.74 6.69
C LEU I 359 51.00 -15.85 5.21
N PHE I 360 51.03 -14.71 4.54
CA PHE I 360 51.28 -14.71 3.11
C PHE I 360 52.75 -14.53 2.82
N ASN I 361 53.51 -15.54 3.19
CA ASN I 361 54.96 -15.54 3.06
C ASN I 361 55.48 -16.90 2.64
N SER I 362 55.27 -17.26 1.37
CA SER I 362 55.65 -18.61 0.95
C SER I 362 55.82 -18.82 -0.53
N THR I 363 56.85 -19.58 -0.92
CA THR I 363 57.04 -19.86 -2.35
C THR I 363 56.85 -21.35 -2.62
N TRP I 364 55.99 -21.63 -3.57
CA TRP I 364 55.63 -22.99 -3.96
C TRP I 364 56.02 -23.25 -5.41
N ILE I 382 51.71 -19.80 14.56
CA ILE I 382 51.86 -18.50 13.93
C ILE I 382 51.21 -17.40 14.75
N THR I 383 52.01 -16.43 15.18
CA THR I 383 51.43 -15.32 15.94
C THR I 383 51.32 -14.09 15.06
N LEU I 384 50.12 -13.55 14.99
CA LEU I 384 49.84 -12.36 14.24
C LEU I 384 49.56 -11.20 15.19
N PRO I 385 50.36 -10.14 15.24
CA PRO I 385 50.14 -9.02 16.13
C PRO I 385 48.90 -8.30 15.64
N CYS I 386 48.18 -7.62 16.52
CA CYS I 386 46.99 -6.91 16.08
C CYS I 386 46.69 -5.59 16.82
N ARG I 387 46.17 -4.61 16.08
CA ARG I 387 45.81 -3.30 16.62
C ARG I 387 44.31 -3.09 16.70
N ILE I 388 43.85 -2.16 17.56
CA ILE I 388 42.41 -1.84 17.61
C ILE I 388 42.08 -0.36 17.49
N LYS I 389 40.83 -0.07 17.11
CA LYS I 389 40.31 1.30 17.01
C LYS I 389 38.89 1.48 17.51
N GLN I 390 38.55 2.70 17.94
CA GLN I 390 37.17 3.00 18.29
C GLN I 390 36.41 3.77 17.21
N ILE I 391 37.08 4.58 16.38
CA ILE I 391 36.31 5.31 15.36
C ILE I 391 36.43 4.62 14.03
N ILE I 392 35.31 4.07 13.62
CA ILE I 392 35.25 3.27 12.44
C ILE I 392 34.39 3.92 11.38
N ASN I 393 34.95 4.11 10.19
CA ASN I 393 34.19 4.72 9.10
C ASN I 393 33.29 3.70 8.40
N MET I 394 33.70 2.44 8.42
CA MET I 394 33.02 1.30 7.81
C MET I 394 32.92 1.34 6.28
N TRP I 395 32.15 2.29 5.79
CA TRP I 395 31.91 2.45 4.36
C TRP I 395 32.33 3.79 3.85
N GLN I 396 33.39 4.31 4.44
CA GLN I 396 33.89 5.60 4.02
C GLN I 396 32.81 6.67 4.19
N ARG I 397 32.09 6.98 3.13
CA ARG I 397 31.07 8.03 3.17
C ARG I 397 31.58 9.34 3.77
N ILE I 398 31.04 9.75 4.93
CA ILE I 398 31.42 11.03 5.51
C ILE I 398 32.06 10.95 6.90
N GLY I 399 31.91 9.82 7.56
CA GLY I 399 32.48 9.61 8.88
C GLY I 399 31.74 8.55 9.65
N GLN I 400 30.49 8.82 10.02
CA GLN I 400 29.62 7.89 10.76
C GLN I 400 30.13 7.81 12.19
N ALA I 401 31.34 7.28 12.36
CA ALA I 401 32.04 7.34 13.61
C ALA I 401 31.21 6.88 14.77
N MET I 402 30.80 5.62 14.74
CA MET I 402 29.92 5.09 15.78
C MET I 402 30.54 5.09 17.17
N TYR I 403 31.87 5.11 17.21
CA TYR I 403 32.62 5.08 18.45
C TYR I 403 32.29 3.85 19.21
N ALA I 404 33.04 2.81 18.92
CA ALA I 404 32.80 1.62 19.66
C ALA I 404 33.09 1.98 21.10
N PRO I 405 32.19 1.69 22.05
CA PRO I 405 32.34 2.02 23.43
C PRO I 405 33.41 1.11 23.93
N PRO I 406 34.05 1.45 25.02
CA PRO I 406 35.00 0.59 25.67
C PRO I 406 34.23 -0.59 26.19
N ILE I 407 34.90 -1.74 26.19
CA ILE I 407 34.34 -2.99 26.67
C ILE I 407 35.15 -3.44 27.87
N GLN I 408 34.45 -3.83 28.92
CA GLN I 408 35.07 -4.26 30.16
C GLN I 408 35.51 -5.71 30.10
N GLY I 409 36.48 -6.07 30.93
CA GLY I 409 36.98 -7.42 30.96
C GLY I 409 37.93 -7.63 29.81
N VAL I 410 37.94 -8.83 29.25
CA VAL I 410 38.84 -9.22 28.17
C VAL I 410 38.05 -9.88 27.04
N ILE I 411 38.65 -9.96 25.87
CA ILE I 411 37.97 -10.59 24.74
C ILE I 411 38.64 -11.84 24.22
N ARG I 412 37.84 -12.87 24.03
CA ARG I 412 38.29 -14.11 23.44
C ARG I 412 37.35 -14.41 22.30
N CYS I 413 37.89 -14.63 21.10
CA CYS I 413 37.07 -14.85 19.92
C CYS I 413 37.70 -15.83 18.94
N VAL I 414 37.00 -16.91 18.61
CA VAL I 414 37.56 -17.87 17.69
C VAL I 414 36.68 -18.01 16.46
N SER I 415 37.29 -17.81 15.31
CA SER I 415 36.56 -17.86 14.05
C SER I 415 37.01 -18.96 13.11
N ASN I 416 36.11 -19.28 12.19
CA ASN I 416 36.37 -20.28 11.16
C ASN I 416 36.82 -19.65 9.85
N ILE I 417 38.04 -19.90 9.43
CA ILE I 417 38.44 -19.34 8.16
C ILE I 417 37.84 -20.26 7.13
N THR I 418 37.00 -19.70 6.27
CA THR I 418 36.34 -20.49 5.24
C THR I 418 36.77 -20.09 3.84
N GLY I 419 37.39 -18.92 3.72
CA GLY I 419 37.81 -18.49 2.40
C GLY I 419 38.84 -17.38 2.38
N LEU I 420 39.28 -17.08 1.18
CA LEU I 420 40.33 -16.11 0.88
C LEU I 420 40.16 -15.29 -0.39
N ILE I 421 40.44 -13.99 -0.31
CA ILE I 421 40.45 -13.19 -1.54
C ILE I 421 41.86 -12.73 -1.88
N LEU I 422 42.28 -13.05 -3.11
CA LEU I 422 43.61 -12.75 -3.67
C LEU I 422 43.63 -11.93 -4.95
N THR I 423 44.73 -11.25 -5.19
CA THR I 423 44.98 -10.63 -6.49
C THR I 423 46.32 -11.14 -6.97
N ARG I 424 46.58 -11.03 -8.26
CA ARG I 424 47.89 -11.46 -8.77
C ARG I 424 48.58 -10.22 -9.27
N ASP I 425 49.91 -10.19 -9.22
CA ASP I 425 50.61 -9.01 -9.73
C ASP I 425 50.87 -9.04 -11.22
N GLY I 426 51.13 -10.22 -11.78
CA GLY I 426 51.42 -10.30 -13.19
C GLY I 426 50.38 -9.53 -14.01
N THR I 433 56.82 -17.56 -13.36
CA THR I 433 56.55 -17.35 -11.94
C THR I 433 55.48 -16.28 -11.73
N GLU I 434 54.60 -16.52 -10.77
CA GLU I 434 53.52 -15.58 -10.44
C GLU I 434 53.42 -15.39 -8.93
N THR I 435 52.94 -14.22 -8.52
CA THR I 435 52.77 -13.89 -7.10
C THR I 435 51.36 -13.44 -6.78
N PHE I 436 50.83 -13.97 -5.68
CA PHE I 436 49.52 -13.59 -5.21
C PHE I 436 49.61 -12.90 -3.88
N ARG I 437 48.73 -11.94 -3.69
CA ARG I 437 48.68 -11.17 -2.45
C ARG I 437 47.25 -11.09 -1.99
N PRO I 438 46.97 -10.89 -0.70
CA PRO I 438 45.64 -10.66 -0.20
C PRO I 438 45.07 -9.52 -1.00
N GLY I 439 43.82 -9.67 -1.40
CA GLY I 439 43.15 -8.69 -2.24
C GLY I 439 42.35 -7.64 -1.49
N GLY I 440 41.51 -6.93 -2.25
CA GLY I 440 40.70 -5.85 -1.72
C GLY I 440 39.24 -6.17 -1.96
N GLY I 441 38.46 -5.16 -2.29
CA GLY I 441 37.04 -5.35 -2.54
C GLY I 441 36.16 -4.80 -1.42
N ASP I 442 34.90 -4.60 -1.75
CA ASP I 442 33.91 -4.08 -0.81
C ASP I 442 33.26 -5.26 -0.10
N MET I 443 32.32 -4.96 0.80
CA MET I 443 31.61 -6.02 1.54
C MET I 443 30.72 -6.80 0.61
N ARG I 444 30.53 -6.28 -0.58
CA ARG I 444 29.74 -6.92 -1.60
C ARG I 444 30.27 -8.30 -1.89
N ASP I 445 31.58 -8.50 -1.82
CA ASP I 445 32.10 -9.78 -2.19
C ASP I 445 32.01 -10.78 -1.05
N ASN I 446 31.58 -10.32 0.13
CA ASN I 446 31.44 -11.20 1.27
C ASN I 446 30.02 -11.73 1.27
N TRP I 447 29.27 -11.30 0.26
CA TRP I 447 27.92 -11.76 0.07
C TRP I 447 27.97 -12.61 -1.17
N ARG I 448 28.61 -12.10 -2.21
CA ARG I 448 28.69 -12.77 -3.49
C ARG I 448 29.21 -14.20 -3.32
N SER I 449 30.17 -14.38 -2.41
CA SER I 449 30.78 -15.68 -2.17
C SER I 449 29.81 -16.74 -1.65
N GLU I 450 28.66 -16.32 -1.13
CA GLU I 450 27.62 -17.22 -0.64
C GLU I 450 26.39 -17.19 -1.56
N LEU I 451 26.13 -16.03 -2.16
CA LEU I 451 24.96 -15.80 -3.00
C LEU I 451 25.02 -16.44 -4.37
N TYR I 452 26.21 -16.80 -4.83
CA TYR I 452 26.45 -17.37 -6.15
C TYR I 452 25.59 -18.57 -6.53
N LYS I 453 25.05 -19.30 -5.58
CA LYS I 453 24.25 -20.45 -5.96
C LYS I 453 22.81 -20.09 -6.27
N TYR I 454 22.38 -18.86 -6.00
CA TYR I 454 20.97 -18.55 -6.20
C TYR I 454 20.66 -17.46 -7.24
N LYS I 455 19.58 -17.67 -8.00
CA LYS I 455 19.10 -16.70 -8.98
C LYS I 455 17.58 -16.53 -8.90
N VAL I 456 17.07 -15.31 -9.15
CA VAL I 456 15.62 -15.14 -9.09
C VAL I 456 15.00 -14.83 -10.44
N VAL I 457 13.88 -15.50 -10.70
CA VAL I 457 13.17 -15.32 -11.94
C VAL I 457 11.69 -14.99 -11.72
N LYS I 458 11.09 -14.37 -12.73
CA LYS I 458 9.68 -13.99 -12.73
C LYS I 458 8.81 -14.99 -13.44
N ILE I 459 7.72 -15.37 -12.81
CA ILE I 459 6.80 -16.34 -13.36
C ILE I 459 5.80 -15.68 -14.28
N GLU I 460 5.62 -16.27 -15.46
CA GLU I 460 4.68 -15.74 -16.44
C GLU I 460 3.68 -16.81 -16.87
N PRO I 461 2.60 -17.03 -16.10
CA PRO I 461 1.67 -18.14 -16.20
C PRO I 461 0.73 -18.16 -17.39
N LEU I 462 0.62 -17.07 -18.13
CA LEU I 462 -0.34 -17.03 -19.21
C LEU I 462 0.27 -17.04 -20.60
N GLY I 463 -0.24 -17.91 -21.47
CA GLY I 463 0.23 -17.99 -22.86
C GLY I 463 -0.68 -18.83 -23.74
N VAL I 464 -0.30 -18.99 -25.01
CA VAL I 464 -1.13 -19.71 -25.98
C VAL I 464 -0.38 -20.78 -26.76
N ALA I 465 -1.16 -21.68 -27.35
CA ALA I 465 -0.68 -22.73 -28.25
C ALA I 465 -1.86 -23.16 -29.14
N PRO I 466 -1.64 -23.74 -30.33
CA PRO I 466 -2.68 -24.28 -31.16
C PRO I 466 -3.21 -25.57 -30.59
N THR I 467 -4.50 -25.77 -30.77
CA THR I 467 -5.22 -27.00 -30.45
C THR I 467 -6.23 -27.27 -31.54
N ARG I 468 -6.97 -28.35 -31.40
CA ARG I 468 -8.02 -28.64 -32.38
C ARG I 468 -9.38 -28.13 -31.89
N CYS I 469 -9.39 -27.42 -30.78
CA CYS I 469 -10.66 -27.00 -30.18
C CYS I 469 -11.09 -25.59 -30.51
N LYS I 470 -12.31 -25.46 -30.99
CA LYS I 470 -12.83 -24.12 -31.23
C LYS I 470 -13.94 -23.92 -30.20
N ARG I 471 -14.19 -22.68 -29.83
CA ARG I 471 -15.21 -22.45 -28.83
C ARG I 471 -16.55 -23.01 -29.31
N VAL J 7 3.21 -23.89 -1.22
CA VAL J 7 2.85 -25.29 -1.44
C VAL J 7 3.84 -25.95 -2.35
N PHE J 8 5.10 -25.92 -1.95
CA PHE J 8 6.12 -26.51 -2.79
C PHE J 8 6.14 -28.00 -2.56
N LEU J 9 5.09 -28.63 -3.04
CA LEU J 9 4.88 -30.05 -2.99
C LEU J 9 5.16 -30.43 -4.40
N GLY J 10 5.01 -29.43 -5.23
CA GLY J 10 5.20 -29.53 -6.66
C GLY J 10 4.96 -28.15 -7.21
N PHE J 11 5.73 -27.79 -8.23
CA PHE J 11 5.61 -26.46 -8.80
C PHE J 11 6.17 -26.37 -10.22
N LEU J 12 7.32 -25.77 -10.39
CA LEU J 12 7.87 -25.58 -11.72
C LEU J 12 8.54 -26.80 -12.29
N GLY J 13 8.53 -27.90 -11.54
CA GLY J 13 9.11 -29.16 -11.97
C GLY J 13 8.36 -29.68 -13.20
N ALA J 14 7.16 -29.15 -13.42
CA ALA J 14 6.38 -29.49 -14.59
C ALA J 14 7.15 -29.12 -15.86
N ALA J 15 8.01 -28.10 -15.75
CA ALA J 15 8.79 -27.54 -16.85
C ALA J 15 9.79 -28.52 -17.42
N GLY J 16 10.08 -29.58 -16.67
CA GLY J 16 11.03 -30.57 -17.14
C GLY J 16 10.44 -31.42 -18.26
N SER J 17 9.12 -31.38 -18.45
CA SER J 17 8.54 -32.23 -19.47
C SER J 17 7.89 -31.43 -20.58
N THR J 18 7.10 -32.13 -21.36
CA THR J 18 6.49 -31.57 -22.54
C THR J 18 5.33 -30.72 -22.19
N MET J 19 4.89 -29.92 -23.15
CA MET J 19 3.75 -29.06 -22.90
C MET J 19 2.53 -29.90 -22.63
N GLY J 20 2.41 -31.02 -23.33
CA GLY J 20 1.26 -31.86 -23.14
C GLY J 20 1.22 -32.32 -21.70
N ALA J 21 2.30 -32.91 -21.24
CA ALA J 21 2.30 -33.41 -19.89
C ALA J 21 2.11 -32.31 -18.85
N ALA J 22 2.74 -31.18 -19.07
CA ALA J 22 2.69 -30.09 -18.14
C ALA J 22 1.28 -29.56 -17.99
N SER J 23 0.50 -29.61 -19.05
CA SER J 23 -0.83 -29.06 -19.04
C SER J 23 -1.75 -29.77 -18.07
N MET J 24 -1.38 -30.96 -17.61
CA MET J 24 -2.25 -31.67 -16.71
C MET J 24 -2.11 -31.22 -15.27
N THR J 25 -1.15 -30.35 -14.98
CA THR J 25 -0.88 -29.88 -13.64
C THR J 25 -0.85 -28.35 -13.53
N LEU J 26 -1.67 -27.66 -14.28
CA LEU J 26 -1.64 -26.19 -14.26
C LEU J 26 -2.01 -25.56 -12.90
N THR J 27 -2.85 -26.23 -12.10
CA THR J 27 -3.26 -25.65 -10.81
C THR J 27 -2.13 -25.67 -9.83
N VAL J 28 -1.11 -26.46 -10.12
CA VAL J 28 0.02 -26.59 -9.26
C VAL J 28 0.74 -25.26 -9.15
N GLN J 29 0.80 -24.51 -10.25
CA GLN J 29 1.46 -23.22 -10.19
C GLN J 29 0.48 -22.16 -9.77
N ALA J 30 -0.77 -22.26 -10.21
CA ALA J 30 -1.72 -21.19 -9.91
C ALA J 30 -1.90 -20.98 -8.41
N ARG J 31 -1.85 -22.06 -7.66
CA ARG J 31 -2.05 -22.05 -6.23
C ARG J 31 -0.89 -21.40 -5.49
N ASN J 32 0.22 -21.17 -6.18
CA ASN J 32 1.39 -20.55 -5.60
C ASN J 32 1.62 -19.12 -6.08
N LEU J 33 0.63 -18.49 -6.72
CA LEU J 33 0.87 -17.14 -7.22
C LEU J 33 0.45 -15.96 -6.34
N LEU J 34 -0.33 -16.18 -5.26
CA LEU J 34 -0.79 -15.03 -4.47
C LEU J 34 -0.13 -14.79 -3.13
N SER J 35 0.71 -15.69 -2.63
CA SER J 35 1.27 -15.44 -1.31
C SER J 35 2.77 -15.69 -1.20
N GLY J 36 3.53 -14.62 -0.97
CA GLY J 36 4.97 -14.69 -0.82
C GLY J 36 5.24 -14.93 0.64
N ILE J 37 6.50 -14.89 1.07
CA ILE J 37 6.70 -15.20 2.49
C ILE J 37 6.07 -14.13 3.38
N VAL J 38 6.08 -12.89 2.89
CA VAL J 38 5.57 -11.73 3.61
C VAL J 38 4.05 -11.74 3.73
N GLN J 39 3.39 -12.64 3.00
CA GLN J 39 1.94 -12.75 3.05
C GLN J 39 1.50 -13.89 3.95
N GLN J 40 2.46 -14.63 4.48
CA GLN J 40 2.14 -15.72 5.37
C GLN J 40 2.35 -15.25 6.78
N GLN J 41 3.50 -14.63 7.02
CA GLN J 41 3.87 -14.09 8.33
C GLN J 41 2.85 -14.40 9.43
N LEU J 57 8.87 3.11 13.15
CA LEU J 57 9.81 2.50 12.22
C LEU J 57 9.15 1.98 10.96
N THR J 58 8.97 2.86 9.98
CA THR J 58 8.42 2.48 8.68
C THR J 58 9.57 2.29 7.69
N VAL J 59 10.76 2.55 8.21
CA VAL J 59 12.00 2.45 7.48
C VAL J 59 12.21 0.98 7.23
N TRP J 60 12.57 0.61 5.99
CA TRP J 60 12.81 -0.79 5.61
C TRP J 60 11.50 -1.58 5.47
N GLY J 61 10.67 -1.60 6.51
CA GLY J 61 9.38 -2.30 6.51
C GLY J 61 8.45 -1.87 5.36
N ILE J 62 8.57 -0.60 4.93
CA ILE J 62 7.77 -0.11 3.82
C ILE J 62 7.94 -0.96 2.58
N LYS J 63 9.09 -1.60 2.40
CA LYS J 63 9.31 -2.40 1.23
C LYS J 63 8.38 -3.60 1.20
N GLN J 64 8.02 -4.15 2.36
CA GLN J 64 7.16 -5.31 2.37
C GLN J 64 5.78 -4.87 1.92
N LEU J 65 5.38 -3.65 2.34
CA LEU J 65 4.08 -3.17 1.93
C LEU J 65 4.05 -2.96 0.43
N GLN J 66 5.12 -2.38 -0.10
CA GLN J 66 5.15 -2.12 -1.53
C GLN J 66 5.11 -3.40 -2.33
N ALA J 67 5.83 -4.42 -1.86
CA ALA J 67 5.84 -5.68 -2.58
C ALA J 67 4.48 -6.34 -2.60
N ARG J 68 3.75 -6.31 -1.49
CA ARG J 68 2.46 -6.96 -1.47
C ARG J 68 1.52 -6.30 -2.46
N VAL J 69 1.60 -4.97 -2.54
CA VAL J 69 0.72 -4.25 -3.44
C VAL J 69 1.02 -4.60 -4.88
N LEU J 70 2.29 -4.64 -5.23
CA LEU J 70 2.66 -4.93 -6.60
C LEU J 70 2.26 -6.35 -6.98
N ALA J 71 2.37 -7.30 -6.04
CA ALA J 71 1.98 -8.66 -6.37
C ALA J 71 0.51 -8.71 -6.72
N VAL J 72 -0.30 -7.94 -5.99
CA VAL J 72 -1.71 -7.89 -6.28
C VAL J 72 -1.95 -7.32 -7.65
N GLU J 73 -1.25 -6.24 -7.98
CA GLU J 73 -1.48 -5.65 -9.27
C GLU J 73 -1.15 -6.61 -10.40
N ARG J 74 -0.08 -7.38 -10.26
CA ARG J 74 0.26 -8.30 -11.34
C ARG J 74 -0.81 -9.34 -11.53
N TYR J 75 -1.31 -9.87 -10.42
CA TYR J 75 -2.35 -10.86 -10.51
C TYR J 75 -3.56 -10.34 -11.21
N LEU J 76 -4.01 -9.17 -10.81
CA LEU J 76 -5.21 -8.65 -11.38
C LEU J 76 -5.05 -8.32 -12.84
N ARG J 77 -3.89 -7.85 -13.27
CA ARG J 77 -3.77 -7.55 -14.67
C ARG J 77 -3.97 -8.78 -15.54
N ASP J 78 -3.46 -9.93 -15.10
CA ASP J 78 -3.68 -11.11 -15.92
C ASP J 78 -5.14 -11.52 -15.88
N GLN J 79 -5.79 -11.37 -14.74
CA GLN J 79 -7.18 -11.76 -14.67
C GLN J 79 -8.05 -10.86 -15.54
N GLN J 80 -7.70 -9.59 -15.61
CA GLN J 80 -8.45 -8.66 -16.42
C GLN J 80 -8.32 -9.00 -17.88
N LEU J 81 -7.15 -9.44 -18.28
CA LEU J 81 -6.95 -9.78 -19.67
C LEU J 81 -7.81 -10.98 -20.05
N LEU J 82 -7.86 -11.98 -19.16
CA LEU J 82 -8.69 -13.14 -19.41
C LEU J 82 -10.15 -12.74 -19.46
N GLY J 83 -10.54 -11.80 -18.61
CA GLY J 83 -11.91 -11.32 -18.61
C GLY J 83 -12.27 -10.72 -19.96
N ILE J 84 -11.39 -9.87 -20.47
CA ILE J 84 -11.63 -9.19 -21.73
C ILE J 84 -11.76 -10.17 -22.88
N TRP J 85 -10.92 -11.19 -22.90
CA TRP J 85 -10.95 -12.21 -23.94
C TRP J 85 -12.14 -13.15 -23.85
N GLY J 86 -12.89 -13.11 -22.75
CA GLY J 86 -13.97 -14.04 -22.58
C GLY J 86 -13.47 -15.39 -22.06
N CYS J 87 -12.29 -15.38 -21.44
CA CYS J 87 -11.66 -16.59 -20.92
C CYS J 87 -11.48 -16.55 -19.42
N SER J 88 -12.34 -15.83 -18.72
CA SER J 88 -12.23 -15.80 -17.28
C SER J 88 -12.91 -17.01 -16.68
N GLY J 89 -12.12 -17.79 -15.98
CA GLY J 89 -12.55 -19.02 -15.39
C GLY J 89 -11.92 -20.13 -16.18
N LYS J 90 -11.61 -21.23 -15.49
CA LYS J 90 -10.97 -22.41 -16.04
C LYS J 90 -9.51 -22.16 -16.40
N LEU J 91 -8.82 -23.25 -16.64
CA LEU J 91 -7.41 -23.24 -16.96
C LEU J 91 -7.19 -23.20 -18.46
N ILE J 92 -8.13 -23.79 -19.20
CA ILE J 92 -7.98 -23.90 -20.64
C ILE J 92 -9.17 -23.28 -21.38
N CYS J 93 -8.88 -22.33 -22.26
CA CYS J 93 -9.94 -21.64 -23.00
C CYS J 93 -9.86 -21.71 -24.52
N CYS J 94 -10.89 -22.27 -25.13
CA CYS J 94 -10.95 -22.36 -26.58
C CYS J 94 -11.43 -20.98 -27.02
N THR J 95 -10.80 -20.39 -28.05
CA THR J 95 -11.11 -19.02 -28.48
C THR J 95 -11.96 -18.79 -29.72
N ASN J 96 -12.07 -19.78 -30.60
CA ASN J 96 -12.74 -19.64 -31.89
C ASN J 96 -12.01 -18.67 -32.83
N VAL J 97 -10.72 -18.49 -32.59
CA VAL J 97 -9.85 -17.73 -33.45
C VAL J 97 -8.89 -18.71 -34.08
N PRO J 98 -8.81 -18.83 -35.40
CA PRO J 98 -7.98 -19.80 -36.09
C PRO J 98 -6.53 -19.45 -35.90
N TRP J 99 -5.69 -20.49 -35.90
CA TRP J 99 -4.25 -20.34 -35.78
C TRP J 99 -3.66 -20.03 -37.14
N ASN J 100 -2.78 -19.04 -37.20
CA ASN J 100 -2.15 -18.69 -38.47
C ASN J 100 -1.03 -19.64 -38.83
N SER J 101 -0.94 -19.97 -40.11
CA SER J 101 0.09 -20.83 -40.64
C SER J 101 1.47 -20.19 -40.61
N SER J 102 1.51 -18.88 -40.46
CA SER J 102 2.76 -18.16 -40.41
C SER J 102 3.34 -18.12 -39.00
N TRP J 103 2.58 -18.58 -38.01
CA TRP J 103 3.07 -18.49 -36.67
C TRP J 103 4.05 -19.59 -36.32
N SER J 104 3.88 -20.77 -36.91
CA SER J 104 4.78 -21.90 -36.67
C SER J 104 4.56 -22.91 -37.77
N ASN J 105 5.48 -23.84 -37.96
CA ASN J 105 5.27 -24.87 -38.96
C ASN J 105 5.61 -26.24 -38.43
N ARG J 106 4.81 -26.71 -37.50
CA ARG J 106 5.03 -27.99 -36.87
C ARG J 106 3.73 -28.75 -36.77
N ASN J 107 3.81 -30.07 -36.71
CA ASN J 107 2.60 -30.84 -36.50
C ASN J 107 2.04 -30.55 -35.13
N LEU J 108 0.74 -30.56 -35.00
CA LEU J 108 0.18 -30.27 -33.69
C LEU J 108 0.78 -31.21 -32.64
N SER J 109 0.89 -32.48 -32.96
CA SER J 109 1.44 -33.46 -32.04
C SER J 109 2.92 -33.26 -31.80
N GLU J 110 3.60 -32.57 -32.72
CA GLU J 110 5.01 -32.37 -32.57
C GLU J 110 5.24 -31.40 -31.46
N ILE J 111 4.40 -30.37 -31.38
CA ILE J 111 4.70 -29.43 -30.34
C ILE J 111 4.23 -29.99 -29.02
N TRP J 112 3.08 -30.66 -28.99
CA TRP J 112 2.60 -31.11 -27.71
C TRP J 112 3.43 -32.24 -27.11
N ASP J 113 3.99 -33.13 -27.94
CA ASP J 113 4.80 -34.23 -27.44
C ASP J 113 6.31 -33.99 -27.41
N ASN J 114 6.90 -33.15 -28.29
CA ASN J 114 8.34 -32.99 -28.21
C ASN J 114 8.83 -31.65 -27.65
N MET J 115 7.95 -30.65 -27.50
CA MET J 115 8.40 -29.36 -27.01
C MET J 115 7.96 -29.09 -25.59
N THR J 116 8.75 -28.28 -24.91
CA THR J 116 8.44 -27.82 -23.57
C THR J 116 7.79 -26.45 -23.68
N TRP J 117 7.19 -25.96 -22.59
CA TRP J 117 6.59 -24.64 -22.66
C TRP J 117 7.63 -23.55 -22.79
N LEU J 118 8.83 -23.75 -22.25
CA LEU J 118 9.82 -22.71 -22.36
C LEU J 118 10.22 -22.55 -23.83
N GLN J 119 10.36 -23.67 -24.52
CA GLN J 119 10.77 -23.63 -25.92
C GLN J 119 9.69 -23.00 -26.77
N TRP J 120 8.46 -23.37 -26.49
CA TRP J 120 7.33 -22.86 -27.23
C TRP J 120 7.19 -21.37 -27.06
N ASP J 121 7.33 -20.88 -25.83
CA ASP J 121 7.17 -19.46 -25.60
C ASP J 121 8.20 -18.70 -26.42
N LYS J 122 9.41 -19.21 -26.51
CA LYS J 122 10.37 -18.50 -27.31
C LYS J 122 10.00 -18.53 -28.79
N GLU J 123 9.58 -19.70 -29.27
CA GLU J 123 9.30 -19.86 -30.70
C GLU J 123 8.24 -18.90 -31.24
N ILE J 124 7.20 -18.64 -30.47
CA ILE J 124 6.14 -17.76 -30.99
C ILE J 124 6.07 -16.41 -30.31
N SER J 125 7.16 -15.97 -29.68
CA SER J 125 7.18 -14.70 -28.98
C SER J 125 6.80 -13.52 -29.88
N ASN J 126 7.20 -13.60 -31.14
CA ASN J 126 7.00 -12.60 -32.17
C ASN J 126 5.54 -12.29 -32.44
N TYR J 127 4.65 -13.20 -32.10
CA TYR J 127 3.27 -12.99 -32.43
C TYR J 127 2.40 -12.70 -31.22
N THR J 128 3.00 -12.41 -30.08
CA THR J 128 2.20 -12.23 -28.89
C THR J 128 1.11 -11.18 -29.00
N GLN J 129 1.44 -10.02 -29.54
CA GLN J 129 0.49 -8.93 -29.61
C GLN J 129 -0.56 -9.19 -30.66
N ILE J 130 -0.16 -9.86 -31.71
CA ILE J 130 -1.07 -10.17 -32.78
C ILE J 130 -2.12 -11.12 -32.30
N ILE J 131 -1.68 -12.15 -31.60
CA ILE J 131 -2.63 -13.12 -31.14
C ILE J 131 -3.57 -12.47 -30.18
N TYR J 132 -3.05 -11.69 -29.25
CA TYR J 132 -3.94 -11.08 -28.27
C TYR J 132 -4.91 -10.14 -28.94
N GLY J 133 -4.47 -9.39 -29.94
CA GLY J 133 -5.37 -8.47 -30.62
C GLY J 133 -6.54 -9.19 -31.26
N LEU J 134 -6.33 -10.40 -31.71
CA LEU J 134 -7.39 -11.16 -32.34
C LEU J 134 -8.35 -11.75 -31.32
N LEU J 135 -8.04 -11.63 -30.05
CA LEU J 135 -8.92 -12.23 -29.06
C LEU J 135 -9.98 -11.22 -28.69
N GLU J 136 -9.91 -10.04 -29.32
CA GLU J 136 -10.91 -9.00 -29.18
C GLU J 136 -12.17 -9.41 -29.87
N GLU J 137 -12.10 -10.46 -30.69
CA GLU J 137 -13.23 -10.96 -31.42
C GLU J 137 -14.33 -11.42 -30.48
N SER J 138 -14.00 -11.75 -29.23
CA SER J 138 -15.06 -12.16 -28.31
C SER J 138 -16.10 -11.06 -28.16
N GLN J 139 -15.71 -9.79 -28.40
CA GLN J 139 -16.66 -8.70 -28.30
C GLN J 139 -17.70 -8.78 -29.41
N ASN J 140 -17.31 -9.26 -30.59
CA ASN J 140 -18.23 -9.34 -31.69
C ASN J 140 -19.15 -10.50 -31.41
N GLN J 141 -18.60 -11.53 -30.77
CA GLN J 141 -19.41 -12.68 -30.47
C GLN J 141 -20.48 -12.32 -29.47
N GLN J 142 -20.15 -11.47 -28.49
CA GLN J 142 -21.15 -11.09 -27.51
C GLN J 142 -22.26 -10.26 -28.13
N GLU J 143 -21.94 -9.40 -29.11
CA GLU J 143 -22.99 -8.63 -29.76
C GLU J 143 -23.90 -9.57 -30.55
N LYS J 144 -23.31 -10.54 -31.23
CA LYS J 144 -24.13 -11.46 -32.00
C LYS J 144 -25.02 -12.27 -31.07
N ASN J 145 -24.48 -12.66 -29.91
CA ASN J 145 -25.24 -13.46 -28.99
C ASN J 145 -26.42 -12.69 -28.45
N GLU J 146 -26.26 -11.41 -28.14
CA GLU J 146 -27.42 -10.69 -27.64
C GLU J 146 -28.52 -10.64 -28.68
N GLN J 147 -28.14 -10.36 -29.93
CA GLN J 147 -29.12 -10.17 -30.98
C GLN J 147 -29.98 -11.40 -31.22
N ASP J 148 -29.36 -12.57 -31.14
CA ASP J 148 -30.09 -13.81 -31.34
C ASP J 148 -30.54 -14.49 -30.05
N LEU J 149 -30.38 -13.82 -28.91
CA LEU J 149 -30.74 -14.42 -27.63
C LEU J 149 -32.04 -13.95 -27.06
N LEU J 150 -32.23 -12.66 -27.00
CA LEU J 150 -33.45 -12.15 -26.37
C LEU J 150 -33.71 -12.95 -25.08
N VAL K 2 -1.99 -57.56 -1.99
CA VAL K 2 -1.35 -56.57 -2.83
C VAL K 2 0.15 -56.75 -2.83
N GLN K 3 0.70 -56.79 -4.03
CA GLN K 3 2.12 -56.99 -4.18
C GLN K 3 2.66 -56.64 -5.53
N LEU K 4 3.96 -56.53 -5.60
CA LEU K 4 4.66 -56.34 -6.85
C LEU K 4 5.25 -57.67 -7.26
N VAL K 5 4.73 -58.20 -8.34
CA VAL K 5 5.14 -59.50 -8.80
C VAL K 5 6.36 -59.32 -9.64
N GLN K 6 7.42 -60.05 -9.36
CA GLN K 6 8.66 -59.83 -10.10
C GLN K 6 9.17 -61.01 -10.88
N SER K 7 9.96 -60.69 -11.90
CA SER K 7 10.65 -61.68 -12.71
C SER K 7 11.81 -62.34 -11.94
N GLY K 8 12.33 -63.44 -12.48
CA GLY K 8 13.45 -64.13 -11.83
C GLY K 8 14.77 -63.44 -12.11
N GLY K 9 15.85 -63.92 -11.48
CA GLY K 9 17.16 -63.29 -11.64
C GLY K 9 17.91 -63.76 -12.88
N ALA K 10 19.11 -63.22 -13.06
CA ALA K 10 19.91 -63.57 -14.23
C ALA K 10 21.39 -63.34 -14.08
N LEU K 11 22.14 -64.05 -14.93
CA LEU K 11 23.58 -63.85 -15.09
C LEU K 11 23.90 -63.41 -16.49
N VAL K 12 24.60 -62.28 -16.59
CA VAL K 12 25.00 -61.72 -17.88
C VAL K 12 26.47 -61.37 -17.88
N GLN K 13 27.03 -61.19 -19.07
CA GLN K 13 28.41 -60.77 -19.20
C GLN K 13 28.50 -59.25 -19.17
N PRO K 14 29.62 -58.66 -18.78
CA PRO K 14 29.82 -57.23 -18.85
C PRO K 14 29.59 -56.77 -20.28
N GLY K 15 28.89 -55.66 -20.41
CA GLY K 15 28.55 -55.06 -21.69
C GLY K 15 27.17 -55.47 -22.17
N ALA K 16 26.58 -56.46 -21.51
CA ALA K 16 25.27 -56.99 -21.83
C ALA K 16 24.12 -56.06 -21.50
N SER K 17 23.01 -56.26 -22.21
CA SER K 17 21.80 -55.54 -21.88
C SER K 17 20.83 -56.52 -21.26
N LEU K 18 19.94 -56.00 -20.43
CA LEU K 18 18.94 -56.83 -19.77
C LEU K 18 17.65 -56.09 -19.46
N ARG K 19 16.51 -56.77 -19.64
CA ARG K 19 15.24 -56.14 -19.26
C ARG K 19 14.61 -56.81 -18.04
N LEU K 20 14.31 -56.00 -17.02
CA LEU K 20 13.61 -56.45 -15.82
C LEU K 20 12.17 -56.01 -15.85
N SER K 21 11.31 -56.75 -15.16
CA SER K 21 9.93 -56.32 -15.06
C SER K 21 9.23 -56.70 -13.77
N CYS K 22 8.20 -55.90 -13.47
CA CYS K 22 7.29 -56.06 -12.33
C CYS K 22 5.83 -55.96 -12.75
N ALA K 23 4.92 -56.59 -12.01
CA ALA K 23 3.48 -56.46 -12.30
C ALA K 23 2.64 -56.12 -11.06
N ALA K 24 1.52 -55.41 -11.29
CA ALA K 24 0.66 -55.01 -10.15
C ALA K 24 -0.38 -56.04 -9.79
N SER K 25 -0.24 -56.62 -8.61
CA SER K 25 -1.22 -57.59 -8.17
C SER K 25 -2.22 -56.90 -7.26
N GLU K 26 -3.48 -56.97 -7.70
CA GLU K 26 -4.66 -56.38 -7.06
C GLU K 26 -4.66 -54.84 -6.96
N PHE K 27 -4.07 -54.15 -7.92
CA PHE K 27 -4.16 -52.69 -7.95
C PHE K 27 -3.79 -52.21 -9.34
N SER K 28 -4.03 -50.94 -9.65
CA SER K 28 -3.60 -50.42 -10.95
C SER K 28 -2.30 -49.63 -10.85
N PHE K 29 -1.39 -49.85 -11.78
CA PHE K 29 -0.19 -49.02 -11.76
C PHE K 29 -0.48 -47.60 -12.19
N SER K 30 -1.61 -47.37 -12.85
CA SER K 30 -1.97 -46.07 -13.38
C SER K 30 -2.25 -45.07 -12.28
N THR K 31 -2.42 -45.53 -11.04
CA THR K 31 -2.74 -44.64 -9.96
C THR K 31 -1.53 -44.32 -9.09
N HIS K 32 -0.34 -44.83 -9.44
CA HIS K 32 0.82 -44.61 -8.57
C HIS K 32 2.10 -44.26 -9.28
N ASP K 33 2.96 -43.54 -8.57
CA ASP K 33 4.31 -43.27 -9.05
C ASP K 33 5.14 -44.51 -8.70
N MET K 34 5.90 -45.01 -9.66
CA MET K 34 6.67 -46.22 -9.42
C MET K 34 8.16 -46.00 -9.54
N HIS K 35 8.90 -46.68 -8.69
CA HIS K 35 10.35 -46.58 -8.68
C HIS K 35 11.08 -47.89 -8.63
N TRP K 36 12.31 -47.87 -9.11
CA TRP K 36 13.22 -48.99 -8.98
C TRP K 36 14.39 -48.59 -8.10
N VAL K 37 14.83 -49.52 -7.26
CA VAL K 37 16.03 -49.32 -6.45
C VAL K 37 16.88 -50.56 -6.62
N ARG K 38 18.15 -50.48 -6.25
CA ARG K 38 18.94 -51.71 -6.27
C ARG K 38 19.77 -51.86 -5.01
N GLN K 39 19.88 -53.10 -4.54
CA GLN K 39 20.68 -53.36 -3.37
C GLN K 39 21.91 -54.20 -3.65
N ALA K 40 23.05 -53.54 -3.74
CA ALA K 40 24.28 -54.25 -4.03
C ALA K 40 24.62 -55.06 -2.80
N PRO K 41 25.32 -56.17 -2.88
CA PRO K 41 25.69 -56.91 -1.70
C PRO K 41 26.44 -56.00 -0.74
N GLY K 42 26.05 -56.03 0.53
CA GLY K 42 26.69 -55.21 1.55
C GLY K 42 26.19 -53.77 1.60
N LYS K 43 25.25 -53.41 0.74
CA LYS K 43 24.75 -52.04 0.65
C LYS K 43 23.26 -51.88 1.00
N GLY K 44 22.84 -50.62 1.04
CA GLY K 44 21.45 -50.25 1.28
C GLY K 44 20.77 -50.09 -0.08
N LEU K 45 19.70 -49.31 -0.15
CA LEU K 45 18.96 -49.26 -1.41
C LEU K 45 19.24 -48.03 -2.26
N GLU K 46 19.94 -48.22 -3.38
CA GLU K 46 20.26 -47.09 -4.23
C GLU K 46 19.09 -46.84 -5.13
N TRP K 47 18.61 -45.61 -5.17
CA TRP K 47 17.51 -45.35 -6.09
C TRP K 47 18.05 -45.39 -7.49
N VAL K 48 17.35 -46.07 -8.37
CA VAL K 48 17.76 -46.23 -9.73
C VAL K 48 16.96 -45.44 -10.72
N SER K 49 15.66 -45.48 -10.60
CA SER K 49 14.84 -44.78 -11.58
C SER K 49 13.42 -44.61 -11.10
N GLY K 50 12.67 -43.75 -11.78
CA GLY K 50 11.24 -43.68 -11.50
C GLY K 50 10.44 -43.00 -12.58
N ILE K 51 9.15 -43.31 -12.56
CA ILE K 51 8.19 -42.78 -13.51
C ILE K 51 6.95 -42.28 -12.77
N ASN K 52 6.44 -41.13 -13.16
CA ASN K 52 5.26 -40.65 -12.48
C ASN K 52 4.00 -41.09 -13.18
N ILE K 53 2.88 -40.73 -12.60
CA ILE K 53 1.57 -41.08 -13.17
C ILE K 53 1.28 -40.48 -14.53
N HIS K 54 2.02 -39.47 -14.96
CA HIS K 54 1.79 -38.86 -16.26
C HIS K 54 2.83 -39.29 -17.26
N GLY K 55 3.68 -40.24 -16.88
CA GLY K 55 4.71 -40.74 -17.77
C GLY K 55 6.03 -39.96 -17.73
N GLY K 56 6.16 -39.00 -16.81
CA GLY K 56 7.40 -38.24 -16.72
C GLY K 56 8.38 -39.13 -15.99
N THR K 57 9.67 -38.93 -16.20
CA THR K 57 10.64 -39.77 -15.52
C THR K 57 11.73 -39.04 -14.80
N TYR K 58 12.37 -39.78 -13.91
CA TYR K 58 13.49 -39.30 -13.12
C TYR K 58 14.63 -40.31 -13.16
N TYR K 59 15.89 -39.83 -13.27
CA TYR K 59 17.04 -40.76 -13.21
C TYR K 59 18.21 -40.19 -12.38
N PRO K 60 19.00 -41.03 -11.69
CA PRO K 60 20.28 -40.73 -11.08
C PRO K 60 21.30 -40.53 -12.16
N ASP K 61 22.31 -39.73 -11.90
CA ASP K 61 23.39 -39.57 -12.84
C ASP K 61 24.28 -40.81 -12.93
N SER K 62 24.16 -41.67 -11.92
CA SER K 62 24.92 -42.90 -11.86
C SER K 62 24.42 -43.94 -12.87
N VAL K 63 23.21 -43.76 -13.40
CA VAL K 63 22.71 -44.69 -14.41
C VAL K 63 22.18 -43.99 -15.66
N LYS K 64 21.99 -42.67 -15.57
CA LYS K 64 21.42 -41.94 -16.69
C LYS K 64 22.22 -42.14 -17.95
N GLY K 65 21.52 -42.52 -19.00
CA GLY K 65 22.08 -42.79 -20.31
C GLY K 65 22.27 -44.29 -20.55
N ARG K 66 22.24 -45.07 -19.48
CA ARG K 66 22.37 -46.52 -19.56
C ARG K 66 21.04 -47.18 -19.22
N PHE K 67 20.32 -46.58 -18.28
CA PHE K 67 19.05 -47.18 -17.86
C PHE K 67 17.83 -46.39 -18.36
N THR K 68 16.80 -47.13 -18.76
CA THR K 68 15.50 -46.53 -19.13
C THR K 68 14.33 -47.19 -18.39
N ILE K 69 13.42 -46.35 -17.89
CA ILE K 69 12.24 -46.84 -17.19
C ILE K 69 11.01 -46.62 -18.03
N SER K 70 10.12 -47.59 -18.05
CA SER K 70 8.88 -47.45 -18.79
C SER K 70 7.73 -48.18 -18.11
N ARG K 71 6.52 -47.81 -18.51
CA ARG K 71 5.30 -48.41 -17.99
C ARG K 71 4.29 -48.70 -19.07
N ASP K 72 3.57 -49.80 -18.91
CA ASP K 72 2.44 -50.14 -19.76
C ASP K 72 1.28 -50.47 -18.87
N SER K 73 0.42 -49.48 -18.66
CA SER K 73 -0.66 -49.61 -17.71
C SER K 73 -1.72 -50.58 -18.18
N ALA K 74 -1.75 -50.89 -19.47
CA ALA K 74 -2.78 -51.76 -20.01
C ALA K 74 -2.67 -53.15 -19.42
N LYS K 75 -1.44 -53.56 -19.10
CA LYS K 75 -1.19 -54.87 -18.59
C LYS K 75 -0.72 -54.79 -17.16
N ASN K 76 -0.78 -53.60 -16.57
CA ASN K 76 -0.23 -53.42 -15.24
C ASN K 76 1.20 -53.89 -15.12
N SER K 77 2.07 -53.50 -16.06
CA SER K 77 3.47 -53.88 -15.97
C SER K 77 4.45 -52.70 -16.01
N LEU K 78 5.59 -52.91 -15.34
CA LEU K 78 6.70 -51.98 -15.30
C LEU K 78 7.93 -52.59 -15.87
N TYR K 79 8.74 -51.77 -16.52
CA TYR K 79 9.98 -52.28 -17.05
C TYR K 79 11.18 -51.42 -16.73
N LEU K 80 12.31 -52.08 -16.60
CA LEU K 80 13.60 -51.43 -16.50
C LEU K 80 14.55 -52.02 -17.52
N GLN K 81 14.96 -51.19 -18.45
CA GLN K 81 15.84 -51.65 -19.52
C GLN K 81 17.22 -51.10 -19.32
N MET K 82 18.19 -51.99 -19.17
CA MET K 82 19.53 -51.54 -18.91
C MET K 82 20.48 -51.96 -20.00
N SER K 83 21.36 -51.05 -20.42
CA SER K 83 22.37 -51.39 -21.41
C SER K 83 23.76 -51.26 -20.86
N SER K 84 24.72 -51.93 -21.50
CA SER K 84 26.12 -51.83 -21.15
C SER K 84 26.37 -52.03 -19.66
N LEU K 85 25.84 -53.11 -19.10
CA LEU K 85 25.99 -53.42 -17.68
C LEU K 85 27.41 -53.75 -17.27
N ARG K 86 27.75 -53.34 -16.04
CA ARG K 86 29.08 -53.55 -15.45
C ARG K 86 29.00 -54.50 -14.27
N ASP K 87 30.14 -55.05 -13.85
CA ASP K 87 30.19 -55.95 -12.70
C ASP K 87 29.76 -55.22 -11.45
N GLY K 88 30.00 -53.92 -11.44
CA GLY K 88 29.65 -53.03 -10.36
C GLY K 88 28.14 -52.79 -10.24
N ASP K 89 27.37 -53.26 -11.20
CA ASP K 89 25.92 -53.10 -11.18
C ASP K 89 25.27 -54.36 -10.61
N THR K 90 26.07 -55.29 -10.08
CA THR K 90 25.49 -56.48 -9.47
C THR K 90 24.69 -56.02 -8.26
N ALA K 91 23.44 -56.43 -8.22
CA ALA K 91 22.55 -56.02 -7.14
C ALA K 91 21.21 -56.74 -7.19
N VAL K 92 20.46 -56.65 -6.11
CA VAL K 92 19.09 -57.11 -6.16
C VAL K 92 18.24 -55.95 -6.57
N TYR K 93 17.48 -56.11 -7.63
CA TYR K 93 16.67 -55.01 -8.09
C TYR K 93 15.26 -55.14 -7.57
N PHE K 94 14.69 -54.03 -7.19
CA PHE K 94 13.34 -54.02 -6.65
C PHE K 94 12.47 -52.97 -7.28
N CYS K 95 11.19 -53.27 -7.33
CA CYS K 95 10.21 -52.26 -7.66
C CYS K 95 9.56 -51.84 -6.38
N ALA K 96 9.16 -50.58 -6.31
CA ALA K 96 8.44 -50.13 -5.15
C ALA K 96 7.41 -49.06 -5.51
N ARG K 97 6.30 -49.13 -4.79
CA ARG K 97 5.21 -48.20 -4.97
C ARG K 97 5.40 -47.03 -4.06
N GLY K 98 5.46 -45.85 -4.67
CA GLY K 98 5.73 -44.64 -3.93
C GLY K 98 4.66 -44.42 -2.94
N GLY K 99 5.05 -43.92 -1.80
CA GLY K 99 4.14 -43.69 -0.73
C GLY K 99 3.29 -42.50 -1.03
N LYS K 100 2.10 -42.52 -0.48
CA LYS K 100 1.17 -41.42 -0.70
C LYS K 100 1.76 -40.12 -0.12
N PRO K 101 1.76 -38.98 -0.85
CA PRO K 101 2.23 -37.67 -0.45
C PRO K 101 1.26 -37.05 0.53
N ILE K 102 1.74 -36.08 1.30
CA ILE K 102 0.89 -35.36 2.25
C ILE K 102 -0.09 -34.39 1.61
N TYR K 103 0.27 -33.85 0.46
CA TYR K 103 -0.58 -32.91 -0.23
C TYR K 103 -0.28 -32.99 -1.71
N TYR K 104 -1.28 -32.77 -2.53
CA TYR K 104 -1.15 -32.90 -3.99
C TYR K 104 -0.01 -32.12 -4.62
N SER K 105 0.78 -32.83 -5.42
CA SER K 105 1.93 -32.30 -6.12
C SER K 105 1.87 -32.38 -7.64
N GLY K 106 0.95 -33.16 -8.18
CA GLY K 106 0.99 -33.38 -9.61
C GLY K 106 1.98 -34.51 -9.79
N GLY K 107 2.64 -34.62 -10.95
CA GLY K 107 3.52 -35.77 -11.20
C GLY K 107 4.91 -35.63 -10.57
N TYR K 108 4.91 -35.35 -9.27
CA TYR K 108 6.14 -35.14 -8.55
C TYR K 108 6.12 -36.07 -7.34
N PRO K 109 7.03 -37.04 -7.30
CA PRO K 109 7.08 -38.11 -6.33
C PRO K 109 7.39 -37.65 -4.94
N SER K 110 6.92 -38.45 -4.00
CA SER K 110 7.11 -38.30 -2.58
C SER K 110 8.47 -38.83 -2.09
N TRP K 111 9.08 -39.67 -2.92
CA TRP K 111 10.38 -40.32 -2.69
C TRP K 111 10.54 -41.25 -1.47
N TYR K 112 9.50 -41.95 -1.10
CA TYR K 112 9.52 -42.94 -0.02
C TYR K 112 8.54 -43.99 -0.41
N PHE K 113 8.60 -45.16 0.20
CA PHE K 113 7.74 -46.22 -0.31
C PHE K 113 6.83 -46.94 0.65
N ASP K 114 5.63 -47.24 0.17
CA ASP K 114 4.71 -48.04 0.97
C ASP K 114 4.77 -49.51 0.60
N LEU K 115 5.01 -49.83 -0.67
CA LEU K 115 4.97 -51.24 -1.08
C LEU K 115 6.24 -51.71 -1.74
N TRP K 116 6.81 -52.79 -1.21
CA TRP K 116 8.03 -53.34 -1.79
C TRP K 116 7.85 -54.72 -2.40
N GLY K 117 8.52 -54.96 -3.53
CA GLY K 117 8.51 -56.30 -4.13
C GLY K 117 9.56 -57.20 -3.46
N PRO K 118 9.60 -58.50 -3.78
CA PRO K 118 10.54 -59.49 -3.25
C PRO K 118 12.02 -59.40 -3.65
N GLY K 119 12.35 -58.75 -4.76
CA GLY K 119 13.76 -58.64 -5.18
C GLY K 119 14.17 -59.62 -6.29
N THR K 120 14.83 -59.06 -7.32
CA THR K 120 15.32 -59.81 -8.48
C THR K 120 16.83 -59.60 -8.70
N PRO K 121 17.73 -60.51 -8.29
CA PRO K 121 19.16 -60.37 -8.45
C PRO K 121 19.67 -60.48 -9.87
N ILE K 122 20.64 -59.64 -10.18
CA ILE K 122 21.36 -59.72 -11.44
C ILE K 122 22.84 -59.79 -11.12
N THR K 123 23.50 -60.77 -11.69
CA THR K 123 24.93 -60.90 -11.53
C THR K 123 25.60 -60.59 -12.84
N ILE K 124 26.58 -59.72 -12.81
CA ILE K 124 27.29 -59.42 -14.04
C ILE K 124 28.73 -59.86 -13.87
N SER K 125 29.16 -60.80 -14.70
CA SER K 125 30.49 -61.37 -14.55
C SER K 125 30.98 -62.12 -15.78
N SER K 126 32.27 -62.41 -15.80
CA SER K 126 32.86 -63.21 -16.87
C SER K 126 32.89 -64.68 -16.50
N ASP L 1 24.79 -33.12 -2.09
CA ASP L 1 24.20 -34.37 -1.64
C ASP L 1 24.01 -34.37 -0.15
N VAL L 2 23.05 -35.17 0.31
CA VAL L 2 22.87 -35.26 1.75
C VAL L 2 23.51 -36.54 2.19
N VAL L 3 24.49 -36.40 3.05
CA VAL L 3 25.17 -37.59 3.53
C VAL L 3 24.55 -37.99 4.83
N MET L 4 24.15 -39.24 4.89
CA MET L 4 23.51 -39.72 6.08
C MET L 4 24.36 -40.76 6.75
N THR L 5 24.43 -40.65 8.06
CA THR L 5 25.17 -41.58 8.86
C THR L 5 24.27 -42.13 9.92
N GLN L 6 24.65 -43.25 10.50
CA GLN L 6 23.88 -43.86 11.55
C GLN L 6 24.80 -44.29 12.65
N SER L 7 24.28 -44.34 13.86
CA SER L 7 25.08 -44.78 14.99
C SER L 7 24.22 -45.41 16.07
N PRO L 8 24.68 -46.53 16.64
CA PRO L 8 25.92 -47.28 16.47
C PRO L 8 25.90 -48.12 15.20
N GLY L 9 27.03 -48.74 14.84
CA GLY L 9 26.99 -49.64 13.68
C GLY L 9 26.00 -50.78 13.91
N PHE L 10 25.95 -51.23 15.15
CA PHE L 10 25.01 -52.25 15.56
C PHE L 10 24.77 -52.01 17.02
N ARG L 11 23.68 -52.53 17.53
CA ARG L 11 23.38 -52.39 18.93
C ARG L 11 23.10 -53.77 19.50
N SER L 12 23.70 -54.06 20.65
CA SER L 12 23.46 -55.32 21.33
C SER L 12 22.49 -55.07 22.44
N VAL L 13 21.32 -55.67 22.31
CA VAL L 13 20.20 -55.46 23.23
C VAL L 13 19.60 -56.74 23.72
N THR L 14 18.78 -56.66 24.77
CA THR L 14 18.09 -57.84 25.25
C THR L 14 16.60 -57.63 25.30
N LEU L 15 15.86 -58.71 25.44
CA LEU L 15 14.41 -58.59 25.44
C LEU L 15 13.84 -57.74 26.54
N LYS L 16 12.80 -56.99 26.16
CA LYS L 16 12.01 -56.07 26.97
C LYS L 16 12.78 -54.82 27.38
N GLU L 17 13.93 -54.61 26.78
CA GLU L 17 14.71 -53.40 26.96
C GLU L 17 14.09 -52.25 26.16
N LYS L 18 14.09 -51.04 26.71
CA LYS L 18 13.69 -49.90 25.91
C LYS L 18 14.93 -49.51 25.15
N VAL L 19 14.85 -49.45 23.83
CA VAL L 19 16.05 -49.21 23.04
C VAL L 19 15.96 -48.11 22.01
N SER L 20 17.11 -47.57 21.61
CA SER L 20 17.15 -46.59 20.54
C SER L 20 18.45 -46.53 19.74
N ILE L 21 18.29 -46.06 18.50
CA ILE L 21 19.39 -45.80 17.58
C ILE L 21 19.20 -44.41 16.96
N THR L 22 20.26 -43.81 16.43
CA THR L 22 20.07 -42.51 15.80
C THR L 22 20.64 -42.38 14.39
N CYS L 23 20.12 -41.36 13.71
CA CYS L 23 20.54 -40.95 12.37
C CYS L 23 20.95 -39.49 12.33
N GLN L 24 21.95 -39.20 11.51
CA GLN L 24 22.36 -37.82 11.32
C GLN L 24 22.51 -37.44 9.87
N ALA L 25 22.25 -36.17 9.58
CA ALA L 25 22.46 -35.64 8.24
C ALA L 25 23.58 -34.62 8.23
N SER L 26 24.35 -34.58 7.15
CA SER L 26 25.39 -33.58 6.97
C SER L 26 24.86 -32.16 6.76
N GLN L 27 23.60 -32.07 6.38
CA GLN L 27 22.91 -30.82 6.16
C GLN L 27 21.49 -30.96 6.61
N THR L 28 20.86 -29.87 7.00
CA THR L 28 19.48 -29.95 7.43
C THR L 28 18.56 -30.49 6.38
N ILE L 29 17.68 -31.37 6.82
CA ILE L 29 16.66 -31.94 5.97
C ILE L 29 15.29 -31.64 6.51
N GLY L 30 15.18 -30.63 7.35
CA GLY L 30 13.88 -30.29 7.90
C GLY L 30 13.39 -31.49 8.68
N THR L 31 12.20 -31.96 8.34
CA THR L 31 11.57 -33.11 8.98
C THR L 31 11.37 -34.25 7.99
N ASN L 32 12.02 -34.15 6.83
CA ASN L 32 11.84 -35.14 5.78
C ASN L 32 12.71 -36.37 5.91
N LEU L 33 12.48 -37.11 6.98
CA LEU L 33 13.21 -38.35 7.24
C LEU L 33 12.26 -39.50 7.49
N HIS L 34 12.61 -40.64 6.94
CA HIS L 34 11.76 -41.80 7.06
C HIS L 34 12.55 -43.01 7.56
N TRP L 35 11.91 -43.84 8.39
CA TRP L 35 12.58 -45.03 8.92
C TRP L 35 12.03 -46.31 8.32
N TYR L 36 12.96 -47.17 7.93
CA TYR L 36 12.71 -48.47 7.31
C TYR L 36 13.42 -49.60 8.05
N GLN L 37 12.93 -50.82 7.90
CA GLN L 37 13.64 -51.96 8.46
C GLN L 37 13.75 -53.07 7.43
N GLN L 38 14.79 -53.89 7.58
CA GLN L 38 14.93 -55.06 6.72
C GLN L 38 15.53 -56.24 7.48
N LYS L 39 14.96 -57.41 7.27
CA LYS L 39 15.45 -58.65 7.85
C LYS L 39 16.18 -59.40 6.75
N PRO L 40 17.15 -60.26 7.05
CA PRO L 40 17.85 -61.03 6.05
C PRO L 40 16.88 -61.83 5.21
N GLY L 41 17.05 -61.75 3.91
CA GLY L 41 16.22 -62.49 2.96
C GLY L 41 14.87 -61.84 2.68
N GLN L 42 14.60 -60.72 3.33
CA GLN L 42 13.31 -60.06 3.17
C GLN L 42 13.38 -58.76 2.40
N SER L 43 12.23 -58.35 1.87
CA SER L 43 12.13 -57.06 1.22
C SER L 43 12.08 -56.01 2.33
N PRO L 44 12.36 -54.73 2.07
CA PRO L 44 12.26 -53.62 3.00
C PRO L 44 10.83 -53.31 3.45
N LYS L 45 10.68 -52.74 4.64
CA LYS L 45 9.39 -52.24 5.12
C LYS L 45 9.55 -50.83 5.72
N LEU L 46 8.57 -49.96 5.46
CA LEU L 46 8.56 -48.59 6.02
C LEU L 46 7.81 -48.55 7.33
N LEU L 47 8.45 -48.04 8.37
CA LEU L 47 7.81 -47.99 9.68
C LEU L 47 7.37 -46.62 10.15
N ILE L 48 8.20 -45.61 9.96
CA ILE L 48 7.87 -44.25 10.40
C ILE L 48 8.07 -43.26 9.28
N LYS L 49 7.11 -42.37 9.08
CA LYS L 49 7.30 -41.38 8.02
C LYS L 49 7.31 -39.95 8.53
N TYR L 50 7.99 -39.08 7.81
CA TYR L 50 8.03 -37.65 8.17
C TYR L 50 8.41 -37.44 9.62
N SER L 51 9.49 -38.09 10.04
CA SER L 51 10.06 -38.03 11.38
C SER L 51 9.22 -38.72 12.47
N SER L 52 7.97 -38.29 12.66
CA SER L 52 7.11 -38.86 13.71
C SER L 52 5.73 -39.40 13.34
N GLN L 53 5.42 -39.70 12.08
CA GLN L 53 4.07 -40.20 11.81
C GLN L 53 4.00 -41.71 11.89
N SER L 54 2.89 -42.20 12.43
CA SER L 54 2.66 -43.63 12.49
C SER L 54 2.16 -44.17 11.18
N ILE L 55 2.32 -45.47 11.00
CA ILE L 55 1.85 -46.16 9.81
C ILE L 55 1.04 -47.39 10.18
N SER L 56 -0.11 -47.57 9.56
CA SER L 56 -0.89 -48.74 9.86
C SER L 56 -0.07 -49.97 9.54
N GLY L 57 -0.14 -50.99 10.39
CA GLY L 57 0.65 -52.20 10.15
C GLY L 57 1.95 -52.20 10.95
N VAL L 58 2.23 -51.07 11.61
CA VAL L 58 3.41 -50.94 12.45
C VAL L 58 2.99 -50.93 13.92
N PRO L 59 3.50 -51.82 14.77
CA PRO L 59 3.17 -51.91 16.17
C PRO L 59 3.41 -50.59 16.89
N SER L 60 2.56 -50.30 17.87
CA SER L 60 2.56 -49.07 18.66
C SER L 60 3.81 -48.88 19.52
N ARG L 61 4.56 -49.95 19.69
CA ARG L 61 5.79 -49.87 20.43
C ARG L 61 6.87 -49.10 19.68
N PHE L 62 6.69 -48.90 18.37
CA PHE L 62 7.66 -48.17 17.58
C PHE L 62 7.30 -46.71 17.52
N SER L 63 8.28 -45.86 17.75
CA SER L 63 8.07 -44.42 17.70
C SER L 63 9.38 -43.72 17.42
N GLY L 64 9.31 -42.42 17.14
CA GLY L 64 10.53 -41.67 16.93
C GLY L 64 10.22 -40.21 16.63
N SER L 65 11.29 -39.44 16.56
CA SER L 65 11.21 -38.00 16.30
C SER L 65 12.53 -37.42 15.87
N GLY L 66 12.50 -36.18 15.42
CA GLY L 66 13.72 -35.48 15.06
C GLY L 66 13.50 -34.40 14.05
N SER L 67 14.53 -33.59 13.87
CA SER L 67 14.49 -32.49 12.91
C SER L 67 15.89 -32.01 12.58
N GLY L 68 16.00 -31.27 11.48
CA GLY L 68 17.27 -30.67 11.15
C GLY L 68 18.24 -31.76 10.77
N THR L 69 19.27 -31.92 11.58
CA THR L 69 20.28 -32.92 11.32
C THR L 69 20.26 -34.10 12.28
N ASP L 70 19.34 -34.11 13.25
CA ASP L 70 19.37 -35.16 14.27
C ASP L 70 18.04 -35.86 14.56
N PHE L 71 18.03 -37.18 14.30
CA PHE L 71 16.82 -38.00 14.45
C PHE L 71 17.01 -39.27 15.28
N THR L 72 15.96 -39.68 16.00
CA THR L 72 15.98 -40.89 16.84
C THR L 72 14.82 -41.88 16.62
N LEU L 73 15.17 -43.16 16.56
CA LEU L 73 14.20 -44.26 16.52
C LEU L 73 14.21 -45.00 17.82
N THR L 74 13.04 -45.29 18.36
CA THR L 74 13.00 -46.06 19.57
C THR L 74 11.91 -47.11 19.62
N ILE L 75 12.16 -48.13 20.45
CA ILE L 75 11.20 -49.17 20.72
C ILE L 75 10.91 -49.18 22.21
N ASN L 76 9.63 -49.06 22.57
CA ASN L 76 9.24 -48.95 23.97
C ASN L 76 9.63 -50.15 24.82
N SER L 77 9.57 -51.33 24.23
CA SER L 77 9.91 -52.59 24.87
C SER L 77 10.25 -53.56 23.77
N LEU L 78 11.51 -53.91 23.65
CA LEU L 78 11.97 -54.73 22.55
C LEU L 78 11.45 -56.16 22.51
N GLU L 79 10.94 -56.56 21.34
CA GLU L 79 10.48 -57.93 21.14
C GLU L 79 11.47 -58.73 20.30
N ALA L 80 11.40 -60.05 20.40
CA ALA L 80 12.28 -60.91 19.61
C ALA L 80 12.08 -60.69 18.11
N ASP L 81 10.87 -60.34 17.75
CA ASP L 81 10.48 -60.15 16.37
C ASP L 81 11.00 -58.86 15.79
N ASP L 82 11.61 -58.02 16.62
CA ASP L 82 12.11 -56.74 16.18
C ASP L 82 13.55 -56.80 15.72
N ALA L 83 14.18 -57.98 15.73
CA ALA L 83 15.55 -57.98 15.24
C ALA L 83 15.51 -57.58 13.77
N ALA L 84 16.32 -56.62 13.39
CA ALA L 84 16.35 -56.12 12.00
C ALA L 84 17.47 -55.13 11.84
N THR L 85 17.80 -54.81 10.61
CA THR L 85 18.66 -53.67 10.40
C THR L 85 17.74 -52.52 10.12
N TYR L 86 17.94 -51.43 10.82
CA TYR L 86 17.09 -50.26 10.65
C TYR L 86 17.81 -49.19 9.87
N TYR L 87 17.08 -48.52 9.00
CA TYR L 87 17.65 -47.52 8.11
C TYR L 87 16.93 -46.19 8.05
N CYS L 88 17.69 -45.15 7.83
CA CYS L 88 17.08 -43.85 7.56
C CYS L 88 17.21 -43.43 6.11
N GLN L 89 16.16 -42.78 5.62
CA GLN L 89 16.18 -42.18 4.29
C GLN L 89 15.71 -40.74 4.35
N GLN L 90 16.27 -39.90 3.49
CA GLN L 90 15.86 -38.51 3.41
C GLN L 90 15.28 -38.20 2.06
N THR L 91 14.23 -37.40 2.08
CA THR L 91 13.53 -36.96 0.90
C THR L 91 13.51 -35.45 0.75
N ASN L 92 14.41 -34.79 1.43
CA ASN L 92 14.44 -33.35 1.41
C ASN L 92 15.10 -32.80 0.17
N SER L 93 16.13 -33.47 -0.30
CA SER L 93 16.89 -32.97 -1.43
C SER L 93 17.30 -34.05 -2.39
N PHE L 94 16.99 -33.84 -3.67
CA PHE L 94 17.30 -34.78 -4.73
C PHE L 94 18.80 -34.79 -5.06
N PRO L 95 19.43 -35.95 -5.24
CA PRO L 95 18.93 -37.32 -5.24
C PRO L 95 18.51 -37.71 -3.89
N CYS L 96 17.55 -38.60 -3.79
CA CYS L 96 17.18 -39.06 -2.48
C CYS L 96 18.31 -39.92 -2.00
N THR L 97 18.57 -39.89 -0.70
CA THR L 97 19.67 -40.67 -0.14
C THR L 97 19.27 -41.42 1.10
N PHE L 98 20.16 -42.29 1.53
CA PHE L 98 19.94 -43.13 2.69
C PHE L 98 21.23 -43.39 3.45
N GLY L 99 21.09 -43.75 4.73
CA GLY L 99 22.25 -44.08 5.56
C GLY L 99 22.63 -45.55 5.44
N PRO L 100 23.76 -45.96 6.04
CA PRO L 100 24.28 -47.32 6.05
C PRO L 100 23.48 -48.37 6.84
N GLY L 101 22.64 -47.93 7.76
CA GLY L 101 21.85 -48.83 8.58
C GLY L 101 22.51 -49.22 9.91
N THR L 102 21.68 -49.53 10.91
CA THR L 102 22.15 -50.04 12.21
C THR L 102 21.56 -51.40 12.49
N LYS L 103 22.41 -52.36 12.77
CA LYS L 103 21.89 -53.70 13.02
C LYS L 103 21.50 -53.89 14.47
N VAL L 104 20.28 -54.34 14.72
CA VAL L 104 19.88 -54.60 16.08
C VAL L 104 19.76 -56.10 16.33
N GLU L 105 20.64 -56.60 17.21
CA GLU L 105 20.76 -58.01 17.59
C GLU L 105 20.16 -58.23 18.95
N ILE L 106 19.34 -59.27 19.11
CA ILE L 106 18.64 -59.43 20.37
C ILE L 106 19.07 -60.68 21.16
N LYS L 107 19.43 -60.47 22.42
CA LYS L 107 19.83 -61.52 23.34
C LYS L 107 18.95 -61.50 24.61
C1 NAG M . -33.24 -19.11 17.88
C2 NAG M . -33.62 -19.54 16.47
C3 NAG M . -35.09 -19.82 16.40
C4 NAG M . -35.46 -20.94 17.36
C5 NAG M . -35.03 -20.47 18.74
C6 NAG M . -35.31 -21.52 19.79
C7 NAG M . -33.97 -17.80 14.71
C8 NAG M . -33.34 -16.65 14.01
N2 NAG M . -33.21 -18.46 15.57
O3 NAG M . -35.37 -20.27 15.05
O4 NAG M . -36.89 -21.07 17.33
O5 NAG M . -33.62 -20.20 18.80
O6 NAG M . -35.01 -22.86 19.42
O7 NAG M . -35.13 -18.10 14.46
C1 NAG M . -37.33 -22.36 16.76
C2 NAG M . -38.84 -22.50 16.95
C3 NAG M . -39.33 -23.81 16.46
C4 NAG M . -39.04 -23.82 14.95
C5 NAG M . -37.54 -23.67 14.74
C6 NAG M . -37.20 -23.56 13.27
C7 NAG M . -39.89 -21.26 18.68
C8 NAG M . -40.25 -21.07 20.12
N2 NAG M . -39.19 -22.31 18.34
O3 NAG M . -40.74 -23.91 16.73
O4 NAG M . -39.48 -25.09 14.41
O5 NAG M . -37.12 -22.44 15.33
O6 NAG M . -37.99 -22.63 12.53
O7 NAG M . -40.24 -20.47 17.81
C1 BMA M . -40.55 -24.96 13.39
C2 BMA M . -40.44 -26.14 12.44
C3 BMA M . -41.48 -26.08 11.37
C4 BMA M . -42.82 -26.09 12.08
C5 BMA M . -42.93 -24.88 13.05
C6 BMA M . -44.27 -24.93 13.87
O2 BMA M . -40.65 -27.26 13.16
O3 BMA M . -41.34 -27.22 10.47
O4 BMA M . -43.84 -26.03 11.14
O5 BMA M . -41.86 -24.98 14.02
O6 BMA M . -45.31 -25.80 13.29
C1 MAN M . -41.41 -26.91 9.02
C2 MAN M . -42.41 -27.86 8.34
C3 MAN M . -41.99 -29.29 8.38
C4 MAN M . -40.67 -29.37 7.66
C5 MAN M . -39.65 -28.44 8.37
C6 MAN M . -38.26 -28.49 7.63
O2 MAN M . -42.52 -27.48 7.06
O3 MAN M . -42.99 -30.10 7.73
O4 MAN M . -40.22 -30.69 7.68
O5 MAN M . -40.13 -27.07 8.33
O6 MAN M . -37.79 -29.86 7.31
C1 MAN M . -46.43 -26.04 14.22
C2 MAN M . -46.24 -27.39 14.93
C3 MAN M . -46.34 -28.53 13.98
C4 MAN M . -47.72 -28.47 13.35
C5 MAN M . -47.88 -27.11 12.61
C6 MAN M . -49.32 -27.00 11.98
O2 MAN M . -47.23 -27.50 15.84
O3 MAN M . -46.16 -29.76 14.71
O4 MAN M . -47.86 -29.52 12.46
O5 MAN M . -47.73 -26.04 13.57
O6 MAN M . -49.76 -28.20 11.25
C1 NAG N . 10.43 38.56 41.46
C2 NAG N . 9.27 39.47 41.88
C3 NAG N . 9.16 40.60 40.94
C4 NAG N . 10.48 41.41 40.99
C5 NAG N . 11.61 40.44 40.58
C6 NAG N . 12.97 41.05 40.68
C7 NAG N . 7.48 38.30 42.97
C8 NAG N . 6.21 37.54 42.84
N2 NAG N . 8.02 38.73 41.87
O3 NAG N . 8.04 41.44 41.33
O4 NAG N . 10.36 42.45 40.02
O5 NAG N . 11.65 39.32 41.48
O6 NAG N . 13.25 41.79 41.85
O7 NAG N . 8.02 38.53 44.06
C1 NAG N . 10.74 43.78 40.52
C2 NAG N . 11.12 44.64 39.31
C3 NAG N . 11.55 45.98 39.76
C4 NAG N . 10.40 46.62 40.52
C5 NAG N . 10.05 45.75 41.71
C6 NAG N . 8.86 46.34 42.44
C7 NAG N . 12.13 43.42 37.46
C8 NAG N . 13.40 42.81 36.95
N2 NAG N . 12.22 44.00 38.63
O3 NAG N . 11.94 46.77 38.60
O4 NAG N . 10.78 47.91 40.94
O5 NAG N . 9.66 44.44 41.24
O6 NAG N . 8.91 47.75 42.60
O7 NAG N . 11.07 43.37 36.82
C1 NAG O . 24.91 35.76 35.02
C2 NAG O . 24.48 35.68 36.47
C3 NAG O . 25.26 36.67 37.24
C4 NAG O . 26.76 36.40 37.20
C5 NAG O . 27.11 36.47 35.69
C6 NAG O . 28.52 36.07 35.34
C7 NAG O . 22.14 35.25 36.91
C8 NAG O . 20.76 35.83 36.95
N2 NAG O . 23.09 36.07 36.56
O3 NAG O . 24.79 36.66 38.61
O4 NAG O . 27.36 37.45 37.99
O5 NAG O . 26.34 35.52 34.95
O6 NAG O . 28.99 34.89 35.97
O7 NAG O . 22.39 34.07 37.19
C1 NAG O . 28.66 37.11 38.60
C2 NAG O . 29.49 38.39 38.69
C3 NAG O . 30.85 38.08 39.21
C4 NAG O . 30.67 37.49 40.60
C5 NAG O . 29.82 36.23 40.50
C6 NAG O . 29.60 35.65 41.88
C7 NAG O . 28.97 40.08 37.04
C8 NAG O . 29.15 40.57 35.64
N2 NAG O . 29.61 38.98 37.38
O3 NAG O . 31.62 39.31 39.24
O4 NAG O . 31.94 37.19 41.14
O5 NAG O . 28.53 36.54 39.95
O6 NAG O . 30.72 35.74 42.75
O7 NAG O . 28.28 40.71 37.86
C1 NAG P . -19.42 -13.49 36.36
C2 NAG P . -17.98 -13.89 36.77
C3 NAG P . -17.75 -15.31 36.40
C4 NAG P . -18.75 -16.20 37.13
C5 NAG P . -20.15 -15.72 36.74
C6 NAG P . -21.20 -16.48 37.51
C7 NAG P . -16.47 -12.01 36.68
C8 NAG P . -15.55 -11.19 35.85
N2 NAG P . -17.00 -13.07 36.11
O3 NAG P . -16.38 -15.65 36.75
O4 NAG P . -18.62 -17.54 36.64
O5 NAG P . -20.36 -14.34 37.06
O6 NAG P . -21.01 -16.54 38.91
O7 NAG P . -16.73 -11.73 37.85
C1 NAG P . -17.97 -18.46 37.59
C2 NAG P . -18.32 -19.89 37.14
C3 NAG P . -17.69 -20.89 38.04
C4 NAG P . -16.17 -20.67 37.95
C5 NAG P . -15.83 -19.24 38.40
C6 NAG P . -14.36 -19.00 38.23
C7 NAG P . -20.44 -20.62 36.23
C8 NAG P . -21.92 -20.68 36.41
N2 NAG P . -19.76 -20.05 37.21
O3 NAG P . -18.06 -22.23 37.63
O4 NAG P . -15.51 -21.62 38.77
O5 NAG P . -16.52 -18.32 37.55
O6 NAG P . -13.54 -20.11 38.55
O7 NAG P . -19.88 -21.07 35.24
C1 NAG Q . -15.92 16.58 31.62
C2 NAG Q . -14.49 17.10 31.47
C3 NAG Q . -14.43 18.53 31.80
C4 NAG Q . -15.32 19.31 30.84
C5 NAG Q . -16.75 18.76 31.03
C6 NAG Q . -17.78 19.34 30.10
C7 NAG Q . -12.82 15.47 31.96
C8 NAG Q . -12.16 14.64 32.99
N2 NAG Q . -13.68 16.36 32.38
O3 NAG Q . -13.07 19.01 31.69
O4 NAG Q . -15.16 20.68 31.23
O5 NAG Q . -16.78 17.35 30.73
O6 NAG Q . -17.43 19.38 28.72
O7 NAG Q . -12.59 15.35 30.75
C1 NAG Q . -15.20 21.63 30.11
C2 NAG Q . -15.79 22.95 30.65
C3 NAG Q . -15.90 23.94 29.55
C4 NAG Q . -14.50 24.21 29.04
C5 NAG Q . -13.89 22.90 28.55
C6 NAG Q . -12.43 23.06 28.22
C7 NAG Q . -17.11 22.43 32.58
C8 NAG Q . -18.44 22.16 33.21
N2 NAG Q . -17.06 22.72 31.29
O3 NAG Q . -16.52 25.14 30.05
O4 NAG Q . -14.59 25.13 27.95
O5 NAG Q . -13.88 21.93 29.60
O6 NAG Q . -11.60 23.16 29.37
O7 NAG Q . -16.06 22.40 33.23
C1 BMA Q . -13.89 26.41 28.16
C2 BMA Q . -13.32 26.84 26.81
C3 BMA Q . -12.58 28.12 26.87
C4 BMA Q . -13.60 29.14 27.36
C5 BMA Q . -14.15 28.72 28.76
C6 BMA Q . -15.22 29.78 29.21
O2 BMA Q . -14.36 26.97 25.98
O3 BMA Q . -12.12 28.43 25.52
O4 BMA Q . -13.04 30.40 27.46
O5 BMA Q . -14.80 27.44 28.63
O6 BMA Q . -14.84 31.16 28.88
C1 MAN Q . -10.70 28.84 25.47
C2 MAN Q . -10.43 29.42 24.07
C3 MAN Q . -10.55 28.34 23.03
C4 MAN Q . -9.52 27.28 23.33
C5 MAN Q . -9.84 26.70 24.74
C6 MAN Q . -8.79 25.59 25.12
O2 MAN Q . -9.15 29.92 24.09
O3 MAN Q . -10.35 28.87 21.69
O4 MAN Q . -9.61 26.28 22.37
O5 MAN Q . -9.74 27.76 25.72
O6 MAN Q . -8.56 24.58 24.06
C1 MAN Q . -9.04 31.17 23.34
C2 MAN Q . -7.60 31.32 22.84
C3 MAN Q . -6.64 31.51 23.96
C4 MAN Q . -7.06 32.79 24.68
C5 MAN Q . -8.51 32.61 25.21
C6 MAN Q . -9.00 33.89 25.97
O2 MAN Q . -7.55 32.39 22.04
O3 MAN Q . -5.30 31.62 23.42
O4 MAN Q . -6.19 33.07 25.72
O5 MAN Q . -9.38 32.38 24.09
O6 MAN Q . -8.10 34.33 27.06
C1 NAG R . -8.29 -15.91 42.49
C2 NAG R . -7.65 -17.13 41.81
C3 NAG R . -7.63 -18.27 42.76
C4 NAG R . -6.78 -17.88 43.97
C5 NAG R . -7.46 -16.66 44.61
C6 NAG R . -6.70 -16.09 45.78
C7 NAG R . -7.89 -17.93 39.55
C8 NAG R . -8.80 -18.29 38.43
N2 NAG R . -8.44 -17.49 40.65
O3 NAG R . -7.09 -19.43 42.09
O4 NAG R . -6.79 -18.98 44.88
O5 NAG R . -7.51 -15.57 43.66
O6 NAG R . -5.35 -15.72 45.54
O7 NAG R . -6.66 -18.05 39.45
C1 NAG R . -5.44 -19.35 45.35
C2 NAG R . -5.58 -20.23 46.59
C3 NAG R . -4.25 -20.57 47.14
C4 NAG R . -3.50 -21.34 46.03
C5 NAG R . -3.36 -20.45 44.80
C6 NAG R . -2.69 -21.20 43.69
C7 NAG R . -7.43 -19.95 48.13
C8 NAG R . -8.11 -19.08 49.12
N2 NAG R . -6.33 -19.50 47.59
O3 NAG R . -4.41 -21.38 48.33
O4 NAG R . -2.22 -21.70 46.51
O5 NAG R . -4.68 -20.09 44.33
O6 NAG R . -1.61 -22.03 44.11
O7 NAG R . -7.89 -21.06 47.81
C1 NAG S . -16.21 24.99 47.89
C2 NAG S . -15.41 26.01 47.08
C3 NAG S . -14.90 27.02 48.03
C4 NAG S . -16.07 27.75 48.69
C5 NAG S . -16.90 26.66 49.41
C6 NAG S . -18.20 27.15 50.00
C7 NAG S . -14.32 25.07 45.13
C8 NAG S . -13.17 24.30 44.60
N2 NAG S . -14.30 25.35 46.42
O3 NAG S . -14.00 27.91 47.32
O4 NAG S . -15.45 28.66 49.62
O5 NAG S . -17.35 25.65 48.50
O6 NAG S . -18.98 27.95 49.12
O7 NAG S . -15.27 25.46 44.43
C1 NAG S . -16.19 29.93 49.81
C2 NAG S . -15.92 30.41 51.24
C3 NAG S . -16.70 31.64 51.51
C4 NAG S . -16.26 32.68 50.50
C5 NAG S . -16.54 32.18 49.09
C6 NAG S . -16.07 33.18 48.07
C7 NAG S . -15.43 28.60 52.77
C8 NAG S . -15.96 27.56 53.69
N2 NAG S . -16.30 29.39 52.19
O3 NAG S . -16.46 32.07 52.88
O4 NAG S . -16.98 33.89 50.74
O5 NAG S . -15.80 30.97 48.87
O6 NAG S . -16.15 34.54 48.50
O7 NAG S . -14.22 28.72 52.57
C1 NAG T . -3.68 14.84 52.44
C2 NAG T . -2.62 13.74 52.29
C3 NAG T . -2.60 13.01 53.58
C4 NAG T . -2.21 13.94 54.75
C5 NAG T . -3.23 15.07 54.71
C6 NAG T . -2.91 16.10 55.76
C7 NAG T . -2.52 12.98 49.98
C8 NAG T . -2.98 12.00 48.95
N2 NAG T . -2.95 12.80 51.21
O3 NAG T . -1.70 11.89 53.44
O4 NAG T . -2.40 13.29 56.03
O5 NAG T . -3.29 15.78 53.47
O6 NAG T . -3.05 15.61 57.08
O7 NAG T . -1.77 13.92 49.71
C1 NAG T . -1.34 12.35 56.42
C2 NAG T . -1.21 12.37 57.95
C3 NAG T . -0.13 11.46 58.41
C4 NAG T . -0.52 10.06 57.94
C5 NAG T . -0.64 10.04 56.42
C6 NAG T . -1.09 8.67 55.99
C7 NAG T . -1.45 14.24 59.49
C8 NAG T . -1.11 15.66 59.80
N2 NAG T . -0.92 13.73 58.39
O3 NAG T . 0.00 11.53 59.85
O4 NAG T . 0.45 9.10 58.34
O5 NAG T . -1.66 10.98 56.02
O6 NAG T . -0.59 7.64 56.80
O7 NAG T . -2.18 13.56 60.22
C1 NAG U . -11.62 10.80 59.20
C2 NAG U . -11.13 12.24 59.23
C3 NAG U . -10.66 12.56 60.61
C4 NAG U . -11.82 12.40 61.60
C5 NAG U . -12.31 10.96 61.49
C6 NAG U . -13.52 10.68 62.32
C7 NAG U . -10.12 13.14 57.23
C8 NAG U . -8.96 13.12 56.28
N2 NAG U . -10.04 12.36 58.28
O3 NAG U . -10.13 13.90 60.63
O4 NAG U . -11.29 12.67 62.90
O5 NAG U . -12.73 10.65 60.14
O6 NAG U . -14.59 11.61 62.17
O7 NAG U . -11.10 13.87 57.04
C1 NAG U . -12.13 13.55 63.72
C2 NAG U . -11.74 13.36 65.19
C3 NAG U . -12.61 14.17 66.08
C4 NAG U . -12.40 15.63 65.68
C5 NAG U . -12.81 15.81 64.21
C6 NAG U . -12.55 17.23 63.78
C7 NAG U . -10.87 11.22 65.92
C8 NAG U . -11.16 9.78 66.17
N2 NAG U . -11.88 11.96 65.53
O3 NAG U . -12.23 13.93 67.46
O4 NAG U . -13.21 16.45 66.51
O5 NAG U . -11.97 14.97 63.38
O6 NAG U . -12.85 18.20 64.78
O7 NAG U . -9.74 11.70 66.08
C1 NAG V . 18.73 14.38 39.98
C2 NAG V . 18.85 12.86 40.08
C3 NAG V . 17.80 12.37 41.00
C4 NAG V . 18.01 12.97 42.39
C5 NAG V . 17.96 14.51 42.23
C6 NAG V . 18.34 15.27 43.48
C7 NAG V . 19.71 11.74 38.15
C8 NAG V . 19.49 11.20 36.78
N2 NAG V . 18.69 12.28 38.75
O3 NAG V . 17.86 10.92 41.05
O4 NAG V . 16.91 12.50 43.19
O5 NAG V . 18.95 14.94 41.30
O6 NAG V . 19.50 14.82 44.15
O7 NAG V . 20.82 11.69 38.71
C1 NAG V . 17.26 12.20 44.59
C2 NAG V . 16.00 12.34 45.43
C3 NAG V . 16.32 12.12 46.87
C4 NAG V . 16.90 10.72 46.99
C5 NAG V . 18.16 10.62 46.14
C6 NAG V . 18.72 9.23 46.22
C7 NAG V . 14.20 13.93 45.13
C8 NAG V . 13.81 15.36 44.94
N2 NAG V . 15.47 13.68 45.28
O3 NAG V . 15.12 12.28 47.66
O4 NAG V . 17.22 10.48 48.36
O5 NAG V . 17.81 10.86 44.76
O6 NAG V . 18.78 8.70 47.54
O7 NAG V . 13.36 13.02 45.13
C1 NAG W . -22.91 14.57 34.13
C2 NAG W . -22.81 15.97 33.52
C3 NAG W . -24.17 16.54 33.48
C4 NAG W . -25.11 15.70 32.63
C5 NAG W . -25.11 14.30 33.26
C6 NAG W . -25.91 13.30 32.48
C7 NAG W . -20.72 17.03 34.15
C8 NAG W . -19.97 17.82 35.17
N2 NAG W . -21.99 16.81 34.39
O3 NAG W . -24.08 17.89 32.95
O4 NAG W . -26.38 16.34 32.78
O5 NAG W . -23.79 13.75 33.31
O6 NAG W . -25.69 13.32 31.08
O7 NAG W . -20.16 16.61 33.14
C1 NAG W . -27.19 16.38 31.55
C2 NAG W . -28.54 17.00 31.93
C3 NAG W . -29.45 17.02 30.76
C4 NAG W . -28.77 17.86 29.68
C5 NAG W . -27.43 17.23 29.31
C6 NAG W . -26.73 18.07 28.28
C7 NAG W . -29.39 16.70 34.17
C8 NAG W . -29.96 15.76 35.18
N2 NAG W . -29.13 16.20 32.98
O3 NAG W . -30.72 17.59 31.16
O4 NAG W . -29.61 17.92 28.54
O5 NAG W . -26.59 17.19 30.49
O6 NAG W . -27.58 18.58 27.27
O7 NAG W . -29.19 17.89 34.43
C1 NAG X . -21.83 13.71 -33.55
C2 NAG X . -22.21 12.25 -33.76
C3 NAG X . -22.58 12.02 -35.19
C4 NAG X . -23.76 12.90 -35.59
C5 NAG X . -23.33 14.33 -35.32
C6 NAG X . -24.44 15.31 -35.64
C7 NAG X . -20.42 10.54 -34.05
C8 NAG X . -19.21 9.94 -33.42
N2 NAG X . -21.08 11.44 -33.33
O3 NAG X . -22.98 10.64 -35.31
O4 NAG X . -23.98 12.72 -36.99
O5 NAG X . -22.98 14.54 -33.94
O6 NAG X . -25.74 14.92 -35.22
O7 NAG X . -20.77 10.15 -35.16
C1 NAG X . -25.26 12.06 -37.29
C2 NAG X . -25.50 12.09 -38.80
C3 NAG X . -26.81 11.50 -39.16
C4 NAG X . -26.74 10.04 -38.72
C5 NAG X . -26.49 9.98 -37.21
C6 NAG X . -26.29 8.56 -36.75
C7 NAG X . -24.40 13.76 -40.09
C8 NAG X . -24.30 15.16 -40.60
N2 NAG X . -25.40 13.44 -39.29
O3 NAG X . -27.00 11.63 -40.59
O4 NAG X . -28.00 9.40 -39.03
O5 NAG X . -25.27 10.66 -36.94
O6 NAG X . -25.39 7.79 -37.53
O7 NAG X . -23.59 12.89 -40.40
C1 BMA X . -27.90 8.29 -39.99
C2 BMA X . -29.03 7.31 -39.72
C3 BMA X . -28.97 6.13 -40.65
C4 BMA X . -29.10 6.71 -42.05
C5 BMA X . -27.94 7.72 -42.33
C6 BMA X . -28.10 8.39 -43.74
O2 BMA X . -30.18 7.96 -39.92
O3 BMA X . -30.07 5.23 -40.36
O4 BMA X . -29.06 5.68 -42.97
O5 BMA X . -28.01 8.77 -41.36
O6 BMA X . -29.01 7.68 -44.67
C1 MAN X . -29.70 3.78 -40.30
C2 MAN X . -30.67 2.98 -41.17
C3 MAN X . -32.07 3.00 -40.67
C4 MAN X . -32.04 2.40 -39.28
C5 MAN X . -31.09 3.25 -38.39
C6 MAN X . -31.02 2.65 -36.93
O2 MAN X . -30.25 1.70 -41.16
O3 MAN X . -32.92 2.22 -41.54
O4 MAN X . -33.33 2.42 -38.75
O5 MAN X . -29.75 3.21 -38.95
O6 MAN X . -32.34 2.33 -36.35
C1 MAN X . -29.35 8.48 -45.85
C2 MAN X . -30.72 9.15 -45.65
C3 MAN X . -31.82 8.16 -45.58
C4 MAN X . -31.82 7.39 -46.88
C5 MAN X . -30.44 6.69 -47.06
C6 MAN X . -30.38 5.93 -48.44
O2 MAN X . -30.93 9.96 -46.70
O3 MAN X . -33.07 8.85 -45.39
O4 MAN X . -32.83 6.45 -46.88
O5 MAN X . -29.41 7.71 -47.08
O6 MAN X . -31.57 5.11 -48.73
C1 NAG Y . 37.23 43.75 3.85
C2 NAG Y . 38.04 44.08 2.60
C3 NAG Y . 39.22 43.18 2.52
C4 NAG Y . 40.09 43.39 3.77
C5 NAG Y . 39.21 43.06 4.99
C6 NAG Y . 39.90 43.32 6.31
C7 NAG Y . 36.72 44.95 0.79
C8 NAG Y . 35.90 44.65 -0.41
N2 NAG Y . 37.24 43.91 1.41
O3 NAG Y . 39.97 43.49 1.32
O4 NAG Y . 41.17 42.45 3.68
O5 NAG Y . 38.07 43.91 5.02
O6 NAG Y . 40.60 44.54 6.42
O7 NAG Y . 36.93 46.08 1.21
C1 NAG Y . 42.50 43.04 3.92
C2 NAG Y . 43.43 41.91 4.37
C3 NAG Y . 44.77 42.45 4.67
C4 NAG Y . 45.31 43.12 3.40
C5 NAG Y . 44.37 44.23 2.99
C6 NAG Y . 44.85 44.86 1.71
C7 NAG Y . 42.35 40.13 5.63
C8 NAG Y . 41.84 39.72 6.98
N2 NAG Y . 42.88 41.33 5.57
O3 NAG Y . 45.63 41.38 5.11
O4 NAG Y . 46.60 43.63 3.66
O5 NAG Y . 43.06 43.68 2.73
O6 NAG Y . 46.25 45.08 1.66
O7 NAG Y . 42.27 39.38 4.65
C1 NAG Z . 35.58 38.69 19.05
C2 NAG Z . 35.41 40.09 18.48
C3 NAG Z . 36.41 40.97 19.12
C4 NAG Z . 36.23 41.06 20.64
C5 NAG Z . 36.39 39.61 21.12
C6 NAG Z . 36.09 39.38 22.58
C7 NAG Z . 34.82 40.27 16.14
C8 NAG Z . 35.32 40.20 14.73
N2 NAG Z . 35.72 40.04 17.07
O3 NAG Z . 36.32 42.28 18.52
O4 NAG Z . 37.28 41.94 21.08
O5 NAG Z . 35.43 38.75 20.49
O6 NAG Z . 34.91 40.01 23.06
O7 NAG Z . 33.66 40.52 16.43
C1 NAG Z . 36.99 42.68 22.33
C2 NAG Z . 38.31 42.90 23.07
C3 NAG Z . 38.07 43.54 24.38
C4 NAG Z . 37.40 44.88 24.11
C5 NAG Z . 36.09 44.65 23.36
C6 NAG Z . 35.44 45.97 23.04
C7 NAG Z . 40.05 41.27 22.61
C8 NAG Z . 40.60 39.91 22.89
N2 NAG Z . 38.97 41.63 23.27
O3 NAG Z . 39.33 43.69 25.08
O4 NAG Z . 37.15 45.54 25.34
O5 NAG Z . 36.36 43.99 22.10
O6 NAG Z . 35.57 46.95 24.07
O7 NAG Z . 40.59 42.04 21.80
C1 NAG AA . -16.22 33.68 -21.98
C2 NAG AA . -16.56 34.23 -20.57
C3 NAG AA . -17.93 33.82 -20.22
C4 NAG AA . -18.92 34.41 -21.23
C5 NAG AA . -18.51 33.90 -22.61
C6 NAG AA . -19.35 34.53 -23.68
C7 NAG AA . -14.59 34.35 -19.17
C8 NAG AA . -13.68 33.65 -18.24
N2 NAG AA . -15.65 33.69 -19.57
O3 NAG AA . -18.22 34.30 -18.87
O4 NAG AA . -20.22 33.89 -20.96
O5 NAG AA . -17.16 34.25 -22.93
O6 NAG AA . -19.47 35.94 -23.61
O7 NAG AA . -14.37 35.49 -19.58
C1 NAG AA . -21.15 34.86 -20.35
C2 NAG AA . -22.58 34.33 -20.56
C3 NAG AA . -23.58 35.25 -19.96
C4 NAG AA . -23.26 35.32 -18.46
C5 NAG AA . -21.85 35.86 -18.26
C6 NAG AA . -21.50 35.83 -16.80
C7 NAG AA . -23.38 33.19 -22.54
C8 NAG AA . -23.55 33.21 -24.01
N2 NAG AA . -22.82 34.24 -21.99
O3 NAG AA . -24.91 34.74 -20.20
O4 NAG AA . -24.20 36.16 -17.83
O5 NAG AA . -20.92 34.98 -18.92
O6 NAG AA . -22.57 36.20 -15.94
O7 NAG AA . -23.76 32.24 -21.85
C1 NAG BA . 14.18 30.47 -19.96
C2 NAG BA . 14.80 30.49 -18.56
C3 NAG BA . 16.22 30.88 -18.62
C4 NAG BA . 16.98 29.86 -19.46
C5 NAG BA . 16.34 29.89 -20.86
C6 NAG BA . 16.89 28.88 -21.84
C7 NAG BA . 13.25 31.09 -16.84
C8 NAG BA . 12.41 32.14 -16.23
N2 NAG BA . 14.06 31.46 -17.78
O3 NAG BA . 16.77 30.93 -17.28
O4 NAG BA . 18.34 30.31 -19.42
O5 NAG BA . 14.93 29.54 -20.77
O6 NAG BA . 17.01 27.56 -21.35
O7 NAG BA . 13.18 29.91 -16.49
C1 NAG BA . 19.33 29.24 -19.42
C2 NAG BA . 20.59 29.76 -20.13
C3 NAG BA . 21.62 28.70 -20.21
C4 NAG BA . 21.99 28.35 -18.77
C5 NAG BA . 20.74 27.86 -18.03
C6 NAG BA . 21.00 27.70 -16.56
C7 NAG BA . 19.90 31.54 -21.60
C8 NAG BA . 19.53 32.01 -22.97
N2 NAG BA . 20.26 30.27 -21.44
O3 NAG BA . 22.76 29.19 -20.94
O4 NAG BA . 22.95 27.29 -18.82
O5 NAG BA . 19.72 28.88 -18.07
O6 NAG BA . 21.10 28.92 -15.85
O7 NAG BA . 19.90 32.29 -20.62
C1 BMA BA . 24.26 27.61 -18.22
C2 BMA BA . 24.78 26.35 -17.55
C3 BMA BA . 26.10 26.54 -16.90
C4 BMA BA . 27.03 26.96 -18.03
C5 BMA BA . 26.52 28.28 -18.68
C6 BMA BA . 27.49 28.66 -19.86
O2 BMA BA . 24.88 25.43 -18.51
O3 BMA BA . 26.50 25.25 -16.34
O4 BMA BA . 28.33 27.16 -17.57
O5 BMA BA . 25.22 28.03 -19.24
O6 BMA BA . 28.91 28.43 -19.55
C1 MAN BA . 27.00 25.35 -14.95
C2 MAN BA . 27.65 24.01 -14.57
C3 MAN BA . 26.62 22.92 -14.53
C4 MAN BA . 25.60 23.29 -13.47
C5 MAN BA . 24.94 24.63 -13.88
C6 MAN BA . 23.88 25.07 -12.81
O2 MAN BA . 28.22 24.19 -13.35
O3 MAN BA . 27.21 21.64 -14.23
O4 MAN BA . 24.63 22.29 -13.40
O5 MAN BA . 25.96 25.66 -13.95
O6 MAN BA . 22.93 24.01 -12.41
C1 MAN BA . 29.52 23.48 -13.24
C2 MAN BA . 29.77 23.14 -11.77
C3 MAN BA . 29.97 24.36 -10.94
C4 MAN BA . 31.19 25.08 -11.51
C5 MAN BA . 30.88 25.46 -12.99
C6 MAN BA . 32.12 26.22 -13.63
O2 MAN BA . 30.88 22.40 -11.71
O3 MAN BA . 30.18 23.97 -9.56
O4 MAN BA . 31.47 26.21 -10.76
O5 MAN BA . 30.66 24.25 -13.73
O6 MAN BA . 32.55 27.40 -12.87
C1 NAG CA . -18.24 40.80 -11.37
C2 NAG CA . -19.39 40.14 -10.59
C3 NAG CA . -20.57 41.04 -10.59
C4 NAG CA . -20.19 42.35 -9.90
C5 NAG CA . -19.03 42.96 -10.71
C6 NAG CA . -18.48 44.23 -10.11
C7 NAG CA . -20.12 37.84 -10.56
C8 NAG CA . -20.46 36.63 -11.35
N2 NAG CA . -19.75 38.90 -11.24
O3 NAG CA . -21.67 40.40 -9.92
O4 NAG CA . -21.33 43.21 -9.92
O5 NAG CA . -17.92 42.05 -10.74
O6 NAG CA . -18.02 44.13 -8.76
O7 NAG CA . -20.15 37.86 -9.33
C1 NAG CA . -21.64 43.80 -8.61
C2 NAG CA . -22.57 44.99 -8.82
C3 NAG CA . -22.87 45.65 -7.52
C4 NAG CA . -23.54 44.60 -6.62
C5 NAG CA . -22.58 43.42 -6.42
C6 NAG CA . -23.24 42.35 -5.60
C7 NAG CA . -22.47 46.34 -10.82
C8 NAG CA . -21.69 47.29 -11.65
N2 NAG CA . -21.94 45.93 -9.70
O3 NAG CA . -23.72 46.79 -7.74
O4 NAG CA . -23.84 45.19 -5.37
O5 NAG CA . -22.29 42.84 -7.71
O6 NAG CA . -24.02 42.85 -4.52
O7 NAG CA . -23.59 45.94 -11.17
C1 NAG DA . 21.83 46.95 -22.37
C2 NAG DA . 22.93 46.26 -21.56
C3 NAG DA . 23.93 47.29 -21.21
C4 NAG DA . 24.56 47.87 -22.48
C5 NAG DA . 23.38 48.45 -23.30
C6 NAG DA . 23.77 48.92 -24.68
C7 NAG DA . 22.15 44.40 -20.22
C8 NAG DA . 21.46 43.95 -18.98
N2 NAG DA . 22.37 45.69 -20.35
O3 NAG DA . 24.90 46.71 -20.30
O4 NAG DA . 25.46 48.88 -22.02
O5 NAG DA . 22.39 47.46 -23.59
O6 NAG DA . 24.56 48.01 -25.43
O7 NAG DA . 22.50 43.62 -21.12
C1 NAG DA . 26.67 49.05 -22.85
C2 NAG DA . 27.11 50.51 -22.75
C3 NAG DA . 28.27 50.76 -23.64
C4 NAG DA . 29.39 49.83 -23.17
C5 NAG DA . 28.92 48.39 -23.27
C6 NAG DA . 30.00 47.46 -22.77
C7 NAG DA . 25.26 52.02 -22.30
C8 NAG DA . 24.14 52.84 -22.85
N2 NAG DA . 26.02 51.39 -23.16
O3 NAG DA . 28.65 52.16 -23.56
O4 NAG DA . 30.53 50.04 -23.97
O5 NAG DA . 27.77 48.19 -22.43
O6 NAG DA . 31.32 47.92 -22.97
O7 NAG DA . 25.46 51.94 -21.08
C1 NAG EA . 12.25 52.33 -9.72
C2 NAG EA . 11.22 52.25 -8.58
C3 NAG EA . 10.44 53.51 -8.66
C4 NAG EA . 11.33 54.75 -8.44
C5 NAG EA . 12.41 54.65 -9.52
C6 NAG EA . 13.40 55.76 -9.36
C7 NAG EA . 10.57 49.94 -8.21
C8 NAG EA . 9.62 48.82 -8.50
N2 NAG EA . 10.31 51.12 -8.74
O3 NAG EA . 9.38 53.42 -7.67
O4 NAG EA . 10.63 55.97 -8.71
O5 NAG EA . 13.16 53.44 -9.50
O6 NAG EA . 12.85 57.04 -9.60
O7 NAG EA . 11.57 49.78 -7.51
C1 NAG EA . 9.73 56.44 -7.63
C2 NAG EA . 9.69 57.97 -7.66
C3 NAG EA . 8.82 58.50 -6.56
C4 NAG EA . 7.43 57.94 -6.82
C5 NAG EA . 7.46 56.42 -6.80
C6 NAG EA . 6.09 55.89 -7.12
C7 NAG EA . 11.47 59.55 -8.16
C8 NAG EA . 12.89 59.94 -7.94
N2 NAG EA . 11.04 58.48 -7.49
O3 NAG EA . 8.83 59.94 -6.58
O4 NAG EA . 6.51 58.39 -5.83
O5 NAG EA . 8.35 55.96 -7.83
O6 NAG EA . 5.05 56.71 -6.62
O7 NAG EA . 10.72 60.17 -8.91
C1 NAG FA . 7.45 58.11 -18.01
C2 NAG FA . 8.90 58.25 -17.62
C3 NAG FA . 9.19 59.67 -17.31
C4 NAG FA . 8.93 60.53 -18.55
C5 NAG FA . 7.45 60.32 -18.92
C6 NAG FA . 7.07 61.02 -20.21
C7 NAG FA . 9.96 56.39 -16.48
C8 NAG FA . 10.04 55.57 -15.24
N2 NAG FA . 9.14 57.42 -16.45
O3 NAG FA . 10.56 59.80 -16.87
O4 NAG FA . 9.16 61.89 -18.16
O5 NAG FA . 7.18 58.93 -19.19
O6 NAG FA . 7.94 60.80 -21.30
O7 NAG FA . 10.63 56.13 -17.48
C1 NAG FA . 9.97 62.66 -19.14
C2 NAG FA . 9.73 64.14 -18.88
C3 NAG FA . 10.45 64.97 -19.88
C4 NAG FA . 11.93 64.65 -19.73
C5 NAG FA . 12.15 63.16 -20.00
C6 NAG FA . 13.60 62.82 -19.80
C7 NAG FA . 7.61 64.88 -17.95
C8 NAG FA . 6.15 65.05 -18.17
N2 NAG FA . 8.31 64.41 -18.97
O3 NAG FA . 10.17 66.37 -19.63
O4 NAG FA . 12.67 65.43 -20.67
O5 NAG FA . 11.40 62.39 -19.03
O6 NAG FA . 14.51 63.82 -20.24
O7 NAG FA . 8.16 65.17 -16.88
C1 NAG GA . 13.68 42.18 13.78
C2 NAG GA . 12.16 42.23 13.99
C3 NAG GA . 11.57 43.02 12.89
C4 NAG GA . 12.12 44.45 12.92
C5 NAG GA . 13.65 44.35 12.79
C6 NAG GA . 14.39 45.65 12.99
C7 NAG GA . 11.19 40.35 15.11
C8 NAG GA . 10.69 38.95 15.05
N2 NAG GA . 11.64 40.87 13.99
O3 NAG GA . 10.13 43.03 13.03
O4 NAG GA . 11.55 45.12 11.78
O5 NAG GA . 14.19 43.53 13.83
O6 NAG GA . 13.98 46.42 14.11
O7 NAG GA . 11.17 41.02 16.16
C1 NAG GA . 11.21 46.53 12.01
C2 NAG GA . 11.23 47.25 10.66
C3 NAG GA . 10.98 48.70 10.86
C4 NAG GA . 9.60 48.84 11.51
C5 NAG GA . 9.61 48.10 12.84
C6 NAG GA . 8.26 48.18 13.50
C7 NAG GA . 12.73 46.82 8.81
C8 NAG GA . 14.14 46.66 8.35
N2 NAG GA . 12.54 47.09 10.08
O3 NAG GA . 11.03 49.37 9.58
O4 NAG GA . 9.33 50.21 11.71
O5 NAG GA . 9.90 46.70 12.63
O6 NAG GA . 7.68 49.48 13.45
O7 NAG GA . 11.77 46.72 8.03
C1 NAG HA . 11.65 32.19 -27.01
C2 NAG HA . 13.09 31.65 -26.95
C3 NAG HA . 13.57 31.50 -28.33
C4 NAG HA . 12.72 30.52 -29.13
C5 NAG HA . 11.30 31.10 -29.10
C6 NAG HA . 10.27 30.20 -29.75
C7 NAG HA . 14.24 32.53 -24.99
C8 NAG HA . 15.02 33.65 -24.41
N2 NAG HA . 13.93 32.63 -26.27
O3 NAG HA . 14.94 31.03 -28.28
O4 NAG HA . 13.26 30.57 -30.44
O5 NAG HA . 10.81 31.26 -27.75
O6 NAG HA . 10.37 28.83 -29.40
O7 NAG HA . 13.90 31.56 -24.32
C1 NAG HA . 13.33 29.27 -31.13
C2 NAG HA . 13.84 29.53 -32.54
C3 NAG HA . 13.86 28.28 -33.34
C4 NAG HA . 14.78 27.31 -32.61
C5 NAG HA . 14.25 27.05 -31.20
C6 NAG HA . 15.17 26.13 -30.46
C7 NAG HA . 13.39 31.67 -33.60
C8 NAG HA . 12.37 32.58 -34.20
N2 NAG HA . 12.96 30.49 -33.18
O3 NAG HA . 14.33 28.57 -34.68
O4 NAG HA . 14.83 26.09 -33.33
O5 NAG HA . 14.20 28.31 -30.48
O6 NAG HA . 15.68 25.06 -31.24
O7 NAG HA . 14.58 31.99 -33.50
C1 NAG IA . 13.88 -35.02 -19.28
C2 NAG IA . 12.40 -35.33 -19.54
C3 NAG IA . 12.21 -36.79 -19.75
C4 NAG IA . 13.03 -37.27 -20.93
C5 NAG IA . 14.49 -36.91 -20.63
C6 NAG IA . 15.40 -37.29 -21.77
C7 NAG IA . 10.81 -35.49 -17.62
C8 NAG IA . 10.26 -34.77 -16.44
N2 NAG IA . 11.64 -34.82 -18.40
O3 NAG IA . 10.82 -37.01 -20.05
O4 NAG IA . 12.90 -38.70 -21.00
O5 NAG IA . 14.64 -35.49 -20.43
O6 NAG IA . 14.91 -37.02 -23.07
O7 NAG IA . 10.46 -36.65 -17.84
C1 NAG IA . 12.19 -39.15 -22.21
C2 NAG IA . 12.27 -40.67 -22.30
C3 NAG IA . 11.62 -41.18 -23.53
C4 NAG IA . 10.14 -40.80 -23.41
C5 NAG IA . 10.04 -39.27 -23.31
C6 NAG IA . 8.61 -38.85 -23.06
C7 NAG IA . 14.05 -41.78 -21.19
C8 NAG IA . 15.48 -42.22 -21.13
N2 NAG IA . 13.64 -41.09 -22.23
O3 NAG IA . 11.80 -42.61 -23.59
O4 NAG IA . 9.45 -41.25 -24.60
O5 NAG IA . 10.77 -38.84 -22.16
O6 NAG IA . 7.92 -39.55 -22.04
O7 NAG IA . 13.25 -42.04 -20.30
C1 BMA IA . 8.39 -42.24 -24.32
C2 BMA IA . 7.33 -42.12 -25.41
C3 BMA IA . 6.20 -43.09 -25.19
C4 BMA IA . 6.84 -44.47 -25.22
C5 BMA IA . 7.92 -44.58 -24.11
C6 BMA IA . 8.64 -45.98 -24.17
O2 BMA IA . 7.92 -42.41 -26.58
O3 BMA IA . 5.22 -42.93 -26.26
O4 BMA IA . 5.85 -45.43 -25.02
O5 BMA IA . 8.93 -43.59 -24.34
O6 BMA IA . 7.92 -47.02 -24.94
C1 MAN IA . 3.80 -42.90 -25.80
C2 MAN IA . 2.98 -43.90 -26.63
C3 MAN IA . 2.90 -43.54 -28.07
C4 MAN IA . 2.24 -42.17 -28.14
C5 MAN IA . 3.10 -41.17 -27.33
C6 MAN IA . 2.45 -39.73 -27.37
O2 MAN IA . 1.74 -43.90 -26.13
O3 MAN IA . 2.11 -44.52 -28.77
O4 MAN IA . 2.16 -41.77 -29.47
O5 MAN IA . 3.17 -41.58 -25.94
O6 MAN IA . 2.02 -39.29 -28.72
C1 MAN IA . 8.75 -48.20 -25.21
C2 MAN IA . 9.33 -48.12 -26.63
C3 MAN IA . 8.27 -48.19 -27.67
C4 MAN IA . 7.57 -49.53 -27.48
C5 MAN IA . 6.96 -49.59 -26.06
C6 MAN IA . 6.26 -50.98 -25.82
O2 MAN IA . 10.17 -49.15 -26.79
O3 MAN IA . 8.88 -48.11 -28.97
O4 MAN IA . 6.57 -49.65 -28.43
O5 MAN IA . 8.04 -49.46 -25.10
O6 MAN IA . 5.39 -51.42 -26.92
C1 NAG JA . 45.67 9.24 33.82
C2 NAG JA . 46.10 8.10 34.73
C3 NAG JA . 45.28 8.09 35.96
C4 NAG JA . 45.48 9.44 36.69
C5 NAG JA . 45.05 10.55 35.73
C6 NAG JA . 45.29 11.94 36.25
C7 NAG JA . 46.96 6.19 33.54
C8 NAG JA . 46.68 4.90 32.86
N2 NAG JA . 45.94 6.83 34.06
O3 NAG JA . 45.68 6.99 36.80
O4 NAG JA . 44.62 9.41 37.84
O5 NAG JA . 45.83 10.49 34.53
O6 NAG JA . 46.55 12.16 36.87
O7 NAG JA . 48.10 6.67 33.64
C1 NAG JA . 45.27 9.81 39.09
C2 NAG JA . 44.18 10.30 40.05
C3 NAG JA . 44.79 10.76 41.32
C4 NAG JA . 45.53 9.58 41.93
C5 NAG JA . 46.61 9.12 40.96
C6 NAG JA . 47.32 7.92 41.53
C7 NAG JA . 42.28 11.39 38.96
C8 NAG JA . 41.78 12.66 38.36
N2 NAG JA . 43.51 11.43 39.42
O3 NAG JA . 43.74 11.25 42.20
O4 NAG JA . 46.11 9.99 43.16
O5 NAG JA . 46.00 8.71 39.73
O6 NAG JA . 47.63 8.02 42.91
O7 NAG JA . 41.58 10.37 39.02
C1 NAG KA . 39.85 23.99 31.02
C2 NAG KA . 41.26 23.46 30.82
C3 NAG KA . 42.17 24.23 31.69
C4 NAG KA . 42.18 25.72 31.36
C5 NAG KA . 40.72 26.17 31.57
C6 NAG KA . 40.41 27.58 31.14
C7 NAG KA . 41.51 21.08 30.45
C8 NAG KA . 41.53 19.73 31.09
N2 NAG KA . 41.30 22.09 31.26
O3 NAG KA . 43.50 23.68 31.57
O4 NAG KA . 43.10 26.31 32.30
O5 NAG KA . 39.84 25.41 30.72
O6 NAG KA . 40.95 27.96 29.88
O7 NAG KA . 41.68 21.26 29.25
C1 NAG KA . 43.77 27.55 31.84
C2 NAG KA . 44.03 28.42 33.07
C3 NAG KA . 44.60 29.73 32.66
C4 NAG KA . 45.91 29.44 31.94
C5 NAG KA . 45.63 28.56 30.73
C6 NAG KA . 46.92 28.23 30.04
C7 NAG KA . 42.53 28.08 34.95
C8 NAG KA . 41.19 28.37 35.55
N2 NAG KA . 42.79 28.65 33.79
O3 NAG KA . 44.79 30.55 33.84
O4 NAG KA . 46.48 30.67 31.53
O5 NAG KA . 45.03 27.32 31.15
O6 NAG KA . 47.86 29.30 29.99
O7 NAG KA . 43.36 27.36 35.51
C1 NAG LA . 33.59 -22.18 -16.10
C2 NAG LA . 34.06 -20.80 -16.60
C3 NAG LA . 33.56 -20.60 -17.99
C4 NAG LA . 34.14 -21.69 -18.90
C5 NAG LA . 33.71 -23.03 -18.32
C6 NAG LA . 34.34 -24.16 -19.10
C7 NAG LA . 34.25 -19.22 -14.79
C8 NAG LA . 33.56 -18.21 -13.94
N2 NAG LA . 33.54 -19.74 -15.77
O3 NAG LA . 33.96 -19.27 -18.42
O4 NAG LA . 33.53 -21.56 -20.19
O5 NAG LA . 34.16 -23.20 -16.98
O6 NAG LA . 35.73 -24.06 -19.31
O7 NAG LA . 35.41 -19.54 -14.62
C1 NAG LA . 34.41 -21.02 -21.23
C2 NAG LA . 33.81 -21.39 -22.59
C3 NAG LA . 34.64 -20.86 -23.71
C4 NAG LA . 34.66 -19.34 -23.54
C5 NAG LA . 35.28 -18.96 -22.19
C6 NAG LA . 35.21 -17.48 -21.99
C7 NAG LA . 32.71 -23.48 -23.13
C8 NAG LA . 32.79 -24.97 -23.15
N2 NAG LA . 33.77 -22.83 -22.69
O3 NAG LA . 34.07 -21.25 -24.98
O4 NAG LA . 35.41 -18.76 -24.59
O5 NAG LA . 34.48 -19.56 -21.15
O6 NAG LA . 35.47 -16.72 -23.16
O7 NAG LA . 31.71 -22.87 -23.51
C1 NAG MA . 32.12 -17.25 14.10
C2 NAG MA . 32.11 -15.80 14.58
C3 NAG MA . 32.59 -15.70 15.96
C4 NAG MA . 31.65 -16.49 16.87
C5 NAG MA . 31.71 -17.95 16.36
C6 NAG MA . 30.77 -18.90 17.08
C7 NAG MA . 32.53 -14.22 12.83
C8 NAG MA . 33.51 -13.66 11.87
N2 NAG MA . 32.99 -15.06 13.71
O3 NAG MA . 32.61 -14.31 16.38
O4 NAG MA . 32.19 -16.31 18.18
O5 NAG MA . 31.26 -18.02 14.99
O6 NAG MA . 29.43 -18.46 17.23
O7 NAG MA . 31.34 -13.92 12.81
C1 NAG MA . 31.17 -16.24 19.24
C2 NAG MA . 31.80 -16.80 20.52
C3 NAG MA . 30.80 -16.82 21.62
C4 NAG MA . 30.41 -15.37 21.87
C5 NAG MA . 29.82 -14.78 20.59
C6 NAG MA . 29.61 -13.30 20.72
C7 NAG MA . 33.59 -18.27 19.88
C8 NAG MA . 34.11 -19.65 19.61
N2 NAG MA . 32.35 -18.13 20.29
O3 NAG MA . 31.40 -17.42 22.80
O4 NAG MA . 29.42 -15.36 22.91
O5 NAG MA . 30.77 -14.88 19.53
O6 NAG MA . 30.81 -12.54 20.66
O7 NAG MA . 34.29 -17.26 19.73
C1 BMA MA . 29.79 -14.62 24.12
C2 BMA MA . 28.53 -13.95 24.65
C3 BMA MA . 28.76 -13.17 25.89
C4 BMA MA . 29.29 -14.18 26.90
C5 BMA MA . 30.60 -14.83 26.37
C6 BMA MA . 31.09 -15.89 27.43
O2 BMA MA . 27.66 -14.94 24.91
O3 BMA MA . 27.48 -12.62 26.31
O4 BMA MA . 29.54 -13.58 28.13
O5 BMA MA . 30.30 -15.52 25.14
O6 BMA MA . 30.93 -15.43 28.81
C1 MAN MA . 27.55 -11.18 26.66
C2 MAN MA . 26.24 -10.80 27.36
C3 MAN MA . 25.09 -10.90 26.40
C4 MAN MA . 25.34 -9.93 25.26
C5 MAN MA . 26.66 -10.36 24.57
C6 MAN MA . 27.00 -9.38 23.37
O2 MAN MA . 26.39 -9.52 27.80
O3 MAN MA . 23.82 -10.59 27.05
O4 MAN MA . 24.29 -9.99 24.36
O5 MAN MA . 27.76 -10.29 25.52
O6 MAN MA . 25.86 -9.12 22.46
C1 MAN MA . 25.77 -9.30 29.11
C2 MAN MA . 25.37 -7.82 29.24
C3 MAN MA . 26.56 -6.94 29.29
C4 MAN MA . 27.37 -7.35 30.50
C5 MAN MA . 27.80 -8.83 30.33
C6 MAN MA . 28.66 -9.33 31.57
O2 MAN MA . 24.69 -7.69 30.39
O3 MAN MA . 26.12 -5.56 29.39
O4 MAN MA . 28.49 -6.54 30.64
O5 MAN MA . 26.62 -9.65 30.25
O6 MAN MA . 29.84 -8.48 31.85
C1 NAG NA . 40.11 -11.57 -19.60
C2 NAG NA . 39.35 -10.94 -20.77
C3 NAG NA . 40.17 -11.02 -21.99
C4 NAG NA . 41.48 -10.24 -21.77
C5 NAG NA . 42.19 -10.91 -20.58
C6 NAG NA . 43.46 -10.20 -20.17
C7 NAG NA . 37.02 -11.07 -21.34
C8 NAG NA . 35.81 -11.92 -21.55
N2 NAG NA . 38.12 -11.67 -20.98
O3 NAG NA . 39.44 -10.49 -23.11
O4 NAG NA . 42.27 -10.35 -22.96
O5 NAG NA . 41.35 -10.86 -19.42
O6 NAG NA . 43.33 -8.83 -19.83
O7 NAG NA . 36.98 -9.84 -21.51
C1 NAG NA . 42.77 -9.04 -23.43
C2 NAG NA . 43.91 -9.30 -24.41
C3 NAG NA . 44.50 -8.01 -24.88
C4 NAG NA . 43.38 -7.23 -25.56
C5 NAG NA . 42.25 -6.98 -24.56
C6 NAG NA . 41.11 -6.27 -25.22
C7 NAG NA . 45.36 -11.24 -24.21
C8 NAG NA . 46.39 -11.95 -23.40
N2 NAG NA . 44.94 -10.08 -23.75
O3 NAG NA . 45.60 -8.29 -25.78
O4 NAG NA . 43.89 -6.00 -26.03
O5 NAG NA . 41.74 -8.26 -24.10
O6 NAG NA . 41.51 -5.26 -26.14
O7 NAG NA . 44.91 -11.71 -25.26
C1 NAG OA . 49.11 -18.25 20.89
C2 NAG OA . 48.45 -17.36 21.94
C3 NAG OA . 49.52 -16.87 22.83
C4 NAG OA . 50.19 -18.05 23.55
C5 NAG OA . 50.74 -18.96 22.43
C6 NAG OA . 51.29 -20.28 22.91
C7 NAG OA . 46.49 -16.18 21.16
C8 NAG OA . 45.95 -15.03 20.38
N2 NAG OA . 47.80 -16.24 21.30
O3 NAG OA . 48.96 -15.89 23.75
O4 NAG OA . 51.23 -17.46 24.34
O5 NAG OA . 49.72 -19.39 21.52
O6 NAG OA . 50.47 -20.98 23.83
O7 NAG OA . 45.77 -17.07 21.65
C1 NAG OA . 51.52 -18.16 25.60
C2 NAG OA . 52.99 -17.97 25.94
C3 NAG OA . 53.34 -18.72 27.17
C4 NAG OA . 52.47 -18.18 28.29
C5 NAG OA . 51.00 -18.37 27.93
C6 NAG OA . 50.12 -17.81 29.01
C7 NAG OA . 54.37 -17.64 23.96
C8 NAG OA . 55.15 -18.27 22.86
N2 NAG OA . 53.82 -18.44 24.84
O3 NAG OA . 54.76 -18.55 27.45
O4 NAG OA . 52.78 -18.85 29.49
O5 NAG OA . 50.71 -17.67 26.71
O6 NAG OA . 50.67 -17.87 30.32
O7 NAG OA . 54.25 -16.41 24.05
C1 NAG PA . 53.34 -6.43 9.80
C2 NAG PA . 53.15 -5.40 8.66
C3 NAG PA . 54.37 -5.51 7.82
C4 NAG PA . 55.64 -5.14 8.61
C5 NAG PA . 55.66 -6.12 9.78
C6 NAG PA . 56.82 -5.82 10.68
C7 NAG PA . 50.79 -5.19 8.13
C8 NAG PA . 49.64 -5.61 7.28
N2 NAG PA . 51.97 -5.70 7.85
O3 NAG PA . 54.17 -4.64 6.67
O4 NAG PA . 56.84 -5.45 7.85
O5 NAG PA . 54.49 -6.07 10.60
O6 NAG PA . 58.07 -6.06 10.08
O7 NAG PA . 50.66 -4.38 9.06
C1 NAG PA . 57.20 -4.45 6.82
C2 NAG PA . 58.73 -4.41 6.68
C3 NAG PA . 59.15 -3.39 5.69
C4 NAG PA . 58.52 -3.82 4.36
C5 NAG PA . 57.01 -3.84 4.50
C6 NAG PA . 56.41 -4.32 3.20
C7 NAG PA . 60.42 -4.67 8.41
C8 NAG PA . 60.90 -4.30 9.77
N2 NAG PA . 59.32 -4.11 7.99
O3 NAG PA . 60.60 -3.35 5.61
O4 NAG PA . 58.88 -2.91 3.33
O5 NAG PA . 56.64 -4.79 5.51
O6 NAG PA . 57.15 -3.90 2.06
O7 NAG PA . 61.04 -5.47 7.69
C1 NAG QA . 59.19 -14.93 5.46
C2 NAG QA . 59.40 -14.39 6.87
C3 NAG QA . 60.82 -14.00 7.03
C4 NAG QA . 61.72 -15.22 6.84
C5 NAG QA . 61.43 -15.75 5.43
C6 NAG QA . 62.16 -17.03 5.12
C7 NAG QA . 57.55 -13.22 7.92
C8 NAG QA . 56.68 -12.01 7.94
N2 NAG QA . 58.53 -13.24 7.04
O3 NAG QA . 61.02 -13.42 8.34
O4 NAG QA . 63.07 -14.76 6.95
O5 NAG QA . 60.04 -16.09 5.27
O6 NAG QA . 62.05 -18.05 6.11
O7 NAG QA . 57.38 -14.16 8.71
C1 NAG QA . 63.93 -15.63 7.79
C2 NAG QA . 65.39 -15.33 7.43
C3 NAG QA . 66.30 -16.22 8.19
C4 NAG QA . 66.06 -15.94 9.67
C5 NAG QA . 64.59 -16.24 10.01
C6 NAG QA . 64.34 -15.91 11.45
C7 NAG QA . 65.95 -14.60 5.19
C8 NAG QA . 66.03 -14.95 3.75
N2 NAG QA . 65.57 -15.55 6.01
O3 NAG QA . 67.67 -15.94 7.80
O4 NAG QA . 66.92 -16.76 10.44
O5 NAG QA . 63.74 -15.39 9.22
O6 NAG QA . 65.41 -16.22 12.33
O7 NAG QA . 66.23 -13.47 5.61
C1 NAG RA . 42.26 16.69 9.56
C2 NAG RA . 42.21 16.74 8.04
C3 NAG RA . 43.02 15.62 7.50
C4 NAG RA . 44.47 15.77 7.94
C5 NAG RA . 44.47 15.79 9.49
C6 NAG RA . 45.80 16.11 10.12
C7 NAG RA . 40.23 17.69 7.07
C8 NAG RA . 38.81 17.53 6.68
N2 NAG RA . 40.83 16.65 7.60
O3 NAG RA . 42.93 15.63 6.05
O4 NAG RA . 45.15 14.60 7.45
O5 NAG RA . 43.64 16.85 9.97
O6 NAG RA . 46.49 17.21 9.55
O7 NAG RA . 40.85 18.76 6.91
C1 NAG RA . 46.53 14.86 7.00
C2 NAG RA . 47.32 13.54 7.11
C3 NAG RA . 48.73 13.77 6.75
C4 NAG RA . 48.76 14.28 5.31
C5 NAG RA . 47.97 15.58 5.24
C6 NAG RA . 47.94 16.09 3.83
C7 NAG RA . 47.05 11.83 8.80
C8 NAG RA . 47.00 11.51 10.26
N2 NAG RA . 47.26 13.08 8.48
O3 NAG RA . 49.46 12.52 6.88
O4 NAG RA . 50.10 14.51 4.93
O5 NAG RA . 46.60 15.33 5.63
O6 NAG RA . 49.20 16.05 3.17
O7 NAG RA . 46.93 10.96 7.94
C1 NAG SA . 33.99 -24.45 12.17
C2 NAG SA . 33.54 -24.27 13.62
C3 NAG SA . 33.48 -25.60 14.25
C4 NAG SA . 32.49 -26.51 13.53
C5 NAG SA . 32.99 -26.61 12.09
C6 NAG SA . 32.05 -27.39 11.20
C7 NAG SA . 34.40 -22.17 14.52
C8 NAG SA . 35.53 -21.47 15.17
N2 NAG SA . 34.54 -23.46 14.32
O3 NAG SA . 33.08 -25.42 15.64
O4 NAG SA . 32.63 -27.77 14.21
O5 NAG SA . 33.05 -25.31 11.47
O6 NAG SA . 30.67 -27.09 11.35
O7 NAG SA . 33.38 -21.57 14.17
C1 NAG SA . 31.37 -28.49 14.42
C2 NAG SA . 31.72 -29.83 15.05
C3 NAG SA . 30.51 -30.67 15.23
C4 NAG SA . 29.56 -29.88 16.13
C5 NAG SA . 29.21 -28.55 15.48
C6 NAG SA . 28.32 -27.76 16.39
C7 NAG SA . 33.87 -30.85 14.58
C8 NAG SA . 34.74 -31.52 13.57
N2 NAG SA . 32.65 -30.52 14.18
O3 NAG SA . 30.88 -31.94 15.81
O4 NAG SA . 28.38 -30.65 16.34
O5 NAG SA . 30.43 -27.79 15.29
O6 NAG SA . 27.31 -28.52 17.03
O7 NAG SA . 34.26 -30.61 15.72
C1 NAG TA . -20.42 23.03 41.19
C2 NAG TA . -21.16 22.70 42.49
C3 NAG TA . -22.61 22.64 42.24
C4 NAG TA . -23.04 24.01 41.72
C5 NAG TA . -22.29 24.31 40.43
C6 NAG TA . -22.66 25.68 39.92
C7 NAG TA . -20.21 21.19 44.14
C8 NAG TA . -19.72 19.81 44.45
N2 NAG TA . -20.72 21.40 42.95
O3 NAG TA . -23.29 22.31 43.48
O4 NAG TA . -24.43 24.01 41.49
O5 NAG TA . -20.88 24.32 40.69
O6 NAG TA . -24.03 26.00 40.03
O7 NAG TA . -20.16 22.10 44.98
C1 NAG UA . -26.50 -11.65 52.67
C2 NAG UA . -26.70 -12.75 53.73
C3 NAG UA . -27.19 -13.99 53.07
C4 NAG UA . -28.53 -13.63 52.41
C5 NAG UA . -28.32 -12.54 51.38
C6 NAG UA . -29.63 -12.13 50.77
C7 NAG UA . -25.20 -12.66 55.63
C8 NAG UA . -23.82 -12.88 56.16
N2 NAG UA . -25.43 -13.02 54.39
O3 NAG UA . -27.34 -15.04 54.07
O4 NAG UA . -29.06 -14.79 51.79
O5 NAG UA . -27.79 -11.38 52.03
O6 NAG UA . -30.55 -13.19 50.55
O7 NAG UA . -26.08 -12.15 56.33
C1 NAG VA . 10.82 30.36 52.21
C2 NAG VA . 12.31 29.94 52.21
C3 NAG VA . 12.43 28.59 52.81
C4 NAG VA . 11.90 28.65 54.24
C5 NAG VA . 10.44 29.06 54.20
C6 NAG VA . 9.90 29.19 55.59
C7 NAG VA . 13.51 30.83 50.25
C8 NAG VA . 13.89 30.61 48.82
N2 NAG VA . 12.80 29.87 50.83
O3 NAG VA . 13.82 28.18 52.79
O4 NAG VA . 12.03 27.37 54.83
O5 NAG VA . 10.33 30.36 53.59
O6 NAG VA . 10.35 28.18 56.49
O7 NAG VA . 13.81 31.85 50.87
C1 NAG WA . -6.96 39.55 36.05
C2 NAG WA . -8.42 39.47 35.58
C3 NAG WA . -8.64 40.36 34.42
C4 NAG WA . -8.32 41.78 34.87
C5 NAG WA . -6.87 41.84 35.33
C6 NAG WA . -6.54 43.21 35.86
C7 NAG WA . -9.48 37.33 35.87
C8 NAG WA . -9.67 35.94 35.36
N2 NAG WA . -8.72 38.11 35.17
O3 NAG WA . -10.01 40.25 33.97
O4 NAG WA . -8.53 42.67 33.80
O5 NAG WA . -6.68 40.93 36.42
O6 NAG WA . -7.21 44.26 35.18
O7 NAG WA . -10.01 37.71 36.92
C1 NAG XA . -31.44 -40.46 10.32
C2 NAG XA . -30.14 -40.99 10.93
C3 NAG XA . -30.39 -42.21 11.74
C4 NAG XA . -31.34 -41.72 12.84
C5 NAG XA . -32.64 -41.17 12.25
C6 NAG XA . -33.52 -40.62 13.34
C7 NAG XA . -27.93 -40.68 10.07
C8 NAG XA . -26.94 -40.78 8.95
N2 NAG XA . -29.13 -41.19 9.90
O3 NAG XA . -29.14 -42.74 12.27
O4 NAG XA . -31.64 -42.81 13.70
O5 NAG XA . -32.33 -40.07 11.39
O6 NAG XA . -33.39 -41.28 14.59
O7 NAG XA . -27.65 -40.11 11.12
C1 NAG YA . -9.25 -33.04 14.97
C2 NAG YA . -9.24 -31.57 15.40
C3 NAG YA . -8.60 -31.44 16.73
C4 NAG YA . -9.47 -32.26 17.67
C5 NAG YA . -9.51 -33.72 17.23
C6 NAG YA . -10.43 -34.50 18.12
C7 NAG YA . -9.24 -29.84 13.75
C8 NAG YA . -8.55 -29.13 12.62
N2 NAG YA . -8.57 -30.78 14.37
O3 NAG YA . -8.54 -30.04 17.11
O4 NAG YA . -8.92 -32.18 18.98
O5 NAG YA . -10.05 -33.81 15.90
O6 NAG YA . -10.39 -34.13 19.49
O7 NAG YA . -10.39 -29.54 14.09
C1 NAG ZA . -13.72 -42.06 2.28
C2 NAG ZA . -13.50 -42.35 0.78
C3 NAG ZA . -13.29 -43.80 0.56
C4 NAG ZA . -12.05 -44.13 1.40
C5 NAG ZA . -12.27 -43.81 2.87
C6 NAG ZA . -11.03 -44.15 3.66
C7 NAG ZA . -15.86 -41.82 0.18
C8 NAG ZA . -16.73 -40.98 -0.70
N2 NAG ZA . -14.56 -41.77 -0.06
O3 NAG ZA . -13.10 -44.07 -0.85
O4 NAG ZA . -11.73 -45.51 1.28
O5 NAG ZA . -12.54 -42.41 3.04
O6 NAG ZA . -10.45 -45.39 3.29
O7 NAG ZA . -16.36 -42.51 1.07
C1 NAG AB . 19.93 39.78 -25.77
C2 NAG AB . 19.48 40.99 -26.60
C3 NAG AB . 19.36 40.60 -28.03
C4 NAG AB . 20.72 40.09 -28.48
C5 NAG AB . 21.13 38.89 -27.64
C6 NAG AB . 22.49 38.40 -28.03
C7 NAG AB . 17.97 42.67 -25.74
C8 NAG AB . 16.61 42.97 -25.19
N2 NAG AB . 18.20 41.44 -26.13
O3 NAG AB . 18.93 41.75 -28.80
O4 NAG AB . 20.65 39.72 -29.84
O5 NAG AB . 21.21 39.29 -26.26
O6 NAG AB . 22.72 38.39 -29.44
O7 NAG AB . 18.84 43.54 -25.82
C1 NAG BB . -15.53 49.26 -30.73
C2 NAG BB . -16.69 50.26 -30.96
C3 NAG BB . -17.92 49.51 -31.31
C4 NAG BB . -17.62 48.73 -32.60
C5 NAG BB . -16.47 47.76 -32.35
C6 NAG BB . -16.11 47.05 -33.63
C7 NAG BB . -16.59 52.30 -29.66
C8 NAG BB . -16.76 52.95 -28.33
N2 NAG BB . -16.91 51.03 -29.74
O3 NAG BB . -19.02 50.43 -31.49
O4 NAG BB . -18.79 48.01 -32.98
O5 NAG BB . -15.32 48.50 -31.96
O6 NAG BB . -17.22 46.69 -34.44
O7 NAG BB . -16.18 52.92 -30.64
C1 NAG CB . 28.60 54.15 3.72
C2 NAG CB . 28.27 54.29 5.22
C3 NAG CB . 26.90 54.85 5.37
C4 NAG CB . 26.87 56.22 4.70
C5 NAG CB . 27.20 56.04 3.22
C6 NAG CB . 27.22 57.39 2.54
C7 NAG CB . 29.31 52.51 6.54
C8 NAG CB . 29.17 51.12 7.07
N2 NAG CB . 28.28 52.97 5.85
O3 NAG CB . 26.58 54.95 6.78
O4 NAG CB . 25.57 56.78 4.85
O5 NAG CB . 28.51 55.47 3.10
O6 NAG CB . 26.20 58.28 2.96
O7 NAG CB . 30.31 53.19 6.73
C1 NAG DB . 37.43 36.65 -12.95
C2 NAG DB . 37.28 36.04 -14.34
C3 NAG DB . 38.21 34.90 -14.50
C4 NAG DB . 39.62 35.44 -14.32
C5 NAG DB . 39.74 36.05 -12.93
C6 NAG DB . 41.11 36.65 -12.75
C7 NAG DB . 35.06 36.15 -15.29
C8 NAG DB . 33.69 35.57 -15.34
N2 NAG DB . 35.93 35.55 -14.52
O3 NAG DB . 38.02 34.31 -15.81
O4 NAG DB . 40.55 34.38 -14.49
O5 NAG DB . 38.80 37.11 -12.79
O6 NAG DB . 42.14 35.95 -13.41
O7 NAG DB . 35.37 37.15 -15.95
C1 NAG EB . -42.68 5.55 -29.67
C2 NAG EB . -43.15 6.27 -28.40
C3 NAG EB . -44.42 7.00 -28.65
C4 NAG EB . -44.04 8.02 -29.74
C5 NAG EB . -43.54 7.33 -31.00
C6 NAG EB . -43.09 8.34 -32.02
C7 NAG EB . -42.67 5.65 -26.14
C8 NAG EB . -42.67 4.63 -25.05
N2 NAG EB . -43.25 5.34 -27.28
O3 NAG EB . -44.89 7.63 -27.43
O4 NAG EB . -45.18 8.80 -30.05
O5 NAG EB . -42.38 6.54 -30.68
O6 NAG EB . -43.80 9.58 -31.96
O7 NAG EB . -42.14 6.74 -26.00
C1 NAG FB . -34.17 12.68 -8.54
C2 NAG FB . -32.72 13.17 -8.67
C3 NAG FB . -32.61 14.56 -8.17
C4 NAG FB . -33.53 15.38 -9.08
C5 NAG FB . -34.96 14.88 -8.99
C6 NAG FB . -35.84 15.64 -9.94
C7 NAG FB . -30.92 11.60 -8.63
C8 NAG FB . -30.12 10.57 -7.88
N2 NAG FB . -31.85 12.26 -7.97
O3 NAG FB . -31.22 14.99 -8.24
O4 NAG FB . -33.46 16.74 -8.68
O5 NAG FB . -35.02 13.50 -9.40
O6 NAG FB . -35.52 17.02 -10.06
O7 NAG FB . -30.71 11.83 -9.81
C1 NAG GB . -42.86 -0.73 -11.18
C2 NAG GB . -43.08 -2.20 -10.79
C3 NAG GB . -44.50 -2.45 -10.47
C4 NAG GB . -44.79 -1.51 -9.30
C5 NAG GB . -44.55 -0.05 -9.68
C6 NAG GB . -44.84 0.84 -8.51
C7 NAG GB . -42.65 -3.02 -13.12
C8 NAG GB . -41.83 -3.95 -13.95
N2 NAG GB . -42.52 -3.13 -11.80
O3 NAG GB . -44.69 -3.84 -10.13
O4 NAG GB . -46.14 -1.64 -8.88
O5 NAG GB . -43.17 0.13 -10.05
O6 NAG GB . -46.02 0.48 -7.82
O7 NAG GB . -43.41 -2.21 -13.65
C1 NAG HB . 42.00 -22.09 19.79
C2 NAG HB . 43.22 -22.93 19.35
C3 NAG HB . 42.88 -24.37 19.39
C4 NAG HB . 42.48 -24.70 20.82
C5 NAG HB . 41.27 -23.87 21.21
C6 NAG HB . 40.87 -24.14 22.64
C7 NAG HB . 44.77 -22.15 17.65
C8 NAG HB . 44.96 -21.73 16.23
N2 NAG HB . 43.57 -22.56 18.00
O3 NAG HB . 44.04 -25.13 18.97
O4 NAG HB . 42.16 -26.08 20.91
O5 NAG HB . 41.61 -22.48 21.14
O6 NAG HB . 40.94 -25.51 23.00
O7 NAG HB . 45.69 -22.11 18.47
C1 NAG IB . 49.57 -30.22 -15.56
C2 NAG IB . 50.50 -30.53 -16.75
C3 NAG IB . 49.70 -31.02 -17.89
C4 NAG IB . 49.00 -32.30 -17.42
C5 NAG IB . 48.09 -31.98 -16.23
C6 NAG IB . 47.45 -33.24 -15.71
C7 NAG IB . 52.49 -29.15 -16.90
C8 NAG IB . 53.07 -27.81 -17.23
N2 NAG IB . 51.21 -29.31 -17.13
O3 NAG IB . 50.57 -31.28 -19.02
O4 NAG IB . 48.24 -32.84 -18.48
O5 NAG IB . 48.88 -31.45 -15.17
O6 NAG IB . 47.06 -34.18 -16.69
O7 NAG IB . 53.18 -30.06 -16.43
C1 NAG JB . 55.54 8.64 24.60
C2 NAG JB . 55.58 10.11 24.12
C3 NAG JB . 56.06 10.14 22.71
C4 NAG JB . 57.45 9.52 22.65
C5 NAG JB . 57.36 8.08 23.14
C6 NAG JB . 58.73 7.45 23.15
C7 NAG JB . 53.81 11.46 25.14
C8 NAG JB . 52.39 11.92 25.04
N2 NAG JB . 54.24 10.68 24.16
O3 NAG JB . 56.08 11.52 22.24
O4 NAG JB . 57.92 9.56 21.32
O5 NAG JB . 56.87 8.07 24.49
O6 NAG JB . 59.54 7.81 22.04
O7 NAG JB . 54.55 11.77 26.07
C1 NAG KB . 39.35 -7.71 36.10
C2 NAG KB . 38.79 -9.14 36.14
C3 NAG KB . 37.72 -9.25 37.15
C4 NAG KB . 38.33 -8.91 38.50
C5 NAG KB . 38.88 -7.48 38.45
C6 NAG KB . 39.56 -7.14 39.74
C7 NAG KB . 38.81 -10.30 34.02
C8 NAG KB . 38.16 -10.51 32.71
N2 NAG KB . 38.23 -9.46 34.85
O3 NAG KB . 37.18 -10.59 37.14
O4 NAG KB . 37.34 -9.02 39.51
O5 NAG KB . 39.88 -7.41 37.43
O6 NAG KB . 38.95 -7.73 40.89
O7 NAG KB . 39.86 -10.88 34.33
C1 NAG LB . 4.32 -33.57 -39.84
C2 NAG LB . 4.96 -32.32 -40.49
C3 NAG LB . 5.62 -32.67 -41.77
C4 NAG LB . 6.70 -33.67 -41.34
C5 NAG LB . 6.10 -34.91 -40.68
C6 NAG LB . 7.18 -35.83 -40.20
C7 NAG LB . 4.26 -30.05 -40.18
C8 NAG LB . 3.20 -29.00 -40.22
N2 NAG LB . 3.97 -31.26 -40.63
O3 NAG LB . 6.16 -31.48 -42.39
O4 NAG LB . 7.43 -34.07 -42.50
O5 NAG LB . 5.37 -34.50 -39.50
O6 NAG LB . 8.37 -35.81 -40.98
O7 NAG LB . 5.38 -29.82 -39.74
C1 NAG MB . 11.00 -11.44 -33.90
C2 NAG MB . 11.57 -11.40 -32.48
C3 NAG MB . 12.95 -10.83 -32.51
C4 NAG MB . 13.75 -11.80 -33.39
C5 NAG MB . 13.16 -11.87 -34.79
C6 NAG MB . 13.92 -12.88 -35.61
C7 NAG MB . 10.11 -11.23 -30.60
C8 NAG MB . 9.11 -10.45 -29.82
N2 NAG MB . 10.69 -10.65 -31.62
O3 NAG MB . 13.47 -10.75 -31.16
O4 NAG MB . 15.09 -11.34 -33.45
O5 NAG MB . 11.80 -12.34 -34.71
O6 NAG MB . 15.31 -12.90 -35.38
O7 NAG MB . 10.41 -12.39 -30.29
C1 NAG NB . -2.77 -15.44 -41.43
C2 NAG NB . -4.28 -15.13 -41.58
C3 NAG NB . -4.62 -14.98 -43.01
C4 NAG NB . -3.75 -13.80 -43.48
C5 NAG NB . -2.27 -14.10 -43.29
C6 NAG NB . -1.45 -12.93 -43.76
C7 NAG NB . -4.96 -17.44 -40.90
C8 NAG NB . -5.80 -18.21 -39.93
N2 NAG NB . -5.12 -16.12 -40.88
O3 NAG NB . -6.03 -14.70 -43.16
O4 NAG NB . -3.99 -13.52 -44.85
O5 NAG NB . -1.99 -14.32 -41.90
O6 NAG NB . -1.90 -12.37 -44.98
O7 NAG NB . -4.17 -18.01 -41.64
#